data_6V88
#
_entry.id   6V88
#
_entity_poly.entity_id   1
_entity_poly.type   'polypeptide(L)'
_entity_poly.pdbx_seq_one_letter_code
;SLVKLESSDEKVFEIEKEIACMSVTIKNMIEDIGESDSPIPLPNVTSTILEKVLDYCRHHHQHPGGSGLDDIPPYDRDFC
KVDQPTLFELILAANYLDIKPLLDVTCKTVANMIRG
;
_entity_poly.pdbx_strand_id   A,B
#
# COMPACT_ATOMS: atom_id res chain seq x y z
N SER A 1 -25.40 9.41 -8.43
CA SER A 1 -26.07 9.01 -7.18
C SER A 1 -25.07 8.41 -6.19
N LEU A 2 -25.53 8.21 -4.95
CA LEU A 2 -24.72 7.62 -3.87
C LEU A 2 -24.71 6.08 -3.98
N VAL A 3 -23.50 5.51 -4.15
CA VAL A 3 -23.29 4.05 -4.04
C VAL A 3 -23.21 3.64 -2.55
N LYS A 4 -24.02 2.66 -2.19
CA LYS A 4 -24.19 2.21 -0.81
C LYS A 4 -23.12 1.17 -0.47
N LEU A 5 -22.13 1.57 0.33
CA LEU A 5 -20.99 0.71 0.68
C LEU A 5 -21.09 0.28 2.15
N GLU A 6 -21.66 -0.91 2.38
CA GLU A 6 -21.72 -1.49 3.74
C GLU A 6 -20.32 -1.91 4.16
N SER A 7 -19.97 -1.64 5.41
CA SER A 7 -18.72 -2.10 6.01
C SER A 7 -18.86 -3.55 6.52
N SER A 8 -17.79 -4.07 7.13
CA SER A 8 -17.79 -5.36 7.85
C SER A 8 -18.74 -5.30 9.08
N ASP A 9 -18.94 -4.07 9.59
CA ASP A 9 -19.87 -3.78 10.71
C ASP A 9 -21.29 -3.44 10.18
N GLU A 10 -21.51 -3.73 8.87
CA GLU A 10 -22.85 -3.68 8.19
C GLU A 10 -23.40 -2.24 8.02
N LYS A 11 -22.64 -1.21 8.43
CA LYS A 11 -23.07 0.20 8.33
C LYS A 11 -23.03 0.66 6.86
N VAL A 12 -24.18 1.12 6.34
CA VAL A 12 -24.32 1.60 4.97
C VAL A 12 -23.70 3.00 4.84
N PHE A 13 -22.57 3.10 4.13
CA PHE A 13 -21.90 4.37 3.83
C PHE A 13 -22.17 4.75 2.36
N GLU A 14 -23.26 5.52 2.17
CA GLU A 14 -23.63 6.05 0.86
C GLU A 14 -22.71 7.23 0.50
N ILE A 15 -21.93 7.07 -0.58
CA ILE A 15 -21.00 8.10 -1.08
C ILE A 15 -21.13 8.18 -2.60
N GLU A 16 -20.80 9.35 -3.20
CA GLU A 16 -20.93 9.58 -4.66
C GLU A 16 -20.14 8.50 -5.44
N LYS A 17 -20.77 8.02 -6.53
CA LYS A 17 -20.19 7.01 -7.43
C LYS A 17 -18.85 7.50 -8.01
N GLU A 18 -18.81 8.79 -8.36
CA GLU A 18 -17.63 9.46 -8.94
C GLU A 18 -16.43 9.51 -7.96
N ILE A 19 -16.73 9.51 -6.64
CA ILE A 19 -15.70 9.44 -5.59
C ILE A 19 -15.16 7.99 -5.46
N ALA A 20 -16.08 7.02 -5.49
CA ALA A 20 -15.76 5.58 -5.36
C ALA A 20 -14.83 5.07 -6.49
N CYS A 21 -14.77 5.84 -7.60
CA CYS A 21 -13.92 5.54 -8.76
C CYS A 21 -12.41 5.74 -8.44
N MET A 22 -12.08 6.59 -7.44
CA MET A 22 -10.67 6.85 -7.01
C MET A 22 -10.08 5.60 -6.34
N SER A 23 -10.94 4.83 -5.68
CA SER A 23 -10.60 3.51 -5.17
C SER A 23 -10.53 2.54 -6.36
N VAL A 24 -9.33 2.02 -6.66
CA VAL A 24 -9.11 1.08 -7.78
C VAL A 24 -9.95 -0.20 -7.58
N THR A 25 -9.98 -0.69 -6.32
CA THR A 25 -10.69 -1.93 -5.96
C THR A 25 -12.22 -1.80 -6.18
N ILE A 26 -12.83 -0.74 -5.61
CA ILE A 26 -14.28 -0.49 -5.74
C ILE A 26 -14.65 -0.23 -7.22
N LYS A 27 -13.81 0.57 -7.90
CA LYS A 27 -13.99 0.92 -9.33
C LYS A 27 -14.09 -0.35 -10.20
N ASN A 28 -13.09 -1.25 -10.04
CA ASN A 28 -12.98 -2.52 -10.80
C ASN A 28 -14.21 -3.42 -10.54
N MET A 29 -14.72 -3.39 -9.28
CA MET A 29 -15.94 -4.13 -8.90
C MET A 29 -17.15 -3.60 -9.68
N ILE A 30 -17.29 -2.26 -9.72
CA ILE A 30 -18.39 -1.57 -10.44
C ILE A 30 -18.31 -1.88 -11.96
N GLU A 31 -17.08 -2.05 -12.47
CA GLU A 31 -16.83 -2.36 -13.90
C GLU A 31 -17.25 -3.80 -14.26
N ASP A 32 -16.89 -4.78 -13.40
CA ASP A 32 -17.21 -6.22 -13.64
C ASP A 32 -18.72 -6.47 -13.52
N ILE A 33 -19.34 -5.87 -12.51
CA ILE A 33 -20.80 -5.97 -12.25
C ILE A 33 -21.59 -5.16 -13.30
N GLY A 34 -20.96 -4.08 -13.79
CA GLY A 34 -21.64 -3.07 -14.61
C GLY A 34 -22.21 -1.96 -13.73
N GLU A 35 -22.59 -0.83 -14.36
CA GLU A 35 -23.16 0.33 -13.65
C GLU A 35 -24.46 -0.07 -12.92
N SER A 36 -24.32 -0.35 -11.63
CA SER A 36 -25.41 -0.82 -10.77
C SER A 36 -25.50 0.06 -9.52
N ASP A 37 -26.73 0.43 -9.14
CA ASP A 37 -26.99 1.13 -7.85
C ASP A 37 -26.98 0.11 -6.68
N SER A 38 -26.85 -1.19 -7.04
CA SER A 38 -26.72 -2.31 -6.10
C SER A 38 -25.65 -2.03 -5.03
N PRO A 39 -26.01 -2.14 -3.70
CA PRO A 39 -25.07 -1.89 -2.60
C PRO A 39 -23.89 -2.89 -2.60
N ILE A 40 -22.65 -2.36 -2.53
CA ILE A 40 -21.43 -3.19 -2.56
C ILE A 40 -20.82 -3.25 -1.14
N PRO A 41 -21.01 -4.39 -0.40
CA PRO A 41 -20.37 -4.59 0.92
C PRO A 41 -18.85 -4.84 0.77
N LEU A 42 -18.08 -4.37 1.74
CA LEU A 42 -16.62 -4.54 1.79
C LEU A 42 -16.28 -5.35 3.08
N PRO A 43 -16.19 -6.72 2.97
CA PRO A 43 -15.96 -7.61 4.14
C PRO A 43 -14.48 -7.68 4.56
N ASN A 44 -13.93 -6.52 4.98
CA ASN A 44 -12.53 -6.38 5.40
C ASN A 44 -12.39 -5.10 6.26
N VAL A 45 -12.91 -3.98 5.71
CA VAL A 45 -12.85 -2.67 6.37
C VAL A 45 -14.12 -2.45 7.25
N THR A 46 -13.90 -2.13 8.54
CA THR A 46 -14.97 -1.92 9.54
C THR A 46 -15.61 -0.52 9.38
N SER A 47 -16.68 -0.25 10.17
CA SER A 47 -17.48 0.99 10.02
C SER A 47 -16.69 2.25 10.37
N THR A 48 -15.99 2.21 11.51
CA THR A 48 -15.22 3.33 12.03
C THR A 48 -14.11 3.76 11.06
N ILE A 49 -13.50 2.77 10.40
CA ILE A 49 -12.38 2.98 9.49
C ILE A 49 -12.89 3.46 8.12
N LEU A 50 -13.94 2.77 7.59
CA LEU A 50 -14.57 3.09 6.28
C LEU A 50 -15.22 4.48 6.31
N GLU A 51 -15.67 4.89 7.51
CA GLU A 51 -16.17 6.25 7.81
C GLU A 51 -15.13 7.29 7.37
N LYS A 52 -13.89 7.11 7.87
CA LYS A 52 -12.79 8.05 7.63
C LYS A 52 -12.18 7.87 6.23
N VAL A 53 -12.18 6.64 5.71
CA VAL A 53 -11.68 6.34 4.34
C VAL A 53 -12.51 7.13 3.32
N LEU A 54 -13.83 6.97 3.41
CA LEU A 54 -14.78 7.60 2.48
C LEU A 54 -14.95 9.11 2.77
N ASP A 55 -14.78 9.54 4.03
CA ASP A 55 -14.88 10.98 4.39
C ASP A 55 -13.64 11.76 3.91
N TYR A 56 -12.48 11.09 3.93
CA TYR A 56 -11.24 11.61 3.32
C TYR A 56 -11.43 11.74 1.80
N CYS A 57 -12.08 10.73 1.23
CA CYS A 57 -12.39 10.67 -0.20
C CYS A 57 -13.41 11.77 -0.59
N ARG A 58 -14.33 12.13 0.35
CA ARG A 58 -15.25 13.29 0.19
C ARG A 58 -14.43 14.59 0.10
N HIS A 59 -13.51 14.75 1.08
CA HIS A 59 -12.60 15.92 1.16
C HIS A 59 -11.74 16.03 -0.11
N HIS A 60 -11.21 14.90 -0.56
CA HIS A 60 -10.27 14.82 -1.69
C HIS A 60 -10.96 15.19 -3.02
N HIS A 61 -12.24 14.80 -3.13
CA HIS A 61 -13.03 15.02 -4.36
C HIS A 61 -13.62 16.44 -4.43
N GLN A 62 -14.22 16.88 -3.31
CA GLN A 62 -14.92 18.19 -3.23
C GLN A 62 -13.91 19.35 -3.08
N HIS A 63 -12.76 19.05 -2.46
CA HIS A 63 -11.63 19.99 -2.32
C HIS A 63 -10.37 19.32 -2.90
N PRO A 64 -9.97 19.65 -4.18
CA PRO A 64 -8.79 19.02 -4.84
C PRO A 64 -7.50 19.16 -4.00
N GLY A 65 -7.14 18.08 -3.29
CA GLY A 65 -5.97 18.05 -2.43
C GLY A 65 -5.86 16.74 -1.68
N GLY A 66 -6.25 16.74 -0.39
CA GLY A 66 -6.05 15.59 0.51
C GLY A 66 -4.62 15.50 1.05
N SER A 67 -3.79 16.49 0.67
CA SER A 67 -2.36 16.56 0.99
C SER A 67 -1.92 18.05 1.01
N GLY A 68 -0.80 18.32 1.69
CA GLY A 68 -0.22 19.67 1.76
C GLY A 68 1.28 19.61 1.96
N LEU A 69 2.01 20.54 1.30
CA LEU A 69 3.48 20.62 1.36
C LEU A 69 3.89 21.33 2.68
N ASP A 70 3.70 22.66 2.71
CA ASP A 70 3.90 23.48 3.93
C ASP A 70 2.54 24.02 4.43
N ASP A 71 1.47 23.65 3.69
CA ASP A 71 0.09 24.06 3.97
C ASP A 71 -0.69 22.88 4.59
N ILE A 72 -0.67 22.81 5.93
CA ILE A 72 -1.37 21.76 6.69
C ILE A 72 -2.80 22.25 7.01
N PRO A 73 -3.87 21.66 6.37
CA PRO A 73 -5.27 22.01 6.67
C PRO A 73 -5.73 21.34 8.00
N PRO A 74 -6.65 22.01 8.78
CA PRO A 74 -7.14 21.52 10.09
C PRO A 74 -7.71 20.08 10.00
N TYR A 75 -8.63 19.83 9.04
CA TYR A 75 -9.25 18.50 8.84
C TYR A 75 -8.19 17.40 8.67
N ASP A 76 -7.27 17.62 7.72
CA ASP A 76 -6.29 16.60 7.27
C ASP A 76 -5.33 16.22 8.40
N ARG A 77 -5.05 17.17 9.29
CA ARG A 77 -4.20 16.92 10.48
C ARG A 77 -5.00 16.15 11.55
N ASP A 78 -6.25 16.59 11.81
CA ASP A 78 -7.17 15.92 12.78
C ASP A 78 -7.58 14.52 12.30
N PHE A 79 -7.49 14.30 10.98
CA PHE A 79 -7.75 13.01 10.34
C PHE A 79 -6.67 11.99 10.74
N CYS A 80 -5.42 12.47 10.75
CA CYS A 80 -4.24 11.68 11.08
C CYS A 80 -4.12 11.44 12.61
N LYS A 81 -4.87 12.21 13.41
CA LYS A 81 -4.92 12.05 14.88
C LYS A 81 -5.81 10.83 15.22
N VAL A 82 -5.22 9.63 15.10
CA VAL A 82 -5.84 8.35 15.45
C VAL A 82 -4.85 7.54 16.30
N ASP A 83 -5.35 6.54 17.06
CA ASP A 83 -4.49 5.68 17.88
C ASP A 83 -3.69 4.74 16.96
N GLN A 84 -2.53 4.23 17.45
CA GLN A 84 -1.56 3.47 16.60
C GLN A 84 -2.19 2.19 15.96
N PRO A 85 -2.94 1.30 16.72
CA PRO A 85 -3.73 0.21 16.11
C PRO A 85 -4.71 0.70 15.01
N THR A 86 -5.46 1.78 15.34
CA THR A 86 -6.43 2.40 14.42
C THR A 86 -5.74 2.96 13.14
N LEU A 87 -4.48 3.38 13.31
CA LEU A 87 -3.64 3.96 12.23
C LEU A 87 -3.28 2.84 11.23
N PHE A 88 -2.90 1.67 11.78
CA PHE A 88 -2.60 0.47 10.97
C PHE A 88 -3.85 -0.01 10.21
N GLU A 89 -5.02 0.17 10.82
CA GLU A 89 -6.32 -0.14 10.19
C GLU A 89 -6.59 0.75 8.97
N LEU A 90 -6.17 2.03 9.06
CA LEU A 90 -6.27 2.99 7.93
C LEU A 90 -5.33 2.57 6.78
N ILE A 91 -4.14 2.02 7.15
CA ILE A 91 -3.16 1.48 6.18
C ILE A 91 -3.74 0.24 5.46
N LEU A 92 -4.39 -0.65 6.25
CA LEU A 92 -5.02 -1.89 5.76
C LEU A 92 -6.13 -1.57 4.74
N ALA A 93 -7.01 -0.62 5.10
CA ALA A 93 -8.16 -0.21 4.28
C ALA A 93 -7.72 0.51 3.00
N ALA A 94 -6.64 1.30 3.09
CA ALA A 94 -6.08 2.06 1.96
C ALA A 94 -5.38 1.15 0.95
N ASN A 95 -4.78 0.05 1.45
CA ASN A 95 -4.14 -1.00 0.60
C ASN A 95 -5.22 -1.94 0.01
N TYR A 96 -6.26 -2.21 0.82
CA TYR A 96 -7.41 -3.06 0.44
C TYR A 96 -8.22 -2.42 -0.71
N LEU A 97 -8.37 -1.08 -0.64
CA LEU A 97 -9.09 -0.30 -1.66
C LEU A 97 -8.13 0.30 -2.70
N ASP A 98 -6.81 0.18 -2.44
CA ASP A 98 -5.72 0.61 -3.34
C ASP A 98 -5.82 2.12 -3.69
N ILE A 99 -6.29 2.90 -2.69
CA ILE A 99 -6.42 4.35 -2.80
C ILE A 99 -5.03 4.96 -2.58
N LYS A 100 -4.39 5.38 -3.69
CA LYS A 100 -3.00 5.91 -3.69
C LYS A 100 -2.83 7.15 -2.76
N PRO A 101 -3.70 8.24 -2.85
CA PRO A 101 -3.58 9.43 -1.95
C PRO A 101 -3.67 9.06 -0.45
N LEU A 102 -4.69 8.26 -0.09
CA LEU A 102 -4.94 7.86 1.32
C LEU A 102 -3.77 7.03 1.88
N LEU A 103 -3.32 6.04 1.09
CA LEU A 103 -2.25 5.11 1.49
C LEU A 103 -0.94 5.87 1.70
N ASP A 104 -0.64 6.80 0.78
CA ASP A 104 0.60 7.58 0.78
C ASP A 104 0.64 8.52 2.00
N VAL A 105 -0.45 9.28 2.21
CA VAL A 105 -0.58 10.23 3.34
C VAL A 105 -0.44 9.52 4.69
N THR A 106 -1.12 8.38 4.85
CA THR A 106 -1.11 7.60 6.10
C THR A 106 0.30 6.97 6.38
N CYS A 107 0.99 6.56 5.30
CA CYS A 107 2.38 6.03 5.39
C CYS A 107 3.38 7.17 5.67
N LYS A 108 3.06 8.38 5.18
CA LYS A 108 3.88 9.59 5.43
C LYS A 108 3.66 10.09 6.87
N THR A 109 2.45 9.89 7.43
CA THR A 109 2.13 10.31 8.81
C THR A 109 3.09 9.65 9.82
N VAL A 110 3.19 8.30 9.75
CA VAL A 110 4.11 7.52 10.60
C VAL A 110 5.58 7.87 10.29
N ALA A 111 5.87 8.15 9.01
CA ALA A 111 7.23 8.52 8.55
C ALA A 111 7.70 9.84 9.20
N ASN A 112 6.78 10.82 9.30
CA ASN A 112 7.07 12.13 9.91
C ASN A 112 7.28 12.00 11.42
N MET A 113 6.50 11.11 12.08
CA MET A 113 6.56 10.92 13.54
C MET A 113 7.87 10.24 13.99
N ILE A 114 8.33 9.24 13.22
CA ILE A 114 9.56 8.46 13.56
C ILE A 114 10.84 9.23 13.18
N ARG A 115 10.75 10.10 12.15
CA ARG A 115 11.87 10.95 11.70
C ARG A 115 11.88 12.32 12.41
N GLY A 116 10.73 12.70 12.99
CA GLY A 116 10.59 14.00 13.67
C GLY A 116 10.77 13.86 15.17
N SER B 1 18.67 -12.06 -17.53
CA SER B 1 19.86 -11.56 -16.80
C SER B 1 19.44 -10.76 -15.57
N LEU B 2 20.43 -10.44 -14.71
CA LEU B 2 20.22 -9.66 -13.49
C LEU B 2 20.17 -8.15 -13.81
N VAL B 3 19.04 -7.49 -13.52
CA VAL B 3 18.93 -6.03 -13.58
C VAL B 3 19.56 -5.42 -12.31
N LYS B 4 20.46 -4.45 -12.52
CA LYS B 4 21.27 -3.83 -11.46
C LYS B 4 20.50 -2.67 -10.85
N LEU B 5 19.99 -2.86 -9.63
CA LEU B 5 19.15 -1.86 -8.94
C LEU B 5 19.93 -1.25 -7.78
N GLU B 6 20.56 -0.09 -8.03
CA GLU B 6 21.25 0.66 -6.96
C GLU B 6 20.21 1.28 -6.03
N SER B 7 20.48 1.21 -4.74
CA SER B 7 19.67 1.86 -3.70
C SER B 7 20.03 3.34 -3.57
N SER B 8 19.38 4.04 -2.64
CA SER B 8 19.75 5.40 -2.23
C SER B 8 21.16 5.42 -1.59
N ASP B 9 21.54 4.27 -1.00
CA ASP B 9 22.89 4.05 -0.41
C ASP B 9 23.89 3.50 -1.47
N GLU B 10 23.49 3.61 -2.76
CA GLU B 10 24.36 3.35 -3.95
C GLU B 10 24.75 1.86 -4.12
N LYS B 11 24.24 0.97 -3.25
CA LYS B 11 24.55 -0.48 -3.29
C LYS B 11 23.81 -1.13 -4.47
N VAL B 12 24.58 -1.77 -5.36
CA VAL B 12 24.07 -2.45 -6.56
C VAL B 12 23.44 -3.79 -6.16
N PHE B 13 22.11 -3.88 -6.24
CA PHE B 13 21.36 -5.12 -6.00
C PHE B 13 20.93 -5.72 -7.35
N GLU B 14 21.80 -6.59 -7.90
CA GLU B 14 21.51 -7.33 -9.12
C GLU B 14 20.50 -8.46 -8.82
N ILE B 15 19.31 -8.38 -9.43
CA ILE B 15 18.24 -9.37 -9.26
C ILE B 15 17.63 -9.68 -10.64
N GLU B 16 17.06 -10.89 -10.81
CA GLU B 16 16.49 -11.34 -12.10
C GLU B 16 15.43 -10.34 -12.61
N LYS B 17 15.49 -10.06 -13.93
CA LYS B 17 14.58 -9.13 -14.62
C LYS B 17 13.11 -9.57 -14.44
N GLU B 18 12.91 -10.90 -14.50
CA GLU B 18 11.58 -11.53 -14.35
C GLU B 18 10.98 -11.31 -12.95
N ILE B 19 11.85 -11.17 -11.94
CA ILE B 19 11.44 -10.87 -10.56
C ILE B 19 11.03 -9.38 -10.43
N ALA B 20 11.84 -8.51 -11.03
CA ALA B 20 11.64 -7.04 -11.02
C ALA B 20 10.31 -6.61 -11.68
N CYS B 21 9.72 -7.53 -12.49
CA CYS B 21 8.42 -7.31 -13.15
C CYS B 21 7.23 -7.35 -12.16
N MET B 22 7.41 -8.01 -10.99
CA MET B 22 6.37 -8.07 -9.92
C MET B 22 6.18 -6.70 -9.26
N SER B 23 7.26 -5.91 -9.23
CA SER B 23 7.21 -4.51 -8.84
C SER B 23 6.60 -3.72 -10.01
N VAL B 24 5.40 -3.14 -9.80
CA VAL B 24 4.70 -2.34 -10.83
C VAL B 24 5.55 -1.13 -11.26
N THR B 25 6.16 -0.47 -10.26
CA THR B 25 6.99 0.73 -10.46
C THR B 25 8.23 0.44 -11.34
N ILE B 26 9.03 -0.59 -10.94
CA ILE B 26 10.25 -0.97 -11.68
C ILE B 26 9.88 -1.46 -13.09
N LYS B 27 8.81 -2.27 -13.19
CA LYS B 27 8.29 -2.83 -14.46
C LYS B 27 7.99 -1.71 -15.47
N ASN B 28 7.21 -0.72 -15.01
CA ASN B 28 6.79 0.45 -15.83
C ASN B 28 7.99 1.25 -16.32
N MET B 29 9.03 1.36 -15.45
CA MET B 29 10.30 2.03 -15.81
C MET B 29 11.00 1.29 -16.96
N ILE B 30 11.09 -0.06 -16.83
CA ILE B 30 11.70 -0.94 -17.84
C ILE B 30 10.94 -0.84 -19.18
N GLU B 31 9.61 -0.64 -19.10
CA GLU B 31 8.73 -0.53 -20.28
C GLU B 31 8.97 0.81 -21.03
N ASP B 32 9.05 1.94 -20.29
CA ASP B 32 9.26 3.28 -20.87
C ASP B 32 10.64 3.41 -21.52
N ILE B 33 11.66 2.91 -20.81
CA ILE B 33 13.06 2.93 -21.26
C ILE B 33 13.28 1.89 -22.39
N GLY B 34 12.48 0.81 -22.36
CA GLY B 34 12.69 -0.34 -23.22
C GLY B 34 13.56 -1.37 -22.54
N GLU B 35 13.60 -2.60 -23.10
CA GLU B 35 14.40 -3.71 -22.55
C GLU B 35 15.90 -3.33 -22.57
N SER B 36 16.38 -2.85 -21.43
CA SER B 36 17.76 -2.37 -21.25
C SER B 36 18.39 -3.08 -20.05
N ASP B 37 19.67 -3.49 -20.19
CA ASP B 37 20.48 -4.02 -19.08
C ASP B 37 21.04 -2.85 -18.23
N SER B 38 20.77 -1.60 -18.69
CA SER B 38 21.11 -0.36 -17.99
C SER B 38 20.66 -0.39 -16.51
N PRO B 39 21.59 -0.12 -15.55
CA PRO B 39 21.28 -0.13 -14.10
C PRO B 39 20.25 0.97 -13.72
N ILE B 40 19.17 0.58 -13.02
CA ILE B 40 18.09 1.50 -12.62
C ILE B 40 18.22 1.81 -11.12
N PRO B 41 18.73 3.03 -10.75
CA PRO B 41 18.80 3.47 -9.33
C PRO B 41 17.39 3.83 -8.81
N LEU B 42 17.15 3.54 -7.53
CA LEU B 42 15.88 3.85 -6.84
C LEU B 42 16.19 4.85 -5.70
N PRO B 43 16.09 6.21 -5.96
CA PRO B 43 16.46 7.26 -4.99
C PRO B 43 15.34 7.54 -3.96
N ASN B 44 15.01 6.49 -3.18
CA ASN B 44 13.95 6.54 -2.14
C ASN B 44 14.19 5.41 -1.13
N VAL B 45 14.41 4.18 -1.65
CA VAL B 45 14.64 2.99 -0.82
C VAL B 45 16.16 2.78 -0.59
N THR B 46 16.56 2.67 0.69
CA THR B 46 17.98 2.50 1.10
C THR B 46 18.45 1.05 0.92
N SER B 47 19.75 0.80 1.16
CA SER B 47 20.39 -0.51 0.86
C SER B 47 19.83 -1.64 1.74
N THR B 48 19.76 -1.37 3.05
CA THR B 48 19.31 -2.34 4.06
C THR B 48 17.86 -2.80 3.78
N ILE B 49 17.03 -1.86 3.32
CA ILE B 49 15.61 -2.11 3.07
C ILE B 49 15.42 -2.81 1.71
N LEU B 50 16.10 -2.29 0.67
CA LEU B 50 16.04 -2.84 -0.72
C LEU B 50 16.63 -4.28 -0.77
N GLU B 51 17.57 -4.54 0.15
CA GLU B 51 18.13 -5.89 0.41
C GLU B 51 17.00 -6.88 0.66
N LYS B 52 16.13 -6.54 1.65
CA LYS B 52 15.02 -7.39 2.10
C LYS B 52 13.85 -7.36 1.12
N VAL B 53 13.62 -6.21 0.46
CA VAL B 53 12.55 -6.07 -0.55
C VAL B 53 12.79 -7.06 -1.71
N LEU B 54 14.00 -7.00 -2.27
CA LEU B 54 14.40 -7.85 -3.39
C LEU B 54 14.65 -9.30 -2.97
N ASP B 55 15.09 -9.53 -1.72
CA ASP B 55 15.33 -10.91 -1.21
C ASP B 55 14.00 -11.63 -0.93
N TYR B 56 12.98 -10.87 -0.49
CA TYR B 56 11.60 -11.37 -0.37
C TYR B 56 11.07 -11.73 -1.76
N CYS B 57 11.38 -10.87 -2.73
CA CYS B 57 10.99 -11.05 -4.13
C CYS B 57 11.71 -12.28 -4.76
N ARG B 58 12.95 -12.58 -4.30
CA ARG B 58 13.68 -13.82 -4.67
C ARG B 58 12.90 -15.04 -4.16
N HIS B 59 12.55 -15.00 -2.86
CA HIS B 59 11.77 -16.05 -2.18
C HIS B 59 10.41 -16.27 -2.87
N HIS B 60 9.74 -15.17 -3.20
CA HIS B 60 8.38 -15.16 -3.77
C HIS B 60 8.36 -15.76 -5.18
N HIS B 61 9.43 -15.50 -5.95
CA HIS B 61 9.55 -15.96 -7.34
C HIS B 61 10.02 -17.42 -7.42
N GLN B 62 11.07 -17.76 -6.65
CA GLN B 62 11.71 -19.09 -6.68
C GLN B 62 10.87 -20.12 -5.89
N HIS B 63 10.13 -19.64 -4.89
CA HIS B 63 9.19 -20.44 -4.10
C HIS B 63 7.80 -19.74 -4.15
N PRO B 64 6.85 -20.22 -5.01
CA PRO B 64 5.51 -19.59 -5.17
C PRO B 64 4.73 -19.50 -3.83
N GLY B 65 4.81 -18.34 -3.19
CA GLY B 65 4.20 -18.11 -1.88
C GLY B 65 4.45 -16.69 -1.40
N GLY B 66 5.40 -16.53 -0.45
CA GLY B 66 5.65 -15.24 0.22
C GLY B 66 4.62 -14.93 1.31
N SER B 67 3.69 -15.88 1.52
CA SER B 67 2.57 -15.76 2.47
C SER B 67 2.16 -17.18 2.93
N GLY B 68 1.50 -17.26 4.09
CA GLY B 68 1.01 -18.53 4.64
C GLY B 68 -0.23 -18.32 5.50
N LEU B 69 -1.19 -19.27 5.41
CA LEU B 69 -2.47 -19.21 6.14
C LEU B 69 -2.24 -19.67 7.59
N ASP B 70 -2.04 -21.00 7.76
CA ASP B 70 -1.65 -21.61 9.06
C ASP B 70 -0.22 -22.19 8.94
N ASP B 71 0.37 -22.05 7.74
CA ASP B 71 1.71 -22.54 7.41
C ASP B 71 2.69 -21.36 7.41
N ILE B 72 3.31 -21.11 8.58
CA ILE B 72 4.30 -20.04 8.76
C ILE B 72 5.70 -20.60 8.46
N PRO B 73 6.37 -20.19 7.32
CA PRO B 73 7.74 -20.62 7.02
C PRO B 73 8.79 -19.83 7.86
N PRO B 74 9.97 -20.47 8.20
CA PRO B 74 11.02 -19.85 9.04
C PRO B 74 11.51 -18.48 8.49
N TYR B 75 11.84 -18.44 7.18
CA TYR B 75 12.31 -17.21 6.50
C TYR B 75 11.31 -16.06 6.67
N ASP B 76 10.06 -16.32 6.27
CA ASP B 76 9.00 -15.30 6.16
C ASP B 76 8.69 -14.66 7.53
N ARG B 77 8.82 -15.46 8.60
CA ARG B 77 8.64 -14.97 9.97
C ARG B 77 9.85 -14.13 10.43
N ASP B 78 11.08 -14.64 10.15
CA ASP B 78 12.35 -13.94 10.46
C ASP B 78 12.52 -12.66 9.62
N PHE B 79 11.82 -12.62 8.48
CA PHE B 79 11.78 -11.46 7.58
C PHE B 79 11.03 -10.30 8.26
N CYS B 80 9.92 -10.66 8.92
CA CYS B 80 9.03 -9.71 9.62
C CYS B 80 9.64 -9.25 10.97
N LYS B 81 10.68 -9.97 11.45
CA LYS B 81 11.41 -9.61 12.68
C LYS B 81 12.37 -8.44 12.40
N VAL B 82 11.81 -7.23 12.36
CA VAL B 82 12.54 -5.97 12.16
C VAL B 82 12.05 -4.95 13.21
N ASP B 83 12.87 -3.92 13.48
CA ASP B 83 12.51 -2.86 14.45
C ASP B 83 11.39 -1.99 13.86
N GLN B 84 10.59 -1.32 14.72
CA GLN B 84 9.35 -0.61 14.29
C GLN B 84 9.62 0.51 13.24
N PRO B 85 10.63 1.44 13.41
CA PRO B 85 11.05 2.37 12.31
C PRO B 85 11.41 1.63 11.00
N THR B 86 12.20 0.55 11.13
CA THR B 86 12.64 -0.30 10.00
C THR B 86 11.43 -0.97 9.29
N LEU B 87 10.38 -1.25 10.08
CA LEU B 87 9.14 -1.88 9.61
C LEU B 87 8.37 -0.89 8.73
N PHE B 88 8.31 0.38 9.18
CA PHE B 88 7.68 1.48 8.41
C PHE B 88 8.43 1.73 7.10
N GLU B 89 9.76 1.54 7.12
CA GLU B 89 10.62 1.65 5.92
C GLU B 89 10.28 0.57 4.88
N LEU B 90 9.94 -0.65 5.37
CA LEU B 90 9.48 -1.77 4.50
C LEU B 90 8.11 -1.42 3.86
N ILE B 91 7.23 -0.74 4.63
CA ILE B 91 5.92 -0.26 4.14
C ILE B 91 6.13 0.81 3.04
N LEU B 92 7.07 1.74 3.29
CA LEU B 92 7.42 2.84 2.37
C LEU B 92 7.93 2.29 1.02
N ALA B 93 8.85 1.33 1.10
CA ALA B 93 9.49 0.70 -0.08
C ALA B 93 8.49 -0.15 -0.88
N ALA B 94 7.57 -0.81 -0.17
CA ALA B 94 6.55 -1.68 -0.79
C ALA B 94 5.45 -0.85 -1.50
N ASN B 95 5.16 0.34 -0.96
CA ASN B 95 4.22 1.32 -1.59
C ASN B 95 4.92 2.08 -2.75
N TYR B 96 6.22 2.36 -2.56
CA TYR B 96 7.08 3.03 -3.57
C TYR B 96 7.24 2.16 -4.82
N LEU B 97 7.39 0.85 -4.62
CA LEU B 97 7.54 -0.13 -5.70
C LEU B 97 6.20 -0.78 -6.08
N ASP B 98 5.15 -0.50 -5.27
CA ASP B 98 3.75 -0.95 -5.50
C ASP B 98 3.67 -2.50 -5.61
N ILE B 99 4.54 -3.17 -4.82
CA ILE B 99 4.58 -4.64 -4.73
C ILE B 99 3.45 -5.09 -3.79
N LYS B 100 2.35 -5.61 -4.38
CA LYS B 100 1.13 -5.99 -3.65
C LYS B 100 1.39 -7.07 -2.56
N PRO B 101 2.12 -8.23 -2.87
CA PRO B 101 2.41 -9.27 -1.85
C PRO B 101 3.19 -8.71 -0.64
N LEU B 102 4.28 -7.95 -0.91
CA LEU B 102 5.15 -7.40 0.14
C LEU B 102 4.39 -6.40 1.02
N LEU B 103 3.65 -5.48 0.37
CA LEU B 103 2.90 -4.42 1.06
C LEU B 103 1.81 -5.02 1.97
N ASP B 104 1.12 -6.05 1.45
CA ASP B 104 0.01 -6.70 2.17
C ASP B 104 0.53 -7.46 3.40
N VAL B 105 1.58 -8.27 3.21
CA VAL B 105 2.20 -9.07 4.29
C VAL B 105 2.72 -8.16 5.42
N THR B 106 3.41 -7.07 5.06
CA THR B 106 4.00 -6.12 6.03
C THR B 106 2.89 -5.34 6.81
N CYS B 107 1.79 -5.02 6.11
CA CYS B 107 0.61 -4.37 6.73
C CYS B 107 -0.17 -5.36 7.62
N LYS B 108 -0.12 -6.65 7.26
CA LYS B 108 -0.75 -7.74 8.05
C LYS B 108 0.09 -8.06 9.29
N THR B 109 1.43 -7.88 9.19
CA THR B 109 2.36 -8.13 10.32
C THR B 109 1.98 -7.26 11.53
N VAL B 110 1.87 -5.94 11.30
CA VAL B 110 1.47 -4.98 12.33
C VAL B 110 0.02 -5.22 12.79
N ALA B 111 -0.86 -5.65 11.85
CA ALA B 111 -2.27 -5.96 12.14
C ALA B 111 -2.39 -7.14 13.13
N ASN B 112 -1.54 -8.16 12.96
CA ASN B 112 -1.53 -9.35 13.84
C ASN B 112 -1.01 -9.00 15.24
N MET B 113 -0.01 -8.10 15.32
CA MET B 113 0.63 -7.71 16.59
C MET B 113 -0.32 -6.87 17.46
N ILE B 114 -1.08 -5.93 16.84
CA ILE B 114 -1.99 -5.01 17.57
C ILE B 114 -3.31 -5.70 17.98
N ARG B 115 -3.74 -6.70 17.18
CA ARG B 115 -4.96 -7.47 17.44
C ARG B 115 -4.67 -8.74 18.28
N GLY B 116 -3.38 -9.12 18.34
CA GLY B 116 -2.94 -10.31 19.07
C GLY B 116 -2.31 -9.95 20.40
N SER A 1 -25.16 10.10 -8.61
CA SER A 1 -25.73 9.03 -7.77
C SER A 1 -24.71 8.53 -6.74
N LEU A 2 -25.22 8.10 -5.57
CA LEU A 2 -24.40 7.57 -4.48
C LEU A 2 -24.33 6.03 -4.56
N VAL A 3 -23.11 5.48 -4.57
CA VAL A 3 -22.88 4.03 -4.46
C VAL A 3 -22.95 3.61 -2.97
N LYS A 4 -23.81 2.64 -2.69
CA LYS A 4 -24.09 2.15 -1.33
C LYS A 4 -23.06 1.08 -0.96
N LEU A 5 -22.05 1.48 -0.17
CA LEU A 5 -20.92 0.61 0.22
C LEU A 5 -21.02 0.28 1.71
N GLU A 6 -21.55 -0.92 2.02
CA GLU A 6 -21.69 -1.36 3.43
C GLU A 6 -20.32 -1.79 3.97
N SER A 7 -20.15 -1.62 5.27
CA SER A 7 -18.96 -2.06 5.99
C SER A 7 -19.16 -3.47 6.58
N SER A 8 -18.12 -3.95 7.27
CA SER A 8 -18.18 -5.16 8.12
C SER A 8 -19.18 -4.95 9.27
N ASP A 9 -19.37 -3.67 9.65
CA ASP A 9 -20.31 -3.23 10.71
C ASP A 9 -21.69 -2.89 10.10
N GLU A 10 -21.88 -3.25 8.81
CA GLU A 10 -23.19 -3.26 8.11
C GLU A 10 -23.72 -1.85 7.77
N LYS A 11 -22.98 -0.78 8.15
CA LYS A 11 -23.38 0.62 7.87
C LYS A 11 -23.27 0.93 6.36
N VAL A 12 -24.39 1.37 5.77
CA VAL A 12 -24.49 1.75 4.35
C VAL A 12 -23.81 3.12 4.11
N PHE A 13 -22.63 3.13 3.47
CA PHE A 13 -21.88 4.36 3.16
C PHE A 13 -22.14 4.78 1.72
N GLU A 14 -23.16 5.63 1.54
CA GLU A 14 -23.55 6.17 0.25
C GLU A 14 -22.67 7.37 -0.11
N ILE A 15 -21.60 7.10 -0.87
CA ILE A 15 -20.64 8.12 -1.32
C ILE A 15 -20.76 8.33 -2.83
N GLU A 16 -20.36 9.53 -3.31
CA GLU A 16 -20.35 9.87 -4.74
C GLU A 16 -19.48 8.85 -5.51
N LYS A 17 -20.06 8.29 -6.59
CA LYS A 17 -19.45 7.21 -7.39
C LYS A 17 -18.09 7.65 -7.97
N GLU A 18 -18.01 8.93 -8.38
CA GLU A 18 -16.79 9.53 -8.96
C GLU A 18 -15.59 9.47 -7.97
N ILE A 19 -15.90 9.55 -6.67
CA ILE A 19 -14.90 9.49 -5.59
C ILE A 19 -14.51 8.03 -5.30
N ALA A 20 -15.53 7.14 -5.33
CA ALA A 20 -15.33 5.69 -5.14
C ALA A 20 -14.51 5.06 -6.29
N CYS A 21 -14.47 5.77 -7.44
CA CYS A 21 -13.66 5.38 -8.60
C CYS A 21 -12.14 5.56 -8.34
N MET A 22 -11.78 6.45 -7.39
CA MET A 22 -10.36 6.71 -7.03
C MET A 22 -9.77 5.48 -6.31
N SER A 23 -10.63 4.78 -5.56
CA SER A 23 -10.33 3.43 -5.08
C SER A 23 -10.27 2.50 -6.30
N VAL A 24 -9.06 1.98 -6.59
CA VAL A 24 -8.85 1.06 -7.72
C VAL A 24 -9.68 -0.22 -7.54
N THR A 25 -9.86 -0.66 -6.28
CA THR A 25 -10.63 -1.88 -5.95
C THR A 25 -12.14 -1.71 -6.27
N ILE A 26 -12.74 -0.62 -5.78
CA ILE A 26 -14.20 -0.34 -5.97
C ILE A 26 -14.49 -0.10 -7.46
N LYS A 27 -13.61 0.69 -8.11
CA LYS A 27 -13.69 0.99 -9.55
C LYS A 27 -13.68 -0.29 -10.39
N ASN A 28 -12.68 -1.16 -10.11
CA ASN A 28 -12.50 -2.45 -10.81
C ASN A 28 -13.69 -3.40 -10.58
N MET A 29 -14.36 -3.26 -9.42
CA MET A 29 -15.59 -4.04 -9.13
C MET A 29 -16.76 -3.58 -10.04
N ILE A 30 -16.93 -2.26 -10.18
CA ILE A 30 -17.99 -1.67 -11.02
C ILE A 30 -17.74 -2.00 -12.52
N GLU A 31 -16.46 -2.06 -12.91
CA GLU A 31 -16.07 -2.35 -14.29
C GLU A 31 -16.17 -3.86 -14.62
N ASP A 32 -15.66 -4.72 -13.70
CA ASP A 32 -15.51 -6.19 -13.94
C ASP A 32 -16.85 -6.93 -13.78
N ILE A 33 -17.57 -6.63 -12.69
CA ILE A 33 -18.90 -7.21 -12.41
C ILE A 33 -19.95 -6.58 -13.35
N GLY A 34 -19.75 -5.29 -13.64
CA GLY A 34 -20.67 -4.50 -14.46
C GLY A 34 -21.43 -3.49 -13.63
N GLU A 35 -22.29 -2.71 -14.29
CA GLU A 35 -23.13 -1.69 -13.64
C GLU A 35 -24.16 -2.37 -12.73
N SER A 36 -23.76 -2.57 -11.46
CA SER A 36 -24.58 -3.24 -10.44
C SER A 36 -25.34 -2.18 -9.64
N ASP A 37 -26.67 -2.19 -9.75
CA ASP A 37 -27.56 -1.30 -8.97
C ASP A 37 -27.70 -1.81 -7.52
N SER A 38 -27.37 -3.10 -7.31
CA SER A 38 -27.30 -3.72 -5.98
C SER A 38 -26.15 -3.08 -5.15
N PRO A 39 -26.33 -2.91 -3.80
CA PRO A 39 -25.28 -2.32 -2.93
C PRO A 39 -24.12 -3.32 -2.68
N ILE A 40 -22.90 -2.80 -2.49
CA ILE A 40 -21.68 -3.62 -2.33
C ILE A 40 -21.27 -3.65 -0.84
N PRO A 41 -21.55 -4.76 -0.09
CA PRO A 41 -21.09 -4.92 1.30
C PRO A 41 -19.65 -5.49 1.38
N LEU A 42 -18.71 -4.65 1.83
CA LEU A 42 -17.32 -5.04 2.12
C LEU A 42 -17.24 -5.57 3.58
N PRO A 43 -17.20 -6.92 3.81
CA PRO A 43 -17.25 -7.51 5.17
C PRO A 43 -15.86 -7.58 5.86
N ASN A 44 -14.87 -6.87 5.28
CA ASN A 44 -13.49 -6.82 5.80
C ASN A 44 -13.24 -5.53 6.60
N VAL A 45 -13.45 -4.38 5.94
CA VAL A 45 -13.17 -3.05 6.54
C VAL A 45 -14.34 -2.59 7.43
N THR A 46 -14.03 -2.15 8.67
CA THR A 46 -15.03 -1.70 9.67
C THR A 46 -15.65 -0.33 9.29
N SER A 47 -16.74 0.04 9.99
CA SER A 47 -17.53 1.25 9.66
C SER A 47 -16.76 2.53 9.94
N THR A 48 -16.15 2.61 11.12
CA THR A 48 -15.39 3.78 11.59
C THR A 48 -14.28 4.14 10.59
N ILE A 49 -13.53 3.11 10.19
CA ILE A 49 -12.35 3.26 9.33
C ILE A 49 -12.76 3.53 7.88
N LEU A 50 -13.77 2.79 7.39
CA LEU A 50 -14.27 2.95 6.01
C LEU A 50 -14.85 4.37 5.80
N GLU A 51 -15.59 4.87 6.81
CA GLU A 51 -16.20 6.21 6.77
C GLU A 51 -15.13 7.30 6.66
N LYS A 52 -14.08 7.16 7.49
CA LYS A 52 -12.94 8.08 7.53
C LYS A 52 -12.21 8.10 6.17
N VAL A 53 -11.85 6.91 5.66
CA VAL A 53 -11.05 6.77 4.43
C VAL A 53 -11.84 7.27 3.19
N LEU A 54 -13.17 7.04 3.17
CA LEU A 54 -14.05 7.52 2.09
C LEU A 54 -14.21 9.05 2.11
N ASP A 55 -14.33 9.62 3.33
CA ASP A 55 -14.51 11.08 3.52
C ASP A 55 -13.19 11.82 3.23
N TYR A 56 -12.05 11.16 3.54
CA TYR A 56 -10.71 11.65 3.15
C TYR A 56 -10.63 11.74 1.63
N CYS A 57 -11.00 10.62 0.97
CA CYS A 57 -11.00 10.50 -0.49
C CYS A 57 -11.92 11.55 -1.12
N ARG A 58 -13.00 11.92 -0.42
CA ARG A 58 -13.90 13.01 -0.84
C ARG A 58 -13.14 14.34 -0.93
N HIS A 59 -12.38 14.67 0.13
CA HIS A 59 -11.54 15.88 0.17
C HIS A 59 -10.43 15.84 -0.91
N HIS A 60 -9.84 14.64 -1.08
CA HIS A 60 -8.76 14.40 -2.05
C HIS A 60 -9.27 14.45 -3.50
N HIS A 61 -10.57 14.18 -3.68
CA HIS A 61 -11.21 14.23 -5.01
C HIS A 61 -11.55 15.69 -5.37
N GLN A 62 -11.99 16.45 -4.35
CA GLN A 62 -12.34 17.88 -4.52
C GLN A 62 -11.07 18.73 -4.74
N HIS A 63 -9.95 18.29 -4.16
CA HIS A 63 -8.63 18.90 -4.36
C HIS A 63 -7.64 17.80 -4.79
N PRO A 64 -7.58 17.46 -6.13
CA PRO A 64 -6.69 16.41 -6.67
C PRO A 64 -5.19 16.79 -6.52
N GLY A 65 -4.58 16.30 -5.43
CA GLY A 65 -3.18 16.56 -5.15
C GLY A 65 -2.65 15.67 -4.03
N GLY A 66 -1.33 15.48 -3.98
CA GLY A 66 -0.69 14.64 -2.98
C GLY A 66 0.81 14.86 -2.98
N SER A 67 1.57 13.84 -3.43
CA SER A 67 3.05 13.88 -3.57
C SER A 67 3.79 14.11 -2.22
N GLY A 68 3.05 14.04 -1.11
CA GLY A 68 3.59 14.39 0.21
C GLY A 68 4.17 15.80 0.27
N LEU A 69 3.47 16.77 -0.37
CA LEU A 69 3.89 18.18 -0.38
C LEU A 69 3.82 18.76 1.04
N ASP A 70 4.78 19.65 1.34
CA ASP A 70 4.90 20.30 2.66
C ASP A 70 3.77 21.35 2.84
N ASP A 71 2.59 20.83 3.15
CA ASP A 71 1.39 21.62 3.43
C ASP A 71 0.55 20.87 4.49
N ILE A 72 0.10 19.66 4.11
CA ILE A 72 -0.75 18.77 4.93
C ILE A 72 -1.94 19.58 5.53
N PRO A 73 -3.10 19.70 4.80
CA PRO A 73 -4.23 20.56 5.21
C PRO A 73 -4.78 20.19 6.60
N PRO A 74 -5.27 21.20 7.43
CA PRO A 74 -5.76 20.98 8.82
C PRO A 74 -6.70 19.78 9.00
N TYR A 75 -7.59 19.54 8.01
CA TYR A 75 -8.48 18.37 7.98
C TYR A 75 -7.67 17.06 8.06
N ASP A 76 -6.75 16.91 7.10
CA ASP A 76 -5.98 15.67 6.87
C ASP A 76 -4.94 15.47 7.98
N ARG A 77 -4.51 16.60 8.57
CA ARG A 77 -3.53 16.63 9.64
C ARG A 77 -4.12 16.01 10.93
N ASP A 78 -5.31 16.51 11.32
CA ASP A 78 -6.06 15.99 12.49
C ASP A 78 -6.75 14.66 12.19
N PHE A 79 -6.99 14.38 10.89
CA PHE A 79 -7.56 13.11 10.41
C PHE A 79 -6.65 11.93 10.78
N CYS A 80 -5.35 12.11 10.48
CA CYS A 80 -4.32 11.09 10.72
C CYS A 80 -3.94 11.01 12.22
N LYS A 81 -4.41 11.98 13.03
CA LYS A 81 -4.27 11.94 14.50
C LYS A 81 -5.33 10.97 15.08
N VAL A 82 -4.98 9.68 15.06
CA VAL A 82 -5.81 8.60 15.61
C VAL A 82 -4.93 7.69 16.50
N ASP A 83 -5.57 6.72 17.19
CA ASP A 83 -4.89 5.81 18.11
C ASP A 83 -3.89 4.92 17.31
N GLN A 84 -2.90 4.33 18.01
CA GLN A 84 -1.79 3.59 17.37
C GLN A 84 -2.29 2.38 16.51
N PRO A 85 -3.17 1.45 17.04
CA PRO A 85 -3.79 0.39 16.19
C PRO A 85 -4.64 0.95 15.03
N THR A 86 -5.29 2.12 15.29
CA THR A 86 -6.21 2.76 14.33
C THR A 86 -5.45 3.30 13.09
N LEU A 87 -4.18 3.69 13.30
CA LEU A 87 -3.23 4.05 12.21
C LEU A 87 -3.07 2.87 11.23
N PHE A 88 -2.85 1.67 11.81
CA PHE A 88 -2.69 0.42 11.05
C PHE A 88 -4.01 0.01 10.36
N GLU A 89 -5.15 0.38 10.98
CA GLU A 89 -6.49 0.15 10.39
C GLU A 89 -6.67 0.97 9.09
N LEU A 90 -6.17 2.22 9.11
CA LEU A 90 -6.17 3.12 7.93
C LEU A 90 -5.26 2.56 6.83
N ILE A 91 -4.13 1.94 7.25
CA ILE A 91 -3.18 1.25 6.35
C ILE A 91 -3.84 -0.01 5.71
N LEU A 92 -4.61 -0.75 6.54
CA LEU A 92 -5.32 -1.98 6.10
C LEU A 92 -6.39 -1.65 5.05
N ALA A 93 -7.18 -0.58 5.32
CA ALA A 93 -8.27 -0.11 4.43
C ALA A 93 -7.72 0.48 3.11
N ALA A 94 -6.56 1.16 3.22
CA ALA A 94 -5.87 1.77 2.06
C ALA A 94 -5.28 0.70 1.13
N ASN A 95 -4.76 -0.39 1.73
CA ASN A 95 -4.22 -1.56 0.97
C ASN A 95 -5.38 -2.36 0.35
N TYR A 96 -6.50 -2.42 1.10
CA TYR A 96 -7.71 -3.19 0.71
C TYR A 96 -8.44 -2.55 -0.48
N LEU A 97 -8.50 -1.21 -0.49
CA LEU A 97 -9.18 -0.43 -1.56
C LEU A 97 -8.16 0.12 -2.59
N ASP A 98 -6.86 -0.15 -2.34
CA ASP A 98 -5.72 0.30 -3.16
C ASP A 98 -5.72 1.85 -3.35
N ILE A 99 -6.06 2.57 -2.27
CA ILE A 99 -5.99 4.02 -2.22
C ILE A 99 -4.56 4.42 -1.79
N LYS A 100 -3.69 4.52 -2.80
CA LYS A 100 -2.28 4.91 -2.63
C LYS A 100 -2.14 6.34 -2.03
N PRO A 101 -3.00 7.38 -2.42
CA PRO A 101 -3.04 8.70 -1.72
C PRO A 101 -3.10 8.59 -0.17
N LEU A 102 -4.12 7.87 0.33
CA LEU A 102 -4.37 7.75 1.78
C LEU A 102 -3.25 6.93 2.43
N LEU A 103 -2.82 5.86 1.74
CA LEU A 103 -1.76 4.96 2.20
C LEU A 103 -0.45 5.75 2.40
N ASP A 104 -0.13 6.61 1.42
CA ASP A 104 1.11 7.39 1.38
C ASP A 104 1.14 8.44 2.49
N VAL A 105 0.00 9.14 2.68
CA VAL A 105 -0.12 10.21 3.71
C VAL A 105 -0.13 9.62 5.13
N THR A 106 -0.74 8.43 5.31
CA THR A 106 -0.73 7.71 6.61
C THR A 106 0.68 7.17 6.90
N CYS A 107 1.37 6.70 5.83
CA CYS A 107 2.76 6.23 5.91
C CYS A 107 3.73 7.41 6.19
N LYS A 108 3.36 8.62 5.72
CA LYS A 108 4.11 9.85 6.01
C LYS A 108 3.95 10.21 7.50
N THR A 109 2.69 10.20 7.98
CA THR A 109 2.35 10.58 9.38
C THR A 109 3.10 9.70 10.40
N VAL A 110 3.00 8.36 10.22
CA VAL A 110 3.64 7.39 11.13
C VAL A 110 5.17 7.50 11.08
N ALA A 111 5.70 7.84 9.87
CA ALA A 111 7.13 8.10 9.66
C ALA A 111 7.56 9.39 10.38
N ASN A 112 6.69 10.42 10.35
CA ASN A 112 6.98 11.75 10.94
C ASN A 112 7.01 11.69 12.47
N MET A 113 6.28 10.72 13.06
CA MET A 113 6.24 10.55 14.54
C MET A 113 7.55 9.91 15.03
N ILE A 114 7.96 8.81 14.36
CA ILE A 114 9.13 8.00 14.77
C ILE A 114 10.47 8.67 14.35
N ARG A 115 10.45 9.42 13.24
CA ARG A 115 11.61 10.20 12.74
C ARG A 115 11.64 11.61 13.36
N GLY A 116 10.51 12.02 13.97
CA GLY A 116 10.40 13.34 14.61
C GLY A 116 11.11 13.41 15.96
N SER B 1 18.98 -12.27 -17.33
CA SER B 1 19.79 -11.07 -17.06
C SER B 1 19.31 -10.36 -15.77
N LEU B 2 20.26 -9.74 -15.07
CA LEU B 2 20.02 -9.01 -13.83
C LEU B 2 19.82 -7.51 -14.11
N VAL B 3 18.68 -6.95 -13.67
CA VAL B 3 18.45 -5.50 -13.71
C VAL B 3 19.16 -4.82 -12.51
N LYS B 4 20.00 -3.84 -12.83
CA LYS B 4 20.83 -3.13 -11.85
C LYS B 4 20.01 -1.98 -11.24
N LEU B 5 19.50 -2.21 -10.02
CA LEU B 5 18.62 -1.27 -9.31
C LEU B 5 19.37 -0.67 -8.12
N GLU B 6 19.92 0.54 -8.28
CA GLU B 6 20.65 1.22 -7.18
C GLU B 6 19.66 1.78 -6.16
N SER B 7 20.10 1.84 -4.92
CA SER B 7 19.34 2.42 -3.82
C SER B 7 19.69 3.91 -3.64
N SER B 8 19.05 4.52 -2.63
CA SER B 8 19.42 5.87 -2.13
C SER B 8 20.85 5.84 -1.57
N ASP B 9 21.26 4.66 -1.08
CA ASP B 9 22.60 4.41 -0.50
C ASP B 9 23.59 3.92 -1.60
N GLU B 10 23.15 4.02 -2.88
CA GLU B 10 24.01 3.89 -4.08
C GLU B 10 24.41 2.42 -4.39
N LYS B 11 23.98 1.46 -3.54
CA LYS B 11 24.30 0.02 -3.74
C LYS B 11 23.53 -0.54 -4.95
N VAL B 12 24.28 -1.11 -5.91
CA VAL B 12 23.73 -1.73 -7.12
C VAL B 12 23.10 -3.11 -6.78
N PHE B 13 21.77 -3.20 -6.83
CA PHE B 13 21.04 -4.46 -6.55
C PHE B 13 20.63 -5.13 -7.86
N GLU B 14 21.51 -6.01 -8.33
CA GLU B 14 21.33 -6.79 -9.55
C GLU B 14 20.44 -8.02 -9.26
N ILE B 15 19.14 -7.86 -9.47
CA ILE B 15 18.15 -8.92 -9.24
C ILE B 15 17.57 -9.40 -10.59
N GLU B 16 17.06 -10.64 -10.62
CA GLU B 16 16.42 -11.24 -11.81
C GLU B 16 15.24 -10.35 -12.25
N LYS B 17 15.23 -10.00 -13.56
CA LYS B 17 14.25 -9.07 -14.14
C LYS B 17 12.80 -9.56 -13.95
N GLU B 18 12.62 -10.88 -14.07
CA GLU B 18 11.32 -11.56 -13.90
C GLU B 18 10.70 -11.30 -12.51
N ILE B 19 11.56 -11.16 -11.50
CA ILE B 19 11.17 -10.88 -10.11
C ILE B 19 10.87 -9.38 -9.93
N ALA B 20 11.70 -8.53 -10.57
CA ALA B 20 11.53 -7.07 -10.57
C ALA B 20 10.24 -6.65 -11.31
N CYS B 21 9.72 -7.54 -12.18
CA CYS B 21 8.45 -7.34 -12.89
C CYS B 21 7.24 -7.44 -11.93
N MET B 22 7.40 -8.16 -10.80
CA MET B 22 6.32 -8.30 -9.78
C MET B 22 6.05 -6.95 -9.09
N SER B 23 7.10 -6.14 -8.95
CA SER B 23 6.97 -4.73 -8.61
C SER B 23 6.30 -4.02 -9.80
N VAL B 24 5.06 -3.54 -9.58
CA VAL B 24 4.30 -2.84 -10.62
C VAL B 24 5.04 -1.56 -11.07
N THR B 25 5.76 -0.91 -10.13
CA THR B 25 6.51 0.33 -10.40
C THR B 25 7.71 0.07 -11.34
N ILE B 26 8.55 -0.93 -11.00
CA ILE B 26 9.77 -1.26 -11.78
C ILE B 26 9.38 -1.77 -13.18
N LYS B 27 8.33 -2.64 -13.21
CA LYS B 27 7.78 -3.21 -14.45
C LYS B 27 7.30 -2.09 -15.40
N ASN B 28 6.50 -1.16 -14.84
CA ASN B 28 5.93 0.00 -15.57
C ASN B 28 7.03 0.94 -16.08
N MET B 29 8.17 1.00 -15.37
CA MET B 29 9.34 1.79 -15.81
C MET B 29 9.99 1.14 -17.05
N ILE B 30 10.17 -0.19 -17.02
CA ILE B 30 10.76 -0.95 -18.15
C ILE B 30 9.85 -0.87 -19.40
N GLU B 31 8.52 -0.87 -19.17
CA GLU B 31 7.52 -0.80 -20.25
C GLU B 31 7.37 0.62 -20.83
N ASP B 32 7.28 1.64 -19.94
CA ASP B 32 6.95 3.04 -20.33
C ASP B 32 8.17 3.76 -20.92
N ILE B 33 9.32 3.64 -20.26
CA ILE B 33 10.59 4.24 -20.71
C ILE B 33 11.16 3.45 -21.91
N GLY B 34 10.93 2.13 -21.87
CA GLY B 34 11.44 1.22 -22.88
C GLY B 34 12.54 0.34 -22.33
N GLU B 35 13.05 -0.57 -23.17
CA GLU B 35 14.14 -1.49 -22.80
C GLU B 35 15.44 -0.68 -22.59
N SER B 36 15.63 -0.24 -21.33
CA SER B 36 16.79 0.56 -20.93
C SER B 36 17.89 -0.36 -20.39
N ASP B 37 19.03 -0.40 -21.11
CA ASP B 37 20.24 -1.17 -20.69
C ASP B 37 20.99 -0.41 -19.58
N SER B 38 20.71 0.91 -19.45
CA SER B 38 21.22 1.75 -18.37
C SER B 38 20.62 1.30 -17.01
N PRO B 39 21.39 1.37 -15.89
CA PRO B 39 20.89 0.97 -14.54
C PRO B 39 19.91 2.02 -13.96
N ILE B 40 18.94 1.57 -13.13
CA ILE B 40 17.88 2.44 -12.59
C ILE B 40 18.19 2.73 -11.09
N PRO B 41 18.72 3.97 -10.76
CA PRO B 41 18.94 4.37 -9.36
C PRO B 41 17.68 4.99 -8.71
N LEU B 42 17.08 4.24 -7.77
CA LEU B 42 15.95 4.72 -6.94
C LEU B 42 16.51 5.50 -5.73
N PRO B 43 16.48 6.88 -5.73
CA PRO B 43 17.11 7.70 -4.67
C PRO B 43 16.19 7.91 -3.43
N ASN B 44 15.09 7.16 -3.37
CA ASN B 44 14.11 7.22 -2.27
C ASN B 44 14.37 6.09 -1.25
N VAL B 45 14.27 4.83 -1.72
CA VAL B 45 14.37 3.64 -0.85
C VAL B 45 15.85 3.32 -0.54
N THR B 46 16.16 3.10 0.76
CA THR B 46 17.53 2.83 1.25
C THR B 46 18.00 1.40 0.88
N SER B 47 19.30 1.12 1.06
CA SER B 47 19.93 -0.14 0.60
C SER B 47 19.45 -1.34 1.41
N THR B 48 19.46 -1.20 2.74
CA THR B 48 19.08 -2.27 3.67
C THR B 48 17.66 -2.77 3.37
N ILE B 49 16.74 -1.80 3.20
CA ILE B 49 15.31 -2.07 3.02
C ILE B 49 15.03 -2.61 1.61
N LEU B 50 15.65 -1.98 0.59
CA LEU B 50 15.48 -2.39 -0.82
C LEU B 50 15.99 -3.83 -1.03
N GLU B 51 17.13 -4.16 -0.41
CA GLU B 51 17.75 -5.50 -0.49
C GLU B 51 16.80 -6.57 0.08
N LYS B 52 16.25 -6.25 1.27
CA LYS B 52 15.31 -7.12 1.97
C LYS B 52 14.04 -7.38 1.14
N VAL B 53 13.42 -6.30 0.65
CA VAL B 53 12.14 -6.35 -0.08
C VAL B 53 12.30 -7.08 -1.44
N LEU B 54 13.46 -6.89 -2.10
CA LEU B 54 13.78 -7.58 -3.38
C LEU B 54 14.03 -9.09 -3.16
N ASP B 55 14.73 -9.44 -2.06
CA ASP B 55 15.07 -10.84 -1.73
C ASP B 55 13.82 -11.61 -1.24
N TYR B 56 12.90 -10.87 -0.58
CA TYR B 56 11.57 -11.37 -0.22
C TYR B 56 10.80 -11.73 -1.49
N CYS B 57 10.76 -10.75 -2.41
CA CYS B 57 10.08 -10.90 -3.71
C CYS B 57 10.67 -12.06 -4.51
N ARG B 58 11.98 -12.33 -4.33
CA ARG B 58 12.64 -13.50 -4.93
C ARG B 58 12.01 -14.80 -4.43
N HIS B 59 11.84 -14.93 -3.10
CA HIS B 59 11.19 -16.10 -2.48
C HIS B 59 9.71 -16.21 -2.93
N HIS B 60 9.04 -15.05 -3.01
CA HIS B 60 7.61 -14.95 -3.39
C HIS B 60 7.41 -15.25 -4.88
N HIS B 61 8.46 -15.04 -5.69
CA HIS B 61 8.44 -15.34 -7.12
C HIS B 61 8.66 -16.84 -7.36
N GLN B 62 9.55 -17.44 -6.55
CA GLN B 62 9.88 -18.86 -6.63
C GLN B 62 8.71 -19.72 -6.12
N HIS B 63 7.97 -19.18 -5.13
CA HIS B 63 6.74 -19.79 -4.60
C HIS B 63 5.59 -18.76 -4.72
N PRO B 64 4.90 -18.67 -5.91
CA PRO B 64 3.81 -17.71 -6.14
C PRO B 64 2.58 -18.02 -5.26
N GLY B 65 2.49 -17.33 -4.13
CA GLY B 65 1.40 -17.51 -3.17
C GLY B 65 1.37 -16.40 -2.12
N GLY B 66 0.22 -16.22 -1.48
CA GLY B 66 0.04 -15.19 -0.45
C GLY B 66 -1.28 -15.37 0.26
N SER B 67 -2.24 -14.45 0.01
CA SER B 67 -3.62 -14.47 0.58
C SER B 67 -3.64 -14.41 2.12
N GLY B 68 -2.47 -14.16 2.76
CA GLY B 68 -2.30 -14.26 4.20
C GLY B 68 -2.70 -15.62 4.76
N LEU B 69 -2.32 -16.71 4.04
CA LEU B 69 -2.61 -18.09 4.46
C LEU B 69 -1.89 -18.40 5.78
N ASP B 70 -2.55 -19.19 6.64
CA ASP B 70 -2.01 -19.61 7.94
C ASP B 70 -0.88 -20.65 7.72
N ASP B 71 0.30 -20.12 7.38
CA ASP B 71 1.53 -20.87 7.20
C ASP B 71 2.70 -19.98 7.65
N ILE B 72 2.87 -18.86 6.90
CA ILE B 72 3.95 -17.86 7.10
C ILE B 72 5.33 -18.57 7.20
N PRO B 73 6.02 -18.83 6.06
CA PRO B 73 7.29 -19.63 6.04
C PRO B 73 8.38 -19.01 6.94
N PRO B 74 9.25 -19.87 7.60
CA PRO B 74 10.30 -19.42 8.57
C PRO B 74 11.17 -18.24 8.08
N TYR B 75 11.46 -18.20 6.76
CA TYR B 75 12.17 -17.07 6.14
C TYR B 75 11.40 -15.76 6.36
N ASP B 76 10.14 -15.75 5.91
CA ASP B 76 9.28 -14.56 5.85
C ASP B 76 8.84 -14.13 7.25
N ARG B 77 8.80 -15.13 8.17
CA ARG B 77 8.41 -14.94 9.57
C ARG B 77 9.49 -14.12 10.31
N ASP B 78 10.76 -14.57 10.19
CA ASP B 78 11.93 -13.88 10.79
C ASP B 78 12.31 -12.62 9.99
N PHE B 79 11.92 -12.59 8.71
CA PHE B 79 12.13 -11.45 7.81
C PHE B 79 11.41 -10.20 8.35
N CYS B 80 10.14 -10.40 8.72
CA CYS B 80 9.27 -9.33 9.24
C CYS B 80 9.61 -8.97 10.70
N LYS B 81 10.46 -9.80 11.36
CA LYS B 81 11.00 -9.50 12.71
C LYS B 81 12.13 -8.48 12.56
N VAL B 82 11.75 -7.20 12.48
CA VAL B 82 12.68 -6.06 12.41
C VAL B 82 12.25 -5.00 13.44
N ASP B 83 13.06 -3.94 13.57
CA ASP B 83 12.82 -2.84 14.52
C ASP B 83 11.52 -2.09 14.14
N GLN B 84 10.92 -1.36 15.11
CA GLN B 84 9.60 -0.73 14.94
C GLN B 84 9.58 0.31 13.76
N PRO B 85 10.56 1.28 13.66
CA PRO B 85 10.68 2.16 12.46
C PRO B 85 10.93 1.39 11.15
N THR B 86 11.68 0.27 11.27
CA THR B 86 12.11 -0.57 10.12
C THR B 86 10.89 -1.29 9.48
N LEU B 87 9.87 -1.60 10.31
CA LEU B 87 8.56 -2.12 9.84
C LEU B 87 7.91 -1.13 8.85
N PHE B 88 7.91 0.15 9.26
CA PHE B 88 7.35 1.26 8.46
C PHE B 88 8.18 1.50 7.19
N GLU B 89 9.49 1.21 7.26
CA GLU B 89 10.40 1.28 6.09
C GLU B 89 10.00 0.26 5.03
N LEU B 90 9.64 -0.96 5.48
CA LEU B 90 9.17 -2.04 4.61
C LEU B 90 7.81 -1.66 3.97
N ILE B 91 6.97 -0.95 4.74
CA ILE B 91 5.67 -0.41 4.27
C ILE B 91 5.90 0.70 3.21
N LEU B 92 6.91 1.56 3.45
CA LEU B 92 7.27 2.68 2.54
C LEU B 92 7.75 2.13 1.17
N ALA B 93 8.65 1.12 1.23
CA ALA B 93 9.24 0.48 0.04
C ALA B 93 8.19 -0.32 -0.75
N ALA B 94 7.24 -0.94 -0.02
CA ALA B 94 6.15 -1.73 -0.61
C ALA B 94 5.14 -0.83 -1.33
N ASN B 95 4.88 0.35 -0.76
CA ASN B 95 3.99 1.38 -1.37
C ASN B 95 4.69 2.04 -2.58
N TYR B 96 6.01 2.22 -2.45
CA TYR B 96 6.87 2.88 -3.46
C TYR B 96 7.01 2.01 -4.73
N LEU B 97 7.16 0.69 -4.53
CA LEU B 97 7.32 -0.29 -5.64
C LEU B 97 5.99 -0.98 -5.99
N ASP B 98 4.94 -0.64 -5.21
CA ASP B 98 3.57 -1.21 -5.33
C ASP B 98 3.57 -2.76 -5.25
N ILE B 99 4.41 -3.28 -4.34
CA ILE B 99 4.45 -4.71 -4.01
C ILE B 99 3.41 -4.98 -2.93
N LYS B 100 2.17 -5.24 -3.39
CA LYS B 100 1.03 -5.57 -2.53
C LYS B 100 1.26 -6.87 -1.70
N PRO B 101 1.91 -7.97 -2.26
CA PRO B 101 2.35 -9.15 -1.44
C PRO B 101 3.09 -8.77 -0.14
N LEU B 102 4.19 -8.00 -0.29
CA LEU B 102 5.06 -7.62 0.85
C LEU B 102 4.30 -6.68 1.79
N LEU B 103 3.56 -5.74 1.20
CA LEU B 103 2.76 -4.76 1.94
C LEU B 103 1.73 -5.45 2.85
N ASP B 104 1.07 -6.48 2.27
CA ASP B 104 -0.02 -7.22 2.95
C ASP B 104 0.54 -8.07 4.10
N VAL B 105 1.67 -8.74 3.87
CA VAL B 105 2.32 -9.61 4.87
C VAL B 105 2.93 -8.78 6.02
N THR B 106 3.47 -7.59 5.70
CA THR B 106 4.01 -6.65 6.71
C THR B 106 2.85 -6.04 7.53
N CYS B 107 1.73 -5.75 6.83
CA CYS B 107 0.49 -5.25 7.46
C CYS B 107 -0.17 -6.32 8.34
N LYS B 108 0.03 -7.61 7.96
CA LYS B 108 -0.44 -8.75 8.77
C LYS B 108 0.41 -8.85 10.05
N THR B 109 1.75 -8.77 9.89
CA THR B 109 2.70 -8.91 11.01
C THR B 109 2.45 -7.85 12.10
N VAL B 110 2.38 -6.57 11.69
CA VAL B 110 2.17 -5.44 12.61
C VAL B 110 0.79 -5.53 13.28
N ALA B 111 -0.21 -6.06 12.53
CA ALA B 111 -1.56 -6.32 13.06
C ALA B 111 -1.52 -7.45 14.11
N ASN B 112 -0.71 -8.49 13.84
CA ASN B 112 -0.62 -9.68 14.72
C ASN B 112 0.07 -9.36 16.06
N MET B 113 0.92 -8.32 16.08
CA MET B 113 1.61 -7.87 17.30
C MET B 113 0.64 -7.12 18.23
N ILE B 114 -0.11 -6.16 17.64
CA ILE B 114 -1.01 -5.27 18.40
C ILE B 114 -2.33 -5.98 18.77
N ARG B 115 -2.79 -6.90 17.91
CA ARG B 115 -4.00 -7.72 18.14
C ARG B 115 -3.66 -9.00 18.93
N GLY B 116 -2.36 -9.35 18.99
CA GLY B 116 -1.90 -10.57 19.67
C GLY B 116 -1.87 -10.44 21.19
N SER A 1 -25.07 9.79 -9.02
CA SER A 1 -25.59 8.66 -8.23
C SER A 1 -24.64 8.32 -7.07
N LEU A 2 -25.20 7.73 -6.00
CA LEU A 2 -24.44 7.24 -4.84
C LEU A 2 -24.30 5.71 -4.94
N VAL A 3 -23.14 5.18 -4.56
CA VAL A 3 -22.88 3.73 -4.44
C VAL A 3 -22.79 3.36 -2.95
N LYS A 4 -23.40 2.23 -2.60
CA LYS A 4 -23.52 1.75 -1.22
C LYS A 4 -22.36 0.78 -0.90
N LEU A 5 -21.52 1.15 0.09
CA LEU A 5 -20.43 0.29 0.60
C LEU A 5 -20.70 0.00 2.07
N GLU A 6 -21.18 -1.21 2.39
CA GLU A 6 -21.35 -1.64 3.79
C GLU A 6 -19.98 -1.87 4.41
N SER A 7 -19.84 -1.53 5.68
CA SER A 7 -18.65 -1.85 6.46
C SER A 7 -18.84 -3.22 7.10
N SER A 8 -17.77 -3.71 7.75
CA SER A 8 -17.82 -4.91 8.60
C SER A 8 -18.78 -4.69 9.79
N ASP A 9 -18.99 -3.40 10.13
CA ASP A 9 -19.86 -2.96 11.23
C ASP A 9 -21.35 -2.81 10.75
N GLU A 10 -21.63 -3.23 9.50
CA GLU A 10 -22.99 -3.28 8.89
C GLU A 10 -23.56 -1.89 8.53
N LYS A 11 -22.74 -0.83 8.67
CA LYS A 11 -23.16 0.54 8.32
C LYS A 11 -22.93 0.79 6.81
N VAL A 12 -24.02 1.18 6.12
CA VAL A 12 -24.03 1.45 4.67
C VAL A 12 -23.50 2.88 4.42
N PHE A 13 -22.37 2.98 3.70
CA PHE A 13 -21.75 4.27 3.36
C PHE A 13 -21.96 4.58 1.88
N GLU A 14 -22.93 5.47 1.62
CA GLU A 14 -23.33 5.91 0.28
C GLU A 14 -22.49 7.13 -0.12
N ILE A 15 -21.38 6.87 -0.82
CA ILE A 15 -20.48 7.92 -1.35
C ILE A 15 -20.80 8.15 -2.84
N GLU A 16 -20.44 9.34 -3.37
CA GLU A 16 -20.60 9.68 -4.78
C GLU A 16 -19.78 8.70 -5.65
N LYS A 17 -20.44 8.18 -6.70
CA LYS A 17 -19.92 7.10 -7.55
C LYS A 17 -18.60 7.51 -8.25
N GLU A 18 -18.47 8.81 -8.58
CA GLU A 18 -17.26 9.37 -9.22
C GLU A 18 -16.04 9.33 -8.26
N ILE A 19 -16.31 9.51 -6.95
CA ILE A 19 -15.26 9.55 -5.91
C ILE A 19 -14.85 8.12 -5.51
N ALA A 20 -15.80 7.17 -5.62
CA ALA A 20 -15.56 5.73 -5.38
C ALA A 20 -14.56 5.14 -6.39
N CYS A 21 -14.40 5.84 -7.54
CA CYS A 21 -13.43 5.47 -8.59
C CYS A 21 -11.97 5.69 -8.15
N MET A 22 -11.76 6.58 -7.14
CA MET A 22 -10.41 6.88 -6.60
C MET A 22 -9.81 5.67 -5.89
N SER A 23 -10.68 4.89 -5.25
CA SER A 23 -10.35 3.57 -4.73
C SER A 23 -10.21 2.61 -5.91
N VAL A 24 -8.97 2.15 -6.19
CA VAL A 24 -8.66 1.28 -7.34
C VAL A 24 -9.48 -0.04 -7.27
N THR A 25 -9.54 -0.64 -6.07
CA THR A 25 -10.27 -1.89 -5.82
C THR A 25 -11.79 -1.75 -6.11
N ILE A 26 -12.43 -0.71 -5.50
CA ILE A 26 -13.89 -0.46 -5.66
C ILE A 26 -14.21 -0.18 -7.14
N LYS A 27 -13.37 0.67 -7.77
CA LYS A 27 -13.48 1.05 -9.18
C LYS A 27 -13.46 -0.19 -10.09
N ASN A 28 -12.42 -1.04 -9.91
CA ASN A 28 -12.20 -2.25 -10.74
C ASN A 28 -13.38 -3.22 -10.63
N MET A 29 -13.95 -3.35 -9.41
CA MET A 29 -15.08 -4.28 -9.15
C MET A 29 -16.37 -3.80 -9.85
N ILE A 30 -16.61 -2.47 -9.85
CA ILE A 30 -17.77 -1.86 -10.53
C ILE A 30 -17.63 -2.08 -12.06
N GLU A 31 -16.39 -1.90 -12.58
CA GLU A 31 -16.05 -2.05 -14.01
C GLU A 31 -16.07 -3.52 -14.46
N ASP A 32 -15.71 -4.42 -13.52
CA ASP A 32 -15.65 -5.88 -13.75
C ASP A 32 -17.06 -6.45 -13.94
N ILE A 33 -18.01 -5.90 -13.17
CA ILE A 33 -19.44 -6.22 -13.29
C ILE A 33 -20.07 -5.42 -14.47
N GLY A 34 -19.48 -4.25 -14.76
CA GLY A 34 -19.97 -3.36 -15.81
C GLY A 34 -20.41 -2.04 -15.18
N GLU A 35 -21.44 -2.13 -14.34
CA GLU A 35 -21.94 -1.03 -13.52
C GLU A 35 -22.82 -1.63 -12.41
N SER A 36 -22.25 -1.79 -11.21
CA SER A 36 -22.94 -2.39 -10.07
C SER A 36 -23.87 -1.35 -9.42
N ASP A 37 -25.19 -1.48 -9.68
CA ASP A 37 -26.25 -0.72 -8.98
C ASP A 37 -26.43 -1.29 -7.55
N SER A 38 -26.11 -2.59 -7.43
CA SER A 38 -26.18 -3.34 -6.17
C SER A 38 -25.06 -2.90 -5.21
N PRO A 39 -25.31 -2.95 -3.85
CA PRO A 39 -24.29 -2.57 -2.83
C PRO A 39 -23.12 -3.58 -2.76
N ILE A 40 -21.90 -3.06 -2.51
CA ILE A 40 -20.69 -3.89 -2.34
C ILE A 40 -20.29 -3.88 -0.85
N PRO A 41 -20.59 -4.96 -0.07
CA PRO A 41 -20.17 -5.08 1.35
C PRO A 41 -18.65 -5.31 1.46
N LEU A 42 -17.96 -4.39 2.14
CA LEU A 42 -16.53 -4.46 2.43
C LEU A 42 -16.33 -4.97 3.88
N PRO A 43 -16.14 -6.32 4.09
CA PRO A 43 -16.14 -6.93 5.44
C PRO A 43 -14.77 -6.87 6.17
N ASN A 44 -13.75 -6.28 5.51
CA ASN A 44 -12.40 -6.13 6.11
C ASN A 44 -12.31 -4.79 6.88
N VAL A 45 -12.90 -3.73 6.30
CA VAL A 45 -12.81 -2.36 6.84
C VAL A 45 -13.98 -2.09 7.82
N THR A 46 -13.67 -1.46 8.95
CA THR A 46 -14.66 -1.07 9.97
C THR A 46 -15.35 0.25 9.58
N SER A 47 -16.47 0.59 10.24
CA SER A 47 -17.34 1.72 9.85
C SER A 47 -16.63 3.07 10.03
N THR A 48 -15.96 3.22 11.18
CA THR A 48 -15.21 4.44 11.54
C THR A 48 -14.14 4.76 10.47
N ILE A 49 -13.47 3.70 9.99
CA ILE A 49 -12.37 3.81 9.04
C ILE A 49 -12.91 4.05 7.62
N LEU A 50 -13.94 3.30 7.23
CA LEU A 50 -14.54 3.42 5.88
C LEU A 50 -15.15 4.82 5.68
N GLU A 51 -15.74 5.35 6.76
CA GLU A 51 -16.35 6.69 6.82
C GLU A 51 -15.33 7.78 6.44
N LYS A 52 -14.21 7.77 7.17
CA LYS A 52 -13.19 8.84 7.12
C LYS A 52 -12.31 8.72 5.87
N VAL A 53 -12.09 7.48 5.39
CA VAL A 53 -11.28 7.19 4.18
C VAL A 53 -12.02 7.68 2.92
N LEU A 54 -13.34 7.39 2.86
CA LEU A 54 -14.20 7.83 1.75
C LEU A 54 -14.34 9.37 1.74
N ASP A 55 -14.38 9.98 2.95
CA ASP A 55 -14.51 11.45 3.11
C ASP A 55 -13.18 12.18 2.79
N TYR A 56 -12.04 11.52 3.09
CA TYR A 56 -10.70 12.03 2.71
C TYR A 56 -10.60 12.06 1.18
N CYS A 57 -10.99 10.93 0.55
CA CYS A 57 -11.00 10.77 -0.91
C CYS A 57 -11.94 11.81 -1.55
N ARG A 58 -13.05 12.15 -0.85
CA ARG A 58 -13.99 13.21 -1.28
C ARG A 58 -13.26 14.55 -1.43
N HIS A 59 -12.53 14.95 -0.37
CA HIS A 59 -11.77 16.21 -0.35
C HIS A 59 -10.69 16.22 -1.45
N HIS A 60 -10.01 15.08 -1.61
CA HIS A 60 -8.88 14.93 -2.55
C HIS A 60 -9.39 14.90 -4.02
N HIS A 61 -10.68 14.52 -4.17
CA HIS A 61 -11.37 14.50 -5.48
C HIS A 61 -11.76 15.93 -5.89
N GLN A 62 -12.31 16.67 -4.92
CA GLN A 62 -12.79 18.05 -5.11
C GLN A 62 -11.61 19.01 -5.32
N HIS A 63 -10.51 18.74 -4.59
CA HIS A 63 -9.26 19.51 -4.67
C HIS A 63 -8.09 18.56 -5.02
N PRO A 64 -7.81 18.36 -6.36
CA PRO A 64 -6.67 17.53 -6.83
C PRO A 64 -5.30 18.11 -6.44
N GLY A 65 -5.28 19.43 -6.11
CA GLY A 65 -4.09 20.12 -5.62
C GLY A 65 -3.72 19.73 -4.19
N GLY A 66 -4.58 18.89 -3.55
CA GLY A 66 -4.30 18.35 -2.22
C GLY A 66 -3.16 17.32 -2.24
N SER A 67 -1.92 17.83 -2.29
CA SER A 67 -0.70 16.99 -2.33
C SER A 67 -0.24 16.57 -0.91
N GLY A 68 -0.92 17.11 0.12
CA GLY A 68 -0.60 16.82 1.51
C GLY A 68 0.65 17.56 1.97
N LEU A 69 1.84 16.99 1.68
CA LEU A 69 3.13 17.56 2.07
C LEU A 69 3.50 18.73 1.13
N ASP A 70 2.98 19.92 1.51
CA ASP A 70 3.22 21.22 0.83
C ASP A 70 2.28 22.24 1.47
N ASP A 71 0.99 21.92 1.40
CA ASP A 71 -0.11 22.70 1.93
C ASP A 71 -0.96 21.74 2.78
N ILE A 72 -0.93 21.91 4.10
CA ILE A 72 -1.64 21.01 5.03
C ILE A 72 -3.11 21.48 5.17
N PRO A 73 -4.11 20.70 4.61
CA PRO A 73 -5.54 21.03 4.72
C PRO A 73 -6.11 20.72 6.13
N PRO A 74 -7.20 21.44 6.59
CA PRO A 74 -7.72 21.30 7.97
C PRO A 74 -8.19 19.87 8.31
N TYR A 75 -9.19 19.35 7.56
CA TYR A 75 -9.78 18.01 7.78
C TYR A 75 -8.71 16.91 7.63
N ASP A 76 -7.86 17.06 6.60
CA ASP A 76 -6.87 16.05 6.21
C ASP A 76 -5.75 15.92 7.28
N ARG A 77 -5.50 17.03 8.01
CA ARG A 77 -4.57 17.03 9.15
C ARG A 77 -5.19 16.26 10.33
N ASP A 78 -6.49 16.55 10.59
CA ASP A 78 -7.27 15.89 11.66
C ASP A 78 -7.53 14.40 11.35
N PHE A 79 -7.50 14.07 10.03
CA PHE A 79 -7.64 12.69 9.53
C PHE A 79 -6.45 11.83 10.00
N CYS A 80 -5.24 12.43 9.95
CA CYS A 80 -3.99 11.79 10.37
C CYS A 80 -3.95 11.62 11.91
N LYS A 81 -4.71 12.47 12.63
CA LYS A 81 -4.84 12.40 14.10
C LYS A 81 -5.78 11.25 14.49
N VAL A 82 -5.20 10.04 14.61
CA VAL A 82 -5.93 8.81 14.97
C VAL A 82 -5.17 8.05 16.07
N ASP A 83 -5.90 7.12 16.71
CA ASP A 83 -5.36 6.26 17.79
C ASP A 83 -4.35 5.26 17.18
N GLN A 84 -3.48 4.66 18.01
CA GLN A 84 -2.42 3.72 17.55
C GLN A 84 -3.01 2.48 16.78
N PRO A 85 -4.07 1.74 17.30
CA PRO A 85 -4.72 0.66 16.51
C PRO A 85 -5.44 1.21 15.26
N THR A 86 -6.09 2.37 15.42
CA THR A 86 -6.88 3.05 14.36
C THR A 86 -5.99 3.46 13.16
N LEU A 87 -4.72 3.75 13.46
CA LEU A 87 -3.71 4.15 12.46
C LEU A 87 -3.40 2.94 11.53
N PHE A 88 -3.23 1.76 12.16
CA PHE A 88 -2.96 0.52 11.44
C PHE A 88 -4.21 0.03 10.68
N GLU A 89 -5.41 0.36 11.23
CA GLU A 89 -6.70 0.13 10.55
C GLU A 89 -6.77 0.91 9.21
N LEU A 90 -6.23 2.15 9.22
CA LEU A 90 -6.12 3.00 8.01
C LEU A 90 -5.18 2.35 6.96
N ILE A 91 -4.07 1.73 7.44
CA ILE A 91 -3.10 1.03 6.57
C ILE A 91 -3.75 -0.22 5.93
N LEU A 92 -4.54 -0.96 6.74
CA LEU A 92 -5.27 -2.16 6.29
C LEU A 92 -6.33 -1.80 5.23
N ALA A 93 -7.00 -0.65 5.42
CA ALA A 93 -8.05 -0.15 4.51
C ALA A 93 -7.44 0.43 3.22
N ALA A 94 -6.27 1.07 3.35
CA ALA A 94 -5.56 1.70 2.22
C ALA A 94 -4.95 0.65 1.29
N ASN A 95 -4.60 -0.51 1.87
CA ASN A 95 -4.14 -1.71 1.13
C ASN A 95 -5.36 -2.40 0.46
N TYR A 96 -6.41 -2.63 1.27
CA TYR A 96 -7.63 -3.36 0.86
C TYR A 96 -8.35 -2.66 -0.32
N LEU A 97 -8.41 -1.32 -0.26
CA LEU A 97 -9.08 -0.49 -1.27
C LEU A 97 -8.08 0.01 -2.33
N ASP A 98 -6.78 -0.16 -2.03
CA ASP A 98 -5.65 0.26 -2.88
C ASP A 98 -5.79 1.74 -3.31
N ILE A 99 -5.55 2.65 -2.34
CA ILE A 99 -5.64 4.10 -2.58
C ILE A 99 -4.25 4.71 -2.29
N LYS A 100 -3.55 5.14 -3.36
CA LYS A 100 -2.19 5.72 -3.26
C LYS A 100 -2.15 6.99 -2.35
N PRO A 101 -3.08 8.03 -2.48
CA PRO A 101 -3.12 9.19 -1.55
C PRO A 101 -3.27 8.78 -0.06
N LEU A 102 -4.18 7.83 0.20
CA LEU A 102 -4.50 7.37 1.57
C LEU A 102 -3.27 6.67 2.18
N LEU A 103 -2.75 5.69 1.42
CA LEU A 103 -1.66 4.80 1.85
C LEU A 103 -0.40 5.61 2.16
N ASP A 104 -0.04 6.51 1.24
CA ASP A 104 1.20 7.31 1.30
C ASP A 104 1.19 8.22 2.54
N VAL A 105 0.09 8.98 2.71
CA VAL A 105 -0.09 9.90 3.84
C VAL A 105 -0.01 9.14 5.19
N THR A 106 -0.67 7.98 5.26
CA THR A 106 -0.72 7.14 6.48
C THR A 106 0.65 6.46 6.78
N CYS A 107 1.40 6.14 5.71
CA CYS A 107 2.76 5.57 5.80
C CYS A 107 3.77 6.65 6.25
N LYS A 108 3.50 7.90 5.85
CA LYS A 108 4.30 9.07 6.28
C LYS A 108 3.99 9.44 7.73
N THR A 109 2.73 9.18 8.17
CA THR A 109 2.31 9.43 9.57
C THR A 109 3.14 8.59 10.56
N VAL A 110 3.23 7.26 10.31
CA VAL A 110 4.03 6.33 11.16
C VAL A 110 5.53 6.66 11.08
N ALA A 111 5.97 7.13 9.89
CA ALA A 111 7.37 7.54 9.66
C ALA A 111 7.70 8.83 10.45
N ASN A 112 6.71 9.74 10.58
CA ASN A 112 6.88 11.02 11.32
C ASN A 112 6.93 10.78 12.84
N MET A 113 6.20 9.75 13.31
CA MET A 113 6.17 9.40 14.75
C MET A 113 7.55 8.92 15.24
N ILE A 114 8.24 8.14 14.38
CA ILE A 114 9.58 7.60 14.69
C ILE A 114 10.70 8.57 14.24
N ARG A 115 10.35 9.64 13.51
CA ARG A 115 11.33 10.60 12.98
C ARG A 115 11.68 11.64 14.06
N GLY A 116 12.66 11.30 14.91
CA GLY A 116 13.13 12.21 15.96
C GLY A 116 14.01 11.47 16.99
N SER B 1 18.55 -12.01 -17.73
CA SER B 1 19.33 -10.78 -17.48
C SER B 1 19.00 -10.23 -16.08
N LEU B 2 19.95 -9.45 -15.53
CA LEU B 2 19.77 -8.75 -14.23
C LEU B 2 19.52 -7.25 -14.50
N VAL B 3 18.62 -6.66 -13.72
CA VAL B 3 18.37 -5.21 -13.72
C VAL B 3 18.95 -4.58 -12.45
N LYS B 4 19.60 -3.42 -12.61
CA LYS B 4 20.32 -2.72 -11.53
C LYS B 4 19.38 -1.68 -10.88
N LEU B 5 19.12 -1.85 -9.58
CA LEU B 5 18.35 -0.89 -8.77
C LEU B 5 19.25 -0.36 -7.65
N GLU B 6 19.75 0.88 -7.80
CA GLU B 6 20.52 1.53 -6.73
C GLU B 6 19.57 1.90 -5.60
N SER B 7 20.06 1.80 -4.37
CA SER B 7 19.35 2.29 -3.20
C SER B 7 19.73 3.75 -2.95
N SER B 8 19.06 4.37 -1.96
CA SER B 8 19.43 5.69 -1.44
C SER B 8 20.85 5.66 -0.81
N ASP B 9 21.26 4.43 -0.40
CA ASP B 9 22.56 4.15 0.22
C ASP B 9 23.67 3.90 -0.86
N GLU B 10 23.31 4.08 -2.15
CA GLU B 10 24.22 3.98 -3.33
C GLU B 10 24.65 2.54 -3.66
N LYS B 11 24.03 1.54 -3.00
CA LYS B 11 24.31 0.12 -3.27
C LYS B 11 23.45 -0.38 -4.43
N VAL B 12 24.12 -0.92 -5.47
CA VAL B 12 23.47 -1.45 -6.68
C VAL B 12 22.95 -2.88 -6.43
N PHE B 13 21.64 -3.07 -6.52
CA PHE B 13 20.98 -4.38 -6.31
C PHE B 13 20.51 -4.96 -7.65
N GLU B 14 21.31 -5.90 -8.18
CA GLU B 14 21.06 -6.56 -9.47
C GLU B 14 20.21 -7.81 -9.23
N ILE B 15 18.89 -7.64 -9.36
CA ILE B 15 17.91 -8.73 -9.24
C ILE B 15 17.51 -9.22 -10.64
N GLU B 16 17.02 -10.47 -10.74
CA GLU B 16 16.52 -11.05 -11.99
C GLU B 16 15.35 -10.21 -12.53
N LYS B 17 15.42 -9.90 -13.83
CA LYS B 17 14.51 -8.97 -14.51
C LYS B 17 13.04 -9.45 -14.44
N GLU B 18 12.85 -10.79 -14.46
CA GLU B 18 11.52 -11.43 -14.35
C GLU B 18 10.89 -11.17 -12.96
N ILE B 19 11.72 -11.14 -11.91
CA ILE B 19 11.28 -10.98 -10.52
C ILE B 19 11.01 -9.47 -10.22
N ALA B 20 11.77 -8.59 -10.91
CA ALA B 20 11.57 -7.13 -10.84
C ALA B 20 10.18 -6.69 -11.35
N CYS B 21 9.55 -7.57 -12.16
CA CYS B 21 8.19 -7.36 -12.69
C CYS B 21 7.11 -7.46 -11.58
N MET B 22 7.43 -8.17 -10.48
CA MET B 22 6.50 -8.35 -9.33
C MET B 22 6.23 -7.01 -8.62
N SER B 23 7.25 -6.16 -8.60
CA SER B 23 7.12 -4.76 -8.20
C SER B 23 6.40 -4.01 -9.33
N VAL B 24 5.16 -3.57 -9.07
CA VAL B 24 4.31 -2.91 -10.07
C VAL B 24 4.98 -1.62 -10.60
N THR B 25 5.55 -0.82 -9.67
CA THR B 25 6.24 0.44 -10.02
C THR B 25 7.47 0.20 -10.95
N ILE B 26 8.37 -0.72 -10.54
CA ILE B 26 9.60 -1.04 -11.31
C ILE B 26 9.22 -1.58 -12.71
N LYS B 27 8.24 -2.51 -12.72
CA LYS B 27 7.70 -3.13 -13.95
C LYS B 27 7.21 -2.05 -14.93
N ASN B 28 6.31 -1.16 -14.42
CA ASN B 28 5.67 -0.10 -15.23
C ASN B 28 6.72 0.84 -15.85
N MET B 29 7.78 1.16 -15.07
CA MET B 29 8.84 2.08 -15.51
C MET B 29 9.69 1.46 -16.65
N ILE B 30 9.98 0.15 -16.54
CA ILE B 30 10.72 -0.60 -17.58
C ILE B 30 9.89 -0.65 -18.88
N GLU B 31 8.57 -0.88 -18.73
CA GLU B 31 7.61 -0.98 -19.86
C GLU B 31 7.34 0.40 -20.49
N ASP B 32 7.39 1.46 -19.67
CA ASP B 32 7.14 2.86 -20.07
C ASP B 32 8.27 3.36 -20.97
N ILE B 33 9.49 2.92 -20.65
CA ILE B 33 10.69 3.18 -21.46
C ILE B 33 10.75 2.19 -22.65
N GLY B 34 10.15 1.00 -22.44
CA GLY B 34 10.15 -0.09 -23.42
C GLY B 34 10.90 -1.29 -22.88
N GLU B 35 12.21 -1.08 -22.65
CA GLU B 35 13.10 -2.05 -21.98
C GLU B 35 14.36 -1.30 -21.52
N SER B 36 14.39 -0.90 -20.24
CA SER B 36 15.50 -0.13 -19.67
C SER B 36 16.69 -1.06 -19.37
N ASP B 37 17.73 -1.00 -20.22
CA ASP B 37 19.04 -1.66 -19.98
C ASP B 37 19.83 -0.86 -18.93
N SER B 38 19.51 0.45 -18.87
CA SER B 38 20.11 1.40 -17.93
C SER B 38 19.60 1.14 -16.49
N PRO B 39 20.43 1.42 -15.43
CA PRO B 39 20.03 1.22 -14.02
C PRO B 39 18.96 2.26 -13.56
N ILE B 40 18.02 1.82 -12.70
CA ILE B 40 16.97 2.70 -12.14
C ILE B 40 17.31 2.97 -10.64
N PRO B 41 17.88 4.16 -10.29
CA PRO B 41 18.15 4.54 -8.88
C PRO B 41 16.85 4.83 -8.11
N LEU B 42 16.61 4.05 -7.07
CA LEU B 42 15.46 4.20 -6.16
C LEU B 42 15.91 4.96 -4.88
N PRO B 43 15.77 6.33 -4.84
CA PRO B 43 16.36 7.17 -3.75
C PRO B 43 15.49 7.26 -2.48
N ASN B 44 14.31 6.61 -2.49
CA ASN B 44 13.40 6.59 -1.31
C ASN B 44 13.74 5.42 -0.39
N VAL B 45 14.07 4.26 -0.99
CA VAL B 45 14.31 3.00 -0.24
C VAL B 45 15.81 2.87 0.12
N THR B 46 16.10 2.45 1.36
CA THR B 46 17.48 2.21 1.85
C THR B 46 17.98 0.83 1.38
N SER B 47 19.31 0.58 1.49
CA SER B 47 19.95 -0.64 0.94
C SER B 47 19.48 -1.91 1.65
N THR B 48 19.42 -1.84 2.99
CA THR B 48 18.99 -2.95 3.85
C THR B 48 17.58 -3.43 3.47
N ILE B 49 16.69 -2.46 3.19
CA ILE B 49 15.28 -2.70 2.89
C ILE B 49 15.11 -3.19 1.45
N LEU B 50 15.82 -2.56 0.50
CA LEU B 50 15.72 -2.91 -0.93
C LEU B 50 16.26 -4.34 -1.16
N GLU B 51 17.30 -4.69 -0.39
CA GLU B 51 17.95 -6.02 -0.41
C GLU B 51 16.93 -7.13 -0.08
N LYS B 52 16.28 -6.96 1.07
CA LYS B 52 15.41 -7.99 1.67
C LYS B 52 14.04 -8.07 0.96
N VAL B 53 13.56 -6.91 0.45
CA VAL B 53 12.27 -6.83 -0.28
C VAL B 53 12.37 -7.54 -1.64
N LEU B 54 13.49 -7.29 -2.36
CA LEU B 54 13.76 -7.95 -3.65
C LEU B 54 13.97 -9.47 -3.47
N ASP B 55 14.60 -9.86 -2.34
CA ASP B 55 14.88 -11.28 -2.02
C ASP B 55 13.60 -12.02 -1.56
N TYR B 56 12.69 -11.28 -0.88
CA TYR B 56 11.36 -11.81 -0.50
C TYR B 56 10.56 -12.11 -1.78
N CYS B 57 10.55 -11.11 -2.70
CA CYS B 57 9.89 -11.22 -4.00
C CYS B 57 10.47 -12.38 -4.82
N ARG B 58 11.80 -12.62 -4.67
CA ARG B 58 12.49 -13.76 -5.30
C ARG B 58 11.84 -15.09 -4.88
N HIS B 59 11.73 -15.29 -3.56
CA HIS B 59 11.12 -16.51 -2.98
C HIS B 59 9.65 -16.68 -3.42
N HIS B 60 8.91 -15.56 -3.42
CA HIS B 60 7.48 -15.54 -3.76
C HIS B 60 7.26 -15.76 -5.27
N HIS B 61 8.30 -15.46 -6.07
CA HIS B 61 8.31 -15.68 -7.54
C HIS B 61 8.55 -17.16 -7.85
N GLN B 62 9.51 -17.75 -7.11
CA GLN B 62 9.92 -19.16 -7.27
C GLN B 62 8.84 -20.10 -6.76
N HIS B 63 8.17 -19.68 -5.68
CA HIS B 63 7.07 -20.42 -5.04
C HIS B 63 5.84 -19.52 -4.96
N PRO B 64 4.96 -19.53 -6.02
CA PRO B 64 3.68 -18.77 -6.03
C PRO B 64 2.70 -19.23 -4.94
N GLY B 65 2.90 -20.48 -4.44
CA GLY B 65 2.13 -21.04 -3.34
C GLY B 65 2.45 -20.43 -1.97
N GLY B 66 3.44 -19.51 -1.95
CA GLY B 66 3.76 -18.73 -0.75
C GLY B 66 2.69 -17.69 -0.43
N SER B 67 1.58 -18.15 0.16
CA SER B 67 0.44 -17.29 0.54
C SER B 67 0.67 -16.63 1.92
N GLY B 68 1.76 -17.02 2.61
CA GLY B 68 2.11 -16.48 3.92
C GLY B 68 1.26 -17.10 5.02
N LEU B 69 0.04 -16.56 5.22
CA LEU B 69 -0.89 -17.01 6.26
C LEU B 69 -1.57 -18.32 5.80
N ASP B 70 -0.87 -19.44 6.05
CA ASP B 70 -1.33 -20.84 5.79
C ASP B 70 -0.14 -21.76 6.09
N ASP B 71 0.95 -21.47 5.37
CA ASP B 71 2.22 -22.19 5.44
C ASP B 71 3.33 -21.14 5.59
N ILE B 72 3.89 -21.05 6.80
CA ILE B 72 4.89 -20.03 7.14
C ILE B 72 6.30 -20.50 6.69
N PRO B 73 6.89 -19.85 5.61
CA PRO B 73 8.23 -20.21 5.09
C PRO B 73 9.35 -19.66 6.01
N PRO B 74 10.57 -20.32 6.01
CA PRO B 74 11.67 -19.98 6.96
C PRO B 74 12.16 -18.52 6.83
N TYR B 75 12.67 -18.17 5.62
CA TYR B 75 13.21 -16.82 5.32
C TYR B 75 12.14 -15.74 5.51
N ASP B 76 10.92 -16.04 5.04
CA ASP B 76 9.80 -15.08 4.99
C ASP B 76 9.31 -14.74 6.42
N ARG B 77 9.46 -15.69 7.35
CA ARG B 77 9.16 -15.48 8.77
C ARG B 77 10.21 -14.54 9.39
N ASP B 78 11.49 -14.81 9.07
CA ASP B 78 12.64 -14.00 9.53
C ASP B 78 12.65 -12.60 8.88
N PHE B 79 11.99 -12.50 7.70
CA PHE B 79 11.81 -11.22 6.97
C PHE B 79 10.92 -10.26 7.78
N CYS B 80 9.87 -10.84 8.39
CA CYS B 80 8.91 -10.09 9.24
C CYS B 80 9.58 -9.66 10.56
N LYS B 81 10.63 -10.41 10.98
CA LYS B 81 11.41 -10.08 12.18
C LYS B 81 12.35 -8.91 11.89
N VAL B 82 11.84 -7.69 12.07
CA VAL B 82 12.59 -6.44 11.85
C VAL B 82 12.40 -5.48 13.04
N ASP B 83 13.26 -4.46 13.11
CA ASP B 83 13.23 -3.42 14.16
C ASP B 83 12.00 -2.51 13.92
N GLN B 84 11.58 -1.76 14.96
CA GLN B 84 10.39 -0.88 14.91
C GLN B 84 10.47 0.19 13.77
N PRO B 85 11.62 0.97 13.61
CA PRO B 85 11.78 1.89 12.45
C PRO B 85 11.86 1.12 11.11
N THR B 86 12.58 -0.02 11.12
CA THR B 86 12.83 -0.88 9.95
C THR B 86 11.51 -1.47 9.38
N LEU B 87 10.53 -1.67 10.28
CA LEU B 87 9.19 -2.20 9.94
C LEU B 87 8.44 -1.17 9.08
N PHE B 88 8.50 0.10 9.51
CA PHE B 88 7.86 1.22 8.81
C PHE B 88 8.60 1.53 7.49
N GLU B 89 9.92 1.27 7.46
CA GLU B 89 10.75 1.34 6.23
C GLU B 89 10.24 0.34 5.16
N LEU B 90 9.83 -0.86 5.62
CA LEU B 90 9.22 -1.90 4.76
C LEU B 90 7.88 -1.41 4.18
N ILE B 91 7.08 -0.70 5.01
CA ILE B 91 5.77 -0.13 4.59
C ILE B 91 5.98 0.97 3.52
N LEU B 92 7.02 1.82 3.74
CA LEU B 92 7.39 2.91 2.82
C LEU B 92 7.85 2.34 1.45
N ALA B 93 8.61 1.22 1.50
CA ALA B 93 9.15 0.55 0.30
C ALA B 93 8.05 -0.23 -0.44
N ALA B 94 7.11 -0.80 0.31
CA ALA B 94 6.00 -1.60 -0.24
C ALA B 94 4.96 -0.70 -0.95
N ASN B 95 4.85 0.55 -0.47
CA ASN B 95 4.03 1.60 -1.10
C ASN B 95 4.76 2.16 -2.35
N TYR B 96 6.05 2.48 -2.17
CA TYR B 96 6.92 3.09 -3.20
C TYR B 96 7.05 2.19 -4.45
N LEU B 97 7.21 0.88 -4.20
CA LEU B 97 7.39 -0.13 -5.26
C LEU B 97 6.03 -0.77 -5.64
N ASP B 98 5.01 -0.52 -4.81
CA ASP B 98 3.64 -1.07 -4.95
C ASP B 98 3.66 -2.59 -5.15
N ILE B 99 3.93 -3.32 -4.06
CA ILE B 99 3.98 -4.78 -4.05
C ILE B 99 2.92 -5.30 -3.07
N LYS B 100 1.83 -5.88 -3.60
CA LYS B 100 0.71 -6.40 -2.80
C LYS B 100 1.15 -7.49 -1.76
N PRO B 101 1.97 -8.56 -2.15
CA PRO B 101 2.51 -9.55 -1.17
C PRO B 101 3.30 -8.90 -0.01
N LEU B 102 4.18 -7.94 -0.35
CA LEU B 102 5.07 -7.27 0.62
C LEU B 102 4.23 -6.43 1.61
N LEU B 103 3.35 -5.58 1.03
CA LEU B 103 2.53 -4.61 1.76
C LEU B 103 1.61 -5.32 2.75
N ASP B 104 0.90 -6.35 2.25
CA ASP B 104 -0.12 -7.09 3.02
C ASP B 104 0.52 -7.78 4.25
N VAL B 105 1.61 -8.53 4.00
CA VAL B 105 2.35 -9.24 5.06
C VAL B 105 2.86 -8.27 6.16
N THR B 106 3.40 -7.12 5.71
CA THR B 106 3.97 -6.09 6.61
C THR B 106 2.85 -5.33 7.39
N CYS B 107 1.67 -5.19 6.76
CA CYS B 107 0.48 -4.57 7.37
C CYS B 107 -0.15 -5.53 8.41
N LYS B 108 -0.01 -6.84 8.15
CA LYS B 108 -0.46 -7.90 9.07
C LYS B 108 0.51 -8.02 10.26
N THR B 109 1.81 -7.72 10.01
CA THR B 109 2.84 -7.74 11.07
C THR B 109 2.51 -6.73 12.19
N VAL B 110 2.25 -5.45 11.79
CA VAL B 110 1.88 -4.38 12.74
C VAL B 110 0.52 -4.68 13.43
N ALA B 111 -0.39 -5.33 12.68
CA ALA B 111 -1.71 -5.74 13.20
C ALA B 111 -1.57 -6.85 14.26
N ASN B 112 -0.58 -7.75 14.07
CA ASN B 112 -0.31 -8.88 14.99
C ASN B 112 0.33 -8.39 16.29
N MET B 113 1.13 -7.31 16.21
CA MET B 113 1.82 -6.72 17.38
C MET B 113 0.78 -6.12 18.37
N ILE B 114 -0.26 -5.48 17.81
CA ILE B 114 -1.33 -4.86 18.61
C ILE B 114 -2.48 -5.86 18.89
N ARG B 115 -2.45 -7.05 18.27
CA ARG B 115 -3.51 -8.07 18.42
C ARG B 115 -3.26 -8.89 19.70
N GLY B 116 -3.78 -8.39 20.82
CA GLY B 116 -3.65 -9.07 22.12
C GLY B 116 -3.98 -8.13 23.28
N SER A 1 -22.54 8.61 -10.65
CA SER A 1 -23.46 7.82 -9.80
C SER A 1 -22.77 7.42 -8.49
N LEU A 2 -23.57 7.29 -7.41
CA LEU A 2 -23.08 6.86 -6.09
C LEU A 2 -22.98 5.33 -6.03
N VAL A 3 -21.75 4.82 -5.83
CA VAL A 3 -21.51 3.39 -5.54
C VAL A 3 -21.67 3.15 -4.02
N LYS A 4 -22.60 2.27 -3.68
CA LYS A 4 -22.97 1.96 -2.31
C LYS A 4 -22.00 0.91 -1.77
N LEU A 5 -21.31 1.23 -0.67
CA LEU A 5 -20.27 0.36 -0.09
C LEU A 5 -20.67 -0.03 1.33
N GLU A 6 -21.14 -1.28 1.52
CA GLU A 6 -21.35 -1.83 2.86
C GLU A 6 -19.99 -2.14 3.49
N SER A 7 -19.91 -1.94 4.79
CA SER A 7 -18.73 -2.28 5.59
C SER A 7 -18.88 -3.70 6.16
N SER A 8 -17.88 -4.10 6.97
CA SER A 8 -17.97 -5.32 7.79
C SER A 8 -19.04 -5.13 8.89
N ASP A 9 -19.28 -3.85 9.27
CA ASP A 9 -20.33 -3.43 10.21
C ASP A 9 -21.70 -3.30 9.49
N GLU A 10 -21.70 -3.48 8.15
CA GLU A 10 -22.90 -3.56 7.27
C GLU A 10 -23.57 -2.19 7.00
N LYS A 11 -23.04 -1.09 7.58
CA LYS A 11 -23.54 0.27 7.26
C LYS A 11 -23.08 0.68 5.85
N VAL A 12 -24.03 1.20 5.07
CA VAL A 12 -23.85 1.56 3.64
C VAL A 12 -23.24 2.97 3.53
N PHE A 13 -22.29 3.13 2.59
CA PHE A 13 -21.62 4.42 2.30
C PHE A 13 -21.66 4.68 0.79
N GLU A 14 -22.59 5.55 0.38
CA GLU A 14 -22.86 5.87 -1.02
C GLU A 14 -21.92 7.01 -1.46
N ILE A 15 -20.73 6.64 -1.92
CA ILE A 15 -19.69 7.58 -2.37
C ILE A 15 -19.72 7.67 -3.92
N GLU A 16 -19.30 8.82 -4.45
CA GLU A 16 -19.17 9.05 -5.91
C GLU A 16 -18.15 8.04 -6.51
N LYS A 17 -18.52 7.44 -7.66
CA LYS A 17 -17.73 6.37 -8.29
C LYS A 17 -16.34 6.87 -8.74
N GLU A 18 -16.31 8.08 -9.35
CA GLU A 18 -15.07 8.74 -9.79
C GLU A 18 -14.06 8.95 -8.64
N ILE A 19 -14.60 9.11 -7.41
CA ILE A 19 -13.78 9.23 -6.19
C ILE A 19 -13.26 7.85 -5.75
N ALA A 20 -14.16 6.84 -5.84
CA ALA A 20 -13.87 5.44 -5.48
C ALA A 20 -12.92 4.74 -6.49
N CYS A 21 -12.53 5.46 -7.56
CA CYS A 21 -11.57 4.97 -8.55
C CYS A 21 -10.11 5.00 -8.01
N MET A 22 -9.84 5.86 -6.99
CA MET A 22 -8.52 5.86 -6.29
C MET A 22 -8.35 4.58 -5.45
N SER A 23 -9.47 3.99 -5.05
CA SER A 23 -9.52 2.64 -4.50
C SER A 23 -9.32 1.66 -5.66
N VAL A 24 -8.07 1.16 -5.83
CA VAL A 24 -7.70 0.28 -6.96
C VAL A 24 -8.48 -1.05 -6.90
N THR A 25 -8.73 -1.55 -5.68
CA THR A 25 -9.50 -2.80 -5.44
C THR A 25 -10.95 -2.68 -5.98
N ILE A 26 -11.66 -1.61 -5.55
CA ILE A 26 -13.06 -1.35 -5.96
C ILE A 26 -13.11 -1.01 -7.47
N LYS A 27 -12.10 -0.24 -7.93
CA LYS A 27 -11.95 0.16 -9.35
C LYS A 27 -11.89 -1.08 -10.27
N ASN A 28 -11.01 -2.04 -9.90
CA ASN A 28 -10.79 -3.28 -10.69
C ASN A 28 -12.06 -4.15 -10.72
N MET A 29 -12.81 -4.16 -9.60
CA MET A 29 -14.09 -4.89 -9.49
C MET A 29 -15.14 -4.31 -10.45
N ILE A 30 -15.20 -2.97 -10.52
CA ILE A 30 -16.14 -2.23 -11.37
C ILE A 30 -15.80 -2.46 -12.87
N GLU A 31 -14.51 -2.32 -13.22
CA GLU A 31 -13.98 -2.51 -14.60
C GLU A 31 -14.22 -3.94 -15.10
N ASP A 32 -14.09 -4.90 -14.17
CA ASP A 32 -14.30 -6.33 -14.44
C ASP A 32 -15.74 -6.60 -14.94
N ILE A 33 -16.69 -5.97 -14.24
CA ILE A 33 -18.14 -6.12 -14.51
C ILE A 33 -18.62 -5.08 -15.56
N GLY A 34 -17.76 -4.10 -15.87
CA GLY A 34 -18.11 -2.97 -16.74
C GLY A 34 -18.44 -1.75 -15.90
N GLU A 35 -19.64 -1.75 -15.29
CA GLU A 35 -20.08 -0.76 -14.29
C GLU A 35 -20.95 -1.47 -13.23
N SER A 36 -20.35 -1.72 -12.05
CA SER A 36 -21.01 -2.37 -10.91
C SER A 36 -22.11 -1.46 -10.32
N ASP A 37 -23.38 -1.75 -10.65
CA ASP A 37 -24.56 -0.99 -10.18
C ASP A 37 -24.99 -1.48 -8.79
N SER A 38 -24.79 -2.79 -8.55
CA SER A 38 -25.10 -3.44 -7.27
C SER A 38 -24.07 -3.01 -6.20
N PRO A 39 -24.53 -2.75 -4.93
CA PRO A 39 -23.63 -2.39 -3.82
C PRO A 39 -22.51 -3.43 -3.56
N ILE A 40 -21.30 -2.94 -3.22
CA ILE A 40 -20.13 -3.78 -2.96
C ILE A 40 -19.96 -3.95 -1.42
N PRO A 41 -20.30 -5.15 -0.85
CA PRO A 41 -20.07 -5.46 0.58
C PRO A 41 -18.58 -5.77 0.85
N LEU A 42 -17.98 -5.06 1.82
CA LEU A 42 -16.54 -5.15 2.16
C LEU A 42 -16.36 -5.79 3.57
N PRO A 43 -16.15 -7.15 3.65
CA PRO A 43 -16.02 -7.88 4.93
C PRO A 43 -14.59 -7.82 5.52
N ASN A 44 -14.21 -6.61 5.97
CA ASN A 44 -12.91 -6.34 6.60
C ASN A 44 -12.96 -4.97 7.28
N VAL A 45 -13.08 -3.91 6.45
CA VAL A 45 -13.07 -2.51 6.92
C VAL A 45 -14.41 -2.16 7.61
N THR A 46 -14.33 -1.69 8.88
CA THR A 46 -15.50 -1.31 9.68
C THR A 46 -16.14 -0.02 9.15
N SER A 47 -17.35 0.31 9.62
CA SER A 47 -18.11 1.47 9.15
C SER A 47 -17.43 2.79 9.56
N THR A 48 -16.87 2.81 10.77
CA THR A 48 -16.19 3.98 11.33
C THR A 48 -14.94 4.34 10.51
N ILE A 49 -14.13 3.31 10.22
CA ILE A 49 -12.88 3.47 9.45
C ILE A 49 -13.18 3.77 7.98
N LEU A 50 -14.13 3.01 7.38
CA LEU A 50 -14.55 3.17 5.96
C LEU A 50 -15.10 4.57 5.72
N GLU A 51 -15.84 5.10 6.72
CA GLU A 51 -16.40 6.46 6.67
C GLU A 51 -15.29 7.49 6.50
N LYS A 52 -14.26 7.39 7.36
CA LYS A 52 -13.13 8.33 7.38
C LYS A 52 -12.29 8.23 6.10
N VAL A 53 -11.95 6.99 5.70
CA VAL A 53 -11.08 6.71 4.54
C VAL A 53 -11.72 7.26 3.24
N LEU A 54 -13.02 6.98 3.05
CA LEU A 54 -13.79 7.47 1.88
C LEU A 54 -13.92 9.00 1.92
N ASP A 55 -14.23 9.56 3.11
CA ASP A 55 -14.48 11.01 3.33
C ASP A 55 -13.23 11.84 2.99
N TYR A 56 -12.05 11.27 3.34
CA TYR A 56 -10.75 11.87 3.01
C TYR A 56 -10.53 11.84 1.49
N CYS A 57 -10.84 10.67 0.88
CA CYS A 57 -10.67 10.45 -0.57
C CYS A 57 -11.55 11.43 -1.38
N ARG A 58 -12.72 11.81 -0.82
CA ARG A 58 -13.63 12.80 -1.44
C ARG A 58 -12.90 14.14 -1.57
N HIS A 59 -12.19 14.54 -0.49
CA HIS A 59 -11.40 15.77 -0.45
C HIS A 59 -10.22 15.71 -1.43
N HIS A 60 -9.56 14.54 -1.49
CA HIS A 60 -8.40 14.31 -2.35
C HIS A 60 -8.81 14.23 -3.84
N HIS A 61 -10.09 13.95 -4.11
CA HIS A 61 -10.62 13.96 -5.48
C HIS A 61 -10.87 15.42 -5.93
N GLN A 62 -11.42 16.22 -5.01
CA GLN A 62 -11.71 17.65 -5.25
C GLN A 62 -10.39 18.45 -5.33
N HIS A 63 -9.34 17.95 -4.65
CA HIS A 63 -7.98 18.50 -4.69
C HIS A 63 -7.00 17.36 -5.05
N PRO A 64 -6.86 17.02 -6.37
CA PRO A 64 -6.02 15.89 -6.82
C PRO A 64 -4.51 16.22 -6.73
N GLY A 65 -3.94 16.03 -5.53
CA GLY A 65 -2.53 16.30 -5.31
C GLY A 65 -2.10 16.03 -3.87
N GLY A 66 -1.88 17.12 -3.10
CA GLY A 66 -1.27 17.03 -1.77
C GLY A 66 0.25 17.25 -1.86
N SER A 67 0.64 18.54 -1.87
CA SER A 67 2.02 18.98 -2.13
C SER A 67 2.90 18.94 -0.86
N GLY A 68 2.26 19.06 0.32
CA GLY A 68 2.97 19.25 1.58
C GLY A 68 3.18 20.73 1.88
N LEU A 69 3.77 21.44 0.90
CA LEU A 69 4.04 22.90 0.98
C LEU A 69 2.78 23.74 0.69
N ASP A 70 1.63 23.07 0.45
CA ASP A 70 0.34 23.73 0.10
C ASP A 70 -0.43 24.21 1.35
N ASP A 71 0.28 24.25 2.51
CA ASP A 71 -0.25 24.64 3.85
C ASP A 71 -0.94 23.45 4.55
N ILE A 72 -1.53 22.53 3.75
CA ILE A 72 -2.27 21.34 4.23
C ILE A 72 -3.54 21.76 5.03
N PRO A 73 -4.77 21.63 4.43
CA PRO A 73 -6.04 21.95 5.13
C PRO A 73 -6.18 21.20 6.50
N PRO A 74 -6.75 21.89 7.55
CA PRO A 74 -6.85 21.35 8.94
C PRO A 74 -7.44 19.93 9.03
N TYR A 75 -8.43 19.61 8.17
CA TYR A 75 -9.05 18.26 8.13
C TYR A 75 -8.01 17.16 7.87
N ASP A 76 -7.19 17.37 6.84
CA ASP A 76 -6.23 16.36 6.33
C ASP A 76 -5.08 16.12 7.33
N ARG A 77 -4.74 17.20 8.07
CA ARG A 77 -3.74 17.17 9.15
C ARG A 77 -4.29 16.42 10.39
N ASP A 78 -5.51 16.81 10.79
CA ASP A 78 -6.21 16.30 11.98
C ASP A 78 -6.85 14.92 11.75
N PHE A 79 -6.93 14.50 10.47
CA PHE A 79 -7.35 13.14 10.08
C PHE A 79 -6.48 12.08 10.83
N CYS A 80 -5.20 12.43 11.01
CA CYS A 80 -4.20 11.61 11.70
C CYS A 80 -4.46 11.49 13.22
N LYS A 81 -5.30 12.41 13.77
CA LYS A 81 -5.66 12.41 15.21
C LYS A 81 -6.66 11.28 15.51
N VAL A 82 -6.12 10.07 15.65
CA VAL A 82 -6.87 8.85 15.98
C VAL A 82 -6.06 8.04 17.00
N ASP A 83 -6.73 7.09 17.68
CA ASP A 83 -6.12 6.22 18.71
C ASP A 83 -5.05 5.31 18.06
N GLN A 84 -4.10 4.81 18.87
CA GLN A 84 -2.87 4.11 18.39
C GLN A 84 -3.21 2.90 17.46
N PRO A 85 -4.09 1.89 17.87
CA PRO A 85 -4.47 0.78 16.95
C PRO A 85 -5.36 1.27 15.79
N THR A 86 -6.18 2.31 16.06
CA THR A 86 -7.14 2.89 15.09
C THR A 86 -6.42 3.48 13.87
N LEU A 87 -5.19 3.98 14.10
CA LEU A 87 -4.31 4.52 13.05
C LEU A 87 -3.88 3.39 12.10
N PHE A 88 -3.57 2.21 12.68
CA PHE A 88 -3.19 1.02 11.91
C PHE A 88 -4.41 0.40 11.20
N GLU A 89 -5.62 0.58 11.77
CA GLU A 89 -6.88 0.18 11.10
C GLU A 89 -7.07 0.97 9.78
N LEU A 90 -6.65 2.25 9.79
CA LEU A 90 -6.65 3.12 8.59
C LEU A 90 -5.66 2.61 7.53
N ILE A 91 -4.50 2.08 7.99
CA ILE A 91 -3.45 1.50 7.10
C ILE A 91 -3.95 0.19 6.46
N LEU A 92 -4.60 -0.66 7.29
CA LEU A 92 -5.15 -1.97 6.87
C LEU A 92 -6.28 -1.76 5.84
N ALA A 93 -7.10 -0.71 6.05
CA ALA A 93 -8.21 -0.34 5.16
C ALA A 93 -7.69 0.24 3.84
N ALA A 94 -6.67 1.10 3.95
CA ALA A 94 -6.04 1.77 2.79
C ALA A 94 -5.37 0.76 1.86
N ASN A 95 -4.78 -0.28 2.48
CA ASN A 95 -4.13 -1.38 1.75
C ASN A 95 -5.17 -2.37 1.20
N TYR A 96 -6.24 -2.61 1.97
CA TYR A 96 -7.38 -3.49 1.58
C TYR A 96 -8.10 -2.93 0.34
N LEU A 97 -8.18 -1.60 0.27
CA LEU A 97 -8.83 -0.87 -0.83
C LEU A 97 -7.81 -0.41 -1.89
N ASP A 98 -6.51 -0.47 -1.52
CA ASP A 98 -5.38 -0.04 -2.38
C ASP A 98 -5.48 1.45 -2.77
N ILE A 99 -6.03 2.27 -1.84
CA ILE A 99 -6.09 3.73 -1.99
C ILE A 99 -4.69 4.31 -1.74
N LYS A 100 -3.92 4.48 -2.83
CA LYS A 100 -2.52 4.94 -2.80
C LYS A 100 -2.37 6.30 -2.02
N PRO A 101 -3.19 7.39 -2.31
CA PRO A 101 -3.06 8.68 -1.58
C PRO A 101 -3.20 8.54 -0.05
N LEU A 102 -4.28 7.87 0.40
CA LEU A 102 -4.60 7.73 1.84
C LEU A 102 -3.56 6.82 2.53
N LEU A 103 -3.14 5.76 1.82
CA LEU A 103 -2.11 4.81 2.28
C LEU A 103 -0.79 5.54 2.59
N ASP A 104 -0.40 6.41 1.64
CA ASP A 104 0.88 7.13 1.70
C ASP A 104 0.89 8.12 2.87
N VAL A 105 -0.15 8.97 2.93
CA VAL A 105 -0.30 9.98 4.00
C VAL A 105 -0.26 9.34 5.41
N THR A 106 -1.03 8.24 5.58
CA THR A 106 -1.16 7.54 6.87
C THR A 106 0.14 6.79 7.27
N CYS A 107 0.86 6.23 6.27
CA CYS A 107 2.15 5.53 6.50
C CYS A 107 3.27 6.55 6.85
N LYS A 108 3.22 7.74 6.20
CA LYS A 108 4.17 8.84 6.46
C LYS A 108 3.92 9.42 7.85
N THR A 109 2.63 9.41 8.29
CA THR A 109 2.24 9.86 9.64
C THR A 109 2.95 9.05 10.73
N VAL A 110 2.94 7.70 10.60
CA VAL A 110 3.58 6.80 11.57
C VAL A 110 5.10 7.02 11.59
N ALA A 111 5.67 7.18 10.39
CA ALA A 111 7.10 7.46 10.19
C ALA A 111 7.50 8.80 10.84
N ASN A 112 6.56 9.76 10.85
CA ASN A 112 6.74 11.10 11.47
C ASN A 112 6.49 11.06 13.00
N MET A 113 5.71 10.06 13.48
CA MET A 113 5.49 9.87 14.93
C MET A 113 6.78 9.33 15.58
N ILE A 114 7.33 8.27 14.98
CA ILE A 114 8.53 7.59 15.49
C ILE A 114 9.80 8.38 15.14
N ARG A 115 9.74 9.11 13.98
CA ARG A 115 10.90 9.81 13.38
C ARG A 115 12.06 8.85 13.14
N GLY A 116 11.82 7.87 12.25
CA GLY A 116 12.79 6.84 11.92
C GLY A 116 13.79 7.28 10.84
N SER B 1 15.42 -11.26 -18.17
CA SER B 1 16.58 -10.36 -18.01
C SER B 1 16.55 -9.70 -16.62
N LEU B 2 17.75 -9.43 -16.07
CA LEU B 2 17.90 -8.77 -14.76
C LEU B 2 17.78 -7.24 -14.91
N VAL B 3 16.76 -6.65 -14.27
CA VAL B 3 16.64 -5.20 -14.14
C VAL B 3 17.48 -4.73 -12.92
N LYS B 4 18.43 -3.85 -13.21
CA LYS B 4 19.39 -3.33 -12.23
C LYS B 4 18.75 -2.15 -11.48
N LEU B 5 18.66 -2.26 -10.16
CA LEU B 5 18.00 -1.26 -9.32
C LEU B 5 18.99 -0.66 -8.32
N GLU B 6 19.46 0.57 -8.59
CA GLU B 6 20.24 1.34 -7.60
C GLU B 6 19.31 1.81 -6.49
N SER B 7 19.85 1.79 -5.27
CA SER B 7 19.16 2.32 -4.08
C SER B 7 19.52 3.80 -3.88
N SER B 8 19.01 4.39 -2.78
CA SER B 8 19.43 5.71 -2.30
C SER B 8 20.89 5.65 -1.80
N ASP B 9 21.32 4.43 -1.41
CA ASP B 9 22.71 4.12 -1.00
C ASP B 9 23.60 3.80 -2.24
N GLU B 10 22.96 3.78 -3.43
CA GLU B 10 23.61 3.64 -4.77
C GLU B 10 24.12 2.23 -5.09
N LYS B 11 23.95 1.26 -4.15
CA LYS B 11 24.29 -0.15 -4.44
C LYS B 11 23.23 -0.75 -5.39
N VAL B 12 23.72 -1.44 -6.43
CA VAL B 12 22.91 -2.02 -7.51
C VAL B 12 22.36 -3.39 -7.09
N PHE B 13 21.09 -3.67 -7.46
CA PHE B 13 20.42 -4.96 -7.19
C PHE B 13 19.76 -5.47 -8.48
N GLU B 14 20.43 -6.42 -9.12
CA GLU B 14 20.02 -6.98 -10.42
C GLU B 14 19.01 -8.13 -10.19
N ILE B 15 17.74 -7.76 -10.08
CA ILE B 15 16.64 -8.72 -9.84
C ILE B 15 15.95 -9.05 -11.18
N GLU B 16 15.37 -10.25 -11.27
CA GLU B 16 14.59 -10.70 -12.44
C GLU B 16 13.38 -9.75 -12.67
N LYS B 17 13.14 -9.38 -13.94
CA LYS B 17 12.13 -8.37 -14.31
C LYS B 17 10.71 -8.86 -13.97
N GLU B 18 10.43 -10.13 -14.31
CA GLU B 18 9.15 -10.81 -14.02
C GLU B 18 8.80 -10.78 -12.51
N ILE B 19 9.85 -10.78 -11.65
CA ILE B 19 9.69 -10.67 -10.19
C ILE B 19 9.39 -9.21 -9.80
N ALA B 20 10.11 -8.27 -10.44
CA ALA B 20 9.97 -6.82 -10.22
C ALA B 20 8.65 -6.25 -10.78
N CYS B 21 7.83 -7.11 -11.42
CA CYS B 21 6.50 -6.75 -11.91
C CYS B 21 5.48 -6.62 -10.75
N MET B 22 5.74 -7.28 -9.59
CA MET B 22 4.89 -7.11 -8.38
C MET B 22 5.08 -5.70 -7.79
N SER B 23 6.25 -5.10 -8.06
CA SER B 23 6.48 -3.68 -7.82
C SER B 23 5.75 -2.90 -8.91
N VAL B 24 4.56 -2.36 -8.57
CA VAL B 24 3.67 -1.66 -9.53
C VAL B 24 4.36 -0.38 -10.06
N THR B 25 5.13 0.31 -9.19
CA THR B 25 5.88 1.53 -9.55
C THR B 25 6.92 1.25 -10.66
N ILE B 26 7.77 0.23 -10.44
CA ILE B 26 8.83 -0.16 -11.39
C ILE B 26 8.18 -0.73 -12.68
N LYS B 27 7.10 -1.52 -12.49
CA LYS B 27 6.32 -2.14 -13.59
C LYS B 27 5.80 -1.06 -14.57
N ASN B 28 5.16 -0.01 -14.00
CA ASN B 28 4.57 1.10 -14.78
C ASN B 28 5.65 1.89 -15.54
N MET B 29 6.85 2.03 -14.91
CA MET B 29 8.01 2.71 -15.53
C MET B 29 8.51 1.93 -16.76
N ILE B 30 8.57 0.60 -16.63
CA ILE B 30 9.03 -0.31 -17.68
C ILE B 30 8.03 -0.31 -18.86
N GLU B 31 6.73 -0.44 -18.53
CA GLU B 31 5.62 -0.46 -19.52
C GLU B 31 5.56 0.84 -20.33
N ASP B 32 5.82 1.97 -19.63
CA ASP B 32 5.85 3.32 -20.20
C ASP B 32 6.89 3.42 -21.34
N ILE B 33 8.08 2.86 -21.06
CA ILE B 33 9.24 2.89 -21.97
C ILE B 33 9.22 1.65 -22.92
N GLY B 34 8.32 0.71 -22.65
CA GLY B 34 8.25 -0.56 -23.37
C GLY B 34 8.98 -1.64 -22.58
N GLU B 35 10.33 -1.59 -22.63
CA GLU B 35 11.22 -2.43 -21.79
C GLU B 35 12.46 -1.60 -21.38
N SER B 36 12.46 -1.13 -20.12
CA SER B 36 13.57 -0.35 -19.55
C SER B 36 14.83 -1.23 -19.39
N ASP B 37 15.78 -1.06 -20.32
CA ASP B 37 17.06 -1.79 -20.30
C ASP B 37 18.07 -1.09 -19.37
N SER B 38 17.97 0.25 -19.29
CA SER B 38 18.83 1.08 -18.42
C SER B 38 18.44 0.87 -16.94
N PRO B 39 19.44 0.81 -15.99
CA PRO B 39 19.18 0.67 -14.55
C PRO B 39 18.27 1.80 -13.98
N ILE B 40 17.35 1.42 -13.07
CA ILE B 40 16.40 2.35 -12.44
C ILE B 40 16.96 2.77 -11.05
N PRO B 41 17.48 4.04 -10.91
CA PRO B 41 17.93 4.59 -9.62
C PRO B 41 16.72 5.02 -8.74
N LEU B 42 16.66 4.50 -7.50
CA LEU B 42 15.54 4.73 -6.56
C LEU B 42 16.01 5.60 -5.36
N PRO B 43 15.79 6.96 -5.41
CA PRO B 43 16.26 7.89 -4.36
C PRO B 43 15.26 7.97 -3.17
N ASN B 44 15.20 6.88 -2.40
CA ASN B 44 14.34 6.77 -1.19
C ASN B 44 14.74 5.54 -0.40
N VAL B 45 14.51 4.36 -1.00
CA VAL B 45 14.76 3.06 -0.36
C VAL B 45 16.27 2.75 -0.32
N THR B 46 16.79 2.48 0.90
CA THR B 46 18.23 2.18 1.13
C THR B 46 18.58 0.80 0.59
N SER B 47 19.89 0.50 0.50
CA SER B 47 20.38 -0.77 -0.07
C SER B 47 20.01 -1.97 0.83
N THR B 48 20.07 -1.75 2.15
CA THR B 48 19.75 -2.77 3.17
C THR B 48 18.26 -3.21 3.05
N ILE B 49 17.38 -2.20 2.98
CA ILE B 49 15.93 -2.41 2.92
C ILE B 49 15.53 -2.97 1.54
N LEU B 50 16.08 -2.37 0.46
CA LEU B 50 15.80 -2.77 -0.94
C LEU B 50 16.21 -4.23 -1.18
N GLU B 51 17.35 -4.62 -0.55
CA GLU B 51 17.88 -5.99 -0.63
C GLU B 51 16.84 -6.99 -0.10
N LYS B 52 16.32 -6.69 1.11
CA LYS B 52 15.35 -7.56 1.81
C LYS B 52 14.01 -7.64 1.06
N VAL B 53 13.49 -6.46 0.65
CA VAL B 53 12.18 -6.32 -0.01
C VAL B 53 12.15 -7.10 -1.34
N LEU B 54 13.21 -6.92 -2.16
CA LEU B 54 13.37 -7.64 -3.43
C LEU B 54 13.54 -9.15 -3.21
N ASP B 55 14.40 -9.51 -2.22
CA ASP B 55 14.77 -10.92 -1.91
C ASP B 55 13.53 -11.73 -1.47
N TYR B 56 12.63 -11.06 -0.74
CA TYR B 56 11.33 -11.63 -0.33
C TYR B 56 10.44 -11.84 -1.55
N CYS B 57 10.39 -10.80 -2.42
CA CYS B 57 9.57 -10.81 -3.64
C CYS B 57 10.00 -11.95 -4.59
N ARG B 58 11.31 -12.29 -4.58
CA ARG B 58 11.86 -13.41 -5.39
C ARG B 58 11.20 -14.72 -4.94
N HIS B 59 11.09 -14.89 -3.61
CA HIS B 59 10.44 -16.07 -3.00
C HIS B 59 8.93 -16.10 -3.33
N HIS B 60 8.28 -14.93 -3.26
CA HIS B 60 6.84 -14.78 -3.51
C HIS B 60 6.51 -14.96 -5.01
N HIS B 61 7.51 -14.81 -5.88
CA HIS B 61 7.35 -15.07 -7.33
C HIS B 61 7.41 -16.59 -7.60
N GLN B 62 8.35 -17.27 -6.91
CA GLN B 62 8.52 -18.73 -7.02
C GLN B 62 7.34 -19.47 -6.35
N HIS B 63 6.72 -18.81 -5.36
CA HIS B 63 5.51 -19.28 -4.67
C HIS B 63 4.44 -18.16 -4.70
N PRO B 64 3.70 -18.02 -5.86
CA PRO B 64 2.71 -16.93 -6.04
C PRO B 64 1.43 -17.17 -5.22
N GLY B 65 1.48 -16.78 -3.93
CA GLY B 65 0.35 -16.96 -3.04
C GLY B 65 0.61 -16.42 -1.65
N GLY B 66 0.78 -17.34 -0.68
CA GLY B 66 0.86 -16.98 0.75
C GLY B 66 -0.50 -17.16 1.40
N SER B 67 -0.83 -18.40 1.77
CA SER B 67 -2.16 -18.82 2.25
C SER B 67 -2.34 -18.55 3.76
N GLY B 68 -1.23 -18.50 4.51
CA GLY B 68 -1.25 -18.44 5.97
C GLY B 68 -1.27 -19.83 6.58
N LEU B 69 -2.23 -20.66 6.12
CA LEU B 69 -2.40 -22.07 6.56
C LEU B 69 -1.39 -23.03 5.86
N ASP B 70 -0.50 -22.47 5.01
CA ASP B 70 0.48 -23.26 4.22
C ASP B 70 1.75 -23.60 5.03
N ASP B 71 1.70 -23.39 6.38
CA ASP B 71 2.80 -23.58 7.35
C ASP B 71 3.70 -22.33 7.46
N ILE B 72 3.83 -21.57 6.33
CA ILE B 72 4.68 -20.36 6.22
C ILE B 72 6.18 -20.71 6.41
N PRO B 73 6.98 -20.74 5.30
CA PRO B 73 8.45 -20.98 5.37
C PRO B 73 9.18 -20.04 6.37
N PRO B 74 10.19 -20.58 7.15
CA PRO B 74 10.90 -19.83 8.23
C PRO B 74 11.43 -18.45 7.80
N TYR B 75 11.90 -18.31 6.54
CA TYR B 75 12.40 -17.02 6.00
C TYR B 75 11.31 -15.92 6.07
N ASP B 76 10.11 -16.25 5.57
CA ASP B 76 8.99 -15.29 5.41
C ASP B 76 8.43 -14.85 6.77
N ARG B 77 8.51 -15.76 7.75
CA ARG B 77 8.11 -15.52 9.16
C ARG B 77 9.15 -14.60 9.84
N ASP B 78 10.42 -14.99 9.70
CA ASP B 78 11.58 -14.33 10.32
C ASP B 78 11.98 -13.04 9.60
N PHE B 79 11.46 -12.84 8.38
CA PHE B 79 11.61 -11.56 7.63
C PHE B 79 11.16 -10.37 8.50
N CYS B 80 10.12 -10.62 9.32
CA CYS B 80 9.52 -9.64 10.24
C CYS B 80 10.46 -9.30 11.42
N LYS B 81 11.50 -10.15 11.67
CA LYS B 81 12.48 -9.95 12.76
C LYS B 81 13.48 -8.82 12.39
N VAL B 82 13.03 -7.59 12.53
CA VAL B 82 13.82 -6.37 12.27
C VAL B 82 13.55 -5.36 13.40
N ASP B 83 14.44 -4.35 13.53
CA ASP B 83 14.34 -3.30 14.55
C ASP B 83 13.06 -2.46 14.33
N GLN B 84 12.57 -1.79 15.41
CA GLN B 84 11.24 -1.13 15.44
C GLN B 84 11.06 -0.10 14.26
N PRO B 85 11.99 0.92 14.05
CA PRO B 85 11.86 1.85 12.90
C PRO B 85 12.15 1.16 11.55
N THR B 86 13.03 0.13 11.58
CA THR B 86 13.44 -0.63 10.38
C THR B 86 12.25 -1.39 9.74
N LEU B 87 11.29 -1.79 10.60
CA LEU B 87 10.04 -2.45 10.18
C LEU B 87 9.18 -1.46 9.36
N PHE B 88 9.14 -0.21 9.81
CA PHE B 88 8.42 0.88 9.12
C PHE B 88 9.15 1.31 7.84
N GLU B 89 10.50 1.17 7.80
CA GLU B 89 11.29 1.39 6.58
C GLU B 89 10.87 0.39 5.47
N LEU B 90 10.54 -0.85 5.89
CA LEU B 90 10.02 -1.91 4.99
C LEU B 90 8.63 -1.52 4.42
N ILE B 91 7.79 -0.87 5.28
CA ILE B 91 6.44 -0.39 4.89
C ILE B 91 6.55 0.78 3.89
N LEU B 92 7.48 1.71 4.17
CA LEU B 92 7.72 2.90 3.32
C LEU B 92 8.25 2.48 1.95
N ALA B 93 9.11 1.45 1.93
CA ALA B 93 9.70 0.87 0.70
C ALA B 93 8.66 0.11 -0.11
N ALA B 94 7.81 -0.66 0.60
CA ALA B 94 6.75 -1.47 -0.02
C ALA B 94 5.68 -0.59 -0.68
N ASN B 95 5.42 0.57 -0.06
CA ASN B 95 4.45 1.56 -0.57
C ASN B 95 5.10 2.41 -1.69
N TYR B 96 6.40 2.71 -1.55
CA TYR B 96 7.19 3.46 -2.56
C TYR B 96 7.26 2.68 -3.88
N LEU B 97 7.37 1.34 -3.76
CA LEU B 97 7.47 0.42 -4.90
C LEU B 97 6.09 -0.16 -5.27
N ASP B 98 5.09 0.02 -4.37
CA ASP B 98 3.71 -0.49 -4.52
C ASP B 98 3.68 -2.02 -4.66
N ILE B 99 4.62 -2.70 -3.96
CA ILE B 99 4.64 -4.17 -3.89
C ILE B 99 3.54 -4.63 -2.92
N LYS B 100 2.36 -4.94 -3.50
CA LYS B 100 1.14 -5.32 -2.75
C LYS B 100 1.41 -6.52 -1.77
N PRO B 101 2.05 -7.69 -2.22
CA PRO B 101 2.30 -8.85 -1.30
C PRO B 101 3.13 -8.47 -0.06
N LEU B 102 4.27 -7.79 -0.27
CA LEU B 102 5.21 -7.43 0.81
C LEU B 102 4.58 -6.38 1.74
N LEU B 103 3.85 -5.42 1.13
CA LEU B 103 3.13 -4.36 1.86
C LEU B 103 2.12 -4.97 2.84
N ASP B 104 1.35 -5.97 2.35
CA ASP B 104 0.27 -6.60 3.12
C ASP B 104 0.84 -7.37 4.30
N VAL B 105 1.82 -8.25 4.02
CA VAL B 105 2.47 -9.09 5.05
C VAL B 105 3.07 -8.22 6.18
N THR B 106 3.79 -7.15 5.80
CA THR B 106 4.49 -6.27 6.74
C THR B 106 3.51 -5.39 7.57
N CYS B 107 2.38 -4.98 6.94
CA CYS B 107 1.32 -4.19 7.62
C CYS B 107 0.53 -5.08 8.61
N LYS B 108 0.30 -6.35 8.21
CA LYS B 108 -0.39 -7.35 9.06
C LYS B 108 0.50 -7.70 10.27
N THR B 109 1.84 -7.69 10.06
CA THR B 109 2.83 -7.94 11.11
C THR B 109 2.68 -6.92 12.27
N VAL B 110 2.58 -5.63 11.92
CA VAL B 110 2.45 -4.54 12.91
C VAL B 110 1.12 -4.68 13.67
N ALA B 111 0.07 -4.99 12.89
CA ALA B 111 -1.28 -5.24 13.41
C ALA B 111 -1.29 -6.42 14.41
N ASN B 112 -0.44 -7.42 14.14
CA ASN B 112 -0.26 -8.62 14.99
C ASN B 112 0.65 -8.35 16.20
N MET B 113 1.54 -7.34 16.11
CA MET B 113 2.40 -6.94 17.24
C MET B 113 1.53 -6.25 18.30
N ILE B 114 0.75 -5.25 17.85
CA ILE B 114 -0.11 -4.43 18.74
C ILE B 114 -1.37 -5.23 19.15
N ARG B 115 -1.83 -6.12 18.23
CA ARG B 115 -3.11 -6.84 18.34
C ARG B 115 -4.28 -5.86 18.54
N GLY B 116 -4.53 -5.07 17.48
CA GLY B 116 -5.58 -4.06 17.47
C GLY B 116 -6.94 -4.64 17.06
N SER A 1 -25.12 7.66 -10.10
CA SER A 1 -25.85 7.56 -8.82
C SER A 1 -24.87 7.43 -7.64
N LEU A 2 -25.41 7.62 -6.41
CA LEU A 2 -24.68 7.37 -5.16
C LEU A 2 -24.53 5.86 -4.93
N VAL A 3 -23.29 5.35 -4.93
CA VAL A 3 -23.00 3.94 -4.63
C VAL A 3 -23.00 3.73 -3.11
N LYS A 4 -23.81 2.77 -2.66
CA LYS A 4 -24.02 2.49 -1.24
C LYS A 4 -23.05 1.39 -0.81
N LEU A 5 -22.07 1.76 0.02
CA LEU A 5 -20.99 0.87 0.46
C LEU A 5 -21.17 0.56 1.95
N GLU A 6 -21.70 -0.63 2.25
CA GLU A 6 -21.91 -1.07 3.64
C GLU A 6 -20.61 -1.62 4.21
N SER A 7 -20.22 -1.13 5.38
CA SER A 7 -19.08 -1.66 6.12
C SER A 7 -19.39 -3.05 6.72
N SER A 8 -18.43 -3.62 7.43
CA SER A 8 -18.64 -4.83 8.26
C SER A 8 -19.56 -4.51 9.46
N ASP A 9 -19.66 -3.20 9.80
CA ASP A 9 -20.58 -2.68 10.83
C ASP A 9 -21.95 -2.28 10.20
N GLU A 10 -22.13 -2.66 8.91
CA GLU A 10 -23.44 -2.61 8.17
C GLU A 10 -23.93 -1.18 7.88
N LYS A 11 -23.08 -0.15 8.13
CA LYS A 11 -23.42 1.26 7.88
C LYS A 11 -23.35 1.57 6.37
N VAL A 12 -24.48 2.04 5.83
CA VAL A 12 -24.66 2.33 4.39
C VAL A 12 -24.01 3.70 4.04
N PHE A 13 -22.82 3.65 3.44
CA PHE A 13 -22.09 4.85 3.02
C PHE A 13 -22.42 5.20 1.57
N GLU A 14 -23.49 5.99 1.40
CA GLU A 14 -23.89 6.53 0.09
C GLU A 14 -22.90 7.63 -0.30
N ILE A 15 -22.12 7.37 -1.34
CA ILE A 15 -21.06 8.27 -1.80
C ILE A 15 -21.04 8.30 -3.34
N GLU A 16 -20.52 9.40 -3.91
CA GLU A 16 -20.44 9.60 -5.37
C GLU A 16 -19.56 8.51 -6.01
N LYS A 17 -20.06 7.91 -7.10
CA LYS A 17 -19.40 6.79 -7.81
C LYS A 17 -17.99 7.18 -8.32
N GLU A 18 -17.82 8.48 -8.67
CA GLU A 18 -16.53 9.07 -9.08
C GLU A 18 -15.42 8.86 -8.03
N ILE A 19 -15.82 8.92 -6.76
CA ILE A 19 -14.92 8.77 -5.60
C ILE A 19 -14.63 7.29 -5.33
N ALA A 20 -15.65 6.45 -5.58
CA ALA A 20 -15.52 4.98 -5.57
C ALA A 20 -14.57 4.49 -6.69
N CYS A 21 -14.48 5.29 -7.78
CA CYS A 21 -13.56 5.06 -8.90
C CYS A 21 -12.10 5.44 -8.52
N MET A 22 -11.95 6.39 -7.57
CA MET A 22 -10.62 6.76 -7.01
C MET A 22 -10.02 5.58 -6.23
N SER A 23 -10.91 4.86 -5.54
CA SER A 23 -10.58 3.59 -4.90
C SER A 23 -10.37 2.53 -5.99
N VAL A 24 -9.13 2.02 -6.09
CA VAL A 24 -8.74 1.08 -7.16
C VAL A 24 -9.59 -0.21 -7.14
N THR A 25 -9.66 -0.84 -5.96
CA THR A 25 -10.38 -2.12 -5.78
C THR A 25 -11.90 -1.97 -6.03
N ILE A 26 -12.51 -0.89 -5.48
CA ILE A 26 -13.96 -0.64 -5.66
C ILE A 26 -14.27 -0.36 -7.14
N LYS A 27 -13.40 0.43 -7.79
CA LYS A 27 -13.47 0.73 -9.23
C LYS A 27 -13.44 -0.58 -10.04
N ASN A 28 -12.52 -1.49 -9.66
CA ASN A 28 -12.35 -2.80 -10.33
C ASN A 28 -13.62 -3.65 -10.18
N MET A 29 -14.31 -3.52 -9.03
CA MET A 29 -15.57 -4.25 -8.77
C MET A 29 -16.73 -3.66 -9.60
N ILE A 30 -16.71 -2.34 -9.82
CA ILE A 30 -17.68 -1.64 -10.69
C ILE A 30 -17.45 -2.06 -12.16
N GLU A 31 -16.17 -2.22 -12.54
CA GLU A 31 -15.77 -2.67 -13.90
C GLU A 31 -16.02 -4.17 -14.10
N ASP A 32 -16.00 -4.93 -12.98
CA ASP A 32 -16.18 -6.40 -12.99
C ASP A 32 -17.65 -6.80 -13.16
N ILE A 33 -18.52 -6.13 -12.39
CA ILE A 33 -19.96 -6.44 -12.32
C ILE A 33 -20.72 -5.63 -13.40
N GLY A 34 -20.32 -4.37 -13.58
CA GLY A 34 -20.97 -3.43 -14.48
C GLY A 34 -21.62 -2.30 -13.70
N GLU A 35 -22.70 -1.73 -14.25
CA GLU A 35 -23.46 -0.65 -13.60
C GLU A 35 -24.42 -1.26 -12.55
N SER A 36 -23.83 -1.70 -11.41
CA SER A 36 -24.55 -2.37 -10.33
C SER A 36 -25.37 -1.36 -9.51
N ASP A 37 -26.70 -1.43 -9.66
CA ASP A 37 -27.65 -0.63 -8.85
C ASP A 37 -27.69 -1.19 -7.42
N SER A 38 -27.42 -2.49 -7.30
CA SER A 38 -27.26 -3.19 -6.01
C SER A 38 -26.08 -2.57 -5.21
N PRO A 39 -26.26 -2.36 -3.87
CA PRO A 39 -25.19 -1.83 -3.00
C PRO A 39 -24.04 -2.85 -2.81
N ILE A 40 -22.79 -2.35 -2.75
CA ILE A 40 -21.59 -3.21 -2.66
C ILE A 40 -21.04 -3.19 -1.21
N PRO A 41 -21.30 -4.25 -0.40
CA PRO A 41 -20.80 -4.34 0.98
C PRO A 41 -19.34 -4.82 1.03
N LEU A 42 -18.54 -4.16 1.89
CA LEU A 42 -17.16 -4.55 2.21
C LEU A 42 -17.16 -5.22 3.61
N PRO A 43 -17.23 -6.59 3.70
CA PRO A 43 -17.44 -7.34 4.97
C PRO A 43 -16.13 -7.56 5.79
N ASN A 44 -15.29 -6.51 5.86
CA ASN A 44 -14.01 -6.55 6.63
C ASN A 44 -13.77 -5.19 7.31
N VAL A 45 -13.73 -4.13 6.49
CA VAL A 45 -13.46 -2.75 6.96
C VAL A 45 -14.68 -2.21 7.75
N THR A 46 -14.45 -1.72 8.98
CA THR A 46 -15.50 -1.24 9.88
C THR A 46 -16.04 0.14 9.44
N SER A 47 -17.13 0.57 10.09
CA SER A 47 -17.84 1.82 9.74
C SER A 47 -16.96 3.06 9.94
N THR A 48 -16.31 3.11 11.12
CA THR A 48 -15.46 4.24 11.51
C THR A 48 -14.33 4.45 10.49
N ILE A 49 -13.69 3.34 10.08
CA ILE A 49 -12.52 3.37 9.20
C ILE A 49 -12.93 3.66 7.75
N LEU A 50 -13.98 2.97 7.27
CA LEU A 50 -14.49 3.11 5.89
C LEU A 50 -15.02 4.53 5.64
N GLU A 51 -15.65 5.13 6.68
CA GLU A 51 -16.16 6.52 6.63
C GLU A 51 -15.01 7.48 6.35
N LYS A 52 -13.93 7.32 7.14
CA LYS A 52 -12.74 8.18 7.09
C LYS A 52 -12.01 8.07 5.74
N VAL A 53 -11.80 6.83 5.28
CA VAL A 53 -11.10 6.53 4.03
C VAL A 53 -11.85 7.17 2.84
N LEU A 54 -13.18 7.00 2.83
CA LEU A 54 -14.07 7.57 1.79
C LEU A 54 -14.15 9.11 1.92
N ASP A 55 -14.06 9.64 3.16
CA ASP A 55 -14.18 11.09 3.45
C ASP A 55 -12.90 11.85 3.04
N TYR A 56 -11.73 11.18 3.15
CA TYR A 56 -10.45 11.75 2.69
C TYR A 56 -10.38 11.71 1.17
N CYS A 57 -10.86 10.60 0.58
CA CYS A 57 -10.93 10.42 -0.88
C CYS A 57 -11.89 11.45 -1.50
N ARG A 58 -13.01 11.74 -0.79
CA ARG A 58 -14.01 12.73 -1.26
C ARG A 58 -13.45 14.16 -1.10
N HIS A 59 -12.64 14.36 -0.05
CA HIS A 59 -11.86 15.60 0.17
C HIS A 59 -10.91 15.86 -1.01
N HIS A 60 -10.20 14.79 -1.41
CA HIS A 60 -9.19 14.85 -2.48
C HIS A 60 -9.88 14.83 -3.87
N HIS A 61 -11.17 14.46 -3.91
CA HIS A 61 -11.96 14.48 -5.15
C HIS A 61 -12.49 15.90 -5.44
N GLN A 62 -12.90 16.59 -4.35
CA GLN A 62 -13.40 17.98 -4.42
C GLN A 62 -12.24 18.95 -4.66
N HIS A 63 -11.06 18.60 -4.15
CA HIS A 63 -9.81 19.33 -4.37
C HIS A 63 -8.76 18.34 -4.95
N PRO A 64 -8.81 18.07 -6.30
CA PRO A 64 -7.88 17.12 -6.96
C PRO A 64 -6.43 17.66 -6.97
N GLY A 65 -6.25 18.80 -7.67
CA GLY A 65 -4.94 19.43 -7.84
C GLY A 65 -3.94 18.56 -8.57
N GLY A 66 -3.25 17.68 -7.80
CA GLY A 66 -2.25 16.76 -8.32
C GLY A 66 -0.92 16.98 -7.64
N SER A 67 -0.03 17.73 -8.30
CA SER A 67 1.29 18.07 -7.76
C SER A 67 1.17 19.29 -6.82
N GLY A 68 0.69 19.01 -5.59
CA GLY A 68 0.50 20.05 -4.57
C GLY A 68 0.76 19.53 -3.17
N LEU A 69 1.90 18.82 -3.02
CA LEU A 69 2.38 18.32 -1.70
C LEU A 69 2.86 19.47 -0.80
N ASP A 70 3.17 20.61 -1.44
CA ASP A 70 3.55 21.88 -0.77
C ASP A 70 2.33 22.54 -0.09
N ASP A 71 1.12 22.21 -0.57
CA ASP A 71 -0.15 22.73 -0.02
C ASP A 71 -0.88 21.58 0.70
N ILE A 72 -0.69 21.48 2.03
CA ILE A 72 -1.37 20.47 2.87
C ILE A 72 -2.49 21.15 3.67
N PRO A 73 -3.80 20.83 3.37
CA PRO A 73 -4.94 21.27 4.22
C PRO A 73 -4.82 20.69 5.65
N PRO A 74 -5.21 21.47 6.72
CA PRO A 74 -5.17 21.01 8.13
C PRO A 74 -5.91 19.68 8.36
N TYR A 75 -7.00 19.45 7.58
CA TYR A 75 -7.80 18.19 7.62
C TYR A 75 -6.92 16.93 7.48
N ASP A 76 -5.95 17.01 6.56
CA ASP A 76 -5.04 15.87 6.24
C ASP A 76 -4.19 15.49 7.46
N ARG A 77 -3.80 16.50 8.23
CA ARG A 77 -3.04 16.32 9.49
C ARG A 77 -3.97 15.86 10.62
N ASP A 78 -5.22 16.35 10.60
CA ASP A 78 -6.26 15.94 11.58
C ASP A 78 -6.71 14.50 11.33
N PHE A 79 -6.59 14.05 10.06
CA PHE A 79 -6.95 12.69 9.62
C PHE A 79 -6.01 11.67 10.28
N CYS A 80 -4.74 12.07 10.38
CA CYS A 80 -3.66 11.27 10.99
C CYS A 80 -3.83 11.17 12.53
N LYS A 81 -4.60 12.12 13.12
CA LYS A 81 -4.89 12.12 14.58
C LYS A 81 -5.94 11.06 14.89
N VAL A 82 -5.47 9.81 15.05
CA VAL A 82 -6.30 8.63 15.35
C VAL A 82 -5.60 7.79 16.43
N ASP A 83 -6.33 6.84 17.01
CA ASP A 83 -5.77 5.91 18.02
C ASP A 83 -4.78 4.94 17.34
N GLN A 84 -3.86 4.36 18.12
CA GLN A 84 -2.73 3.54 17.61
C GLN A 84 -3.21 2.32 16.73
N PRO A 85 -4.18 1.45 17.21
CA PRO A 85 -4.73 0.37 16.34
C PRO A 85 -5.54 0.93 15.15
N THR A 86 -6.28 2.05 15.38
CA THR A 86 -7.12 2.72 14.38
C THR A 86 -6.28 3.22 13.17
N LEU A 87 -5.02 3.59 13.45
CA LEU A 87 -4.05 4.05 12.44
C LEU A 87 -3.73 2.90 11.48
N PHE A 88 -3.42 1.72 12.06
CA PHE A 88 -3.11 0.50 11.29
C PHE A 88 -4.34 0.00 10.53
N GLU A 89 -5.54 0.25 11.08
CA GLU A 89 -6.82 -0.06 10.40
C GLU A 89 -6.98 0.77 9.10
N LEU A 90 -6.53 2.03 9.15
CA LEU A 90 -6.51 2.93 7.97
C LEU A 90 -5.54 2.39 6.90
N ILE A 91 -4.39 1.83 7.36
CA ILE A 91 -3.38 1.21 6.48
C ILE A 91 -3.96 -0.06 5.80
N LEU A 92 -4.66 -0.89 6.62
CA LEU A 92 -5.26 -2.17 6.17
C LEU A 92 -6.39 -1.92 5.14
N ALA A 93 -7.19 -0.87 5.39
CA ALA A 93 -8.31 -0.48 4.52
C ALA A 93 -7.80 0.16 3.22
N ALA A 94 -6.68 0.90 3.33
CA ALA A 94 -6.02 1.57 2.19
C ALA A 94 -5.30 0.56 1.27
N ASN A 95 -4.83 -0.57 1.86
CA ASN A 95 -4.22 -1.68 1.10
C ASN A 95 -5.32 -2.56 0.46
N TYR A 96 -6.43 -2.75 1.21
CA TYR A 96 -7.62 -3.50 0.77
C TYR A 96 -8.29 -2.82 -0.43
N LEU A 97 -8.38 -1.48 -0.37
CA LEU A 97 -8.99 -0.66 -1.44
C LEU A 97 -7.93 -0.14 -2.43
N ASP A 98 -6.65 -0.36 -2.06
CA ASP A 98 -5.45 -0.01 -2.87
C ASP A 98 -5.41 1.50 -3.24
N ILE A 99 -5.91 2.33 -2.32
CA ILE A 99 -5.95 3.79 -2.49
C ILE A 99 -4.57 4.38 -2.13
N LYS A 100 -3.80 4.79 -3.16
CA LYS A 100 -2.44 5.33 -3.01
C LYS A 100 -2.40 6.63 -2.14
N PRO A 101 -3.26 7.71 -2.40
CA PRO A 101 -3.26 8.95 -1.55
C PRO A 101 -3.54 8.66 -0.05
N LEU A 102 -4.46 7.72 0.25
CA LEU A 102 -4.82 7.36 1.64
C LEU A 102 -3.63 6.64 2.30
N LEU A 103 -3.15 5.61 1.60
CA LEU A 103 -2.12 4.69 2.09
C LEU A 103 -0.81 5.43 2.38
N ASP A 104 -0.42 6.32 1.46
CA ASP A 104 0.85 7.06 1.52
C ASP A 104 0.86 8.03 2.71
N VAL A 105 -0.22 8.82 2.84
CA VAL A 105 -0.38 9.80 3.94
C VAL A 105 -0.33 9.10 5.32
N THR A 106 -1.02 7.95 5.44
CA THR A 106 -1.12 7.18 6.70
C THR A 106 0.21 6.42 7.01
N CYS A 107 0.94 6.00 5.97
CA CYS A 107 2.27 5.37 6.12
C CYS A 107 3.34 6.43 6.45
N LYS A 108 3.13 7.66 5.98
CA LYS A 108 4.00 8.82 6.29
C LYS A 108 3.74 9.30 7.73
N THR A 109 2.50 9.09 8.23
CA THR A 109 2.14 9.41 9.63
C THR A 109 3.05 8.66 10.62
N VAL A 110 3.14 7.32 10.47
CA VAL A 110 4.01 6.48 11.32
C VAL A 110 5.49 6.80 11.07
N ALA A 111 5.84 7.11 9.81
CA ALA A 111 7.20 7.47 9.41
C ALA A 111 7.69 8.75 10.11
N ASN A 112 6.76 9.70 10.32
CA ASN A 112 7.05 10.97 11.00
C ASN A 112 7.24 10.75 12.51
N MET A 113 6.37 9.91 13.12
CA MET A 113 6.36 9.67 14.57
C MET A 113 7.66 8.98 15.05
N ILE A 114 8.18 8.05 14.22
CA ILE A 114 9.41 7.29 14.53
C ILE A 114 10.67 8.10 14.16
N ARG A 115 10.54 8.98 13.14
CA ARG A 115 11.66 9.83 12.70
C ARG A 115 11.75 11.04 13.66
N GLY A 116 12.65 10.92 14.64
CA GLY A 116 12.98 12.03 15.56
C GLY A 116 13.64 13.24 14.85
N SER B 1 18.03 -9.82 -19.00
CA SER B 1 19.26 -9.44 -18.27
C SER B 1 18.95 -9.08 -16.80
N LEU B 2 20.02 -9.04 -15.98
CA LEU B 2 19.95 -8.56 -14.60
C LEU B 2 19.78 -7.03 -14.59
N VAL B 3 18.64 -6.55 -14.07
CA VAL B 3 18.38 -5.12 -13.89
C VAL B 3 19.06 -4.63 -12.59
N LYS B 4 19.88 -3.59 -12.73
CA LYS B 4 20.69 -3.05 -11.65
C LYS B 4 19.92 -1.90 -10.99
N LEU B 5 19.49 -2.12 -9.75
CA LEU B 5 18.65 -1.17 -9.01
C LEU B 5 19.46 -0.58 -7.85
N GLU B 6 19.97 0.65 -8.03
CA GLU B 6 20.75 1.35 -6.99
C GLU B 6 19.79 1.98 -5.98
N SER B 7 20.03 1.69 -4.71
CA SER B 7 19.31 2.34 -3.61
C SER B 7 19.74 3.82 -3.45
N SER B 8 19.14 4.52 -2.48
CA SER B 8 19.60 5.87 -2.07
C SER B 8 20.99 5.79 -1.40
N ASP B 9 21.36 4.58 -0.93
CA ASP B 9 22.68 4.25 -0.36
C ASP B 9 23.65 3.76 -1.49
N GLU B 10 23.20 3.88 -2.76
CA GLU B 10 24.01 3.71 -3.99
C GLU B 10 24.46 2.25 -4.24
N LYS B 11 23.91 1.29 -3.48
CA LYS B 11 24.24 -0.15 -3.65
C LYS B 11 23.53 -0.73 -4.87
N VAL B 12 24.31 -1.29 -5.80
CA VAL B 12 23.83 -1.82 -7.09
C VAL B 12 23.22 -3.22 -6.87
N PHE B 13 21.88 -3.31 -6.83
CA PHE B 13 21.16 -4.58 -6.65
C PHE B 13 20.82 -5.19 -8.01
N GLU B 14 21.76 -6.00 -8.54
CA GLU B 14 21.58 -6.75 -9.78
C GLU B 14 20.62 -7.91 -9.48
N ILE B 15 19.43 -7.86 -10.07
CA ILE B 15 18.38 -8.86 -9.83
C ILE B 15 17.65 -9.17 -11.15
N GLU B 16 17.04 -10.36 -11.22
CA GLU B 16 16.31 -10.82 -12.42
C GLU B 16 15.13 -9.87 -12.72
N LYS B 17 15.00 -9.49 -14.01
CA LYS B 17 13.99 -8.52 -14.49
C LYS B 17 12.56 -9.02 -14.21
N GLU B 18 12.38 -10.36 -14.23
CA GLU B 18 11.10 -11.03 -13.90
C GLU B 18 10.59 -10.64 -12.48
N ILE B 19 11.54 -10.47 -11.56
CA ILE B 19 11.26 -10.13 -10.15
C ILE B 19 10.99 -8.61 -10.03
N ALA B 20 11.69 -7.82 -10.86
CA ALA B 20 11.44 -6.38 -11.01
C ALA B 20 10.04 -6.11 -11.62
N CYS B 21 9.54 -7.09 -12.40
CA CYS B 21 8.18 -7.08 -12.96
C CYS B 21 7.12 -7.38 -11.89
N MET B 22 7.49 -8.18 -10.85
CA MET B 22 6.62 -8.45 -9.68
C MET B 22 6.34 -7.15 -8.91
N SER B 23 7.38 -6.30 -8.85
CA SER B 23 7.26 -4.94 -8.34
C SER B 23 6.46 -4.12 -9.36
N VAL B 24 5.27 -3.61 -8.95
CA VAL B 24 4.34 -2.91 -9.85
C VAL B 24 4.98 -1.64 -10.43
N THR B 25 5.52 -0.79 -9.55
CA THR B 25 6.12 0.50 -9.94
C THR B 25 7.37 0.32 -10.84
N ILE B 26 8.27 -0.62 -10.48
CA ILE B 26 9.48 -0.90 -11.27
C ILE B 26 9.11 -1.44 -12.65
N LYS B 27 8.11 -2.35 -12.68
CA LYS B 27 7.53 -2.91 -13.92
C LYS B 27 7.02 -1.78 -14.83
N ASN B 28 6.29 -0.82 -14.21
CA ASN B 28 5.71 0.34 -14.92
C ASN B 28 6.81 1.21 -15.52
N MET B 29 7.96 1.31 -14.82
CA MET B 29 9.13 2.08 -15.31
C MET B 29 9.83 1.36 -16.48
N ILE B 30 9.83 0.02 -16.45
CA ILE B 30 10.36 -0.82 -17.54
C ILE B 30 9.44 -0.69 -18.78
N GLU B 31 8.12 -0.60 -18.54
CA GLU B 31 7.10 -0.43 -19.60
C GLU B 31 7.07 1.01 -20.13
N ASP B 32 7.50 1.97 -19.29
CA ASP B 32 7.50 3.42 -19.60
C ASP B 32 8.69 3.78 -20.50
N ILE B 33 9.88 3.28 -20.12
CA ILE B 33 11.15 3.59 -20.79
C ILE B 33 11.39 2.61 -21.95
N GLY B 34 11.08 1.33 -21.70
CA GLY B 34 11.34 0.25 -22.65
C GLY B 34 12.40 -0.70 -22.11
N GLU B 35 13.16 -1.33 -23.02
CA GLU B 35 14.24 -2.26 -22.64
C GLU B 35 15.50 -1.46 -22.28
N SER B 36 15.46 -0.83 -21.08
CA SER B 36 16.53 0.02 -20.57
C SER B 36 17.71 -0.84 -20.08
N ASP B 37 18.83 -0.79 -20.82
CA ASP B 37 20.10 -1.42 -20.43
C ASP B 37 20.71 -0.62 -19.27
N SER B 38 20.42 0.70 -19.28
CA SER B 38 20.81 1.62 -18.21
C SER B 38 20.19 1.20 -16.86
N PRO B 39 20.98 1.23 -15.75
CA PRO B 39 20.49 0.85 -14.40
C PRO B 39 19.46 1.89 -13.88
N ILE B 40 18.44 1.41 -13.15
CA ILE B 40 17.33 2.26 -12.65
C ILE B 40 17.52 2.51 -11.14
N PRO B 41 18.03 3.72 -10.73
CA PRO B 41 18.21 4.06 -9.31
C PRO B 41 16.90 4.53 -8.65
N LEU B 42 16.65 4.02 -7.43
CA LEU B 42 15.56 4.46 -6.56
C LEU B 42 16.15 5.37 -5.44
N PRO B 43 16.13 6.73 -5.63
CA PRO B 43 16.83 7.70 -4.73
C PRO B 43 16.02 8.06 -3.44
N ASN B 44 15.39 7.05 -2.81
CA ASN B 44 14.61 7.23 -1.56
C ASN B 44 14.83 6.01 -0.63
N VAL B 45 14.52 4.81 -1.15
CA VAL B 45 14.62 3.55 -0.40
C VAL B 45 16.11 3.17 -0.21
N THR B 46 16.52 2.93 1.05
CA THR B 46 17.92 2.62 1.42
C THR B 46 18.31 1.20 1.01
N SER B 47 19.61 0.89 1.11
CA SER B 47 20.19 -0.39 0.67
C SER B 47 19.63 -1.58 1.46
N THR B 48 19.61 -1.43 2.78
CA THR B 48 19.15 -2.48 3.70
C THR B 48 17.71 -2.89 3.39
N ILE B 49 16.84 -1.89 3.16
CA ILE B 49 15.41 -2.09 2.95
C ILE B 49 15.13 -2.64 1.54
N LEU B 50 15.77 -2.03 0.54
CA LEU B 50 15.60 -2.42 -0.88
C LEU B 50 16.09 -3.86 -1.12
N GLU B 51 17.18 -4.24 -0.43
CA GLU B 51 17.75 -5.61 -0.48
C GLU B 51 16.69 -6.62 -0.02
N LYS B 52 16.08 -6.32 1.14
CA LYS B 52 15.09 -7.18 1.80
C LYS B 52 13.81 -7.34 0.95
N VAL B 53 13.31 -6.21 0.44
CA VAL B 53 12.08 -6.15 -0.36
C VAL B 53 12.26 -6.99 -1.65
N LEU B 54 13.42 -6.82 -2.30
CA LEU B 54 13.78 -7.57 -3.52
C LEU B 54 14.06 -9.06 -3.22
N ASP B 55 14.58 -9.34 -2.00
CA ASP B 55 14.96 -10.70 -1.57
C ASP B 55 13.72 -11.54 -1.21
N TYR B 56 12.67 -10.87 -0.68
CA TYR B 56 11.39 -11.53 -0.38
C TYR B 56 10.61 -11.78 -1.69
N CYS B 57 10.67 -10.79 -2.59
CA CYS B 57 10.04 -10.89 -3.92
C CYS B 57 10.71 -12.01 -4.75
N ARG B 58 12.05 -12.15 -4.61
CA ARG B 58 12.82 -13.21 -5.33
C ARG B 58 12.53 -14.58 -4.71
N HIS B 59 12.32 -14.60 -3.38
CA HIS B 59 11.85 -15.78 -2.63
C HIS B 59 10.49 -16.26 -3.17
N HIS B 60 9.57 -15.30 -3.34
CA HIS B 60 8.19 -15.55 -3.79
C HIS B 60 8.16 -15.79 -5.32
N HIS B 61 9.25 -15.42 -6.03
CA HIS B 61 9.38 -15.67 -7.46
C HIS B 61 9.85 -17.10 -7.73
N GLN B 62 10.78 -17.57 -6.88
CA GLN B 62 11.33 -18.94 -6.96
C GLN B 62 10.28 -19.96 -6.46
N HIS B 63 9.44 -19.52 -5.50
CA HIS B 63 8.29 -20.30 -5.00
C HIS B 63 7.02 -19.45 -5.18
N PRO B 64 6.41 -19.42 -6.42
CA PRO B 64 5.20 -18.63 -6.69
C PRO B 64 3.97 -19.17 -5.95
N GLY B 65 3.61 -20.45 -6.26
CA GLY B 65 2.46 -21.12 -5.67
C GLY B 65 1.13 -20.43 -6.00
N GLY B 66 0.79 -19.41 -5.18
CA GLY B 66 -0.43 -18.62 -5.35
C GLY B 66 -1.27 -18.68 -4.09
N SER B 67 -2.28 -19.56 -4.10
CA SER B 67 -3.17 -19.79 -2.96
C SER B 67 -2.51 -20.82 -1.99
N GLY B 68 -1.52 -20.32 -1.21
CA GLY B 68 -0.77 -21.14 -0.25
C GLY B 68 -0.42 -20.38 1.02
N LEU B 69 -1.44 -19.67 1.57
CA LEU B 69 -1.31 -18.93 2.85
C LEU B 69 -1.21 -19.90 4.05
N ASP B 70 -1.70 -21.14 3.82
CA ASP B 70 -1.59 -22.27 4.79
C ASP B 70 -0.14 -22.76 4.93
N ASP B 71 0.67 -22.53 3.88
CA ASP B 71 2.09 -22.89 3.86
C ASP B 71 2.95 -21.62 3.95
N ILE B 72 3.39 -21.28 5.17
CA ILE B 72 4.29 -20.14 5.43
C ILE B 72 5.71 -20.68 5.69
N PRO B 73 6.70 -20.40 4.78
CA PRO B 73 8.13 -20.66 5.06
C PRO B 73 8.63 -19.82 6.27
N PRO B 74 9.53 -20.40 7.16
CA PRO B 74 10.10 -19.67 8.32
C PRO B 74 10.75 -18.32 7.94
N TYR B 75 11.32 -18.22 6.71
CA TYR B 75 11.94 -16.98 6.18
C TYR B 75 10.98 -15.78 6.26
N ASP B 76 9.70 -16.01 5.93
CA ASP B 76 8.65 -14.97 5.89
C ASP B 76 8.42 -14.36 7.29
N ARG B 77 8.52 -15.23 8.31
CA ARG B 77 8.41 -14.83 9.72
C ARG B 77 9.69 -14.15 10.21
N ASP B 78 10.84 -14.62 9.69
CA ASP B 78 12.16 -14.04 9.99
C ASP B 78 12.31 -12.67 9.31
N PHE B 79 11.58 -12.46 8.20
CA PHE B 79 11.56 -11.20 7.44
C PHE B 79 10.96 -10.08 8.29
N CYS B 80 9.91 -10.46 9.02
CA CYS B 80 9.17 -9.58 9.93
C CYS B 80 9.99 -9.22 11.19
N LYS B 81 11.05 -10.02 11.49
CA LYS B 81 11.97 -9.75 12.61
C LYS B 81 12.95 -8.63 12.22
N VAL B 82 12.48 -7.39 12.38
CA VAL B 82 13.25 -6.16 12.06
C VAL B 82 13.04 -5.15 13.20
N ASP B 83 13.87 -4.09 13.22
CA ASP B 83 13.75 -3.01 14.21
C ASP B 83 12.47 -2.19 13.92
N GLN B 84 11.95 -1.47 14.94
CA GLN B 84 10.65 -0.78 14.87
C GLN B 84 10.55 0.26 13.71
N PRO B 85 11.55 1.22 13.52
CA PRO B 85 11.53 2.11 12.33
C PRO B 85 11.75 1.35 11.00
N THR B 86 12.61 0.31 11.04
CA THR B 86 12.95 -0.53 9.89
C THR B 86 11.71 -1.25 9.31
N LEU B 87 10.76 -1.57 10.20
CA LEU B 87 9.48 -2.22 9.85
C LEU B 87 8.65 -1.28 8.97
N PHE B 88 8.53 -0.02 9.43
CA PHE B 88 7.78 1.02 8.72
C PHE B 88 8.47 1.40 7.40
N GLU B 89 9.81 1.28 7.36
CA GLU B 89 10.60 1.46 6.12
C GLU B 89 10.22 0.42 5.06
N LEU B 90 9.98 -0.83 5.51
CA LEU B 90 9.51 -1.93 4.63
C LEU B 90 8.09 -1.61 4.08
N ILE B 91 7.24 -0.98 4.92
CA ILE B 91 5.88 -0.54 4.53
C ILE B 91 5.98 0.58 3.47
N LEU B 92 6.88 1.55 3.71
CA LEU B 92 7.09 2.73 2.83
C LEU B 92 7.63 2.30 1.45
N ALA B 93 8.56 1.32 1.46
CA ALA B 93 9.18 0.79 0.24
C ALA B 93 8.19 -0.09 -0.54
N ALA B 94 7.32 -0.81 0.19
CA ALA B 94 6.28 -1.68 -0.39
C ALA B 94 5.13 -0.87 -0.99
N ASN B 95 4.90 0.33 -0.45
CA ASN B 95 3.90 1.29 -1.00
C ASN B 95 4.49 2.03 -2.22
N TYR B 96 5.79 2.38 -2.12
CA TYR B 96 6.56 3.06 -3.18
C TYR B 96 6.67 2.16 -4.44
N LEU B 97 6.90 0.86 -4.21
CA LEU B 97 7.03 -0.14 -5.28
C LEU B 97 5.68 -0.85 -5.56
N ASP B 98 4.70 -0.57 -4.68
CA ASP B 98 3.30 -1.08 -4.77
C ASP B 98 3.25 -2.63 -4.82
N ILE B 99 4.19 -3.27 -4.11
CA ILE B 99 4.29 -4.73 -4.03
C ILE B 99 3.29 -5.25 -2.98
N LYS B 100 2.19 -5.85 -3.45
CA LYS B 100 1.09 -6.36 -2.57
C LYS B 100 1.58 -7.49 -1.61
N PRO B 101 2.32 -8.58 -2.08
CA PRO B 101 2.84 -9.65 -1.15
C PRO B 101 3.74 -9.09 -0.03
N LEU B 102 4.59 -8.09 -0.35
CA LEU B 102 5.52 -7.47 0.64
C LEU B 102 4.70 -6.66 1.65
N LEU B 103 3.85 -5.77 1.11
CA LEU B 103 3.08 -4.79 1.88
C LEU B 103 2.13 -5.47 2.86
N ASP B 104 1.43 -6.51 2.37
CA ASP B 104 0.41 -7.24 3.13
C ASP B 104 1.04 -7.97 4.32
N VAL B 105 2.13 -8.72 4.06
CA VAL B 105 2.88 -9.47 5.11
C VAL B 105 3.39 -8.52 6.22
N THR B 106 3.96 -7.38 5.81
CA THR B 106 4.55 -6.39 6.74
C THR B 106 3.45 -5.59 7.52
N CYS B 107 2.27 -5.39 6.89
CA CYS B 107 1.10 -4.75 7.53
C CYS B 107 0.40 -5.74 8.50
N LYS B 108 0.50 -7.04 8.19
CA LYS B 108 -0.01 -8.11 9.05
C LYS B 108 0.92 -8.33 10.24
N THR B 109 2.23 -8.03 10.07
CA THR B 109 3.23 -8.07 11.16
C THR B 109 2.81 -7.15 12.33
N VAL B 110 2.53 -5.85 12.01
CA VAL B 110 2.08 -4.87 13.04
C VAL B 110 0.69 -5.25 13.57
N ALA B 111 -0.18 -5.79 12.68
CA ALA B 111 -1.53 -6.23 13.03
C ALA B 111 -1.52 -7.36 14.08
N ASN B 112 -0.51 -8.25 13.98
CA ASN B 112 -0.32 -9.37 14.92
C ASN B 112 0.17 -8.86 16.28
N MET B 113 1.16 -7.93 16.25
CA MET B 113 1.80 -7.41 17.49
C MET B 113 0.80 -6.66 18.38
N ILE B 114 -0.12 -5.91 17.75
CA ILE B 114 -1.13 -5.12 18.48
C ILE B 114 -2.34 -5.99 18.88
N ARG B 115 -2.62 -7.04 18.09
CA ARG B 115 -3.72 -7.98 18.37
C ARG B 115 -3.25 -9.00 19.44
N GLY B 116 -3.61 -8.71 20.71
CA GLY B 116 -3.35 -9.64 21.82
C GLY B 116 -4.18 -10.94 21.73
N SER A 1 -23.43 10.10 -9.60
CA SER A 1 -24.26 9.04 -9.03
C SER A 1 -23.59 8.41 -7.81
N LEU A 2 -24.38 8.08 -6.78
CA LEU A 2 -23.89 7.50 -5.51
C LEU A 2 -23.94 5.96 -5.56
N VAL A 3 -22.76 5.31 -5.45
CA VAL A 3 -22.68 3.85 -5.20
C VAL A 3 -22.70 3.60 -3.69
N LYS A 4 -23.57 2.67 -3.26
CA LYS A 4 -23.72 2.32 -1.84
C LYS A 4 -22.63 1.31 -1.46
N LEU A 5 -21.79 1.67 -0.49
CA LEU A 5 -20.66 0.82 -0.03
C LEU A 5 -20.83 0.52 1.46
N GLU A 6 -21.29 -0.71 1.76
CA GLU A 6 -21.47 -1.16 3.15
C GLU A 6 -20.13 -1.62 3.72
N SER A 7 -20.05 -1.55 5.04
CA SER A 7 -18.89 -1.98 5.82
C SER A 7 -19.03 -3.44 6.26
N SER A 8 -18.07 -3.91 7.07
CA SER A 8 -18.17 -5.16 7.83
C SER A 8 -19.35 -5.08 8.82
N ASP A 9 -19.60 -3.86 9.35
CA ASP A 9 -20.76 -3.53 10.22
C ASP A 9 -22.07 -3.39 9.41
N GLU A 10 -21.97 -3.54 8.07
CA GLU A 10 -23.10 -3.48 7.11
C GLU A 10 -23.75 -2.08 7.02
N LYS A 11 -23.08 -1.05 7.58
CA LYS A 11 -23.59 0.34 7.52
C LYS A 11 -23.37 0.90 6.11
N VAL A 12 -24.44 1.46 5.52
CA VAL A 12 -24.46 1.95 4.13
C VAL A 12 -23.73 3.30 4.03
N PHE A 13 -22.63 3.33 3.26
CA PHE A 13 -21.88 4.57 2.97
C PHE A 13 -21.98 4.86 1.47
N GLU A 14 -23.05 5.59 1.10
CA GLU A 14 -23.23 6.10 -0.26
C GLU A 14 -22.15 7.15 -0.55
N ILE A 15 -21.45 6.97 -1.65
CA ILE A 15 -20.38 7.87 -2.10
C ILE A 15 -20.45 7.97 -3.63
N GLU A 16 -20.07 9.14 -4.18
CA GLU A 16 -19.99 9.35 -5.63
C GLU A 16 -19.02 8.34 -6.26
N LYS A 17 -19.47 7.70 -7.34
CA LYS A 17 -18.76 6.59 -8.01
C LYS A 17 -17.39 7.04 -8.54
N GLU A 18 -17.37 8.26 -9.10
CA GLU A 18 -16.14 8.91 -9.62
C GLU A 18 -15.09 9.15 -8.50
N ILE A 19 -15.58 9.36 -7.26
CA ILE A 19 -14.70 9.47 -6.07
C ILE A 19 -14.18 8.08 -5.66
N ALA A 20 -15.09 7.09 -5.72
CA ALA A 20 -14.81 5.69 -5.36
C ALA A 20 -13.91 4.99 -6.41
N CYS A 21 -13.80 5.57 -7.61
CA CYS A 21 -12.91 5.08 -8.68
C CYS A 21 -11.43 5.36 -8.38
N MET A 22 -11.15 6.37 -7.51
CA MET A 22 -9.77 6.68 -7.04
C MET A 22 -9.21 5.50 -6.21
N SER A 23 -10.14 4.79 -5.56
CA SER A 23 -9.88 3.47 -5.00
C SER A 23 -9.74 2.47 -6.16
N VAL A 24 -8.52 1.93 -6.38
CA VAL A 24 -8.23 1.04 -7.50
C VAL A 24 -9.01 -0.29 -7.33
N THR A 25 -9.17 -0.76 -6.08
CA THR A 25 -9.92 -2.01 -5.76
C THR A 25 -11.40 -1.89 -6.17
N ILE A 26 -12.05 -0.78 -5.76
CA ILE A 26 -13.46 -0.50 -6.08
C ILE A 26 -13.62 -0.30 -7.61
N LYS A 27 -12.61 0.35 -8.24
CA LYS A 27 -12.53 0.53 -9.69
C LYS A 27 -12.47 -0.85 -10.39
N ASN A 28 -11.68 -1.78 -9.82
CA ASN A 28 -11.50 -3.15 -10.36
C ASN A 28 -12.79 -3.97 -10.21
N MET A 29 -13.57 -3.68 -9.15
CA MET A 29 -14.91 -4.28 -8.94
C MET A 29 -15.89 -3.79 -10.02
N ILE A 30 -15.79 -2.49 -10.36
CA ILE A 30 -16.58 -1.84 -11.43
C ILE A 30 -16.21 -2.44 -12.81
N GLU A 31 -14.91 -2.73 -13.01
CA GLU A 31 -14.41 -3.27 -14.29
C GLU A 31 -14.76 -4.76 -14.45
N ASP A 32 -14.68 -5.52 -13.34
CA ASP A 32 -14.87 -7.01 -13.35
C ASP A 32 -16.37 -7.39 -13.44
N ILE A 33 -17.19 -6.72 -12.61
CA ILE A 33 -18.65 -7.00 -12.51
C ILE A 33 -19.42 -6.30 -13.64
N GLY A 34 -18.79 -5.27 -14.26
CA GLY A 34 -19.43 -4.47 -15.30
C GLY A 34 -20.21 -3.30 -14.72
N GLU A 35 -19.78 -2.84 -13.53
CA GLU A 35 -20.34 -1.73 -12.74
C GLU A 35 -21.65 -2.12 -12.05
N SER A 36 -21.71 -1.88 -10.73
CA SER A 36 -22.88 -2.13 -9.90
C SER A 36 -23.41 -0.80 -9.34
N ASP A 37 -24.62 -0.43 -9.77
CA ASP A 37 -25.42 0.65 -9.17
C ASP A 37 -25.99 0.13 -7.83
N SER A 38 -26.23 -1.19 -7.80
CA SER A 38 -26.63 -1.96 -6.62
C SER A 38 -25.58 -1.84 -5.48
N PRO A 39 -26.01 -1.99 -4.17
CA PRO A 39 -25.10 -1.86 -3.01
C PRO A 39 -24.05 -3.00 -2.94
N ILE A 40 -22.82 -2.66 -2.53
CA ILE A 40 -21.69 -3.59 -2.45
C ILE A 40 -21.14 -3.59 -1.00
N PRO A 41 -21.19 -4.75 -0.26
CA PRO A 41 -20.58 -4.85 1.08
C PRO A 41 -19.05 -5.10 0.99
N LEU A 42 -18.30 -4.46 1.90
CA LEU A 42 -16.84 -4.61 2.01
C LEU A 42 -16.54 -5.39 3.32
N PRO A 43 -16.42 -6.77 3.24
CA PRO A 43 -16.25 -7.63 4.43
C PRO A 43 -14.78 -7.67 4.92
N ASN A 44 -14.33 -6.53 5.49
CA ASN A 44 -12.93 -6.35 5.95
C ASN A 44 -12.82 -5.07 6.78
N VAL A 45 -13.20 -3.94 6.15
CA VAL A 45 -13.08 -2.60 6.72
C VAL A 45 -14.32 -2.25 7.56
N THR A 46 -14.10 -1.82 8.82
CA THR A 46 -15.18 -1.45 9.75
C THR A 46 -15.85 -0.13 9.33
N SER A 47 -17.02 0.17 9.92
CA SER A 47 -17.85 1.32 9.53
C SER A 47 -17.20 2.65 9.91
N THR A 48 -16.57 2.71 11.10
CA THR A 48 -15.88 3.92 11.59
C THR A 48 -14.69 4.28 10.68
N ILE A 49 -13.94 3.25 10.24
CA ILE A 49 -12.78 3.42 9.37
C ILE A 49 -13.24 3.76 7.94
N LEU A 50 -14.22 2.98 7.41
CA LEU A 50 -14.71 3.11 6.01
C LEU A 50 -15.36 4.49 5.77
N GLU A 51 -16.04 5.01 6.81
CA GLU A 51 -16.61 6.37 6.79
C GLU A 51 -15.50 7.38 6.48
N LYS A 52 -14.40 7.26 7.25
CA LYS A 52 -13.24 8.17 7.16
C LYS A 52 -12.47 7.99 5.86
N VAL A 53 -12.39 6.73 5.36
CA VAL A 53 -11.68 6.39 4.11
C VAL A 53 -12.38 7.04 2.91
N LEU A 54 -13.71 6.89 2.87
CA LEU A 54 -14.56 7.46 1.79
C LEU A 54 -14.70 8.99 1.95
N ASP A 55 -14.60 9.47 3.21
CA ASP A 55 -14.64 10.92 3.53
C ASP A 55 -13.34 11.63 3.14
N TYR A 56 -12.21 10.91 3.28
CA TYR A 56 -10.87 11.40 2.89
C TYR A 56 -10.80 11.47 1.36
N CYS A 57 -11.32 10.42 0.70
CA CYS A 57 -11.42 10.36 -0.76
C CYS A 57 -12.36 11.46 -1.28
N ARG A 58 -13.49 11.67 -0.56
CA ARG A 58 -14.50 12.70 -0.89
C ARG A 58 -13.85 14.09 -0.86
N HIS A 59 -13.08 14.31 0.22
CA HIS A 59 -12.31 15.53 0.44
C HIS A 59 -11.28 15.74 -0.69
N HIS A 60 -10.54 14.68 -1.02
CA HIS A 60 -9.39 14.76 -1.95
C HIS A 60 -9.85 14.97 -3.41
N HIS A 61 -11.02 14.44 -3.76
CA HIS A 61 -11.56 14.50 -5.13
C HIS A 61 -12.22 15.87 -5.40
N GLN A 62 -13.04 16.32 -4.43
CA GLN A 62 -13.79 17.60 -4.51
C GLN A 62 -12.86 18.79 -4.22
N HIS A 63 -11.87 18.56 -3.35
CA HIS A 63 -10.84 19.54 -2.99
C HIS A 63 -9.44 18.88 -3.19
N PRO A 64 -8.83 18.99 -4.41
CA PRO A 64 -7.50 18.38 -4.73
C PRO A 64 -6.35 18.78 -3.76
N GLY A 65 -6.50 19.95 -3.11
CA GLY A 65 -5.55 20.42 -2.10
C GLY A 65 -4.35 21.17 -2.70
N GLY A 66 -4.53 21.71 -3.92
CA GLY A 66 -3.47 22.45 -4.62
C GLY A 66 -3.44 23.93 -4.27
N SER A 67 -3.20 24.22 -2.97
CA SER A 67 -3.09 25.59 -2.44
C SER A 67 -2.07 25.60 -1.30
N GLY A 68 -0.77 25.74 -1.67
CA GLY A 68 0.33 25.75 -0.70
C GLY A 68 0.59 24.38 -0.11
N LEU A 69 1.52 23.62 -0.72
CA LEU A 69 1.91 22.28 -0.26
C LEU A 69 2.89 22.45 0.93
N ASP A 70 2.31 22.88 2.06
CA ASP A 70 3.04 23.36 3.25
C ASP A 70 2.02 23.78 4.33
N ASP A 71 0.85 24.28 3.86
CA ASP A 71 -0.28 24.75 4.72
C ASP A 71 -0.70 23.69 5.75
N ILE A 72 -0.85 22.43 5.27
CA ILE A 72 -1.36 21.29 6.05
C ILE A 72 -2.80 21.61 6.56
N PRO A 73 -3.85 21.29 5.74
CA PRO A 73 -5.26 21.60 6.09
C PRO A 73 -5.68 20.95 7.44
N PRO A 74 -6.26 21.74 8.39
CA PRO A 74 -6.74 21.21 9.71
C PRO A 74 -7.78 20.08 9.58
N TYR A 75 -8.41 19.99 8.40
CA TYR A 75 -9.32 18.90 8.03
C TYR A 75 -8.57 17.55 8.03
N ASP A 76 -7.47 17.51 7.26
CA ASP A 76 -6.63 16.30 7.08
C ASP A 76 -5.83 15.99 8.35
N ARG A 77 -5.49 17.04 9.11
CA ARG A 77 -4.74 16.93 10.36
C ARG A 77 -5.62 16.35 11.48
N ASP A 78 -6.91 16.75 11.49
CA ASP A 78 -7.92 16.20 12.41
C ASP A 78 -8.40 14.82 11.94
N PHE A 79 -8.25 14.54 10.63
CA PHE A 79 -8.43 13.18 10.09
C PHE A 79 -7.40 12.22 10.74
N CYS A 80 -6.17 12.73 10.91
CA CYS A 80 -5.04 11.97 11.49
C CYS A 80 -5.16 11.84 13.03
N LYS A 81 -6.24 12.39 13.65
CA LYS A 81 -6.54 12.16 15.07
C LYS A 81 -7.15 10.75 15.22
N VAL A 82 -6.26 9.77 15.35
CA VAL A 82 -6.60 8.35 15.50
C VAL A 82 -5.73 7.73 16.60
N ASP A 83 -6.26 6.69 17.26
CA ASP A 83 -5.51 5.96 18.31
C ASP A 83 -4.46 5.05 17.65
N GLN A 84 -3.55 4.45 18.45
CA GLN A 84 -2.43 3.63 17.92
C GLN A 84 -2.90 2.46 17.01
N PRO A 85 -3.89 1.58 17.41
CA PRO A 85 -4.44 0.53 16.49
C PRO A 85 -5.13 1.14 15.26
N THR A 86 -5.79 2.31 15.47
CA THR A 86 -6.60 2.99 14.44
C THR A 86 -5.70 3.56 13.31
N LEU A 87 -4.44 3.94 13.67
CA LEU A 87 -3.37 4.32 12.70
C LEU A 87 -3.16 3.19 11.68
N PHE A 88 -2.97 1.97 12.21
CA PHE A 88 -2.74 0.75 11.41
C PHE A 88 -4.00 0.33 10.64
N GLU A 89 -5.20 0.63 11.19
CA GLU A 89 -6.49 0.32 10.53
C GLU A 89 -6.67 1.15 9.25
N LEU A 90 -6.19 2.42 9.26
CA LEU A 90 -6.20 3.29 8.06
C LEU A 90 -5.21 2.77 7.00
N ILE A 91 -4.06 2.22 7.47
CA ILE A 91 -3.03 1.61 6.61
C ILE A 91 -3.59 0.34 5.93
N LEU A 92 -4.28 -0.50 6.73
CA LEU A 92 -4.86 -1.79 6.27
C LEU A 92 -6.03 -1.55 5.29
N ALA A 93 -6.84 -0.52 5.56
CA ALA A 93 -8.00 -0.16 4.72
C ALA A 93 -7.55 0.45 3.38
N ALA A 94 -6.49 1.27 3.43
CA ALA A 94 -5.89 1.91 2.23
C ALA A 94 -5.16 0.89 1.36
N ASN A 95 -4.61 -0.15 2.01
CA ASN A 95 -3.97 -1.30 1.31
C ASN A 95 -5.06 -2.19 0.67
N TYR A 96 -6.14 -2.45 1.43
CA TYR A 96 -7.29 -3.25 0.99
C TYR A 96 -8.03 -2.60 -0.19
N LEU A 97 -8.09 -1.26 -0.18
CA LEU A 97 -8.80 -0.48 -1.21
C LEU A 97 -7.85 0.16 -2.23
N ASP A 98 -6.53 -0.08 -2.08
CA ASP A 98 -5.49 0.43 -3.04
C ASP A 98 -5.44 1.97 -3.10
N ILE A 99 -6.01 2.65 -2.07
CA ILE A 99 -6.04 4.11 -2.02
C ILE A 99 -4.70 4.61 -1.51
N LYS A 100 -3.78 4.83 -2.45
CA LYS A 100 -2.43 5.34 -2.17
C LYS A 100 -2.40 6.81 -1.69
N PRO A 101 -3.34 7.75 -2.15
CA PRO A 101 -3.52 9.07 -1.49
C PRO A 101 -3.67 8.97 0.05
N LEU A 102 -4.38 7.93 0.52
CA LEU A 102 -4.58 7.66 1.95
C LEU A 102 -3.36 6.93 2.55
N LEU A 103 -2.92 5.85 1.85
CA LEU A 103 -1.85 4.94 2.31
C LEU A 103 -0.56 5.69 2.60
N ASP A 104 -0.17 6.52 1.62
CA ASP A 104 1.07 7.29 1.65
C ASP A 104 1.08 8.25 2.83
N VAL A 105 0.00 9.04 2.96
CA VAL A 105 -0.14 10.08 3.99
C VAL A 105 -0.16 9.49 5.42
N THR A 106 -0.94 8.41 5.63
CA THR A 106 -1.07 7.75 6.96
C THR A 106 0.27 7.10 7.38
N CYS A 107 0.89 6.36 6.43
CA CYS A 107 2.18 5.69 6.65
C CYS A 107 3.32 6.72 6.80
N LYS A 108 3.16 7.90 6.16
CA LYS A 108 4.16 8.97 6.21
C LYS A 108 4.12 9.63 7.59
N THR A 109 2.90 9.93 8.07
CA THR A 109 2.66 10.59 9.36
C THR A 109 3.18 9.74 10.53
N VAL A 110 2.81 8.43 10.55
CA VAL A 110 3.22 7.51 11.64
C VAL A 110 4.76 7.30 11.64
N ALA A 111 5.37 7.34 10.43
CA ALA A 111 6.83 7.26 10.25
C ALA A 111 7.51 8.57 10.68
N ASN A 112 6.83 9.71 10.44
CA ASN A 112 7.36 11.07 10.78
C ASN A 112 7.33 11.31 12.30
N MET A 113 6.44 10.61 13.02
CA MET A 113 6.35 10.71 14.50
C MET A 113 7.65 10.20 15.15
N ILE A 114 8.21 9.12 14.59
CA ILE A 114 9.43 8.47 15.11
C ILE A 114 10.70 9.04 14.41
N ARG A 115 10.51 9.61 13.20
CA ARG A 115 11.60 10.20 12.39
C ARG A 115 12.02 11.57 12.98
N GLY A 116 11.00 12.41 13.26
CA GLY A 116 11.21 13.77 13.75
C GLY A 116 10.38 14.00 15.03
N SER B 1 16.57 -12.67 -17.46
CA SER B 1 17.57 -11.60 -17.53
C SER B 1 17.53 -10.74 -16.25
N LEU B 2 18.72 -10.31 -15.76
CA LEU B 2 18.85 -9.50 -14.55
C LEU B 2 18.83 -8.00 -14.89
N VAL B 3 17.87 -7.26 -14.32
CA VAL B 3 17.88 -5.78 -14.33
C VAL B 3 18.60 -5.29 -13.06
N LYS B 4 19.54 -4.35 -13.24
CA LYS B 4 20.33 -3.78 -12.13
C LYS B 4 19.52 -2.67 -11.46
N LEU B 5 19.22 -2.83 -10.17
CA LEU B 5 18.43 -1.85 -9.40
C LEU B 5 19.25 -1.33 -8.22
N GLU B 6 19.77 -0.11 -8.35
CA GLU B 6 20.57 0.54 -7.31
C GLU B 6 19.66 1.18 -6.26
N SER B 7 20.19 1.31 -5.06
CA SER B 7 19.52 1.94 -3.93
C SER B 7 19.84 3.44 -3.86
N SER B 8 19.35 4.08 -2.78
CA SER B 8 19.76 5.44 -2.39
C SER B 8 21.27 5.45 -2.03
N ASP B 9 21.74 4.31 -1.49
CA ASP B 9 23.18 4.03 -1.19
C ASP B 9 23.97 3.69 -2.48
N GLU B 10 23.25 3.62 -3.64
CA GLU B 10 23.82 3.34 -4.98
C GLU B 10 24.38 1.90 -5.12
N LYS B 11 24.08 1.02 -4.16
CA LYS B 11 24.51 -0.39 -4.21
C LYS B 11 23.67 -1.14 -5.25
N VAL B 12 24.37 -1.84 -6.17
CA VAL B 12 23.75 -2.56 -7.30
C VAL B 12 23.07 -3.85 -6.82
N PHE B 13 21.75 -3.94 -7.00
CA PHE B 13 20.97 -5.15 -6.71
C PHE B 13 20.36 -5.68 -8.00
N GLU B 14 21.16 -6.52 -8.69
CA GLU B 14 20.69 -7.24 -9.88
C GLU B 14 19.63 -8.27 -9.46
N ILE B 15 18.49 -8.23 -10.13
CA ILE B 15 17.34 -9.12 -9.89
C ILE B 15 16.71 -9.45 -11.23
N GLU B 16 16.12 -10.67 -11.34
CA GLU B 16 15.40 -11.09 -12.54
C GLU B 16 14.23 -10.12 -12.82
N LYS B 17 14.13 -9.69 -14.09
CA LYS B 17 13.16 -8.68 -14.54
C LYS B 17 11.72 -9.11 -14.29
N GLU B 18 11.46 -10.40 -14.57
CA GLU B 18 10.14 -11.05 -14.34
C GLU B 18 9.74 -11.02 -12.84
N ILE B 19 10.74 -11.06 -11.94
CA ILE B 19 10.50 -10.95 -10.48
C ILE B 19 10.22 -9.46 -10.13
N ALA B 20 10.97 -8.55 -10.77
CA ALA B 20 10.85 -7.10 -10.56
C ALA B 20 9.56 -6.51 -11.17
N CYS B 21 8.91 -7.27 -12.07
CA CYS B 21 7.62 -6.89 -12.68
C CYS B 21 6.45 -7.04 -11.70
N MET B 22 6.62 -7.87 -10.65
CA MET B 22 5.60 -8.02 -9.56
C MET B 22 5.48 -6.70 -8.77
N SER B 23 6.60 -5.95 -8.76
CA SER B 23 6.62 -4.55 -8.36
C SER B 23 5.95 -3.73 -9.48
N VAL B 24 4.76 -3.17 -9.19
CA VAL B 24 3.97 -2.44 -10.20
C VAL B 24 4.70 -1.15 -10.63
N THR B 25 5.42 -0.49 -9.68
CA THR B 25 6.21 0.73 -9.95
C THR B 25 7.34 0.46 -10.97
N ILE B 26 8.13 -0.61 -10.72
CA ILE B 26 9.24 -1.02 -11.61
C ILE B 26 8.68 -1.47 -12.98
N LYS B 27 7.52 -2.15 -12.95
CA LYS B 27 6.77 -2.55 -14.16
C LYS B 27 6.37 -1.30 -14.98
N ASN B 28 5.91 -0.24 -14.27
CA ASN B 28 5.48 1.03 -14.90
C ASN B 28 6.69 1.79 -15.48
N MET B 29 7.87 1.61 -14.86
CA MET B 29 9.15 2.15 -15.39
C MET B 29 9.51 1.44 -16.71
N ILE B 30 9.29 0.12 -16.73
CA ILE B 30 9.51 -0.73 -17.92
C ILE B 30 8.53 -0.34 -19.05
N GLU B 31 7.27 -0.01 -18.69
CA GLU B 31 6.23 0.36 -19.66
C GLU B 31 6.43 1.80 -20.20
N ASP B 32 6.90 2.71 -19.33
CA ASP B 32 7.04 4.15 -19.68
C ASP B 32 8.31 4.41 -20.52
N ILE B 33 9.43 3.82 -20.08
CA ILE B 33 10.77 4.02 -20.69
C ILE B 33 10.94 3.09 -21.91
N GLY B 34 10.09 2.05 -21.98
CA GLY B 34 10.17 1.03 -23.04
C GLY B 34 11.17 -0.07 -22.71
N GLU B 35 11.34 -0.29 -21.39
CA GLU B 35 12.24 -1.30 -20.78
C GLU B 35 13.72 -0.86 -20.83
N SER B 36 14.37 -0.91 -19.67
CA SER B 36 15.80 -0.60 -19.53
C SER B 36 16.56 -1.86 -19.07
N ASP B 37 17.43 -2.37 -19.94
CA ASP B 37 18.43 -3.39 -19.59
C ASP B 37 19.54 -2.71 -18.77
N SER B 38 19.75 -1.42 -19.07
CA SER B 38 20.63 -0.51 -18.34
C SER B 38 20.24 -0.37 -16.85
N PRO B 39 21.21 -0.05 -15.94
CA PRO B 39 20.94 0.07 -14.48
C PRO B 39 20.03 1.27 -14.13
N ILE B 40 19.13 1.06 -13.15
CA ILE B 40 18.15 2.06 -12.71
C ILE B 40 18.34 2.32 -11.20
N PRO B 41 18.70 3.57 -10.77
CA PRO B 41 18.78 3.92 -9.34
C PRO B 41 17.39 4.25 -8.76
N LEU B 42 17.16 3.81 -7.51
CA LEU B 42 15.91 4.06 -6.77
C LEU B 42 16.23 5.06 -5.62
N PRO B 43 16.07 6.41 -5.86
CA PRO B 43 16.46 7.46 -4.89
C PRO B 43 15.40 7.68 -3.79
N ASN B 44 15.24 6.65 -2.92
CA ASN B 44 14.23 6.65 -1.85
C ASN B 44 14.54 5.50 -0.86
N VAL B 45 14.59 4.28 -1.40
CA VAL B 45 14.76 3.06 -0.60
C VAL B 45 16.27 2.77 -0.38
N THR B 46 16.66 2.55 0.89
CA THR B 46 18.06 2.27 1.27
C THR B 46 18.49 0.87 0.82
N SER B 47 19.80 0.58 0.86
CA SER B 47 20.37 -0.68 0.33
C SER B 47 19.99 -1.90 1.18
N THR B 48 19.96 -1.72 2.50
CA THR B 48 19.60 -2.77 3.45
C THR B 48 18.14 -3.20 3.26
N ILE B 49 17.25 -2.21 3.06
CA ILE B 49 15.82 -2.45 2.86
C ILE B 49 15.57 -3.02 1.45
N LEU B 50 16.19 -2.41 0.42
CA LEU B 50 15.99 -2.79 -1.01
C LEU B 50 16.48 -4.21 -1.28
N GLU B 51 17.57 -4.61 -0.60
CA GLU B 51 18.10 -5.99 -0.65
C GLU B 51 16.99 -6.97 -0.24
N LYS B 52 16.35 -6.66 0.91
CA LYS B 52 15.30 -7.49 1.51
C LYS B 52 14.00 -7.46 0.70
N VAL B 53 13.69 -6.30 0.08
CA VAL B 53 12.48 -6.11 -0.73
C VAL B 53 12.56 -6.99 -1.99
N LEU B 54 13.71 -6.93 -2.67
CA LEU B 54 13.97 -7.71 -3.89
C LEU B 54 14.19 -9.20 -3.57
N ASP B 55 14.70 -9.48 -2.35
CA ASP B 55 14.92 -10.87 -1.86
C ASP B 55 13.59 -11.53 -1.47
N TYR B 56 12.64 -10.72 -0.93
CA TYR B 56 11.29 -11.18 -0.59
C TYR B 56 10.52 -11.50 -1.87
N CYS B 57 10.66 -10.60 -2.86
CA CYS B 57 10.06 -10.77 -4.19
C CYS B 57 10.66 -12.00 -4.89
N ARG B 58 12.00 -12.16 -4.76
CA ARG B 58 12.76 -13.29 -5.32
C ARG B 58 12.21 -14.62 -4.77
N HIS B 59 12.04 -14.63 -3.43
CA HIS B 59 11.47 -15.74 -2.68
C HIS B 59 10.05 -16.06 -3.16
N HIS B 60 9.22 -15.01 -3.30
CA HIS B 60 7.77 -15.17 -3.57
C HIS B 60 7.50 -15.63 -5.03
N HIS B 61 8.38 -15.23 -5.96
CA HIS B 61 8.22 -15.54 -7.40
C HIS B 61 8.70 -16.98 -7.69
N GLN B 62 9.89 -17.31 -7.15
CA GLN B 62 10.53 -18.63 -7.36
C GLN B 62 9.86 -19.71 -6.49
N HIS B 63 9.40 -19.30 -5.30
CA HIS B 63 8.66 -20.15 -4.35
C HIS B 63 7.32 -19.43 -3.99
N PRO B 64 6.21 -19.71 -4.76
CA PRO B 64 4.88 -19.06 -4.54
C PRO B 64 4.31 -19.21 -3.10
N GLY B 65 4.77 -20.27 -2.39
CA GLY B 65 4.38 -20.49 -0.99
C GLY B 65 3.06 -21.25 -0.85
N GLY B 66 2.67 -22.00 -1.90
CA GLY B 66 1.43 -22.79 -1.88
C GLY B 66 1.62 -24.19 -1.32
N SER B 67 1.99 -24.26 -0.03
CA SER B 67 2.15 -25.53 0.72
C SER B 67 1.78 -25.30 2.19
N GLY B 68 0.47 -25.39 2.49
CA GLY B 68 -0.06 -25.19 3.83
C GLY B 68 -0.05 -23.73 4.24
N LEU B 69 -1.17 -23.01 3.99
CA LEU B 69 -1.34 -21.59 4.35
C LEU B 69 -1.64 -21.50 5.86
N ASP B 70 -0.60 -21.82 6.66
CA ASP B 70 -0.68 -22.08 8.11
C ASP B 70 0.72 -22.38 8.66
N ASP B 71 1.56 -23.00 7.78
CA ASP B 71 2.95 -23.39 8.09
C ASP B 71 3.79 -22.22 8.62
N ILE B 72 3.66 -21.07 7.93
CA ILE B 72 4.46 -19.85 8.17
C ILE B 72 5.98 -20.18 8.01
N PRO B 73 6.53 -20.07 6.76
CA PRO B 73 7.94 -20.41 6.48
C PRO B 73 8.92 -19.58 7.34
N PRO B 74 9.91 -20.23 8.05
CA PRO B 74 10.91 -19.53 8.91
C PRO B 74 11.75 -18.50 8.13
N TYR B 75 11.78 -18.64 6.79
CA TYR B 75 12.41 -17.68 5.88
C TYR B 75 11.72 -16.30 5.99
N ASP B 76 10.38 -16.31 5.82
CA ASP B 76 9.54 -15.10 5.84
C ASP B 76 9.39 -14.54 7.27
N ARG B 77 9.46 -15.44 8.26
CA ARG B 77 9.36 -15.08 9.67
C ARG B 77 10.66 -14.40 10.16
N ASP B 78 11.80 -14.90 9.64
CA ASP B 78 13.12 -14.27 9.88
C ASP B 78 13.31 -13.02 9.03
N PHE B 79 12.59 -12.92 7.91
CA PHE B 79 12.48 -11.68 7.12
C PHE B 79 11.85 -10.57 7.99
N CYS B 80 10.83 -10.96 8.78
CA CYS B 80 10.09 -10.05 9.67
C CYS B 80 10.88 -9.69 10.95
N LYS B 81 12.13 -10.21 11.09
CA LYS B 81 13.07 -9.76 12.15
C LYS B 81 13.63 -8.40 11.77
N VAL B 82 12.90 -7.36 12.14
CA VAL B 82 13.25 -5.96 11.88
C VAL B 82 12.98 -5.12 13.14
N ASP B 83 13.73 -4.03 13.30
CA ASP B 83 13.56 -3.09 14.42
C ASP B 83 12.30 -2.23 14.18
N GLN B 84 11.85 -1.46 15.20
CA GLN B 84 10.60 -0.66 15.12
C GLN B 84 10.56 0.33 13.91
N PRO B 85 11.60 1.21 13.66
CA PRO B 85 11.63 2.07 12.46
C PRO B 85 11.71 1.24 11.15
N THR B 86 12.39 0.08 11.22
CA THR B 86 12.66 -0.81 10.07
C THR B 86 11.35 -1.50 9.58
N LEU B 87 10.41 -1.75 10.52
CA LEU B 87 9.02 -2.19 10.23
C LEU B 87 8.35 -1.23 9.24
N PHE B 88 8.40 0.07 9.59
CA PHE B 88 7.81 1.15 8.78
C PHE B 88 8.58 1.37 7.47
N GLU B 89 9.91 1.08 7.47
CA GLU B 89 10.74 1.19 6.25
C GLU B 89 10.33 0.17 5.17
N LEU B 90 9.92 -1.04 5.61
CA LEU B 90 9.39 -2.09 4.71
C LEU B 90 8.00 -1.69 4.14
N ILE B 91 7.20 -1.01 4.99
CA ILE B 91 5.87 -0.47 4.60
C ILE B 91 6.03 0.65 3.54
N LEU B 92 7.01 1.56 3.78
CA LEU B 92 7.28 2.72 2.90
C LEU B 92 7.87 2.26 1.55
N ALA B 93 8.73 1.23 1.58
CA ALA B 93 9.38 0.67 0.39
C ALA B 93 8.37 -0.12 -0.48
N ALA B 94 7.46 -0.84 0.19
CA ALA B 94 6.40 -1.62 -0.48
C ALA B 94 5.31 -0.71 -1.08
N ASN B 95 5.11 0.46 -0.43
CA ASN B 95 4.20 1.53 -0.94
C ASN B 95 4.85 2.24 -2.14
N TYR B 96 6.16 2.52 -2.03
CA TYR B 96 6.97 3.19 -3.07
C TYR B 96 7.07 2.31 -4.34
N LEU B 97 7.18 1.00 -4.13
CA LEU B 97 7.35 0.02 -5.22
C LEU B 97 6.04 -0.73 -5.57
N ASP B 98 4.94 -0.39 -4.87
CA ASP B 98 3.59 -0.97 -5.13
C ASP B 98 3.54 -2.49 -4.91
N ILE B 99 4.53 -3.04 -4.17
CA ILE B 99 4.62 -4.48 -3.90
C ILE B 99 3.66 -4.80 -2.75
N LYS B 100 2.42 -5.12 -3.12
CA LYS B 100 1.36 -5.48 -2.16
C LYS B 100 1.58 -6.86 -1.49
N PRO B 101 2.21 -7.91 -2.16
CA PRO B 101 2.70 -9.12 -1.44
C PRO B 101 3.53 -8.79 -0.18
N LEU B 102 4.37 -7.75 -0.27
CA LEU B 102 5.20 -7.26 0.84
C LEU B 102 4.38 -6.37 1.80
N LEU B 103 3.67 -5.39 1.21
CA LEU B 103 2.91 -4.35 1.94
C LEU B 103 1.91 -4.97 2.91
N ASP B 104 1.14 -5.92 2.37
CA ASP B 104 0.06 -6.59 3.10
C ASP B 104 0.60 -7.36 4.30
N VAL B 105 1.64 -8.19 4.04
CA VAL B 105 2.25 -9.06 5.06
C VAL B 105 2.91 -8.25 6.20
N THR B 106 3.69 -7.19 5.84
CA THR B 106 4.39 -6.35 6.84
C THR B 106 3.38 -5.56 7.71
N CYS B 107 2.40 -4.94 7.04
CA CYS B 107 1.33 -4.16 7.71
C CYS B 107 0.42 -5.07 8.54
N LYS B 108 0.28 -6.34 8.09
CA LYS B 108 -0.57 -7.34 8.78
C LYS B 108 0.11 -7.77 10.07
N THR B 109 1.43 -8.06 9.99
CA THR B 109 2.25 -8.53 11.11
C THR B 109 2.30 -7.48 12.24
N VAL B 110 2.62 -6.21 11.87
CA VAL B 110 2.76 -5.11 12.85
C VAL B 110 1.39 -4.80 13.52
N ALA B 111 0.29 -4.98 12.73
CA ALA B 111 -1.09 -4.84 13.24
C ALA B 111 -1.47 -6.02 14.16
N ASN B 112 -0.96 -7.23 13.83
CA ASN B 112 -1.25 -8.47 14.59
C ASN B 112 -0.53 -8.48 15.94
N MET B 113 0.59 -7.73 16.04
CA MET B 113 1.36 -7.60 17.31
C MET B 113 0.50 -6.92 18.39
N ILE B 114 -0.30 -5.92 17.96
CA ILE B 114 -1.15 -5.14 18.88
C ILE B 114 -2.58 -5.73 18.95
N ARG B 115 -2.98 -6.46 17.90
CA ARG B 115 -4.30 -7.12 17.76
C ARG B 115 -4.39 -8.36 18.68
N GLY B 116 -3.34 -9.19 18.63
CA GLY B 116 -3.27 -10.45 19.37
C GLY B 116 -1.95 -10.56 20.13
N SER A 1 -25.74 6.64 -10.25
CA SER A 1 -26.17 6.93 -8.86
C SER A 1 -25.00 6.70 -7.88
N LEU A 2 -25.20 7.09 -6.61
CA LEU A 2 -24.21 6.88 -5.54
C LEU A 2 -24.02 5.38 -5.27
N VAL A 3 -22.79 4.86 -5.47
CA VAL A 3 -22.48 3.45 -5.23
C VAL A 3 -22.51 3.18 -3.70
N LYS A 4 -23.39 2.24 -3.32
CA LYS A 4 -23.72 1.96 -1.93
C LYS A 4 -22.65 1.05 -1.29
N LEU A 5 -21.54 1.66 -0.82
CA LEU A 5 -20.44 0.91 -0.18
C LEU A 5 -20.83 0.48 1.24
N GLU A 6 -21.49 -0.68 1.32
CA GLU A 6 -21.98 -1.27 2.56
C GLU A 6 -20.82 -1.92 3.33
N SER A 7 -20.48 -1.37 4.49
CA SER A 7 -19.35 -1.82 5.32
C SER A 7 -19.63 -3.17 6.01
N SER A 8 -18.58 -3.68 6.70
CA SER A 8 -18.67 -4.88 7.55
C SER A 8 -19.67 -4.65 8.72
N ASP A 9 -19.80 -3.38 9.13
CA ASP A 9 -20.70 -2.95 10.22
C ASP A 9 -22.12 -2.62 9.67
N GLU A 10 -22.37 -3.01 8.39
CA GLU A 10 -23.70 -2.95 7.70
C GLU A 10 -24.12 -1.52 7.31
N LYS A 11 -23.30 -0.51 7.65
CA LYS A 11 -23.62 0.91 7.33
C LYS A 11 -23.30 1.20 5.86
N VAL A 12 -24.31 1.66 5.12
CA VAL A 12 -24.28 1.82 3.66
C VAL A 12 -23.81 3.24 3.28
N PHE A 13 -22.52 3.36 2.89
CA PHE A 13 -21.90 4.63 2.53
C PHE A 13 -22.05 4.88 1.02
N GLU A 14 -23.13 5.60 0.68
CA GLU A 14 -23.43 6.01 -0.70
C GLU A 14 -22.47 7.14 -1.13
N ILE A 15 -21.27 6.75 -1.58
CA ILE A 15 -20.26 7.70 -2.09
C ILE A 15 -20.43 7.84 -3.62
N GLU A 16 -19.97 8.97 -4.18
CA GLU A 16 -19.96 9.16 -5.65
C GLU A 16 -19.07 8.10 -6.32
N LYS A 17 -19.57 7.54 -7.42
CA LYS A 17 -18.90 6.46 -8.17
C LYS A 17 -17.49 6.87 -8.60
N GLU A 18 -17.36 8.13 -9.04
CA GLU A 18 -16.08 8.73 -9.48
C GLU A 18 -15.01 8.75 -8.36
N ILE A 19 -15.47 8.90 -7.11
CA ILE A 19 -14.59 8.92 -5.92
C ILE A 19 -14.22 7.48 -5.50
N ALA A 20 -15.18 6.55 -5.69
CA ALA A 20 -14.98 5.11 -5.40
C ALA A 20 -14.03 4.46 -6.43
N CYS A 21 -13.85 5.13 -7.60
CA CYS A 21 -12.89 4.71 -8.63
C CYS A 21 -11.43 4.96 -8.18
N MET A 22 -11.22 5.94 -7.26
CA MET A 22 -9.89 6.23 -6.68
C MET A 22 -9.35 5.00 -5.93
N SER A 23 -10.26 4.28 -5.27
CA SER A 23 -9.99 2.97 -4.70
C SER A 23 -9.79 1.97 -5.86
N VAL A 24 -8.54 1.52 -6.05
CA VAL A 24 -8.16 0.62 -7.16
C VAL A 24 -8.92 -0.71 -7.03
N THR A 25 -9.00 -1.25 -5.80
CA THR A 25 -9.67 -2.54 -5.52
C THR A 25 -11.19 -2.48 -5.83
N ILE A 26 -11.88 -1.45 -5.29
CA ILE A 26 -13.34 -1.26 -5.52
C ILE A 26 -13.61 -1.02 -7.01
N LYS A 27 -12.75 -0.23 -7.67
CA LYS A 27 -12.83 0.03 -9.11
C LYS A 27 -12.68 -1.26 -9.92
N ASN A 28 -11.76 -2.15 -9.47
CA ASN A 28 -11.50 -3.44 -10.14
C ASN A 28 -12.68 -4.40 -9.94
N MET A 29 -13.42 -4.25 -8.81
CA MET A 29 -14.65 -5.03 -8.54
C MET A 29 -15.78 -4.58 -9.50
N ILE A 30 -15.84 -3.26 -9.75
CA ILE A 30 -16.78 -2.65 -10.69
C ILE A 30 -16.50 -3.15 -12.13
N GLU A 31 -15.22 -3.02 -12.54
CA GLU A 31 -14.74 -3.40 -13.90
C GLU A 31 -14.84 -4.93 -14.12
N ASP A 32 -14.75 -5.70 -13.03
CA ASP A 32 -14.83 -7.17 -13.04
C ASP A 32 -16.21 -7.63 -13.54
N ILE A 33 -17.25 -6.97 -13.02
CA ILE A 33 -18.67 -7.24 -13.36
C ILE A 33 -19.09 -6.35 -14.56
N GLY A 34 -18.10 -5.69 -15.21
CA GLY A 34 -18.37 -4.69 -16.25
C GLY A 34 -18.59 -3.33 -15.61
N GLU A 35 -19.69 -3.23 -14.86
CA GLU A 35 -19.97 -2.10 -13.95
C GLU A 35 -20.93 -2.56 -12.85
N SER A 36 -20.84 -1.93 -11.66
CA SER A 36 -21.69 -2.26 -10.50
C SER A 36 -22.03 -0.97 -9.72
N ASP A 37 -23.14 -0.34 -10.11
CA ASP A 37 -23.71 0.84 -9.43
C ASP A 37 -24.39 0.39 -8.13
N SER A 38 -24.85 -0.88 -8.13
CA SER A 38 -25.51 -1.56 -7.01
C SER A 38 -24.60 -1.69 -5.75
N PRO A 39 -25.20 -1.94 -4.52
CA PRO A 39 -24.44 -2.04 -3.24
C PRO A 39 -23.22 -2.99 -3.28
N ILE A 40 -22.02 -2.41 -3.22
CA ILE A 40 -20.76 -3.14 -3.10
C ILE A 40 -20.44 -3.32 -1.61
N PRO A 41 -20.46 -4.59 -1.09
CA PRO A 41 -20.12 -4.88 0.32
C PRO A 41 -18.59 -5.00 0.51
N LEU A 42 -18.06 -4.27 1.51
CA LEU A 42 -16.66 -4.40 1.96
C LEU A 42 -16.65 -5.11 3.33
N PRO A 43 -16.59 -6.49 3.36
CA PRO A 43 -16.73 -7.28 4.61
C PRO A 43 -15.48 -7.22 5.50
N ASN A 44 -14.36 -6.73 4.95
CA ASN A 44 -13.10 -6.57 5.68
C ASN A 44 -13.15 -5.33 6.58
N VAL A 45 -13.38 -4.16 5.96
CA VAL A 45 -13.29 -2.85 6.65
C VAL A 45 -14.64 -2.46 7.30
N THR A 46 -14.57 -1.97 8.55
CA THR A 46 -15.76 -1.55 9.34
C THR A 46 -16.21 -0.14 8.93
N SER A 47 -17.34 0.30 9.51
CA SER A 47 -18.00 1.57 9.17
C SER A 47 -17.16 2.79 9.53
N THR A 48 -16.63 2.81 10.76
CA THR A 48 -15.87 3.95 11.31
C THR A 48 -14.63 4.27 10.46
N ILE A 49 -13.92 3.21 10.05
CA ILE A 49 -12.69 3.31 9.27
C ILE A 49 -13.03 3.66 7.80
N LEU A 50 -14.00 2.93 7.21
CA LEU A 50 -14.40 3.11 5.79
C LEU A 50 -14.96 4.53 5.54
N GLU A 51 -15.73 5.04 6.53
CA GLU A 51 -16.33 6.39 6.49
C GLU A 51 -15.25 7.47 6.32
N LYS A 52 -14.23 7.39 7.20
CA LYS A 52 -13.09 8.31 7.20
C LYS A 52 -12.29 8.21 5.89
N VAL A 53 -12.02 6.98 5.44
CA VAL A 53 -11.21 6.71 4.23
C VAL A 53 -11.90 7.27 2.97
N LEU A 54 -13.24 7.11 2.87
CA LEU A 54 -14.03 7.60 1.72
C LEU A 54 -14.17 9.13 1.74
N ASP A 55 -14.27 9.70 2.96
CA ASP A 55 -14.42 11.15 3.17
C ASP A 55 -13.08 11.86 2.88
N TYR A 56 -11.98 11.17 3.17
CA TYR A 56 -10.62 11.65 2.87
C TYR A 56 -10.37 11.60 1.35
N CYS A 57 -10.74 10.46 0.74
CA CYS A 57 -10.61 10.25 -0.72
C CYS A 57 -11.47 11.25 -1.49
N ARG A 58 -12.62 11.63 -0.89
CA ARG A 58 -13.50 12.68 -1.44
C ARG A 58 -12.79 14.03 -1.43
N HIS A 59 -12.14 14.38 -0.29
CA HIS A 59 -11.40 15.66 -0.17
C HIS A 59 -10.20 15.69 -1.14
N HIS A 60 -9.57 14.51 -1.34
CA HIS A 60 -8.44 14.35 -2.26
C HIS A 60 -8.94 14.26 -3.72
N HIS A 61 -10.24 14.00 -3.90
CA HIS A 61 -10.89 14.03 -5.22
C HIS A 61 -11.23 15.48 -5.61
N GLN A 62 -11.61 16.29 -4.59
CA GLN A 62 -11.90 17.73 -4.77
C GLN A 62 -10.58 18.50 -5.05
N HIS A 63 -9.49 18.02 -4.42
CA HIS A 63 -8.14 18.59 -4.59
C HIS A 63 -7.16 17.43 -4.88
N PRO A 64 -6.91 17.08 -6.19
CA PRO A 64 -6.02 15.94 -6.57
C PRO A 64 -4.56 16.12 -6.11
N GLY A 65 -4.20 17.34 -5.71
CA GLY A 65 -2.90 17.64 -5.11
C GLY A 65 -3.01 18.61 -3.96
N GLY A 66 -3.86 19.65 -4.14
CA GLY A 66 -4.04 20.72 -3.14
C GLY A 66 -3.08 21.88 -3.35
N SER A 67 -3.60 23.12 -3.31
CA SER A 67 -2.79 24.33 -3.51
C SER A 67 -1.92 24.67 -2.27
N GLY A 68 -2.10 23.89 -1.17
CA GLY A 68 -1.33 24.06 0.05
C GLY A 68 0.14 23.67 -0.11
N LEU A 69 1.02 24.68 -0.18
CA LEU A 69 2.50 24.49 -0.24
C LEU A 69 3.02 23.91 1.10
N ASP A 70 2.96 22.55 1.21
CA ASP A 70 3.25 21.76 2.46
C ASP A 70 2.21 22.09 3.57
N ASP A 71 1.16 22.82 3.18
CA ASP A 71 0.15 23.35 4.09
C ASP A 71 -0.99 22.34 4.17
N ILE A 72 -0.90 21.47 5.18
CA ILE A 72 -1.87 20.42 5.45
C ILE A 72 -3.15 21.07 6.03
N PRO A 73 -4.35 20.91 5.35
CA PRO A 73 -5.63 21.46 5.86
C PRO A 73 -6.03 20.86 7.23
N PRO A 74 -6.75 21.63 8.11
CA PRO A 74 -7.10 21.19 9.50
C PRO A 74 -7.79 19.83 9.54
N TYR A 75 -8.63 19.54 8.52
CA TYR A 75 -9.31 18.24 8.36
C TYR A 75 -8.28 17.10 8.33
N ASP A 76 -7.33 17.21 7.40
CA ASP A 76 -6.38 16.13 7.07
C ASP A 76 -5.36 15.92 8.21
N ARG A 77 -5.09 16.99 8.97
CA ARG A 77 -4.18 16.97 10.12
C ARG A 77 -4.83 16.22 11.30
N ASP A 78 -6.07 16.61 11.65
CA ASP A 78 -6.86 15.97 12.73
C ASP A 78 -7.33 14.56 12.35
N PHE A 79 -7.40 14.31 11.03
CA PHE A 79 -7.70 12.97 10.47
C PHE A 79 -6.66 11.94 10.95
N CYS A 80 -5.38 12.36 10.86
CA CYS A 80 -4.23 11.54 11.25
C CYS A 80 -4.14 11.35 12.77
N LYS A 81 -4.85 12.22 13.53
CA LYS A 81 -4.92 12.13 15.00
C LYS A 81 -5.96 11.08 15.41
N VAL A 82 -5.55 9.83 15.30
CA VAL A 82 -6.33 8.66 15.75
C VAL A 82 -5.45 7.83 16.70
N ASP A 83 -6.05 6.78 17.31
CA ASP A 83 -5.30 5.85 18.19
C ASP A 83 -4.29 5.05 17.35
N GLN A 84 -3.26 4.50 17.99
CA GLN A 84 -2.21 3.71 17.29
C GLN A 84 -2.78 2.42 16.61
N PRO A 85 -3.72 1.62 17.25
CA PRO A 85 -4.44 0.53 16.55
C PRO A 85 -5.30 1.07 15.37
N THR A 86 -6.00 2.19 15.62
CA THR A 86 -6.89 2.84 14.64
C THR A 86 -6.09 3.38 13.43
N LEU A 87 -4.82 3.77 13.69
CA LEU A 87 -3.90 4.29 12.67
C LEU A 87 -3.54 3.16 11.70
N PHE A 88 -3.25 1.98 12.27
CA PHE A 88 -2.97 0.77 11.49
C PHE A 88 -4.22 0.27 10.77
N GLU A 89 -5.42 0.51 11.35
CA GLU A 89 -6.70 0.20 10.70
C GLU A 89 -6.87 1.01 9.41
N LEU A 90 -6.46 2.30 9.44
CA LEU A 90 -6.48 3.17 8.25
C LEU A 90 -5.47 2.65 7.19
N ILE A 91 -4.27 2.24 7.66
CA ILE A 91 -3.22 1.64 6.80
C ILE A 91 -3.75 0.34 6.14
N LEU A 92 -4.46 -0.49 6.93
CA LEU A 92 -5.00 -1.78 6.48
C LEU A 92 -6.20 -1.60 5.54
N ALA A 93 -6.93 -0.47 5.70
CA ALA A 93 -8.04 -0.11 4.83
C ALA A 93 -7.51 0.28 3.43
N ALA A 94 -6.45 1.09 3.42
CA ALA A 94 -5.77 1.52 2.18
C ALA A 94 -4.99 0.36 1.54
N ASN A 95 -4.55 -0.59 2.38
CA ASN A 95 -3.85 -1.83 1.96
C ASN A 95 -4.85 -2.76 1.23
N TYR A 96 -6.08 -2.84 1.80
CA TYR A 96 -7.20 -3.65 1.26
C TYR A 96 -7.83 -3.00 0.02
N LEU A 97 -7.88 -1.65 -0.01
CA LEU A 97 -8.58 -0.89 -1.08
C LEU A 97 -7.60 -0.32 -2.13
N ASP A 98 -6.27 -0.49 -1.89
CA ASP A 98 -5.18 -0.01 -2.77
C ASP A 98 -5.26 1.52 -3.02
N ILE A 99 -5.78 2.24 -2.02
CA ILE A 99 -5.88 3.71 -2.07
C ILE A 99 -4.52 4.32 -1.74
N LYS A 100 -3.76 4.61 -2.80
CA LYS A 100 -2.42 5.22 -2.71
C LYS A 100 -2.42 6.59 -1.95
N PRO A 101 -3.41 7.55 -2.18
CA PRO A 101 -3.52 8.79 -1.36
C PRO A 101 -3.48 8.54 0.18
N LEU A 102 -4.34 7.64 0.65
CA LEU A 102 -4.51 7.36 2.09
C LEU A 102 -3.31 6.56 2.63
N LEU A 103 -2.85 5.58 1.82
CA LEU A 103 -1.72 4.69 2.17
C LEU A 103 -0.44 5.51 2.36
N ASP A 104 -0.18 6.42 1.39
CA ASP A 104 1.01 7.28 1.35
C ASP A 104 1.08 8.15 2.61
N VAL A 105 -0.02 8.86 2.90
CA VAL A 105 -0.08 9.84 3.98
C VAL A 105 -0.03 9.18 5.38
N THR A 106 -0.89 8.17 5.63
CA THR A 106 -1.06 7.56 6.97
C THR A 106 0.21 6.78 7.43
N CYS A 107 0.83 6.03 6.48
CA CYS A 107 2.08 5.29 6.76
C CYS A 107 3.27 6.25 6.93
N LYS A 108 3.21 7.40 6.22
CA LYS A 108 4.23 8.46 6.30
C LYS A 108 4.12 9.24 7.61
N THR A 109 2.87 9.37 8.13
CA THR A 109 2.58 10.07 9.39
C THR A 109 3.14 9.28 10.59
N VAL A 110 2.88 7.95 10.62
CA VAL A 110 3.39 7.07 11.69
C VAL A 110 4.94 7.05 11.68
N ALA A 111 5.50 7.18 10.45
CA ALA A 111 6.94 7.37 10.26
C ALA A 111 7.41 8.71 10.85
N ASN A 112 6.67 9.81 10.57
CA ASN A 112 7.01 11.17 11.07
C ASN A 112 7.02 11.22 12.61
N MET A 113 6.12 10.44 13.24
CA MET A 113 5.96 10.39 14.70
C MET A 113 7.20 9.77 15.37
N ILE A 114 7.71 8.66 14.79
CA ILE A 114 8.91 7.97 15.33
C ILE A 114 10.19 8.75 14.97
N ARG A 115 10.17 9.48 13.83
CA ARG A 115 11.30 10.31 13.37
C ARG A 115 11.34 11.62 14.18
N GLY A 116 12.05 11.57 15.31
CA GLY A 116 12.29 12.74 16.14
C GLY A 116 13.76 12.82 16.57
N SER B 1 18.43 -9.28 -19.68
CA SER B 1 19.44 -9.35 -18.61
C SER B 1 18.83 -8.90 -17.26
N LEU B 2 19.61 -9.08 -16.16
CA LEU B 2 19.22 -8.66 -14.81
C LEU B 2 19.09 -7.12 -14.75
N VAL B 3 17.89 -6.60 -14.42
CA VAL B 3 17.68 -5.16 -14.30
C VAL B 3 18.40 -4.63 -13.03
N LYS B 4 19.31 -3.69 -13.26
CA LYS B 4 20.23 -3.18 -12.24
C LYS B 4 19.52 -2.14 -11.35
N LEU B 5 18.80 -2.60 -10.32
CA LEU B 5 18.07 -1.72 -9.39
C LEU B 5 19.06 -1.07 -8.40
N GLU B 6 19.63 0.06 -8.83
CA GLU B 6 20.62 0.83 -8.07
C GLU B 6 19.90 1.64 -6.97
N SER B 7 20.16 1.30 -5.71
CA SER B 7 19.50 1.93 -4.55
C SER B 7 20.00 3.37 -4.28
N SER B 8 19.37 4.02 -3.30
CA SER B 8 19.79 5.34 -2.78
C SER B 8 21.22 5.29 -2.20
N ASP B 9 21.59 4.11 -1.68
CA ASP B 9 22.91 3.84 -1.08
C ASP B 9 23.92 3.35 -2.15
N GLU B 10 23.55 3.53 -3.45
CA GLU B 10 24.41 3.29 -4.64
C GLU B 10 24.66 1.80 -4.95
N LYS B 11 24.14 0.89 -4.09
CA LYS B 11 24.34 -0.57 -4.28
C LYS B 11 23.39 -1.09 -5.37
N VAL B 12 23.98 -1.69 -6.41
CA VAL B 12 23.29 -2.11 -7.62
C VAL B 12 22.77 -3.55 -7.47
N PHE B 13 21.46 -3.68 -7.25
CA PHE B 13 20.79 -4.98 -7.07
C PHE B 13 20.25 -5.49 -8.41
N GLU B 14 21.07 -6.31 -9.09
CA GLU B 14 20.70 -6.95 -10.35
C GLU B 14 19.71 -8.10 -10.10
N ILE B 15 18.43 -7.76 -10.01
CA ILE B 15 17.34 -8.74 -9.84
C ILE B 15 16.79 -9.12 -11.23
N GLU B 16 16.17 -10.32 -11.33
CA GLU B 16 15.50 -10.75 -12.56
C GLU B 16 14.36 -9.79 -12.90
N LYS B 17 14.28 -9.43 -14.19
CA LYS B 17 13.30 -8.46 -14.72
C LYS B 17 11.86 -8.89 -14.38
N GLU B 18 11.59 -10.20 -14.52
CA GLU B 18 10.29 -10.82 -14.21
C GLU B 18 9.86 -10.60 -12.73
N ILE B 19 10.84 -10.58 -11.82
CA ILE B 19 10.61 -10.36 -10.37
C ILE B 19 10.41 -8.86 -10.08
N ALA B 20 11.13 -8.01 -10.84
CA ALA B 20 11.02 -6.55 -10.74
C ALA B 20 9.68 -6.03 -11.31
N CYS B 21 9.01 -6.88 -12.13
CA CYS B 21 7.67 -6.61 -12.66
C CYS B 21 6.60 -6.72 -11.55
N MET B 22 6.88 -7.52 -10.50
CA MET B 22 5.97 -7.67 -9.32
C MET B 22 5.79 -6.30 -8.62
N SER B 23 6.87 -5.52 -8.59
CA SER B 23 6.83 -4.12 -8.19
C SER B 23 6.08 -3.33 -9.26
N VAL B 24 4.86 -2.88 -8.93
CA VAL B 24 3.99 -2.16 -9.87
C VAL B 24 4.65 -0.86 -10.33
N THR B 25 5.25 -0.11 -9.38
CA THR B 25 5.91 1.18 -9.66
C THR B 25 7.12 1.01 -10.61
N ILE B 26 8.03 0.06 -10.30
CA ILE B 26 9.23 -0.23 -11.13
C ILE B 26 8.80 -0.71 -12.53
N LYS B 27 7.76 -1.57 -12.57
CA LYS B 27 7.19 -2.08 -13.83
C LYS B 27 6.63 -0.94 -14.68
N ASN B 28 5.97 0.04 -14.01
CA ASN B 28 5.39 1.20 -14.68
C ASN B 28 6.48 2.14 -15.22
N MET B 29 7.65 2.17 -14.54
CA MET B 29 8.84 2.93 -15.00
C MET B 29 9.42 2.28 -16.29
N ILE B 30 9.42 0.94 -16.31
CA ILE B 30 9.85 0.14 -17.47
C ILE B 30 8.92 0.40 -18.67
N GLU B 31 7.60 0.25 -18.43
CA GLU B 31 6.53 0.43 -19.45
C GLU B 31 6.46 1.89 -19.95
N ASP B 32 6.86 2.83 -19.06
CA ASP B 32 6.85 4.27 -19.36
C ASP B 32 7.83 4.61 -20.48
N ILE B 33 9.01 4.00 -20.41
CA ILE B 33 10.09 4.16 -21.41
C ILE B 33 9.97 3.07 -22.50
N GLY B 34 8.84 2.33 -22.48
CA GLY B 34 8.64 1.18 -23.36
C GLY B 34 9.18 -0.08 -22.70
N GLU B 35 10.51 -0.10 -22.53
CA GLU B 35 11.20 -1.08 -21.68
C GLU B 35 12.56 -0.50 -21.25
N SER B 36 13.03 -0.88 -20.06
CA SER B 36 14.31 -0.39 -19.49
C SER B 36 15.03 -1.53 -18.75
N ASP B 37 15.86 -2.27 -19.50
CA ASP B 37 16.75 -3.33 -18.95
C ASP B 37 17.93 -2.69 -18.21
N SER B 38 18.27 -1.46 -18.64
CA SER B 38 19.34 -0.62 -18.09
C SER B 38 19.09 -0.23 -16.59
N PRO B 39 20.18 0.19 -15.83
CA PRO B 39 20.09 0.52 -14.38
C PRO B 39 18.94 1.49 -14.01
N ILE B 40 17.93 0.96 -13.31
CA ILE B 40 16.82 1.75 -12.74
C ILE B 40 17.22 2.21 -11.32
N PRO B 41 17.44 3.54 -11.08
CA PRO B 41 17.76 4.07 -9.74
C PRO B 41 16.49 4.28 -8.90
N LEU B 42 16.50 3.75 -7.66
CA LEU B 42 15.46 4.00 -6.66
C LEU B 42 16.06 4.93 -5.57
N PRO B 43 15.96 6.29 -5.74
CA PRO B 43 16.62 7.27 -4.84
C PRO B 43 15.92 7.43 -3.48
N ASN B 44 14.70 6.87 -3.36
CA ASN B 44 13.91 6.90 -2.11
C ASN B 44 14.41 5.82 -1.14
N VAL B 45 14.41 4.56 -1.60
CA VAL B 45 14.69 3.39 -0.74
C VAL B 45 16.21 3.06 -0.74
N THR B 46 16.75 2.81 0.46
CA THR B 46 18.17 2.49 0.70
C THR B 46 18.46 1.00 0.35
N SER B 47 19.74 0.63 0.42
CA SER B 47 20.22 -0.70 0.01
C SER B 47 19.70 -1.82 0.91
N THR B 48 19.79 -1.60 2.24
CA THR B 48 19.42 -2.60 3.26
C THR B 48 17.94 -3.02 3.13
N ILE B 49 17.09 -2.01 2.92
CA ILE B 49 15.64 -2.20 2.82
C ILE B 49 15.28 -2.81 1.45
N LEU B 50 15.83 -2.23 0.36
CA LEU B 50 15.55 -2.66 -1.03
C LEU B 50 15.99 -4.12 -1.27
N GLU B 51 17.15 -4.49 -0.68
CA GLU B 51 17.73 -5.86 -0.78
C GLU B 51 16.74 -6.90 -0.24
N LYS B 52 16.24 -6.64 0.98
CA LYS B 52 15.28 -7.49 1.65
C LYS B 52 13.95 -7.59 0.87
N VAL B 53 13.45 -6.43 0.39
CA VAL B 53 12.17 -6.36 -0.33
C VAL B 53 12.23 -7.14 -1.67
N LEU B 54 13.37 -7.06 -2.38
CA LEU B 54 13.58 -7.76 -3.67
C LEU B 54 13.77 -9.27 -3.46
N ASP B 55 14.44 -9.62 -2.35
CA ASP B 55 14.73 -11.03 -1.99
C ASP B 55 13.45 -11.73 -1.52
N TYR B 56 12.56 -10.95 -0.87
CA TYR B 56 11.24 -11.43 -0.43
C TYR B 56 10.33 -11.62 -1.64
N CYS B 57 10.31 -10.62 -2.54
CA CYS B 57 9.52 -10.65 -3.78
C CYS B 57 9.98 -11.79 -4.69
N ARG B 58 11.29 -12.11 -4.62
CA ARG B 58 11.86 -13.26 -5.34
C ARG B 58 11.29 -14.57 -4.77
N HIS B 59 11.25 -14.70 -3.43
CA HIS B 59 10.71 -15.90 -2.76
C HIS B 59 9.21 -16.06 -3.06
N HIS B 60 8.51 -14.92 -3.14
CA HIS B 60 7.08 -14.87 -3.45
C HIS B 60 6.84 -15.02 -4.98
N HIS B 61 7.90 -14.87 -5.77
CA HIS B 61 7.88 -15.14 -7.23
C HIS B 61 8.06 -16.64 -7.47
N GLN B 62 8.90 -17.29 -6.63
CA GLN B 62 9.14 -18.73 -6.68
C GLN B 62 7.88 -19.48 -6.19
N HIS B 63 7.19 -18.87 -5.22
CA HIS B 63 5.94 -19.40 -4.64
C HIS B 63 4.89 -18.27 -4.65
N PRO B 64 4.03 -18.17 -5.73
CA PRO B 64 3.01 -17.09 -5.85
C PRO B 64 1.93 -17.11 -4.75
N GLY B 65 1.89 -18.20 -3.97
CA GLY B 65 1.02 -18.32 -2.80
C GLY B 65 1.70 -19.12 -1.68
N GLY B 66 2.38 -20.21 -2.07
CA GLY B 66 3.04 -21.12 -1.13
C GLY B 66 2.12 -22.26 -0.70
N SER B 67 2.67 -23.49 -0.67
CA SER B 67 1.92 -24.71 -0.27
C SER B 67 1.74 -24.78 1.28
N GLY B 68 2.37 -23.84 2.00
CA GLY B 68 2.26 -23.74 3.45
C GLY B 68 0.86 -23.34 3.91
N LEU B 69 0.09 -24.33 4.41
CA LEU B 69 -1.25 -24.11 5.02
C LEU B 69 -1.12 -23.29 6.34
N ASP B 70 -1.07 -21.94 6.18
CA ASP B 70 -0.80 -20.95 7.28
C ASP B 70 0.65 -21.12 7.81
N ASP B 71 1.43 -21.96 7.12
CA ASP B 71 2.78 -22.35 7.53
C ASP B 71 3.77 -21.38 6.90
N ILE B 72 4.10 -20.35 7.68
CA ILE B 72 5.06 -19.32 7.30
C ILE B 72 6.49 -19.90 7.32
N PRO B 73 7.23 -19.91 6.16
CA PRO B 73 8.63 -20.40 6.10
C PRO B 73 9.57 -19.58 7.02
N PRO B 74 10.65 -20.23 7.60
CA PRO B 74 11.58 -19.59 8.57
C PRO B 74 12.17 -18.25 8.06
N TYR B 75 12.41 -18.17 6.73
CA TYR B 75 12.88 -16.93 6.08
C TYR B 75 11.90 -15.78 6.33
N ASP B 76 10.64 -16.00 5.98
CA ASP B 76 9.59 -14.97 5.93
C ASP B 76 9.20 -14.54 7.36
N ARG B 77 9.36 -15.46 8.33
CA ARG B 77 9.09 -15.21 9.75
C ARG B 77 10.18 -14.30 10.35
N ASP B 78 11.44 -14.68 10.14
CA ASP B 78 12.61 -13.91 10.63
C ASP B 78 12.80 -12.60 9.84
N PHE B 79 12.25 -12.56 8.61
CA PHE B 79 12.20 -11.36 7.76
C PHE B 79 11.46 -10.22 8.49
N CYS B 80 10.30 -10.59 9.06
CA CYS B 80 9.42 -9.67 9.78
C CYS B 80 10.04 -9.22 11.13
N LYS B 81 11.04 -9.99 11.62
CA LYS B 81 11.77 -9.66 12.86
C LYS B 81 12.82 -8.57 12.60
N VAL B 82 12.36 -7.34 12.45
CA VAL B 82 13.21 -6.15 12.28
C VAL B 82 12.85 -5.13 13.38
N ASP B 83 13.61 -4.02 13.46
CA ASP B 83 13.29 -2.91 14.41
C ASP B 83 11.97 -2.26 14.01
N GLN B 84 11.31 -1.57 14.96
CA GLN B 84 10.03 -0.89 14.70
C GLN B 84 10.18 0.24 13.62
N PRO B 85 11.26 1.12 13.63
CA PRO B 85 11.54 2.05 12.51
C PRO B 85 11.77 1.30 11.18
N THR B 86 12.56 0.20 11.24
CA THR B 86 12.92 -0.62 10.08
C THR B 86 11.68 -1.35 9.49
N LEU B 87 10.71 -1.64 10.36
CA LEU B 87 9.44 -2.28 10.00
C LEU B 87 8.62 -1.32 9.13
N PHE B 88 8.57 -0.05 9.57
CA PHE B 88 7.90 1.03 8.81
C PHE B 88 8.67 1.35 7.52
N GLU B 89 10.01 1.17 7.52
CA GLU B 89 10.84 1.32 6.31
C GLU B 89 10.44 0.29 5.23
N LEU B 90 10.14 -0.95 5.66
CA LEU B 90 9.66 -2.02 4.77
C LEU B 90 8.25 -1.65 4.22
N ILE B 91 7.37 -1.12 5.11
CA ILE B 91 6.03 -0.63 4.73
C ILE B 91 6.14 0.52 3.71
N LEU B 92 7.09 1.44 3.92
CA LEU B 92 7.31 2.62 3.07
C LEU B 92 7.95 2.23 1.73
N ALA B 93 8.72 1.13 1.73
CA ALA B 93 9.33 0.57 0.50
C ALA B 93 8.23 -0.01 -0.40
N ALA B 94 7.33 -0.78 0.22
CA ALA B 94 6.17 -1.39 -0.48
C ALA B 94 5.13 -0.32 -0.88
N ASN B 95 5.09 0.77 -0.10
CA ASN B 95 4.22 1.95 -0.35
C ASN B 95 4.73 2.70 -1.60
N TYR B 96 6.07 2.84 -1.68
CA TYR B 96 6.78 3.50 -2.80
C TYR B 96 6.80 2.62 -4.07
N LEU B 97 6.89 1.30 -3.89
CA LEU B 97 7.05 0.34 -5.01
C LEU B 97 5.73 -0.37 -5.39
N ASP B 98 4.65 -0.10 -4.60
CA ASP B 98 3.30 -0.69 -4.78
C ASP B 98 3.32 -2.23 -4.78
N ILE B 99 4.29 -2.81 -4.03
CA ILE B 99 4.42 -4.27 -3.89
C ILE B 99 3.38 -4.76 -2.87
N LYS B 100 2.23 -5.19 -3.40
CA LYS B 100 1.11 -5.74 -2.61
C LYS B 100 1.53 -6.95 -1.71
N PRO B 101 2.35 -7.96 -2.20
CA PRO B 101 2.89 -9.05 -1.33
C PRO B 101 3.53 -8.55 -0.02
N LEU B 102 4.47 -7.61 -0.15
CA LEU B 102 5.27 -7.11 0.99
C LEU B 102 4.42 -6.18 1.87
N LEU B 103 3.59 -5.33 1.22
CA LEU B 103 2.71 -4.36 1.90
C LEU B 103 1.70 -5.09 2.80
N ASP B 104 1.06 -6.13 2.22
CA ASP B 104 0.03 -6.93 2.89
C ASP B 104 0.58 -7.58 4.16
N VAL B 105 1.72 -8.27 4.01
CA VAL B 105 2.32 -9.07 5.08
C VAL B 105 2.88 -8.18 6.22
N THR B 106 3.71 -7.17 5.88
CA THR B 106 4.45 -6.36 6.86
C THR B 106 3.50 -5.45 7.71
N CYS B 107 2.48 -4.86 7.05
CA CYS B 107 1.46 -4.04 7.75
C CYS B 107 0.52 -4.91 8.61
N LYS B 108 0.31 -6.17 8.15
CA LYS B 108 -0.52 -7.15 8.86
C LYS B 108 0.23 -7.71 10.09
N THR B 109 1.58 -7.79 9.99
CA THR B 109 2.44 -8.29 11.06
C THR B 109 2.47 -7.28 12.23
N VAL B 110 2.64 -5.98 11.93
CA VAL B 110 2.64 -4.92 12.96
C VAL B 110 1.26 -4.84 13.65
N ALA B 111 0.20 -5.15 12.87
CA ALA B 111 -1.15 -5.31 13.38
C ALA B 111 -1.24 -6.51 14.33
N ASN B 112 -0.67 -7.67 13.92
CA ASN B 112 -0.69 -8.91 14.74
C ASN B 112 0.02 -8.71 16.09
N MET B 113 1.08 -7.86 16.10
CA MET B 113 1.89 -7.59 17.31
C MET B 113 1.07 -6.81 18.35
N ILE B 114 0.31 -5.79 17.89
CA ILE B 114 -0.53 -4.97 18.80
C ILE B 114 -1.80 -5.75 19.22
N ARG B 115 -2.27 -6.66 18.34
CA ARG B 115 -3.43 -7.51 18.60
C ARG B 115 -3.04 -8.67 19.53
N GLY B 116 -3.16 -8.41 20.84
CA GLY B 116 -2.92 -9.42 21.88
C GLY B 116 -4.04 -9.38 22.92
N SER A 1 -26.39 9.38 -8.15
CA SER A 1 -26.85 8.26 -7.31
C SER A 1 -25.76 7.86 -6.31
N LEU A 2 -26.20 7.48 -5.10
CA LEU A 2 -25.32 7.03 -4.03
C LEU A 2 -25.12 5.50 -4.15
N VAL A 3 -23.85 5.06 -4.33
CA VAL A 3 -23.49 3.63 -4.32
C VAL A 3 -23.39 3.14 -2.85
N LYS A 4 -24.11 2.05 -2.58
CA LYS A 4 -24.27 1.49 -1.23
C LYS A 4 -23.04 0.64 -0.85
N LEU A 5 -22.05 1.28 -0.19
CA LEU A 5 -20.83 0.61 0.29
C LEU A 5 -21.06 0.08 1.70
N GLU A 6 -21.52 -1.17 1.78
CA GLU A 6 -21.70 -1.86 3.06
C GLU A 6 -20.33 -2.34 3.58
N SER A 7 -20.00 -1.95 4.82
CA SER A 7 -18.78 -2.37 5.51
C SER A 7 -18.92 -3.80 6.08
N SER A 8 -17.82 -4.32 6.64
CA SER A 8 -17.80 -5.62 7.34
C SER A 8 -18.65 -5.56 8.63
N ASP A 9 -18.88 -4.32 9.15
CA ASP A 9 -19.74 -4.07 10.31
C ASP A 9 -21.23 -3.87 9.87
N GLU A 10 -21.52 -4.25 8.59
CA GLU A 10 -22.88 -4.30 8.01
C GLU A 10 -23.52 -2.89 7.83
N LYS A 11 -22.71 -1.83 7.99
CA LYS A 11 -23.19 -0.44 7.89
C LYS A 11 -23.05 0.05 6.44
N VAL A 12 -24.19 0.47 5.86
CA VAL A 12 -24.28 0.83 4.44
C VAL A 12 -23.98 2.33 4.25
N PHE A 13 -22.73 2.64 3.85
CA PHE A 13 -22.29 4.01 3.57
C PHE A 13 -22.52 4.33 2.10
N GLU A 14 -23.66 4.97 1.82
CA GLU A 14 -24.06 5.38 0.49
C GLU A 14 -23.30 6.67 0.09
N ILE A 15 -22.08 6.48 -0.44
CA ILE A 15 -21.23 7.59 -0.94
C ILE A 15 -21.60 7.90 -2.41
N GLU A 16 -21.30 9.14 -2.85
CA GLU A 16 -21.49 9.56 -4.24
C GLU A 16 -20.63 8.69 -5.17
N LYS A 17 -21.24 8.24 -6.27
CA LYS A 17 -20.69 7.22 -7.17
C LYS A 17 -19.39 7.67 -7.85
N GLU A 18 -19.33 8.96 -8.22
CA GLU A 18 -18.15 9.59 -8.87
C GLU A 18 -16.93 9.60 -7.91
N ILE A 19 -17.21 9.70 -6.60
CA ILE A 19 -16.17 9.77 -5.55
C ILE A 19 -15.65 8.36 -5.19
N ALA A 20 -16.54 7.36 -5.25
CA ALA A 20 -16.18 5.93 -5.00
C ALA A 20 -15.16 5.40 -6.04
N CYS A 21 -15.21 5.99 -7.24
CA CYS A 21 -14.31 5.68 -8.35
C CYS A 21 -12.84 6.08 -8.06
N MET A 22 -12.63 7.03 -7.12
CA MET A 22 -11.28 7.49 -6.71
C MET A 22 -10.47 6.36 -6.04
N SER A 23 -11.17 5.40 -5.46
CA SER A 23 -10.56 4.16 -4.98
C SER A 23 -10.37 3.22 -6.17
N VAL A 24 -9.16 2.66 -6.32
CA VAL A 24 -8.83 1.73 -7.43
C VAL A 24 -9.70 0.46 -7.32
N THR A 25 -9.68 -0.17 -6.13
CA THR A 25 -10.40 -1.43 -5.87
C THR A 25 -11.92 -1.27 -6.07
N ILE A 26 -12.53 -0.21 -5.50
CA ILE A 26 -13.99 0.04 -5.60
C ILE A 26 -14.40 0.29 -7.07
N LYS A 27 -13.59 1.10 -7.78
CA LYS A 27 -13.78 1.40 -9.22
C LYS A 27 -13.77 0.10 -10.04
N ASN A 28 -12.75 -0.73 -9.77
CA ASN A 28 -12.52 -2.03 -10.45
C ASN A 28 -13.63 -3.03 -10.12
N MET A 29 -14.21 -2.93 -8.90
CA MET A 29 -15.36 -3.76 -8.48
C MET A 29 -16.57 -3.43 -9.35
N ILE A 30 -16.88 -2.11 -9.46
CA ILE A 30 -18.02 -1.59 -10.25
C ILE A 30 -17.89 -2.03 -11.73
N GLU A 31 -16.67 -1.89 -12.28
CA GLU A 31 -16.37 -2.23 -13.69
C GLU A 31 -16.48 -3.75 -13.95
N ASP A 32 -15.96 -4.56 -13.01
CA ASP A 32 -15.94 -6.05 -13.12
C ASP A 32 -17.36 -6.63 -13.10
N ILE A 33 -18.19 -6.07 -12.20
CA ILE A 33 -19.62 -6.42 -12.06
C ILE A 33 -20.42 -5.88 -13.28
N GLY A 34 -19.88 -4.86 -13.96
CA GLY A 34 -20.53 -4.23 -15.12
C GLY A 34 -21.50 -3.13 -14.70
N GLU A 35 -21.33 -2.65 -13.44
CA GLU A 35 -22.10 -1.60 -12.80
C GLU A 35 -23.48 -2.11 -12.38
N SER A 36 -23.73 -2.11 -11.07
CA SER A 36 -24.99 -2.57 -10.47
C SER A 36 -25.31 -1.71 -9.24
N ASP A 37 -26.61 -1.55 -8.95
CA ASP A 37 -27.11 -0.80 -7.78
C ASP A 37 -27.07 -1.67 -6.51
N SER A 38 -26.67 -2.95 -6.67
CA SER A 38 -26.47 -3.91 -5.57
C SER A 38 -25.53 -3.33 -4.48
N PRO A 39 -25.92 -3.41 -3.16
CA PRO A 39 -25.06 -2.95 -2.04
C PRO A 39 -23.73 -3.71 -2.01
N ILE A 40 -22.64 -3.02 -2.42
CA ILE A 40 -21.28 -3.58 -2.50
C ILE A 40 -20.76 -3.91 -1.08
N PRO A 41 -20.62 -5.24 -0.73
CA PRO A 41 -20.11 -5.64 0.59
C PRO A 41 -18.56 -5.66 0.62
N LEU A 42 -17.98 -5.07 1.68
CA LEU A 42 -16.53 -5.01 1.89
C LEU A 42 -16.20 -5.75 3.20
N PRO A 43 -15.93 -7.11 3.13
CA PRO A 43 -15.72 -7.96 4.32
C PRO A 43 -14.27 -7.87 4.87
N ASN A 44 -13.85 -6.64 5.20
CA ASN A 44 -12.48 -6.34 5.66
C ASN A 44 -12.50 -5.01 6.41
N VAL A 45 -12.87 -3.94 5.69
CA VAL A 45 -12.90 -2.58 6.25
C VAL A 45 -14.17 -2.38 7.11
N THR A 46 -13.98 -1.98 8.38
CA THR A 46 -15.06 -1.80 9.36
C THR A 46 -15.80 -0.47 9.10
N SER A 47 -16.89 -0.22 9.86
CA SER A 47 -17.75 0.95 9.67
C SER A 47 -17.01 2.27 9.96
N THR A 48 -16.27 2.30 11.08
CA THR A 48 -15.53 3.48 11.53
C THR A 48 -14.44 3.88 10.51
N ILE A 49 -13.73 2.86 10.00
CA ILE A 49 -12.60 3.06 9.08
C ILE A 49 -13.12 3.46 7.69
N LEU A 50 -14.17 2.78 7.20
CA LEU A 50 -14.79 3.07 5.88
C LEU A 50 -15.43 4.47 5.87
N GLU A 51 -15.98 4.89 7.03
CA GLU A 51 -16.54 6.24 7.24
C GLU A 51 -15.47 7.31 6.95
N LYS A 52 -14.29 7.12 7.57
CA LYS A 52 -13.14 8.03 7.42
C LYS A 52 -12.66 8.07 5.96
N VAL A 53 -12.49 6.88 5.36
CA VAL A 53 -11.94 6.70 4.00
C VAL A 53 -12.79 7.45 2.96
N LEU A 54 -14.11 7.26 3.03
CA LEU A 54 -15.06 7.84 2.06
C LEU A 54 -15.22 9.36 2.23
N ASP A 55 -15.03 9.83 3.49
CA ASP A 55 -15.11 11.26 3.82
C ASP A 55 -13.86 12.00 3.26
N TYR A 56 -12.69 11.32 3.37
CA TYR A 56 -11.41 11.86 2.88
C TYR A 56 -11.37 11.84 1.34
N CYS A 57 -11.95 10.79 0.74
CA CYS A 57 -12.09 10.67 -0.71
C CYS A 57 -12.94 11.83 -1.24
N ARG A 58 -14.00 12.19 -0.49
CA ARG A 58 -14.86 13.36 -0.81
C ARG A 58 -14.04 14.65 -0.78
N HIS A 59 -13.26 14.84 0.29
CA HIS A 59 -12.40 16.03 0.48
C HIS A 59 -11.46 16.24 -0.73
N HIS A 60 -10.78 15.16 -1.12
CA HIS A 60 -9.82 15.17 -2.23
C HIS A 60 -10.55 15.23 -3.59
N HIS A 61 -11.86 14.90 -3.61
CA HIS A 61 -12.69 15.00 -4.83
C HIS A 61 -13.14 16.45 -5.07
N GLN A 62 -13.51 17.12 -3.96
CA GLN A 62 -13.99 18.53 -4.00
C GLN A 62 -12.81 19.49 -4.21
N HIS A 63 -11.62 19.06 -3.75
CA HIS A 63 -10.35 19.79 -3.99
C HIS A 63 -9.36 18.82 -4.67
N PRO A 64 -9.53 18.52 -6.01
CA PRO A 64 -8.69 17.57 -6.76
C PRO A 64 -7.54 18.26 -7.52
N GLY A 65 -7.12 19.44 -7.03
CA GLY A 65 -6.02 20.19 -7.63
C GLY A 65 -4.68 19.48 -7.47
N GLY A 66 -4.22 19.35 -6.21
CA GLY A 66 -2.97 18.63 -5.89
C GLY A 66 -1.69 19.35 -6.33
N SER A 67 -1.84 20.53 -6.97
CA SER A 67 -0.73 21.32 -7.51
C SER A 67 -0.13 22.19 -6.37
N GLY A 68 0.58 21.50 -5.46
CA GLY A 68 1.13 22.11 -4.25
C GLY A 68 0.13 22.14 -3.10
N LEU A 69 -1.12 22.61 -3.39
CA LEU A 69 -2.22 22.85 -2.42
C LEU A 69 -1.77 23.66 -1.18
N ASP A 70 -0.71 24.48 -1.38
CA ASP A 70 -0.04 25.29 -0.33
C ASP A 70 0.59 24.36 0.73
N ASP A 71 -0.23 23.92 1.69
CA ASP A 71 0.17 23.08 2.81
C ASP A 71 -1.01 22.18 3.16
N ILE A 72 -0.76 21.13 3.93
CA ILE A 72 -1.81 20.21 4.41
C ILE A 72 -2.86 20.98 5.25
N PRO A 73 -4.16 21.05 4.80
CA PRO A 73 -5.25 21.72 5.55
C PRO A 73 -5.49 21.11 6.97
N PRO A 74 -6.03 21.92 7.94
CA PRO A 74 -6.37 21.46 9.33
C PRO A 74 -7.20 20.17 9.35
N TYR A 75 -8.15 20.05 8.39
CA TYR A 75 -9.00 18.86 8.22
C TYR A 75 -8.17 17.57 8.11
N ASP A 76 -7.18 17.60 7.21
CA ASP A 76 -6.38 16.41 6.84
C ASP A 76 -5.48 15.97 8.00
N ARG A 77 -5.02 16.95 8.79
CA ARG A 77 -4.27 16.71 10.03
C ARG A 77 -5.17 15.99 11.05
N ASP A 78 -6.39 16.54 11.23
CA ASP A 78 -7.38 16.00 12.19
C ASP A 78 -7.94 14.65 11.73
N PHE A 79 -7.88 14.39 10.41
CA PHE A 79 -8.24 13.09 9.81
C PHE A 79 -7.24 12.02 10.29
N CYS A 80 -5.96 12.41 10.31
CA CYS A 80 -4.85 11.53 10.70
C CYS A 80 -4.74 11.38 12.24
N LYS A 81 -5.36 12.33 13.00
CA LYS A 81 -5.43 12.26 14.48
C LYS A 81 -6.47 11.21 14.90
N VAL A 82 -6.04 9.94 14.89
CA VAL A 82 -6.90 8.79 15.24
C VAL A 82 -6.22 7.95 16.34
N ASP A 83 -6.94 6.92 16.82
CA ASP A 83 -6.39 5.96 17.80
C ASP A 83 -5.23 5.17 17.16
N GLN A 84 -4.27 4.71 17.98
CA GLN A 84 -2.94 4.22 17.49
C GLN A 84 -3.08 2.98 16.55
N PRO A 85 -3.78 1.84 16.93
CA PRO A 85 -4.05 0.73 15.98
C PRO A 85 -5.01 1.14 14.85
N THR A 86 -5.93 2.09 15.13
CA THR A 86 -6.90 2.62 14.15
C THR A 86 -6.18 3.31 12.96
N LEU A 87 -5.00 3.90 13.24
CA LEU A 87 -4.12 4.52 12.23
C LEU A 87 -3.69 3.45 11.22
N PHE A 88 -3.33 2.27 11.73
CA PHE A 88 -2.88 1.12 10.92
C PHE A 88 -4.05 0.46 10.19
N GLU A 89 -5.25 0.49 10.80
CA GLU A 89 -6.49 0.00 10.15
C GLU A 89 -6.83 0.86 8.91
N LEU A 90 -6.45 2.15 8.98
CA LEU A 90 -6.53 3.10 7.84
C LEU A 90 -5.46 2.77 6.78
N ILE A 91 -4.25 2.36 7.21
CA ILE A 91 -3.16 1.89 6.31
C ILE A 91 -3.60 0.62 5.55
N LEU A 92 -4.25 -0.31 6.30
CA LEU A 92 -4.70 -1.61 5.79
C LEU A 92 -5.88 -1.42 4.80
N ALA A 93 -6.76 -0.46 5.11
CA ALA A 93 -7.93 -0.12 4.27
C ALA A 93 -7.51 0.67 3.02
N ALA A 94 -6.46 1.48 3.17
CA ALA A 94 -5.91 2.28 2.05
C ALA A 94 -5.12 1.38 1.08
N ASN A 95 -4.55 0.28 1.60
CA ASN A 95 -3.91 -0.78 0.77
C ASN A 95 -5.00 -1.71 0.16
N TYR A 96 -6.07 -1.96 0.94
CA TYR A 96 -7.23 -2.79 0.54
C TYR A 96 -8.01 -2.14 -0.61
N LEU A 97 -8.13 -0.80 -0.56
CA LEU A 97 -8.84 0.00 -1.57
C LEU A 97 -7.86 0.65 -2.57
N ASP A 98 -6.55 0.55 -2.24
CA ASP A 98 -5.42 0.98 -3.10
C ASP A 98 -5.48 2.49 -3.44
N ILE A 99 -5.91 3.29 -2.45
CA ILE A 99 -5.99 4.76 -2.57
C ILE A 99 -4.61 5.35 -2.26
N LYS A 100 -3.89 5.79 -3.32
CA LYS A 100 -2.51 6.30 -3.22
C LYS A 100 -2.38 7.52 -2.25
N PRO A 101 -3.25 8.62 -2.35
CA PRO A 101 -3.18 9.78 -1.42
C PRO A 101 -3.33 9.36 0.05
N LEU A 102 -4.39 8.57 0.34
CA LEU A 102 -4.72 8.17 1.72
C LEU A 102 -3.61 7.28 2.31
N LEU A 103 -3.12 6.32 1.50
CA LEU A 103 -2.08 5.36 1.92
C LEU A 103 -0.77 6.09 2.26
N ASP A 104 -0.42 7.09 1.43
CA ASP A 104 0.80 7.88 1.61
C ASP A 104 0.71 8.74 2.88
N VAL A 105 -0.38 9.52 2.99
CA VAL A 105 -0.61 10.46 4.11
C VAL A 105 -0.61 9.75 5.48
N THR A 106 -1.35 8.63 5.58
CA THR A 106 -1.51 7.88 6.84
C THR A 106 -0.21 7.14 7.25
N CYS A 107 0.48 6.54 6.25
CA CYS A 107 1.79 5.88 6.48
C CYS A 107 2.88 6.89 6.86
N LYS A 108 2.75 8.13 6.33
CA LYS A 108 3.66 9.25 6.67
C LYS A 108 3.39 9.73 8.10
N THR A 109 2.11 9.78 8.51
CA THR A 109 1.70 10.25 9.85
C THR A 109 2.38 9.43 10.97
N VAL A 110 2.35 8.08 10.84
CA VAL A 110 3.01 7.19 11.81
C VAL A 110 4.54 7.23 11.64
N ALA A 111 5.02 7.38 10.39
CA ALA A 111 6.46 7.43 10.07
C ALA A 111 7.13 8.61 10.77
N ASN A 112 6.51 9.81 10.68
CA ASN A 112 7.10 11.10 11.17
C ASN A 112 7.38 11.07 12.68
N MET A 113 6.60 10.27 13.42
CA MET A 113 6.75 10.10 14.88
C MET A 113 8.09 9.40 15.21
N ILE A 114 8.39 8.34 14.44
CA ILE A 114 9.56 7.47 14.65
C ILE A 114 10.73 7.81 13.67
N ARG A 115 10.49 8.76 12.76
CA ARG A 115 11.48 9.21 11.75
C ARG A 115 12.19 10.48 12.30
N GLY A 116 12.51 10.46 13.61
CA GLY A 116 13.22 11.54 14.32
C GLY A 116 14.43 12.17 13.57
N SER B 1 19.34 -12.44 -17.71
CA SER B 1 20.20 -11.28 -17.38
C SER B 1 19.74 -10.61 -16.08
N LEU B 2 20.71 -10.15 -15.29
CA LEU B 2 20.48 -9.46 -14.02
C LEU B 2 20.33 -7.95 -14.28
N VAL B 3 19.16 -7.39 -13.93
CA VAL B 3 18.93 -5.94 -13.97
C VAL B 3 19.55 -5.26 -12.73
N LYS B 4 20.39 -4.25 -13.00
CA LYS B 4 21.19 -3.55 -12.00
C LYS B 4 20.32 -2.53 -11.22
N LEU B 5 19.74 -2.97 -10.10
CA LEU B 5 18.93 -2.09 -9.24
C LEU B 5 19.82 -1.43 -8.19
N GLU B 6 20.33 -0.24 -8.53
CA GLU B 6 21.14 0.56 -7.61
C GLU B 6 20.21 1.27 -6.61
N SER B 7 20.50 1.10 -5.32
CA SER B 7 19.77 1.74 -4.22
C SER B 7 20.24 3.19 -4.03
N SER B 8 19.58 3.91 -3.11
CA SER B 8 19.98 5.26 -2.70
C SER B 8 21.32 5.27 -1.94
N ASP B 9 21.69 4.08 -1.40
CA ASP B 9 22.99 3.86 -0.73
C ASP B 9 24.07 3.43 -1.77
N GLU B 10 23.74 3.61 -3.09
CA GLU B 10 24.68 3.42 -4.24
C GLU B 10 25.06 1.94 -4.46
N LYS B 11 24.37 1.01 -3.78
CA LYS B 11 24.68 -0.43 -3.86
C LYS B 11 23.84 -1.07 -4.99
N VAL B 12 24.54 -1.69 -5.95
CA VAL B 12 23.94 -2.24 -7.17
C VAL B 12 23.50 -3.71 -6.95
N PHE B 13 22.21 -3.90 -6.67
CA PHE B 13 21.60 -5.23 -6.47
C PHE B 13 21.10 -5.75 -7.81
N GLU B 14 21.91 -6.57 -8.46
CA GLU B 14 21.60 -7.16 -9.76
C GLU B 14 20.68 -8.38 -9.58
N ILE B 15 19.37 -8.11 -9.49
CA ILE B 15 18.33 -9.15 -9.35
C ILE B 15 17.93 -9.67 -10.75
N GLU B 16 17.41 -10.91 -10.80
CA GLU B 16 16.88 -11.52 -12.02
C GLU B 16 15.72 -10.66 -12.57
N LYS B 17 15.77 -10.42 -13.88
CA LYS B 17 14.91 -9.45 -14.59
C LYS B 17 13.42 -9.83 -14.49
N GLU B 18 13.13 -11.13 -14.60
CA GLU B 18 11.75 -11.68 -14.50
C GLU B 18 11.13 -11.43 -13.10
N ILE B 19 12.00 -11.41 -12.07
CA ILE B 19 11.59 -11.23 -10.67
C ILE B 19 11.36 -9.74 -10.34
N ALA B 20 12.17 -8.86 -10.98
CA ALA B 20 12.05 -7.38 -10.82
C ALA B 20 10.69 -6.86 -11.35
N CYS B 21 10.12 -7.60 -12.32
CA CYS B 21 8.82 -7.30 -12.94
C CYS B 21 7.64 -7.47 -11.94
N MET B 22 7.84 -8.28 -10.88
CA MET B 22 6.83 -8.51 -9.82
C MET B 22 6.47 -7.21 -9.08
N SER B 23 7.44 -6.30 -9.00
CA SER B 23 7.21 -4.94 -8.50
C SER B 23 6.55 -4.13 -9.60
N VAL B 24 5.43 -3.45 -9.27
CA VAL B 24 4.67 -2.64 -10.24
C VAL B 24 5.53 -1.47 -10.75
N THR B 25 6.13 -0.72 -9.81
CA THR B 25 6.95 0.46 -10.11
C THR B 25 8.18 0.11 -10.96
N ILE B 26 8.93 -0.94 -10.57
CA ILE B 26 10.16 -1.37 -11.30
C ILE B 26 9.80 -1.85 -12.72
N LYS B 27 8.70 -2.62 -12.83
CA LYS B 27 8.18 -3.11 -14.12
C LYS B 27 7.84 -1.92 -15.05
N ASN B 28 7.12 -0.94 -14.48
CA ASN B 28 6.67 0.27 -15.20
C ASN B 28 7.86 1.17 -15.58
N MET B 29 8.94 1.13 -14.76
CA MET B 29 10.20 1.85 -15.07
C MET B 29 10.84 1.27 -16.33
N ILE B 30 10.98 -0.08 -16.35
CA ILE B 30 11.58 -0.83 -17.48
C ILE B 30 10.77 -0.56 -18.77
N GLU B 31 9.43 -0.62 -18.67
CA GLU B 31 8.51 -0.42 -19.81
C GLU B 31 8.57 1.03 -20.34
N ASP B 32 8.64 2.01 -19.41
CA ASP B 32 8.62 3.45 -19.75
C ASP B 32 9.92 3.86 -20.47
N ILE B 33 11.04 3.32 -19.98
CA ILE B 33 12.38 3.51 -20.57
C ILE B 33 12.48 2.76 -21.93
N GLY B 34 11.62 1.72 -22.10
CA GLY B 34 11.62 0.90 -23.31
C GLY B 34 12.61 -0.26 -23.23
N GLU B 35 13.01 -0.56 -21.98
CA GLU B 35 13.95 -1.63 -21.60
C GLU B 35 15.40 -1.26 -21.96
N SER B 36 16.23 -1.12 -20.92
CA SER B 36 17.66 -0.76 -21.05
C SER B 36 18.47 -1.51 -19.98
N ASP B 37 19.74 -1.78 -20.31
CA ASP B 37 20.69 -2.43 -19.38
C ASP B 37 21.29 -1.42 -18.38
N SER B 38 20.95 -0.13 -18.56
CA SER B 38 21.35 0.98 -17.67
C SER B 38 21.01 0.66 -16.19
N PRO B 39 21.98 0.85 -15.24
CA PRO B 39 21.73 0.63 -13.79
C PRO B 39 20.62 1.54 -13.27
N ILE B 40 19.43 0.95 -13.01
CA ILE B 40 18.23 1.66 -12.54
C ILE B 40 18.46 2.22 -11.12
N PRO B 41 18.59 3.58 -10.96
CA PRO B 41 18.79 4.20 -9.64
C PRO B 41 17.44 4.42 -8.91
N LEU B 42 17.39 4.03 -7.62
CA LEU B 42 16.21 4.19 -6.77
C LEU B 42 16.57 5.11 -5.58
N PRO B 43 16.38 6.47 -5.74
CA PRO B 43 16.80 7.49 -4.74
C PRO B 43 15.78 7.63 -3.59
N ASN B 44 15.52 6.52 -2.91
CA ASN B 44 14.51 6.43 -1.84
C ASN B 44 14.83 5.21 -0.97
N VAL B 45 14.76 4.01 -1.59
CA VAL B 45 14.97 2.74 -0.89
C VAL B 45 16.49 2.50 -0.69
N THR B 46 16.90 2.29 0.57
CA THR B 46 18.32 2.07 0.95
C THR B 46 18.76 0.64 0.60
N SER B 47 20.06 0.36 0.81
CA SER B 47 20.67 -0.93 0.44
C SER B 47 20.08 -2.10 1.25
N THR B 48 19.97 -1.89 2.57
CA THR B 48 19.45 -2.92 3.51
C THR B 48 18.00 -3.29 3.17
N ILE B 49 17.19 -2.28 2.89
CA ILE B 49 15.76 -2.44 2.64
C ILE B 49 15.52 -3.07 1.25
N LEU B 50 16.25 -2.58 0.23
CA LEU B 50 16.15 -3.09 -1.16
C LEU B 50 16.63 -4.55 -1.23
N GLU B 51 17.64 -4.89 -0.40
CA GLU B 51 18.17 -6.26 -0.26
C GLU B 51 17.02 -7.20 0.15
N LYS B 52 16.30 -6.81 1.21
CA LYS B 52 15.16 -7.58 1.75
C LYS B 52 14.05 -7.75 0.71
N VAL B 53 13.68 -6.62 0.07
CA VAL B 53 12.56 -6.55 -0.88
C VAL B 53 12.78 -7.52 -2.06
N LEU B 54 13.98 -7.47 -2.66
CA LEU B 54 14.32 -8.27 -3.85
C LEU B 54 14.46 -9.77 -3.52
N ASP B 55 14.85 -10.07 -2.27
CA ASP B 55 15.02 -11.45 -1.77
C ASP B 55 13.63 -12.09 -1.56
N TYR B 56 12.68 -11.28 -1.03
CA TYR B 56 11.29 -11.70 -0.80
C TYR B 56 10.52 -11.85 -2.11
N CYS B 57 10.81 -10.96 -3.08
CA CYS B 57 10.24 -11.03 -4.43
C CYS B 57 10.69 -12.34 -5.10
N ARG B 58 11.96 -12.74 -4.88
CA ARG B 58 12.49 -14.03 -5.36
C ARG B 58 11.72 -15.20 -4.75
N HIS B 59 11.54 -15.16 -3.42
CA HIS B 59 10.82 -16.19 -2.66
C HIS B 59 9.41 -16.45 -3.23
N HIS B 60 8.68 -15.34 -3.45
CA HIS B 60 7.30 -15.37 -3.97
C HIS B 60 7.29 -15.69 -5.49
N HIS B 61 8.45 -15.54 -6.16
CA HIS B 61 8.59 -15.88 -7.60
C HIS B 61 8.83 -17.39 -7.77
N GLN B 62 9.62 -17.97 -6.86
CA GLN B 62 9.96 -19.40 -6.87
C GLN B 62 8.78 -20.24 -6.36
N HIS B 63 7.95 -19.61 -5.50
CA HIS B 63 6.68 -20.20 -5.01
C HIS B 63 5.54 -19.19 -5.30
N PRO B 64 5.06 -19.10 -6.59
CA PRO B 64 4.02 -18.14 -7.01
C PRO B 64 2.61 -18.78 -7.04
N GLY B 65 2.41 -19.80 -6.19
CA GLY B 65 1.13 -20.48 -6.08
C GLY B 65 0.05 -19.59 -5.48
N GLY B 66 0.24 -19.24 -4.18
CA GLY B 66 -0.66 -18.34 -3.45
C GLY B 66 -2.03 -18.95 -3.13
N SER B 67 -2.26 -20.20 -3.56
CA SER B 67 -3.52 -20.93 -3.36
C SER B 67 -3.51 -21.57 -1.95
N GLY B 68 -3.70 -20.70 -0.94
CA GLY B 68 -3.65 -21.10 0.46
C GLY B 68 -2.23 -21.12 1.03
N LEU B 69 -1.29 -21.75 0.26
CA LEU B 69 0.13 -22.02 0.64
C LEU B 69 0.27 -22.62 2.06
N ASP B 70 -0.81 -23.31 2.51
CA ASP B 70 -0.94 -23.89 3.86
C ASP B 70 -0.94 -22.79 4.93
N ASP B 71 0.28 -22.34 5.31
CA ASP B 71 0.50 -21.33 6.33
C ASP B 71 1.76 -20.56 5.94
N ILE B 72 1.96 -19.39 6.57
CA ILE B 72 3.13 -18.56 6.35
C ILE B 72 4.42 -19.33 6.74
N PRO B 73 5.34 -19.61 5.74
CA PRO B 73 6.62 -20.32 6.00
C PRO B 73 7.52 -19.59 7.03
N PRO B 74 8.40 -20.35 7.77
CA PRO B 74 9.38 -19.78 8.74
C PRO B 74 10.19 -18.60 8.15
N TYR B 75 10.60 -18.73 6.86
CA TYR B 75 11.34 -17.67 6.13
C TYR B 75 10.62 -16.31 6.21
N ASP B 76 9.32 -16.31 5.87
CA ASP B 76 8.50 -15.08 5.73
C ASP B 76 8.30 -14.40 7.08
N ARG B 77 8.23 -15.22 8.14
CA ARG B 77 8.16 -14.74 9.53
C ARG B 77 9.48 -14.03 9.89
N ASP B 78 10.61 -14.68 9.57
CA ASP B 78 11.95 -14.16 9.87
C ASP B 78 12.31 -12.95 8.98
N PHE B 79 11.64 -12.86 7.81
CA PHE B 79 11.72 -11.69 6.92
C PHE B 79 11.13 -10.45 7.63
N CYS B 80 9.99 -10.68 8.31
CA CYS B 80 9.26 -9.64 9.02
C CYS B 80 9.89 -9.32 10.40
N LYS B 81 10.78 -10.22 10.89
CA LYS B 81 11.55 -9.99 12.12
C LYS B 81 12.72 -9.03 11.82
N VAL B 82 12.41 -7.73 11.84
CA VAL B 82 13.37 -6.65 11.57
C VAL B 82 13.33 -5.61 12.72
N ASP B 83 14.23 -4.62 12.64
CA ASP B 83 14.27 -3.48 13.59
C ASP B 83 12.97 -2.64 13.43
N GLN B 84 12.54 -1.98 14.52
CA GLN B 84 11.17 -1.39 14.63
C GLN B 84 10.90 -0.30 13.54
N PRO B 85 11.74 0.80 13.39
CA PRO B 85 11.58 1.75 12.25
C PRO B 85 11.88 1.09 10.88
N THR B 86 12.79 0.08 10.86
CA THR B 86 13.16 -0.68 9.64
C THR B 86 11.93 -1.41 9.04
N LEU B 87 11.00 -1.82 9.91
CA LEU B 87 9.71 -2.44 9.53
C LEU B 87 8.90 -1.45 8.68
N PHE B 88 8.89 -0.18 9.11
CA PHE B 88 8.18 0.90 8.42
C PHE B 88 8.90 1.31 7.14
N GLU B 89 10.23 1.20 7.12
CA GLU B 89 11.05 1.45 5.92
C GLU B 89 10.70 0.42 4.81
N LEU B 90 10.34 -0.80 5.25
CA LEU B 90 9.83 -1.87 4.37
C LEU B 90 8.39 -1.54 3.87
N ILE B 91 7.56 -0.93 4.75
CA ILE B 91 6.20 -0.45 4.39
C ILE B 91 6.30 0.66 3.32
N LEU B 92 7.25 1.59 3.53
CA LEU B 92 7.48 2.76 2.65
C LEU B 92 8.04 2.31 1.29
N ALA B 93 8.92 1.29 1.31
CA ALA B 93 9.53 0.71 0.09
C ALA B 93 8.53 -0.16 -0.68
N ALA B 94 7.63 -0.81 0.06
CA ALA B 94 6.57 -1.67 -0.52
C ALA B 94 5.46 -0.81 -1.16
N ASN B 95 5.25 0.41 -0.62
CA ASN B 95 4.37 1.44 -1.22
C ASN B 95 5.08 2.14 -2.40
N TYR B 96 6.41 2.35 -2.25
CA TYR B 96 7.28 2.97 -3.28
C TYR B 96 7.38 2.10 -4.54
N LEU B 97 7.44 0.78 -4.32
CA LEU B 97 7.54 -0.22 -5.40
C LEU B 97 6.17 -0.87 -5.71
N ASP B 98 5.19 -0.56 -4.85
CA ASP B 98 3.75 -0.93 -5.01
C ASP B 98 3.56 -2.47 -5.08
N ILE B 99 4.38 -3.20 -4.31
CA ILE B 99 4.31 -4.67 -4.21
C ILE B 99 3.22 -5.05 -3.20
N LYS B 100 2.07 -5.54 -3.72
CA LYS B 100 0.87 -5.85 -2.92
C LYS B 100 1.15 -6.92 -1.80
N PRO B 101 1.80 -8.11 -2.12
CA PRO B 101 2.12 -9.15 -1.08
C PRO B 101 2.97 -8.58 0.08
N LEU B 102 4.08 -7.90 -0.29
CA LEU B 102 5.06 -7.38 0.70
C LEU B 102 4.41 -6.30 1.58
N LEU B 103 3.65 -5.39 0.93
CA LEU B 103 2.99 -4.26 1.63
C LEU B 103 1.96 -4.77 2.65
N ASP B 104 1.20 -5.80 2.24
CA ASP B 104 0.16 -6.41 3.10
C ASP B 104 0.81 -7.12 4.29
N VAL B 105 1.79 -8.01 4.01
CA VAL B 105 2.47 -8.83 5.03
C VAL B 105 3.16 -7.97 6.11
N THR B 106 3.91 -6.95 5.68
CA THR B 106 4.70 -6.10 6.59
C THR B 106 3.79 -5.15 7.42
N CYS B 107 2.73 -4.60 6.79
CA CYS B 107 1.73 -3.76 7.48
C CYS B 107 0.89 -4.59 8.47
N LYS B 108 0.69 -5.88 8.16
CA LYS B 108 0.00 -6.84 9.06
C LYS B 108 0.89 -7.17 10.26
N THR B 109 2.21 -7.32 10.03
CA THR B 109 3.19 -7.68 11.09
C THR B 109 3.15 -6.66 12.26
N VAL B 110 3.18 -5.36 11.91
CA VAL B 110 3.11 -4.27 12.90
C VAL B 110 1.68 -4.12 13.47
N ALA B 111 0.66 -4.37 12.61
CA ALA B 111 -0.76 -4.28 13.00
C ALA B 111 -1.09 -5.29 14.13
N ASN B 112 -0.65 -6.56 13.95
CA ASN B 112 -0.99 -7.69 14.86
C ASN B 112 -0.53 -7.44 16.30
N MET B 113 0.55 -6.64 16.45
CA MET B 113 1.12 -6.29 17.77
C MET B 113 0.15 -5.42 18.57
N ILE B 114 -0.43 -4.43 17.86
CA ILE B 114 -1.29 -3.38 18.48
C ILE B 114 -2.79 -3.65 18.27
N ARG B 115 -3.13 -4.66 17.46
CA ARG B 115 -4.54 -4.98 17.10
C ARG B 115 -5.21 -5.79 18.22
N GLY B 116 -4.40 -6.25 19.22
CA GLY B 116 -4.84 -6.95 20.44
C GLY B 116 -6.10 -7.85 20.37
N SER A 1 -25.83 9.95 -9.16
CA SER A 1 -26.49 9.19 -8.08
C SER A 1 -25.46 8.76 -7.03
N LEU A 2 -25.92 8.68 -5.76
CA LEU A 2 -25.10 8.21 -4.63
C LEU A 2 -25.04 6.67 -4.63
N VAL A 3 -23.83 6.11 -4.56
CA VAL A 3 -23.64 4.66 -4.45
C VAL A 3 -23.62 4.25 -2.96
N LYS A 4 -24.47 3.27 -2.63
CA LYS A 4 -24.68 2.78 -1.26
C LYS A 4 -23.60 1.77 -0.88
N LEU A 5 -22.70 2.16 0.02
CA LEU A 5 -21.63 1.29 0.53
C LEU A 5 -21.97 0.85 1.96
N GLU A 6 -22.50 -0.36 2.10
CA GLU A 6 -22.77 -0.97 3.40
C GLU A 6 -21.45 -1.53 3.99
N SER A 7 -21.10 -1.08 5.19
CA SER A 7 -19.88 -1.53 5.89
C SER A 7 -20.11 -2.87 6.61
N SER A 8 -19.04 -3.36 7.28
CA SER A 8 -19.10 -4.59 8.12
C SER A 8 -19.95 -4.39 9.38
N ASP A 9 -20.20 -3.12 9.73
CA ASP A 9 -21.06 -2.72 10.85
C ASP A 9 -22.50 -2.44 10.36
N GLU A 10 -22.80 -2.89 9.11
CA GLU A 10 -24.15 -2.81 8.48
C GLU A 10 -24.60 -1.37 8.19
N LYS A 11 -23.67 -0.41 8.28
CA LYS A 11 -23.96 1.03 8.09
C LYS A 11 -23.75 1.42 6.62
N VAL A 12 -24.80 1.94 6.00
CA VAL A 12 -24.80 2.32 4.58
C VAL A 12 -24.36 3.79 4.45
N PHE A 13 -23.26 4.01 3.71
CA PHE A 13 -22.72 5.35 3.42
C PHE A 13 -22.88 5.63 1.93
N GLU A 14 -23.87 6.48 1.62
CA GLU A 14 -24.23 6.83 0.24
C GLU A 14 -23.30 7.95 -0.26
N ILE A 15 -22.08 7.55 -0.65
CA ILE A 15 -21.04 8.47 -1.16
C ILE A 15 -21.33 8.79 -2.64
N GLU A 16 -20.94 10.01 -3.07
CA GLU A 16 -20.95 10.44 -4.47
C GLU A 16 -20.08 9.48 -5.31
N LYS A 17 -20.70 8.90 -6.37
CA LYS A 17 -20.08 7.86 -7.21
C LYS A 17 -18.73 8.32 -7.81
N GLU A 18 -18.68 9.59 -8.26
CA GLU A 18 -17.48 10.21 -8.88
C GLU A 18 -16.26 10.18 -7.92
N ILE A 19 -16.57 10.33 -6.64
CA ILE A 19 -15.57 10.35 -5.55
C ILE A 19 -15.17 8.89 -5.15
N ALA A 20 -16.16 7.98 -5.21
CA ALA A 20 -15.94 6.53 -4.95
C ALA A 20 -15.08 5.87 -6.06
N CYS A 21 -14.99 6.56 -7.22
CA CYS A 21 -14.16 6.14 -8.35
C CYS A 21 -12.64 6.27 -8.07
N MET A 22 -12.26 7.16 -7.13
CA MET A 22 -10.84 7.32 -6.71
C MET A 22 -10.34 6.05 -6.00
N SER A 23 -11.26 5.35 -5.34
CA SER A 23 -11.01 4.00 -4.83
C SER A 23 -11.08 3.04 -6.01
N VAL A 24 -9.93 2.41 -6.32
CA VAL A 24 -9.80 1.52 -7.48
C VAL A 24 -10.72 0.29 -7.33
N THR A 25 -10.69 -0.35 -6.14
CA THR A 25 -11.48 -1.57 -5.84
C THR A 25 -13.00 -1.30 -5.92
N ILE A 26 -13.48 -0.23 -5.23
CA ILE A 26 -14.92 0.13 -5.19
C ILE A 26 -15.44 0.44 -6.61
N LYS A 27 -14.62 1.21 -7.38
CA LYS A 27 -14.91 1.54 -8.79
C LYS A 27 -15.04 0.26 -9.64
N ASN A 28 -14.09 -0.68 -9.43
CA ASN A 28 -14.04 -1.97 -10.18
C ASN A 28 -15.21 -2.89 -9.80
N MET A 29 -15.67 -2.78 -8.53
CA MET A 29 -16.85 -3.52 -8.04
C MET A 29 -18.11 -3.08 -8.82
N ILE A 30 -18.27 -1.75 -8.95
CA ILE A 30 -19.39 -1.11 -9.65
C ILE A 30 -19.37 -1.49 -11.15
N GLU A 31 -18.17 -1.43 -11.76
CA GLU A 31 -17.96 -1.76 -13.19
C GLU A 31 -18.23 -3.24 -13.47
N ASP A 32 -17.78 -4.12 -12.55
CA ASP A 32 -17.92 -5.58 -12.66
C ASP A 32 -19.39 -6.00 -12.60
N ILE A 33 -20.13 -5.39 -11.66
CA ILE A 33 -21.59 -5.57 -11.51
C ILE A 33 -22.33 -4.96 -12.73
N GLY A 34 -21.74 -3.88 -13.28
CA GLY A 34 -22.39 -3.06 -14.30
C GLY A 34 -23.31 -2.01 -13.66
N GLU A 35 -23.08 -1.78 -12.33
CA GLU A 35 -23.86 -0.90 -11.45
C GLU A 35 -25.23 -1.51 -11.13
N SER A 36 -25.68 -1.36 -9.88
CA SER A 36 -26.97 -1.88 -9.41
C SER A 36 -27.51 -0.97 -8.31
N ASP A 37 -28.82 -1.09 -8.06
CA ASP A 37 -29.49 -0.42 -6.94
C ASP A 37 -29.19 -1.14 -5.61
N SER A 38 -28.63 -2.37 -5.71
CA SER A 38 -28.19 -3.16 -4.56
C SER A 38 -27.02 -2.45 -3.81
N PRO A 39 -27.16 -2.17 -2.47
CA PRO A 39 -26.05 -1.63 -1.65
C PRO A 39 -24.83 -2.56 -1.64
N ILE A 40 -23.68 -2.05 -2.16
CA ILE A 40 -22.41 -2.79 -2.22
C ILE A 40 -21.93 -3.10 -0.78
N PRO A 41 -21.95 -4.41 -0.35
CA PRO A 41 -21.54 -4.80 1.02
C PRO A 41 -20.02 -5.14 1.09
N LEU A 42 -19.29 -4.34 1.88
CA LEU A 42 -17.84 -4.52 2.10
C LEU A 42 -17.63 -5.28 3.44
N PRO A 43 -17.37 -6.63 3.41
CA PRO A 43 -17.28 -7.47 4.62
C PRO A 43 -15.85 -7.49 5.23
N ASN A 44 -15.20 -6.32 5.25
CA ASN A 44 -13.83 -6.15 5.75
C ASN A 44 -13.73 -4.85 6.56
N VAL A 45 -14.14 -3.74 5.94
CA VAL A 45 -14.00 -2.39 6.52
C VAL A 45 -15.23 -2.03 7.39
N THR A 46 -14.98 -1.56 8.63
CA THR A 46 -16.03 -1.20 9.62
C THR A 46 -16.65 0.17 9.30
N SER A 47 -17.69 0.57 10.07
CA SER A 47 -18.46 1.81 9.80
C SER A 47 -17.61 3.07 9.93
N THR A 48 -16.86 3.18 11.02
CA THR A 48 -16.05 4.37 11.34
C THR A 48 -14.92 4.54 10.31
N ILE A 49 -14.31 3.42 9.92
CA ILE A 49 -13.16 3.41 9.00
C ILE A 49 -13.63 3.69 7.56
N LEU A 50 -14.77 3.07 7.14
CA LEU A 50 -15.33 3.27 5.78
C LEU A 50 -15.81 4.72 5.63
N GLU A 51 -16.52 5.23 6.67
CA GLU A 51 -16.99 6.63 6.72
C GLU A 51 -15.81 7.60 6.53
N LYS A 52 -14.73 7.29 7.25
CA LYS A 52 -13.55 8.13 7.36
C LYS A 52 -12.83 8.21 6.00
N VAL A 53 -12.65 7.04 5.36
CA VAL A 53 -12.00 6.91 4.05
C VAL A 53 -12.80 7.65 2.97
N LEU A 54 -14.12 7.42 2.94
CA LEU A 54 -15.04 8.02 1.93
C LEU A 54 -15.09 9.56 2.09
N ASP A 55 -15.18 10.02 3.35
CA ASP A 55 -15.31 11.46 3.69
C ASP A 55 -13.99 12.21 3.44
N TYR A 56 -12.87 11.48 3.65
CA TYR A 56 -11.52 11.96 3.29
C TYR A 56 -11.41 12.16 1.78
N CYS A 57 -11.91 11.15 1.04
CA CYS A 57 -11.92 11.18 -0.41
C CYS A 57 -12.79 12.35 -0.94
N ARG A 58 -13.93 12.62 -0.23
CA ARG A 58 -14.86 13.70 -0.60
C ARG A 58 -14.20 15.07 -0.38
N HIS A 59 -13.58 15.24 0.80
CA HIS A 59 -12.88 16.48 1.18
C HIS A 59 -11.71 16.78 0.23
N HIS A 60 -10.95 15.73 -0.11
CA HIS A 60 -9.75 15.84 -0.97
C HIS A 60 -10.18 16.06 -2.44
N HIS A 61 -11.40 15.61 -2.78
CA HIS A 61 -11.98 15.85 -4.12
C HIS A 61 -12.50 17.30 -4.22
N GLN A 62 -12.96 17.85 -3.07
CA GLN A 62 -13.44 19.24 -2.97
C GLN A 62 -12.27 20.23 -2.79
N HIS A 63 -11.06 19.70 -2.53
CA HIS A 63 -9.80 20.48 -2.52
C HIS A 63 -8.74 19.76 -3.39
N PRO A 64 -8.86 19.85 -4.75
CA PRO A 64 -7.88 19.24 -5.69
C PRO A 64 -6.63 20.12 -5.79
N GLY A 65 -5.56 19.73 -5.07
CA GLY A 65 -4.32 20.47 -5.06
C GLY A 65 -3.20 19.68 -4.40
N GLY A 66 -2.97 19.94 -3.11
CA GLY A 66 -1.88 19.33 -2.35
C GLY A 66 -0.52 19.87 -2.76
N SER A 67 -0.31 21.19 -2.56
CA SER A 67 0.90 21.89 -3.00
C SER A 67 1.40 22.90 -1.95
N GLY A 68 2.40 22.47 -1.15
CA GLY A 68 3.10 23.36 -0.20
C GLY A 68 2.25 23.75 1.02
N LEU A 69 1.41 24.78 0.82
CA LEU A 69 0.55 25.34 1.88
C LEU A 69 -0.65 24.41 2.13
N ASP A 70 -1.31 24.00 1.04
CA ASP A 70 -2.49 23.10 1.07
C ASP A 70 -2.06 21.63 0.86
N ASP A 71 -0.75 21.35 1.06
CA ASP A 71 -0.16 20.00 0.91
C ASP A 71 -0.73 19.03 1.94
N ILE A 72 -0.77 19.49 3.20
CA ILE A 72 -1.45 18.80 4.30
C ILE A 72 -2.60 19.70 4.80
N PRO A 73 -3.83 19.58 4.21
CA PRO A 73 -5.05 20.30 4.67
C PRO A 73 -5.41 20.00 6.15
N PRO A 74 -6.08 20.96 6.88
CA PRO A 74 -6.48 20.78 8.30
C PRO A 74 -7.15 19.43 8.60
N TYR A 75 -8.19 19.09 7.81
CA TYR A 75 -8.94 17.81 7.97
C TYR A 75 -8.04 16.59 7.76
N ASP A 76 -7.16 16.64 6.75
CA ASP A 76 -6.28 15.51 6.39
C ASP A 76 -5.25 15.23 7.51
N ARG A 77 -4.92 16.29 8.27
CA ARG A 77 -4.07 16.19 9.47
C ARG A 77 -4.91 15.61 10.65
N ASP A 78 -6.19 16.04 10.75
CA ASP A 78 -7.16 15.54 11.76
C ASP A 78 -7.56 14.07 11.48
N PHE A 79 -7.41 13.65 10.22
CA PHE A 79 -7.67 12.27 9.75
C PHE A 79 -6.66 11.30 10.41
N CYS A 80 -5.44 11.79 10.62
CA CYS A 80 -4.33 11.04 11.23
C CYS A 80 -4.44 10.97 12.77
N LYS A 81 -5.42 11.72 13.36
CA LYS A 81 -5.67 11.74 14.82
C LYS A 81 -6.50 10.51 15.25
N VAL A 82 -5.83 9.35 15.26
CA VAL A 82 -6.45 8.05 15.58
C VAL A 82 -5.48 7.17 16.37
N ASP A 83 -6.05 6.23 17.13
CA ASP A 83 -5.27 5.27 17.95
C ASP A 83 -4.62 4.22 17.04
N GLN A 84 -3.55 3.54 17.52
CA GLN A 84 -2.73 2.61 16.70
C GLN A 84 -3.59 1.54 15.95
N PRO A 85 -4.48 0.70 16.62
CA PRO A 85 -5.35 -0.27 15.89
C PRO A 85 -6.16 0.42 14.76
N THR A 86 -6.79 1.57 15.10
CA THR A 86 -7.63 2.36 14.17
C THR A 86 -6.81 2.90 12.97
N LEU A 87 -5.53 3.22 13.24
CA LEU A 87 -4.60 3.82 12.26
C LEU A 87 -4.20 2.76 11.21
N PHE A 88 -3.88 1.56 11.70
CA PHE A 88 -3.54 0.41 10.84
C PHE A 88 -4.77 -0.15 10.12
N GLU A 89 -5.98 0.04 10.71
CA GLU A 89 -7.26 -0.25 10.04
C GLU A 89 -7.42 0.62 8.77
N LEU A 90 -6.92 1.87 8.83
CA LEU A 90 -6.89 2.80 7.67
C LEU A 90 -5.92 2.30 6.57
N ILE A 91 -4.80 1.68 7.00
CA ILE A 91 -3.80 1.07 6.08
C ILE A 91 -4.39 -0.20 5.41
N LEU A 92 -5.08 -1.02 6.23
CA LEU A 92 -5.76 -2.25 5.78
C LEU A 92 -6.92 -1.91 4.82
N ALA A 93 -7.60 -0.77 5.08
CA ALA A 93 -8.70 -0.26 4.24
C ALA A 93 -8.14 0.38 2.96
N ALA A 94 -6.96 1.02 3.06
CA ALA A 94 -6.28 1.65 1.90
C ALA A 94 -5.76 0.58 0.92
N ASN A 95 -5.38 -0.59 1.48
CA ASN A 95 -4.92 -1.76 0.70
C ASN A 95 -6.13 -2.54 0.10
N TYR A 96 -7.19 -2.71 0.92
CA TYR A 96 -8.44 -3.43 0.53
C TYR A 96 -9.18 -2.66 -0.58
N LEU A 97 -9.23 -1.32 -0.43
CA LEU A 97 -9.91 -0.42 -1.41
C LEU A 97 -8.92 0.04 -2.50
N ASP A 98 -7.64 -0.34 -2.33
CA ASP A 98 -6.56 -0.14 -3.31
C ASP A 98 -6.29 1.35 -3.60
N ILE A 99 -6.62 2.20 -2.59
CA ILE A 99 -6.42 3.65 -2.67
C ILE A 99 -4.95 3.95 -2.33
N LYS A 100 -4.12 3.96 -3.37
CA LYS A 100 -2.68 4.24 -3.28
C LYS A 100 -2.36 5.65 -2.67
N PRO A 101 -3.07 6.77 -3.05
CA PRO A 101 -2.82 8.09 -2.40
C PRO A 101 -3.06 8.07 -0.88
N LEU A 102 -4.14 7.38 -0.43
CA LEU A 102 -4.49 7.25 1.00
C LEU A 102 -3.42 6.44 1.73
N LEU A 103 -3.00 5.33 1.09
CA LEU A 103 -1.95 4.42 1.59
C LEU A 103 -0.66 5.22 1.86
N ASP A 104 -0.31 6.09 0.89
CA ASP A 104 0.91 6.91 0.93
C ASP A 104 0.88 7.91 2.09
N VAL A 105 -0.24 8.64 2.23
CA VAL A 105 -0.43 9.64 3.32
C VAL A 105 -0.26 8.99 4.71
N THR A 106 -0.95 7.85 4.90
CA THR A 106 -0.95 7.11 6.18
C THR A 106 0.43 6.44 6.46
N CYS A 107 1.13 6.03 5.38
CA CYS A 107 2.49 5.44 5.45
C CYS A 107 3.55 6.52 5.80
N LYS A 108 3.29 7.78 5.39
CA LYS A 108 4.14 8.93 5.75
C LYS A 108 3.89 9.31 7.23
N THR A 109 2.62 9.26 7.66
CA THR A 109 2.22 9.57 9.05
C THR A 109 2.94 8.65 10.08
N VAL A 110 2.89 7.32 9.84
CA VAL A 110 3.57 6.34 10.72
C VAL A 110 5.09 6.55 10.71
N ALA A 111 5.64 6.90 9.52
CA ALA A 111 7.07 7.17 9.34
C ALA A 111 7.51 8.44 10.09
N ASN A 112 6.56 9.38 10.29
CA ASN A 112 6.79 10.64 11.03
C ASN A 112 6.72 10.42 12.56
N MET A 113 5.85 9.49 12.99
CA MET A 113 5.67 9.18 14.43
C MET A 113 6.90 8.45 14.99
N ILE A 114 7.44 7.54 14.18
CA ILE A 114 8.63 6.72 14.54
C ILE A 114 9.94 7.43 14.15
N ARG A 115 9.83 8.63 13.51
CA ARG A 115 10.97 9.30 12.86
C ARG A 115 12.10 9.60 13.87
N GLY A 116 13.12 8.73 13.87
CA GLY A 116 14.30 8.88 14.70
C GLY A 116 15.26 9.93 14.13
N SER B 1 19.36 -11.77 -18.18
CA SER B 1 20.35 -10.80 -17.66
C SER B 1 19.90 -10.21 -16.31
N LEU B 2 20.89 -9.91 -15.45
CA LEU B 2 20.65 -9.24 -14.16
C LEU B 2 20.44 -7.73 -14.39
N VAL B 3 19.34 -7.19 -13.85
CA VAL B 3 19.06 -5.74 -13.90
C VAL B 3 19.68 -5.05 -12.67
N LYS B 4 20.48 -4.02 -12.94
CA LYS B 4 21.24 -3.27 -11.92
C LYS B 4 20.34 -2.22 -11.26
N LEU B 5 20.01 -2.44 -9.98
CA LEU B 5 19.21 -1.51 -9.18
C LEU B 5 20.12 -0.80 -8.16
N GLU B 6 20.54 0.43 -8.50
CA GLU B 6 21.32 1.27 -7.58
C GLU B 6 20.37 1.93 -6.56
N SER B 7 20.65 1.72 -5.27
CA SER B 7 19.84 2.27 -4.17
C SER B 7 20.24 3.73 -3.86
N SER B 8 19.55 4.31 -2.86
CA SER B 8 19.84 5.67 -2.36
C SER B 8 21.21 5.74 -1.65
N ASP B 9 21.70 4.57 -1.21
CA ASP B 9 23.03 4.40 -0.59
C ASP B 9 24.10 4.06 -1.66
N GLU B 10 23.73 4.23 -2.96
CA GLU B 10 24.63 4.07 -4.14
C GLU B 10 25.04 2.60 -4.38
N LYS B 11 24.39 1.66 -3.69
CA LYS B 11 24.71 0.22 -3.76
C LYS B 11 23.89 -0.44 -4.87
N VAL B 12 24.60 -1.06 -5.83
CA VAL B 12 23.99 -1.70 -7.00
C VAL B 12 23.70 -3.17 -6.68
N PHE B 13 22.42 -3.55 -6.74
CA PHE B 13 21.94 -4.91 -6.52
C PHE B 13 21.43 -5.48 -7.85
N GLU B 14 22.24 -6.36 -8.45
CA GLU B 14 21.95 -6.96 -9.76
C GLU B 14 21.02 -8.18 -9.56
N ILE B 15 19.73 -7.88 -9.39
CA ILE B 15 18.69 -8.91 -9.20
C ILE B 15 18.30 -9.50 -10.58
N GLU B 16 17.90 -10.78 -10.55
CA GLU B 16 17.31 -11.47 -11.71
C GLU B 16 16.05 -10.72 -12.18
N LYS B 17 16.05 -10.35 -13.49
CA LYS B 17 15.00 -9.50 -14.10
C LYS B 17 13.59 -10.09 -13.90
N GLU B 18 13.48 -11.43 -14.07
CA GLU B 18 12.20 -12.17 -13.94
C GLU B 18 11.57 -11.99 -12.55
N ILE B 19 12.44 -11.88 -11.54
CA ILE B 19 12.06 -11.70 -10.14
C ILE B 19 11.74 -10.20 -9.84
N ALA B 20 12.49 -9.29 -10.50
CA ALA B 20 12.26 -7.83 -10.41
C ALA B 20 10.92 -7.41 -11.07
N CYS B 21 10.38 -8.30 -11.93
CA CYS B 21 9.08 -8.13 -12.59
C CYS B 21 7.89 -8.24 -11.62
N MET B 22 8.08 -8.94 -10.46
CA MET B 22 7.04 -9.04 -9.41
C MET B 22 6.77 -7.66 -8.77
N SER B 23 7.82 -6.83 -8.74
CA SER B 23 7.69 -5.42 -8.40
C SER B 23 7.11 -4.69 -9.61
N VAL B 24 5.89 -4.16 -9.44
CA VAL B 24 5.14 -3.51 -10.53
C VAL B 24 5.90 -2.26 -11.03
N THR B 25 6.34 -1.41 -10.07
CA THR B 25 7.05 -0.14 -10.38
C THR B 25 8.39 -0.39 -11.13
N ILE B 26 9.24 -1.30 -10.60
CA ILE B 26 10.56 -1.61 -11.17
C ILE B 26 10.40 -2.18 -12.59
N LYS B 27 9.41 -3.09 -12.75
CA LYS B 27 9.06 -3.69 -14.06
C LYS B 27 8.63 -2.59 -15.05
N ASN B 28 7.79 -1.64 -14.58
CA ASN B 28 7.25 -0.53 -15.41
C ASN B 28 8.35 0.47 -15.77
N MET B 29 9.36 0.61 -14.89
CA MET B 29 10.56 1.45 -15.14
C MET B 29 11.34 0.89 -16.34
N ILE B 30 11.57 -0.43 -16.31
CA ILE B 30 12.31 -1.17 -17.36
C ILE B 30 11.55 -1.08 -18.71
N GLU B 31 10.21 -1.29 -18.66
CA GLU B 31 9.33 -1.26 -19.85
C GLU B 31 9.26 0.16 -20.47
N ASP B 32 9.22 1.18 -19.59
CA ASP B 32 9.12 2.60 -20.01
C ASP B 32 10.41 3.05 -20.71
N ILE B 33 11.56 2.64 -20.13
CA ILE B 33 12.90 2.88 -20.72
C ILE B 33 13.06 2.06 -22.01
N GLY B 34 12.40 0.88 -22.06
CA GLY B 34 12.61 -0.12 -23.11
C GLY B 34 13.83 -0.98 -22.82
N GLU B 35 14.25 -0.96 -21.53
CA GLU B 35 15.45 -1.64 -20.99
C GLU B 35 16.74 -0.95 -21.46
N SER B 36 17.74 -0.86 -20.56
CA SER B 36 19.03 -0.21 -20.84
C SER B 36 20.11 -0.86 -19.98
N ASP B 37 21.37 -0.66 -20.39
CA ASP B 37 22.55 -1.10 -19.62
C ASP B 37 22.82 -0.13 -18.46
N SER B 38 22.14 1.02 -18.47
CA SER B 38 22.19 2.02 -17.38
C SER B 38 21.58 1.42 -16.08
N PRO B 39 22.34 1.41 -14.93
CA PRO B 39 21.80 1.02 -13.61
C PRO B 39 20.63 1.92 -13.18
N ILE B 40 19.44 1.29 -13.01
CA ILE B 40 18.21 1.98 -12.58
C ILE B 40 18.42 2.56 -11.15
N PRO B 41 18.48 3.92 -11.00
CA PRO B 41 18.71 4.55 -9.69
C PRO B 41 17.38 4.88 -8.96
N LEU B 42 17.16 4.21 -7.81
CA LEU B 42 15.98 4.41 -6.97
C LEU B 42 16.34 5.41 -5.84
N PRO B 43 15.94 6.72 -5.94
CA PRO B 43 16.32 7.79 -4.97
C PRO B 43 15.33 7.88 -3.78
N ASN B 44 14.92 6.72 -3.25
CA ASN B 44 13.92 6.62 -2.17
C ASN B 44 14.32 5.50 -1.20
N VAL B 45 14.55 4.30 -1.77
CA VAL B 45 14.83 3.09 -0.98
C VAL B 45 16.36 2.94 -0.75
N THR B 46 16.77 2.70 0.52
CA THR B 46 18.17 2.57 0.94
C THR B 46 18.73 1.17 0.58
N SER B 47 20.04 0.95 0.82
CA SER B 47 20.74 -0.30 0.43
C SER B 47 20.17 -1.54 1.14
N THR B 48 20.03 -1.44 2.47
CA THR B 48 19.57 -2.56 3.32
C THR B 48 18.13 -2.95 2.98
N ILE B 49 17.28 -1.92 2.75
CA ILE B 49 15.85 -2.11 2.49
C ILE B 49 15.63 -2.66 1.07
N LEU B 50 16.38 -2.12 0.08
CA LEU B 50 16.28 -2.56 -1.33
C LEU B 50 16.79 -4.00 -1.47
N GLU B 51 17.94 -4.29 -0.82
CA GLU B 51 18.52 -5.66 -0.77
C GLU B 51 17.50 -6.65 -0.22
N LYS B 52 16.85 -6.21 0.86
CA LYS B 52 15.94 -7.04 1.65
C LYS B 52 14.68 -7.40 0.83
N VAL B 53 14.12 -6.39 0.16
CA VAL B 53 12.92 -6.53 -0.68
C VAL B 53 13.23 -7.46 -1.88
N LEU B 54 14.36 -7.21 -2.57
CA LEU B 54 14.76 -7.98 -3.76
C LEU B 54 15.06 -9.45 -3.40
N ASP B 55 15.77 -9.65 -2.27
CA ASP B 55 16.20 -10.99 -1.79
C ASP B 55 14.99 -11.80 -1.27
N TYR B 56 14.01 -11.07 -0.70
CA TYR B 56 12.71 -11.64 -0.29
C TYR B 56 11.96 -12.12 -1.53
N CYS B 57 11.94 -11.29 -2.57
CA CYS B 57 11.28 -11.59 -3.83
C CYS B 57 11.94 -12.82 -4.50
N ARG B 58 13.30 -12.92 -4.39
CA ARG B 58 14.07 -14.04 -4.96
C ARG B 58 13.73 -15.35 -4.24
N HIS B 59 13.72 -15.30 -2.90
CA HIS B 59 13.41 -16.46 -2.03
C HIS B 59 11.97 -16.97 -2.28
N HIS B 60 11.03 -16.02 -2.38
CA HIS B 60 9.60 -16.31 -2.54
C HIS B 60 9.32 -16.80 -3.97
N HIS B 61 10.19 -16.40 -4.93
CA HIS B 61 10.13 -16.89 -6.32
C HIS B 61 10.69 -18.31 -6.41
N GLN B 62 11.69 -18.62 -5.56
CA GLN B 62 12.32 -19.95 -5.47
C GLN B 62 11.47 -20.92 -4.62
N HIS B 63 10.47 -20.38 -3.89
CA HIS B 63 9.45 -21.17 -3.16
C HIS B 63 8.03 -20.67 -3.54
N PRO B 64 7.51 -21.03 -4.77
CA PRO B 64 6.14 -20.64 -5.20
C PRO B 64 5.07 -21.55 -4.56
N GLY B 65 4.44 -21.03 -3.50
CA GLY B 65 3.40 -21.76 -2.78
C GLY B 65 2.65 -20.88 -1.81
N GLY B 66 3.10 -20.88 -0.54
CA GLY B 66 2.41 -20.15 0.54
C GLY B 66 1.08 -20.81 0.89
N SER B 67 1.13 -22.07 1.39
CA SER B 67 -0.06 -22.87 1.67
C SER B 67 0.07 -23.66 3.00
N GLY B 68 -0.48 -23.09 4.09
CA GLY B 68 -0.57 -23.77 5.39
C GLY B 68 0.77 -23.91 6.10
N LEU B 69 1.54 -24.94 5.70
CA LEU B 69 2.84 -25.27 6.32
C LEU B 69 3.91 -24.28 5.83
N ASP B 70 3.95 -24.08 4.51
CA ASP B 70 4.92 -23.17 3.83
C ASP B 70 4.29 -21.78 3.60
N ASP B 71 3.19 -21.49 4.34
CA ASP B 71 2.45 -20.21 4.26
C ASP B 71 3.33 -19.04 4.73
N ILE B 72 3.98 -19.24 5.88
CA ILE B 72 5.03 -18.35 6.41
C ILE B 72 6.36 -19.13 6.44
N PRO B 73 7.17 -19.10 5.32
CA PRO B 73 8.53 -19.70 5.28
C PRO B 73 9.49 -19.09 6.35
N PRO B 74 10.51 -19.89 6.83
CA PRO B 74 11.50 -19.43 7.86
C PRO B 74 12.08 -18.03 7.58
N TYR B 75 12.61 -17.82 6.35
CA TYR B 75 13.21 -16.54 5.92
C TYR B 75 12.19 -15.39 5.96
N ASP B 76 10.96 -15.66 5.51
CA ASP B 76 9.89 -14.64 5.42
C ASP B 76 9.48 -14.16 6.84
N ARG B 77 9.64 -15.06 7.83
CA ARG B 77 9.43 -14.73 9.26
C ARG B 77 10.63 -13.91 9.78
N ASP B 78 11.86 -14.29 9.33
CA ASP B 78 13.12 -13.58 9.68
C ASP B 78 13.19 -12.19 9.00
N PHE B 79 12.44 -12.03 7.90
CA PHE B 79 12.30 -10.76 7.16
C PHE B 79 11.62 -9.70 8.04
N CYS B 80 10.68 -10.18 8.87
CA CYS B 80 9.90 -9.34 9.79
C CYS B 80 10.71 -8.96 11.07
N LYS B 81 11.90 -9.58 11.25
CA LYS B 81 12.80 -9.31 12.41
C LYS B 81 13.60 -8.01 12.17
N VAL B 82 12.91 -6.87 12.31
CA VAL B 82 13.48 -5.54 12.11
C VAL B 82 12.87 -4.55 13.11
N ASP B 83 13.60 -3.45 13.35
CA ASP B 83 13.19 -2.37 14.27
C ASP B 83 12.09 -1.52 13.62
N GLN B 84 11.28 -0.78 14.43
CA GLN B 84 10.10 -0.03 13.95
C GLN B 84 10.42 0.89 12.72
N PRO B 85 11.43 1.84 12.75
CA PRO B 85 11.79 2.64 11.55
C PRO B 85 12.05 1.77 10.31
N THR B 86 12.89 0.73 10.48
CA THR B 86 13.27 -0.21 9.40
C THR B 86 12.04 -0.99 8.85
N LEU B 87 11.06 -1.27 9.73
CA LEU B 87 9.87 -2.07 9.42
C LEU B 87 8.91 -1.26 8.52
N PHE B 88 8.72 0.02 8.88
CA PHE B 88 7.88 0.95 8.11
C PHE B 88 8.58 1.41 6.83
N GLU B 89 9.94 1.38 6.82
CA GLU B 89 10.73 1.57 5.56
C GLU B 89 10.39 0.47 4.53
N LEU B 90 10.11 -0.76 5.03
CA LEU B 90 9.65 -1.89 4.19
C LEU B 90 8.24 -1.65 3.62
N ILE B 91 7.37 -0.97 4.42
CA ILE B 91 6.00 -0.57 3.99
C ILE B 91 6.09 0.55 2.93
N LEU B 92 6.99 1.52 3.18
CA LEU B 92 7.25 2.65 2.26
C LEU B 92 7.86 2.15 0.94
N ALA B 93 8.71 1.11 1.03
CA ALA B 93 9.34 0.47 -0.13
C ALA B 93 8.34 -0.43 -0.87
N ALA B 94 7.41 -1.05 -0.12
CA ALA B 94 6.35 -1.90 -0.70
C ALA B 94 5.33 -1.05 -1.49
N ASN B 95 5.12 0.20 -1.02
CA ASN B 95 4.24 1.18 -1.68
C ASN B 95 4.97 1.85 -2.87
N TYR B 96 6.25 2.19 -2.68
CA TYR B 96 7.10 2.84 -3.72
C TYR B 96 7.36 1.89 -4.90
N LEU B 97 7.56 0.61 -4.60
CA LEU B 97 7.80 -0.45 -5.60
C LEU B 97 6.48 -1.14 -6.02
N ASP B 98 5.38 -0.72 -5.35
CA ASP B 98 3.99 -1.14 -5.66
C ASP B 98 3.80 -2.67 -5.53
N ILE B 99 4.64 -3.30 -4.69
CA ILE B 99 4.59 -4.74 -4.42
C ILE B 99 3.48 -5.00 -3.38
N LYS B 100 2.26 -5.21 -3.89
CA LYS B 100 1.06 -5.50 -3.08
C LYS B 100 1.20 -6.77 -2.19
N PRO B 101 1.78 -7.94 -2.66
CA PRO B 101 2.00 -9.12 -1.77
C PRO B 101 2.91 -8.79 -0.56
N LEU B 102 3.99 -8.02 -0.79
CA LEU B 102 4.94 -7.61 0.26
C LEU B 102 4.24 -6.68 1.27
N LEU B 103 3.47 -5.72 0.73
CA LEU B 103 2.67 -4.76 1.52
C LEU B 103 1.75 -5.51 2.48
N ASP B 104 1.08 -6.55 1.94
CA ASP B 104 0.11 -7.37 2.68
C ASP B 104 0.77 -8.14 3.84
N VAL B 105 1.92 -8.80 3.55
CA VAL B 105 2.70 -9.56 4.56
C VAL B 105 3.11 -8.66 5.74
N THR B 106 3.68 -7.49 5.41
CA THR B 106 4.18 -6.52 6.40
C THR B 106 3.02 -5.84 7.18
N CYS B 107 1.86 -5.66 6.51
CA CYS B 107 0.63 -5.10 7.12
C CYS B 107 -0.02 -6.10 8.09
N LYS B 108 0.16 -7.41 7.82
CA LYS B 108 -0.30 -8.49 8.72
C LYS B 108 0.64 -8.56 9.95
N THR B 109 1.96 -8.40 9.71
CA THR B 109 2.98 -8.44 10.77
C THR B 109 2.72 -7.35 11.85
N VAL B 110 2.50 -6.09 11.41
CA VAL B 110 2.19 -4.97 12.34
C VAL B 110 0.87 -5.21 13.08
N ALA B 111 -0.12 -5.79 12.37
CA ALA B 111 -1.45 -6.11 12.92
C ALA B 111 -1.35 -7.22 14.00
N ASN B 112 -0.34 -8.09 13.84
CA ASN B 112 -0.04 -9.19 14.80
C ASN B 112 0.71 -8.68 16.05
N MET B 113 1.58 -7.66 15.88
CA MET B 113 2.36 -7.08 17.00
C MET B 113 1.43 -6.27 17.94
N ILE B 114 0.48 -5.55 17.33
CA ILE B 114 -0.50 -4.70 18.04
C ILE B 114 -1.77 -5.49 18.44
N ARG B 115 -1.82 -6.79 18.05
CA ARG B 115 -3.03 -7.63 18.15
C ARG B 115 -3.51 -7.76 19.61
N GLY B 116 -4.48 -6.90 19.97
CA GLY B 116 -5.11 -6.93 21.29
C GLY B 116 -6.12 -8.07 21.38
N SER A 1 -23.84 7.82 -10.21
CA SER A 1 -24.64 6.90 -9.40
C SER A 1 -23.90 6.57 -8.09
N LEU A 2 -24.61 6.65 -6.96
CA LEU A 2 -24.03 6.36 -5.63
C LEU A 2 -23.82 4.84 -5.46
N VAL A 3 -22.55 4.44 -5.28
CA VAL A 3 -22.20 3.07 -4.91
C VAL A 3 -22.30 2.93 -3.38
N LYS A 4 -23.08 1.93 -2.95
CA LYS A 4 -23.42 1.73 -1.54
C LYS A 4 -22.38 0.82 -0.87
N LEU A 5 -21.33 1.44 -0.35
CA LEU A 5 -20.23 0.74 0.33
C LEU A 5 -20.61 0.48 1.79
N GLU A 6 -21.15 -0.71 2.04
CA GLU A 6 -21.49 -1.15 3.39
C GLU A 6 -20.22 -1.62 4.12
N SER A 7 -20.05 -1.17 5.37
CA SER A 7 -18.91 -1.55 6.22
C SER A 7 -19.19 -2.88 6.94
N SER A 8 -18.18 -3.36 7.70
CA SER A 8 -18.30 -4.54 8.57
C SER A 8 -19.23 -4.26 9.77
N ASP A 9 -19.38 -2.96 10.10
CA ASP A 9 -20.32 -2.46 11.13
C ASP A 9 -21.74 -2.24 10.52
N GLU A 10 -21.90 -2.66 9.24
CA GLU A 10 -23.18 -2.70 8.49
C GLU A 10 -23.75 -1.29 8.20
N LYS A 11 -22.88 -0.26 8.24
CA LYS A 11 -23.27 1.12 7.85
C LYS A 11 -23.04 1.30 6.35
N VAL A 12 -24.11 1.67 5.64
CA VAL A 12 -24.12 1.81 4.18
C VAL A 12 -23.76 3.26 3.78
N PHE A 13 -22.52 3.45 3.30
CA PHE A 13 -22.03 4.76 2.84
C PHE A 13 -22.28 4.89 1.33
N GLU A 14 -23.32 5.65 0.97
CA GLU A 14 -23.72 5.89 -0.42
C GLU A 14 -22.87 7.03 -1.02
N ILE A 15 -21.63 6.68 -1.40
CA ILE A 15 -20.65 7.60 -1.98
C ILE A 15 -20.73 7.56 -3.50
N GLU A 16 -20.42 8.69 -4.15
CA GLU A 16 -20.48 8.83 -5.61
C GLU A 16 -19.44 7.89 -6.27
N LYS A 17 -19.84 7.24 -7.38
CA LYS A 17 -18.99 6.27 -8.10
C LYS A 17 -17.69 6.94 -8.59
N GLU A 18 -17.79 8.22 -9.04
CA GLU A 18 -16.64 9.02 -9.54
C GLU A 18 -15.49 9.07 -8.48
N ILE A 19 -15.89 9.13 -7.21
CA ILE A 19 -14.95 9.20 -6.07
C ILE A 19 -14.40 7.79 -5.78
N ALA A 20 -15.27 6.78 -5.91
CA ALA A 20 -14.95 5.36 -5.66
C ALA A 20 -14.10 4.74 -6.80
N CYS A 21 -13.95 5.48 -7.92
CA CYS A 21 -13.06 5.10 -9.02
C CYS A 21 -11.58 5.24 -8.61
N MET A 22 -11.29 6.23 -7.73
CA MET A 22 -9.92 6.46 -7.18
C MET A 22 -9.47 5.25 -6.34
N SER A 23 -10.47 4.60 -5.72
CA SER A 23 -10.30 3.31 -5.08
C SER A 23 -10.24 2.23 -6.17
N VAL A 24 -9.03 1.72 -6.43
CA VAL A 24 -8.78 0.81 -7.56
C VAL A 24 -9.49 -0.55 -7.37
N THR A 25 -9.54 -1.06 -6.12
CA THR A 25 -10.19 -2.35 -5.82
C THR A 25 -11.71 -2.27 -6.09
N ILE A 26 -12.34 -1.16 -5.67
CA ILE A 26 -13.79 -0.93 -5.87
C ILE A 26 -14.12 -0.77 -7.36
N LYS A 27 -13.28 0.02 -8.07
CA LYS A 27 -13.36 0.22 -9.52
C LYS A 27 -13.28 -1.14 -10.26
N ASN A 28 -12.31 -1.97 -9.81
CA ASN A 28 -12.07 -3.31 -10.36
C ASN A 28 -13.23 -4.27 -10.06
N MET A 29 -13.89 -4.08 -8.89
CA MET A 29 -15.09 -4.87 -8.50
C MET A 29 -16.29 -4.53 -9.39
N ILE A 30 -16.40 -3.25 -9.77
CA ILE A 30 -17.44 -2.76 -10.69
C ILE A 30 -17.25 -3.41 -12.07
N GLU A 31 -15.99 -3.41 -12.54
CA GLU A 31 -15.60 -4.01 -13.85
C GLU A 31 -15.71 -5.56 -13.81
N ASP A 32 -15.46 -6.15 -12.62
CA ASP A 32 -15.49 -7.61 -12.38
C ASP A 32 -16.93 -8.16 -12.51
N ILE A 33 -17.87 -7.42 -11.92
CA ILE A 33 -19.32 -7.71 -11.99
C ILE A 33 -19.90 -7.20 -13.34
N GLY A 34 -19.18 -6.26 -13.98
CA GLY A 34 -19.65 -5.57 -15.18
C GLY A 34 -20.20 -4.20 -14.80
N GLU A 35 -21.03 -4.20 -13.74
CA GLU A 35 -21.62 -3.01 -13.15
C GLU A 35 -22.12 -3.37 -11.75
N SER A 36 -21.42 -2.88 -10.69
CA SER A 36 -21.84 -3.07 -9.30
C SER A 36 -23.03 -2.12 -8.98
N ASP A 37 -24.22 -2.57 -9.41
CA ASP A 37 -25.50 -1.87 -9.13
C ASP A 37 -25.93 -2.14 -7.68
N SER A 38 -25.64 -3.36 -7.21
CA SER A 38 -25.99 -3.83 -5.87
C SER A 38 -24.99 -3.27 -4.82
N PRO A 39 -25.45 -3.04 -3.53
CA PRO A 39 -24.57 -2.61 -2.42
C PRO A 39 -23.41 -3.61 -2.18
N ILE A 40 -22.17 -3.08 -2.09
CA ILE A 40 -20.96 -3.88 -1.89
C ILE A 40 -20.68 -4.00 -0.36
N PRO A 41 -20.87 -5.21 0.26
CA PRO A 41 -20.54 -5.44 1.67
C PRO A 41 -19.00 -5.62 1.84
N LEU A 42 -18.43 -4.88 2.78
CA LEU A 42 -16.99 -4.90 3.06
C LEU A 42 -16.79 -5.47 4.48
N PRO A 43 -16.56 -6.83 4.64
CA PRO A 43 -16.47 -7.49 5.97
C PRO A 43 -15.07 -7.36 6.62
N ASN A 44 -14.44 -6.20 6.41
CA ASN A 44 -13.06 -5.92 6.84
C ASN A 44 -13.03 -4.55 7.52
N VAL A 45 -13.27 -3.50 6.71
CA VAL A 45 -13.18 -2.09 7.16
C VAL A 45 -14.45 -1.70 7.94
N THR A 46 -14.26 -1.18 9.17
CA THR A 46 -15.37 -0.73 10.05
C THR A 46 -15.98 0.59 9.55
N SER A 47 -17.12 0.97 10.14
CA SER A 47 -17.86 2.19 9.75
C SER A 47 -17.03 3.45 9.98
N THR A 48 -16.39 3.50 11.16
CA THR A 48 -15.56 4.63 11.59
C THR A 48 -14.43 4.90 10.58
N ILE A 49 -13.68 3.84 10.23
CA ILE A 49 -12.50 3.95 9.34
C ILE A 49 -12.94 4.20 7.89
N LEU A 50 -13.99 3.48 7.44
CA LEU A 50 -14.54 3.61 6.07
C LEU A 50 -15.08 5.03 5.85
N GLU A 51 -15.66 5.62 6.92
CA GLU A 51 -16.17 7.00 6.91
C GLU A 51 -15.02 7.98 6.64
N LYS A 52 -13.91 7.78 7.37
CA LYS A 52 -12.72 8.63 7.28
C LYS A 52 -12.06 8.54 5.89
N VAL A 53 -11.92 7.30 5.39
CA VAL A 53 -11.28 7.01 4.11
C VAL A 53 -12.07 7.64 2.95
N LEU A 54 -13.41 7.47 2.98
CA LEU A 54 -14.31 7.99 1.95
C LEU A 54 -14.47 9.52 2.06
N ASP A 55 -14.36 10.07 3.28
CA ASP A 55 -14.45 11.53 3.54
C ASP A 55 -13.18 12.23 3.04
N TYR A 56 -12.03 11.56 3.19
CA TYR A 56 -10.74 12.03 2.66
C TYR A 56 -10.74 11.93 1.12
N CYS A 57 -11.45 10.92 0.60
CA CYS A 57 -11.68 10.77 -0.84
C CYS A 57 -12.60 11.89 -1.36
N ARG A 58 -13.59 12.34 -0.55
CA ARG A 58 -14.47 13.49 -0.88
C ARG A 58 -13.65 14.80 -0.84
N HIS A 59 -12.68 14.85 0.09
CA HIS A 59 -11.71 15.95 0.20
C HIS A 59 -10.93 16.08 -1.11
N HIS A 60 -10.40 14.95 -1.59
CA HIS A 60 -9.58 14.90 -2.82
C HIS A 60 -10.45 15.09 -4.08
N HIS A 61 -11.74 14.76 -3.97
CA HIS A 61 -12.69 14.88 -5.09
C HIS A 61 -13.05 16.35 -5.36
N GLN A 62 -13.39 17.05 -4.29
CA GLN A 62 -13.95 18.41 -4.34
C GLN A 62 -12.86 19.48 -4.14
N HIS A 63 -11.72 19.05 -3.58
CA HIS A 63 -10.48 19.84 -3.51
C HIS A 63 -9.32 18.94 -3.99
N PRO A 64 -9.12 18.82 -5.35
CA PRO A 64 -8.06 17.95 -5.93
C PRO A 64 -6.64 18.30 -5.40
N GLY A 65 -6.13 19.49 -5.77
CA GLY A 65 -4.80 19.96 -5.36
C GLY A 65 -3.68 19.40 -6.24
N GLY A 66 -3.78 18.09 -6.60
CA GLY A 66 -2.71 17.37 -7.29
C GLY A 66 -1.69 16.87 -6.30
N SER A 67 -0.90 17.81 -5.74
CA SER A 67 0.09 17.52 -4.70
C SER A 67 0.22 18.77 -3.79
N GLY A 68 -0.47 18.72 -2.63
CA GLY A 68 -0.34 19.77 -1.59
C GLY A 68 0.89 19.54 -0.72
N LEU A 69 2.05 19.40 -1.39
CA LEU A 69 3.35 19.03 -0.79
C LEU A 69 3.89 20.10 0.18
N ASP A 70 3.51 21.36 -0.05
CA ASP A 70 3.83 22.48 0.85
C ASP A 70 2.54 23.29 1.10
N ASP A 71 1.59 22.64 1.78
CA ASP A 71 0.35 23.28 2.21
C ASP A 71 -0.21 22.52 3.41
N ILE A 72 -0.78 21.32 3.15
CA ILE A 72 -1.46 20.47 4.13
C ILE A 72 -2.53 21.28 4.94
N PRO A 73 -3.81 21.34 4.44
CA PRO A 73 -4.93 22.03 5.15
C PRO A 73 -5.20 21.45 6.58
N PRO A 74 -5.85 22.25 7.49
CA PRO A 74 -6.16 21.84 8.89
C PRO A 74 -6.73 20.40 9.02
N TYR A 75 -7.77 20.11 8.21
CA TYR A 75 -8.45 18.78 8.18
C TYR A 75 -7.44 17.64 7.96
N ASP A 76 -6.47 17.87 7.05
CA ASP A 76 -5.49 16.85 6.64
C ASP A 76 -4.50 16.54 7.78
N ARG A 77 -4.16 17.58 8.57
CA ARG A 77 -3.38 17.40 9.81
C ARG A 77 -4.19 16.55 10.81
N ASP A 78 -5.44 16.98 11.08
CA ASP A 78 -6.34 16.33 12.05
C ASP A 78 -6.67 14.88 11.64
N PHE A 79 -6.70 14.63 10.32
CA PHE A 79 -6.98 13.31 9.73
C PHE A 79 -5.85 12.33 10.09
N CYS A 80 -4.61 12.84 10.00
CA CYS A 80 -3.40 12.08 10.34
C CYS A 80 -3.24 11.96 11.87
N LYS A 81 -3.79 12.93 12.63
CA LYS A 81 -3.74 12.95 14.09
C LYS A 81 -4.85 12.03 14.66
N VAL A 82 -4.61 10.71 14.55
CA VAL A 82 -5.48 9.66 15.10
C VAL A 82 -4.65 8.74 15.99
N ASP A 83 -5.32 7.87 16.74
CA ASP A 83 -4.71 7.01 17.76
C ASP A 83 -3.79 5.94 17.10
N GLN A 84 -2.85 5.36 17.91
CA GLN A 84 -1.81 4.43 17.42
C GLN A 84 -2.37 3.22 16.61
N PRO A 85 -3.40 2.44 17.13
CA PRO A 85 -4.02 1.33 16.34
C PRO A 85 -4.77 1.86 15.10
N THR A 86 -5.40 3.06 15.25
CA THR A 86 -6.24 3.69 14.21
C THR A 86 -5.42 4.01 12.93
N LEU A 87 -4.12 4.33 13.13
CA LEU A 87 -3.14 4.55 12.05
C LEU A 87 -3.04 3.28 11.16
N PHE A 88 -2.89 2.13 11.82
CA PHE A 88 -2.79 0.81 11.14
C PHE A 88 -4.13 0.42 10.51
N GLU A 89 -5.25 0.85 11.12
CA GLU A 89 -6.61 0.62 10.59
C GLU A 89 -6.78 1.32 9.22
N LEU A 90 -6.21 2.55 9.13
CA LEU A 90 -6.20 3.35 7.88
C LEU A 90 -5.27 2.71 6.83
N ILE A 91 -4.16 2.08 7.29
CA ILE A 91 -3.21 1.34 6.43
C ILE A 91 -3.90 0.07 5.85
N LEU A 92 -4.62 -0.66 6.72
CA LEU A 92 -5.32 -1.91 6.36
C LEU A 92 -6.46 -1.64 5.36
N ALA A 93 -7.20 -0.54 5.60
CA ALA A 93 -8.34 -0.11 4.76
C ALA A 93 -7.85 0.42 3.39
N ALA A 94 -6.72 1.14 3.41
CA ALA A 94 -6.10 1.71 2.20
C ALA A 94 -5.46 0.63 1.33
N ASN A 95 -5.01 -0.47 1.95
CA ASN A 95 -4.48 -1.65 1.23
C ASN A 95 -5.66 -2.50 0.70
N TYR A 96 -6.72 -2.61 1.51
CA TYR A 96 -7.94 -3.39 1.18
C TYR A 96 -8.69 -2.82 -0.04
N LEU A 97 -8.82 -1.48 -0.08
CA LEU A 97 -9.52 -0.75 -1.15
C LEU A 97 -8.55 -0.25 -2.24
N ASP A 98 -7.22 -0.38 -1.97
CA ASP A 98 -6.13 0.16 -2.83
C ASP A 98 -6.38 1.64 -3.17
N ILE A 99 -6.25 2.47 -2.12
CA ILE A 99 -6.27 3.93 -2.23
C ILE A 99 -4.90 4.43 -1.73
N LYS A 100 -3.97 4.61 -2.66
CA LYS A 100 -2.61 5.13 -2.39
C LYS A 100 -2.62 6.60 -1.89
N PRO A 101 -3.54 7.52 -2.39
CA PRO A 101 -3.77 8.86 -1.74
C PRO A 101 -4.03 8.77 -0.20
N LEU A 102 -4.69 7.68 0.24
CA LEU A 102 -4.97 7.42 1.67
C LEU A 102 -3.70 6.82 2.33
N LEU A 103 -3.17 5.77 1.67
CA LEU A 103 -2.08 4.92 2.21
C LEU A 103 -0.81 5.73 2.48
N ASP A 104 -0.38 6.50 1.47
CA ASP A 104 0.89 7.24 1.47
C ASP A 104 0.89 8.34 2.54
N VAL A 105 -0.27 9.02 2.71
CA VAL A 105 -0.46 10.07 3.72
C VAL A 105 -0.34 9.48 5.16
N THR A 106 -0.98 8.32 5.38
CA THR A 106 -0.90 7.59 6.66
C THR A 106 0.52 7.00 6.88
N CYS A 107 1.20 6.65 5.77
CA CYS A 107 2.57 6.12 5.78
C CYS A 107 3.58 7.23 6.16
N LYS A 108 3.28 8.48 5.75
CA LYS A 108 4.08 9.67 6.13
C LYS A 108 3.91 9.97 7.61
N THR A 109 2.66 9.83 8.11
CA THR A 109 2.31 10.09 9.51
C THR A 109 3.09 9.17 10.47
N VAL A 110 3.00 7.84 10.19
CA VAL A 110 3.65 6.82 11.02
C VAL A 110 5.18 6.90 10.91
N ALA A 111 5.68 7.31 9.72
CA ALA A 111 7.11 7.55 9.47
C ALA A 111 7.62 8.74 10.30
N ASN A 112 6.80 9.81 10.37
CA ASN A 112 7.13 11.07 11.09
C ASN A 112 7.21 10.84 12.61
N MET A 113 6.48 9.83 13.11
CA MET A 113 6.51 9.46 14.55
C MET A 113 7.87 8.83 14.92
N ILE A 114 8.31 7.87 14.09
CA ILE A 114 9.58 7.11 14.31
C ILE A 114 10.80 7.86 13.74
N ARG A 115 10.54 8.98 13.06
CA ARG A 115 11.56 9.81 12.37
C ARG A 115 12.57 10.39 13.36
N GLY A 116 13.71 9.70 13.51
CA GLY A 116 14.83 10.18 14.30
C GLY A 116 16.02 10.53 13.41
N SER B 1 16.97 -10.32 -18.52
CA SER B 1 18.00 -9.28 -18.33
C SER B 1 17.91 -8.70 -16.91
N LEU B 2 19.06 -8.54 -16.23
CA LEU B 2 19.11 -8.04 -14.85
C LEU B 2 18.91 -6.50 -14.84
N VAL B 3 17.82 -6.04 -14.20
CA VAL B 3 17.59 -4.61 -13.94
C VAL B 3 18.38 -4.21 -12.67
N LYS B 4 19.19 -3.18 -12.82
CA LYS B 4 20.14 -2.73 -11.79
C LYS B 4 19.46 -1.68 -10.88
N LEU B 5 18.79 -2.18 -9.84
CA LEU B 5 18.07 -1.35 -8.87
C LEU B 5 19.05 -0.84 -7.81
N GLU B 6 19.56 0.37 -8.04
CA GLU B 6 20.46 1.04 -7.10
C GLU B 6 19.62 1.66 -5.95
N SER B 7 20.07 1.45 -4.72
CA SER B 7 19.41 2.00 -3.52
C SER B 7 19.91 3.42 -3.22
N SER B 8 19.31 4.05 -2.20
CA SER B 8 19.74 5.38 -1.69
C SER B 8 21.13 5.29 -1.01
N ASP B 9 21.49 4.07 -0.57
CA ASP B 9 22.82 3.74 -0.02
C ASP B 9 23.83 3.40 -1.16
N GLU B 10 23.36 3.58 -2.42
CA GLU B 10 24.15 3.45 -3.67
C GLU B 10 24.60 2.01 -3.96
N LYS B 11 23.92 1.03 -3.35
CA LYS B 11 24.17 -0.41 -3.61
C LYS B 11 23.30 -0.86 -4.79
N VAL B 12 23.97 -1.37 -5.83
CA VAL B 12 23.33 -1.79 -7.09
C VAL B 12 22.93 -3.27 -6.99
N PHE B 13 21.62 -3.53 -6.87
CA PHE B 13 21.06 -4.89 -6.81
C PHE B 13 20.60 -5.30 -8.23
N GLU B 14 21.41 -6.13 -8.89
CA GLU B 14 21.16 -6.60 -10.26
C GLU B 14 20.20 -7.80 -10.22
N ILE B 15 18.90 -7.50 -10.02
CA ILE B 15 17.84 -8.52 -9.93
C ILE B 15 17.21 -8.74 -11.31
N GLU B 16 16.71 -9.96 -11.54
CA GLU B 16 16.11 -10.37 -12.81
C GLU B 16 14.82 -9.53 -13.08
N LYS B 17 14.64 -9.10 -14.33
CA LYS B 17 13.51 -8.26 -14.75
C LYS B 17 12.16 -8.96 -14.47
N GLU B 18 12.13 -10.30 -14.69
CA GLU B 18 10.94 -11.15 -14.47
C GLU B 18 10.40 -11.01 -13.02
N ILE B 19 11.33 -10.84 -12.08
CA ILE B 19 11.01 -10.69 -10.65
C ILE B 19 10.55 -9.25 -10.37
N ALA B 20 11.21 -8.29 -11.05
CA ALA B 20 10.94 -6.84 -10.93
C ALA B 20 9.63 -6.43 -11.64
N CYS B 21 9.04 -7.36 -12.43
CA CYS B 21 7.73 -7.16 -13.06
C CYS B 21 6.60 -7.21 -11.99
N MET B 22 6.82 -8.01 -10.91
CA MET B 22 5.86 -8.10 -9.77
C MET B 22 5.77 -6.76 -9.04
N SER B 23 6.89 -6.02 -9.06
CA SER B 23 6.94 -4.63 -8.64
C SER B 23 6.33 -3.76 -9.75
N VAL B 24 5.11 -3.27 -9.51
CA VAL B 24 4.31 -2.58 -10.54
C VAL B 24 4.94 -1.22 -10.92
N THR B 25 5.52 -0.49 -9.94
CA THR B 25 6.17 0.81 -10.19
C THR B 25 7.39 0.66 -11.11
N ILE B 26 8.22 -0.37 -10.84
CA ILE B 26 9.43 -0.67 -11.64
C ILE B 26 9.05 -1.09 -13.06
N LYS B 27 8.04 -1.99 -13.16
CA LYS B 27 7.47 -2.44 -14.44
C LYS B 27 6.97 -1.24 -15.28
N ASN B 28 6.26 -0.32 -14.59
CA ASN B 28 5.71 0.92 -15.19
C ASN B 28 6.83 1.88 -15.62
N MET B 29 7.96 1.88 -14.86
CA MET B 29 9.16 2.70 -15.20
C MET B 29 9.82 2.18 -16.48
N ILE B 30 9.84 0.84 -16.64
CA ILE B 30 10.39 0.19 -17.83
C ILE B 30 9.54 0.58 -19.07
N GLU B 31 8.21 0.52 -18.90
CA GLU B 31 7.24 0.88 -19.96
C GLU B 31 7.25 2.40 -20.24
N ASP B 32 7.54 3.20 -19.19
CA ASP B 32 7.57 4.68 -19.24
C ASP B 32 8.75 5.18 -20.12
N ILE B 33 9.91 4.55 -19.89
CA ILE B 33 11.14 4.79 -20.67
C ILE B 33 11.07 4.06 -22.03
N GLY B 34 10.24 3.00 -22.09
CA GLY B 34 10.16 2.10 -23.24
C GLY B 34 10.92 0.81 -22.97
N GLU B 35 12.10 0.97 -22.37
CA GLU B 35 12.98 -0.10 -21.91
C GLU B 35 14.03 0.52 -20.97
N SER B 36 13.91 0.24 -19.66
CA SER B 36 14.91 0.66 -18.67
C SER B 36 16.17 -0.23 -18.77
N ASP B 37 17.02 0.09 -19.75
CA ASP B 37 18.32 -0.58 -19.97
C ASP B 37 19.34 -0.07 -18.94
N SER B 38 19.24 1.23 -18.64
CA SER B 38 20.13 1.93 -17.68
C SER B 38 19.74 1.58 -16.22
N PRO B 39 20.74 1.57 -15.27
CA PRO B 39 20.47 1.36 -13.82
C PRO B 39 19.47 2.40 -13.26
N ILE B 40 18.46 1.92 -12.52
CA ILE B 40 17.43 2.78 -11.92
C ILE B 40 17.84 3.17 -10.48
N PRO B 41 18.24 4.46 -10.24
CA PRO B 41 18.56 4.96 -8.89
C PRO B 41 17.27 5.21 -8.09
N LEU B 42 17.22 4.66 -6.87
CA LEU B 42 16.07 4.76 -5.96
C LEU B 42 16.50 5.58 -4.72
N PRO B 43 16.28 6.94 -4.71
CA PRO B 43 16.76 7.85 -3.63
C PRO B 43 15.82 7.86 -2.39
N ASN B 44 15.21 6.69 -2.09
CA ASN B 44 14.20 6.53 -1.04
C ASN B 44 14.55 5.29 -0.19
N VAL B 45 14.48 4.12 -0.84
CA VAL B 45 14.69 2.83 -0.17
C VAL B 45 16.21 2.55 0.01
N THR B 46 16.63 2.27 1.25
CA THR B 46 18.04 1.96 1.59
C THR B 46 18.44 0.56 1.09
N SER B 47 19.75 0.26 1.15
CA SER B 47 20.31 -1.02 0.69
C SER B 47 19.74 -2.20 1.48
N THR B 48 19.72 -2.04 2.80
CA THR B 48 19.25 -3.05 3.75
C THR B 48 17.80 -3.49 3.45
N ILE B 49 16.92 -2.48 3.29
CA ILE B 49 15.48 -2.71 3.08
C ILE B 49 15.22 -3.24 1.65
N LEU B 50 15.90 -2.63 0.65
CA LEU B 50 15.78 -3.02 -0.77
C LEU B 50 16.25 -4.48 -0.98
N GLU B 51 17.29 -4.87 -0.20
CA GLU B 51 17.83 -6.25 -0.21
C GLU B 51 16.75 -7.23 0.23
N LYS B 52 16.07 -6.88 1.34
CA LYS B 52 15.03 -7.71 1.96
C LYS B 52 13.80 -7.85 1.02
N VAL B 53 13.38 -6.72 0.44
CA VAL B 53 12.21 -6.64 -0.43
C VAL B 53 12.43 -7.49 -1.70
N LEU B 54 13.62 -7.34 -2.31
CA LEU B 54 13.99 -8.06 -3.54
C LEU B 54 14.26 -9.55 -3.27
N ASP B 55 14.77 -9.87 -2.05
CA ASP B 55 15.04 -11.26 -1.61
C ASP B 55 13.72 -12.01 -1.36
N TYR B 56 12.73 -11.30 -0.80
CA TYR B 56 11.38 -11.84 -0.60
C TYR B 56 10.68 -12.02 -1.97
N CYS B 57 11.01 -11.12 -2.92
CA CYS B 57 10.55 -11.24 -4.30
C CYS B 57 11.21 -12.47 -4.99
N ARG B 58 12.49 -12.77 -4.66
CA ARG B 58 13.19 -14.00 -5.15
C ARG B 58 12.56 -15.25 -4.53
N HIS B 59 12.12 -15.11 -3.26
CA HIS B 59 11.39 -16.15 -2.53
C HIS B 59 10.12 -16.51 -3.29
N HIS B 60 9.35 -15.47 -3.65
CA HIS B 60 8.07 -15.63 -4.36
C HIS B 60 8.29 -16.07 -5.82
N HIS B 61 9.46 -15.73 -6.38
CA HIS B 61 9.82 -16.07 -7.77
C HIS B 61 10.11 -17.57 -7.92
N GLN B 62 10.94 -18.08 -7.02
CA GLN B 62 11.50 -19.43 -7.10
C GLN B 62 10.66 -20.43 -6.28
N HIS B 63 9.87 -19.89 -5.34
CA HIS B 63 8.86 -20.63 -4.56
C HIS B 63 7.55 -19.81 -4.60
N PRO B 64 6.76 -19.90 -5.72
CA PRO B 64 5.50 -19.12 -5.89
C PRO B 64 4.50 -19.32 -4.73
N GLY B 65 3.96 -20.55 -4.59
CA GLY B 65 2.98 -20.89 -3.54
C GLY B 65 1.55 -20.46 -3.89
N GLY B 66 1.41 -19.27 -4.49
CA GLY B 66 0.11 -18.66 -4.76
C GLY B 66 -0.42 -17.97 -3.52
N SER B 67 -0.80 -18.80 -2.51
CA SER B 67 -1.22 -18.35 -1.19
C SER B 67 -0.82 -19.40 -0.14
N GLY B 68 0.28 -19.14 0.58
CA GLY B 68 0.72 -19.96 1.72
C GLY B 68 0.00 -19.57 3.01
N LEU B 69 -1.35 -19.55 2.92
CA LEU B 69 -2.26 -19.05 3.96
C LEU B 69 -2.24 -19.91 5.24
N ASP B 70 -1.92 -21.20 5.08
CA ASP B 70 -1.74 -22.15 6.20
C ASP B 70 -0.44 -22.92 5.99
N ASP B 71 0.69 -22.20 6.04
CA ASP B 71 2.02 -22.78 5.95
C ASP B 71 3.03 -21.83 6.63
N ILE B 72 3.32 -20.70 5.93
CA ILE B 72 4.33 -19.69 6.35
C ILE B 72 5.69 -20.37 6.69
N PRO B 73 6.61 -20.53 5.68
CA PRO B 73 7.97 -21.11 5.90
C PRO B 73 8.82 -20.30 6.92
N PRO B 74 9.89 -20.94 7.55
CA PRO B 74 10.76 -20.29 8.57
C PRO B 74 11.23 -18.86 8.17
N TYR B 75 11.76 -18.74 6.93
CA TYR B 75 12.26 -17.44 6.39
C TYR B 75 11.18 -16.34 6.46
N ASP B 76 9.93 -16.70 6.15
CA ASP B 76 8.80 -15.75 6.07
C ASP B 76 8.44 -15.22 7.47
N ARG B 77 8.55 -16.09 8.49
CA ARG B 77 8.42 -15.68 9.90
C ARG B 77 9.53 -14.69 10.27
N ASP B 78 10.79 -15.09 10.00
CA ASP B 78 11.99 -14.29 10.33
C ASP B 78 12.01 -12.94 9.58
N PHE B 79 11.42 -12.94 8.37
CA PHE B 79 11.32 -11.74 7.51
C PHE B 79 10.41 -10.70 8.17
N CYS B 80 9.31 -11.19 8.74
CA CYS B 80 8.33 -10.36 9.45
C CYS B 80 8.87 -9.96 10.85
N LYS B 81 9.75 -10.80 11.42
CA LYS B 81 10.38 -10.54 12.73
C LYS B 81 11.56 -9.57 12.57
N VAL B 82 11.22 -8.28 12.39
CA VAL B 82 12.17 -7.17 12.30
C VAL B 82 11.78 -6.09 13.31
N ASP B 83 12.68 -5.10 13.49
CA ASP B 83 12.52 -4.06 14.51
C ASP B 83 11.35 -3.11 14.16
N GLN B 84 10.84 -2.39 15.17
CA GLN B 84 9.63 -1.53 15.07
C GLN B 84 9.71 -0.49 13.90
N PRO B 85 10.80 0.35 13.77
CA PRO B 85 10.93 1.27 12.61
C PRO B 85 11.07 0.52 11.28
N THR B 86 11.77 -0.65 11.31
CA THR B 86 12.08 -1.46 10.11
C THR B 86 10.80 -2.00 9.44
N LEU B 87 9.76 -2.26 10.26
CA LEU B 87 8.41 -2.64 9.80
C LEU B 87 7.83 -1.55 8.86
N PHE B 88 7.92 -0.28 9.32
CA PHE B 88 7.45 0.89 8.55
C PHE B 88 8.31 1.14 7.31
N GLU B 89 9.62 0.80 7.40
CA GLU B 89 10.56 0.90 6.27
C GLU B 89 10.15 -0.05 5.13
N LEU B 90 9.69 -1.26 5.51
CA LEU B 90 9.16 -2.27 4.57
C LEU B 90 7.82 -1.80 3.96
N ILE B 91 7.00 -1.08 4.77
CA ILE B 91 5.71 -0.49 4.31
C ILE B 91 5.98 0.64 3.29
N LEU B 92 6.98 1.50 3.58
CA LEU B 92 7.36 2.66 2.75
C LEU B 92 7.94 2.18 1.40
N ALA B 93 8.78 1.13 1.46
CA ALA B 93 9.43 0.54 0.27
C ALA B 93 8.42 -0.22 -0.61
N ALA B 94 7.47 -0.90 0.05
CA ALA B 94 6.40 -1.67 -0.63
C ALA B 94 5.36 -0.74 -1.29
N ASN B 95 5.18 0.46 -0.73
CA ASN B 95 4.30 1.50 -1.31
C ASN B 95 5.04 2.23 -2.47
N TYR B 96 6.36 2.45 -2.26
CA TYR B 96 7.25 3.14 -3.23
C TYR B 96 7.42 2.33 -4.53
N LEU B 97 7.59 1.00 -4.39
CA LEU B 97 7.78 0.08 -5.53
C LEU B 97 6.46 -0.59 -5.96
N ASP B 98 5.40 -0.40 -5.15
CA ASP B 98 4.07 -1.03 -5.31
C ASP B 98 4.22 -2.57 -5.46
N ILE B 99 4.63 -3.19 -4.35
CA ILE B 99 4.70 -4.65 -4.20
C ILE B 99 3.75 -5.03 -3.06
N LYS B 100 2.51 -5.33 -3.43
CA LYS B 100 1.44 -5.77 -2.50
C LYS B 100 1.77 -7.13 -1.81
N PRO B 101 2.41 -8.15 -2.51
CA PRO B 101 3.00 -9.35 -1.80
C PRO B 101 3.92 -9.00 -0.60
N LEU B 102 4.64 -7.86 -0.70
CA LEU B 102 5.51 -7.36 0.39
C LEU B 102 4.64 -6.63 1.43
N LEU B 103 3.81 -5.69 0.92
CA LEU B 103 3.02 -4.73 1.75
C LEU B 103 2.07 -5.45 2.71
N ASP B 104 1.27 -6.38 2.14
CA ASP B 104 0.19 -7.08 2.85
C ASP B 104 0.75 -7.97 3.98
N VAL B 105 1.89 -8.63 3.70
CA VAL B 105 2.59 -9.48 4.67
C VAL B 105 3.09 -8.65 5.88
N THR B 106 3.69 -7.48 5.59
CA THR B 106 4.15 -6.53 6.63
C THR B 106 2.96 -5.89 7.37
N CYS B 107 1.83 -5.72 6.65
CA CYS B 107 0.58 -5.17 7.19
C CYS B 107 -0.07 -6.18 8.17
N LYS B 108 0.09 -7.49 7.89
CA LYS B 108 -0.39 -8.57 8.79
C LYS B 108 0.47 -8.62 10.06
N THR B 109 1.79 -8.41 9.89
CA THR B 109 2.75 -8.43 11.01
C THR B 109 2.44 -7.33 12.04
N VAL B 110 2.31 -6.07 11.54
CA VAL B 110 2.03 -4.89 12.38
C VAL B 110 0.62 -4.97 13.00
N ALA B 111 -0.33 -5.59 12.25
CA ALA B 111 -1.71 -5.83 12.73
C ALA B 111 -1.70 -6.85 13.88
N ASN B 112 -0.88 -7.91 13.75
CA ASN B 112 -0.77 -9.00 14.74
C ASN B 112 -0.16 -8.51 16.07
N MET B 113 0.65 -7.44 16.00
CA MET B 113 1.24 -6.82 17.21
C MET B 113 0.14 -6.12 18.04
N ILE B 114 -0.67 -5.29 17.36
CA ILE B 114 -1.74 -4.48 17.99
C ILE B 114 -3.05 -5.29 18.17
N ARG B 115 -3.04 -6.53 17.65
CA ARG B 115 -4.20 -7.44 17.67
C ARG B 115 -4.61 -7.80 19.11
N GLY B 116 -5.61 -7.08 19.61
CA GLY B 116 -6.22 -7.33 20.92
C GLY B 116 -7.61 -7.97 20.79
N SER A 1 -22.52 8.90 -10.68
CA SER A 1 -23.59 8.48 -9.75
C SER A 1 -23.00 7.80 -8.50
N LEU A 2 -23.82 7.66 -7.45
CA LEU A 2 -23.41 7.02 -6.18
C LEU A 2 -23.39 5.49 -6.29
N VAL A 3 -22.29 4.88 -5.83
CA VAL A 3 -22.23 3.44 -5.55
C VAL A 3 -22.30 3.24 -4.02
N LYS A 4 -22.97 2.16 -3.60
CA LYS A 4 -23.19 1.87 -2.19
C LYS A 4 -22.10 0.91 -1.68
N LEU A 5 -21.36 1.35 -0.65
CA LEU A 5 -20.27 0.56 -0.04
C LEU A 5 -20.64 0.25 1.42
N GLU A 6 -21.29 -0.90 1.66
CA GLU A 6 -21.63 -1.35 3.02
C GLU A 6 -20.38 -1.87 3.72
N SER A 7 -19.99 -1.25 4.83
CA SER A 7 -18.92 -1.76 5.70
C SER A 7 -19.33 -3.10 6.37
N SER A 8 -18.42 -3.67 7.17
CA SER A 8 -18.72 -4.86 7.98
C SER A 8 -19.81 -4.54 9.02
N ASP A 9 -19.86 -3.26 9.44
CA ASP A 9 -20.86 -2.75 10.40
C ASP A 9 -22.19 -2.36 9.67
N GLU A 10 -22.29 -2.72 8.37
CA GLU A 10 -23.51 -2.60 7.53
C GLU A 10 -23.88 -1.14 7.18
N LYS A 11 -23.00 -0.18 7.53
CA LYS A 11 -23.21 1.24 7.18
C LYS A 11 -23.01 1.43 5.67
N VAL A 12 -24.05 1.93 4.99
CA VAL A 12 -24.11 2.07 3.53
C VAL A 12 -23.49 3.42 3.12
N PHE A 13 -22.20 3.38 2.74
CA PHE A 13 -21.46 4.55 2.26
C PHE A 13 -21.76 4.80 0.78
N GLU A 14 -22.84 5.56 0.53
CA GLU A 14 -23.26 5.97 -0.81
C GLU A 14 -22.38 7.13 -1.29
N ILE A 15 -21.27 6.77 -1.93
CA ILE A 15 -20.22 7.71 -2.34
C ILE A 15 -20.08 7.65 -3.88
N GLU A 16 -19.57 8.72 -4.50
CA GLU A 16 -19.42 8.81 -5.97
C GLU A 16 -18.52 7.67 -6.50
N LYS A 17 -18.91 7.08 -7.65
CA LYS A 17 -18.19 5.96 -8.27
C LYS A 17 -16.74 6.36 -8.59
N GLU A 18 -16.54 7.66 -8.90
CA GLU A 18 -15.21 8.23 -9.20
C GLU A 18 -14.24 8.08 -8.00
N ILE A 19 -14.78 8.30 -6.80
CA ILE A 19 -14.02 8.23 -5.53
C ILE A 19 -13.77 6.75 -5.16
N ALA A 20 -14.75 5.90 -5.48
CA ALA A 20 -14.65 4.45 -5.30
C ALA A 20 -13.62 3.84 -6.28
N CYS A 21 -13.44 4.49 -7.44
CA CYS A 21 -12.43 4.09 -8.44
C CYS A 21 -11.01 4.53 -8.02
N MET A 22 -10.94 5.57 -7.13
CA MET A 22 -9.65 5.97 -6.49
C MET A 22 -9.09 4.83 -5.61
N SER A 23 -10.00 3.94 -5.15
CA SER A 23 -9.64 2.62 -4.66
C SER A 23 -9.35 1.72 -5.86
N VAL A 24 -8.09 1.26 -6.00
CA VAL A 24 -7.67 0.35 -7.08
C VAL A 24 -8.41 -1.01 -6.96
N THR A 25 -8.72 -1.42 -5.71
CA THR A 25 -9.40 -2.70 -5.43
C THR A 25 -10.85 -2.68 -5.94
N ILE A 26 -11.59 -1.59 -5.63
CA ILE A 26 -13.01 -1.42 -6.05
C ILE A 26 -13.07 -1.15 -7.56
N LYS A 27 -12.07 -0.41 -8.09
CA LYS A 27 -11.88 -0.20 -9.54
C LYS A 27 -11.78 -1.56 -10.27
N ASN A 28 -10.88 -2.43 -9.76
CA ASN A 28 -10.65 -3.78 -10.29
C ASN A 28 -11.92 -4.64 -10.18
N MET A 29 -12.65 -4.50 -9.05
CA MET A 29 -13.91 -5.25 -8.80
C MET A 29 -14.95 -4.93 -9.89
N ILE A 30 -15.24 -3.61 -10.05
CA ILE A 30 -16.28 -3.13 -10.98
C ILE A 30 -15.98 -3.60 -12.42
N GLU A 31 -14.73 -3.41 -12.86
CA GLU A 31 -14.30 -3.73 -14.24
C GLU A 31 -14.25 -5.26 -14.49
N ASP A 32 -13.84 -6.02 -13.46
CA ASP A 32 -13.75 -7.51 -13.53
C ASP A 32 -15.14 -8.15 -13.66
N ILE A 33 -16.11 -7.57 -12.94
CA ILE A 33 -17.53 -7.99 -13.02
C ILE A 33 -18.13 -7.53 -14.36
N GLY A 34 -17.75 -6.31 -14.79
CA GLY A 34 -18.25 -5.70 -16.03
C GLY A 34 -19.29 -4.61 -15.77
N GLU A 35 -19.23 -4.03 -14.53
CA GLU A 35 -20.13 -2.98 -14.02
C GLU A 35 -21.53 -3.54 -13.73
N SER A 36 -22.03 -3.33 -12.51
CA SER A 36 -23.31 -3.90 -12.05
C SER A 36 -24.05 -2.93 -11.13
N ASP A 37 -25.36 -3.16 -11.04
CA ASP A 37 -26.28 -2.43 -10.13
C ASP A 37 -26.12 -2.93 -8.69
N SER A 38 -25.43 -4.07 -8.52
CA SER A 38 -25.08 -4.64 -7.23
C SER A 38 -24.14 -3.68 -6.44
N PRO A 39 -24.45 -3.41 -5.12
CA PRO A 39 -23.54 -2.68 -4.22
C PRO A 39 -22.27 -3.50 -3.90
N ILE A 40 -21.20 -2.82 -3.45
CA ILE A 40 -19.93 -3.48 -3.11
C ILE A 40 -19.75 -3.47 -1.58
N PRO A 41 -20.13 -4.59 -0.87
CA PRO A 41 -19.91 -4.71 0.58
C PRO A 41 -18.44 -5.08 0.89
N LEU A 42 -17.84 -4.33 1.82
CA LEU A 42 -16.47 -4.50 2.28
C LEU A 42 -16.48 -5.08 3.71
N PRO A 43 -16.52 -6.45 3.88
CA PRO A 43 -16.72 -7.11 5.19
C PRO A 43 -15.43 -7.16 6.06
N ASN A 44 -14.30 -6.73 5.48
CA ASN A 44 -13.00 -6.69 6.16
C ASN A 44 -12.87 -5.43 7.05
N VAL A 45 -13.34 -4.29 6.51
CA VAL A 45 -13.18 -2.97 7.14
C VAL A 45 -14.49 -2.54 7.84
N THR A 46 -14.36 -1.99 9.07
CA THR A 46 -15.51 -1.50 9.86
C THR A 46 -15.95 -0.11 9.38
N SER A 47 -17.09 0.36 9.91
CA SER A 47 -17.70 1.65 9.53
C SER A 47 -16.81 2.84 9.89
N THR A 48 -16.31 2.84 11.14
CA THR A 48 -15.50 3.91 11.71
C THR A 48 -14.18 4.14 10.93
N ILE A 49 -13.60 3.03 10.45
CA ILE A 49 -12.32 3.05 9.71
C ILE A 49 -12.57 3.44 8.25
N LEU A 50 -13.58 2.80 7.63
CA LEU A 50 -13.96 3.01 6.22
C LEU A 50 -14.45 4.46 5.99
N GLU A 51 -15.04 5.05 7.04
CA GLU A 51 -15.57 6.42 7.00
C GLU A 51 -14.45 7.43 6.74
N LYS A 52 -13.36 7.33 7.53
CA LYS A 52 -12.22 8.26 7.46
C LYS A 52 -11.51 8.14 6.10
N VAL A 53 -11.37 6.88 5.65
CA VAL A 53 -10.69 6.53 4.40
C VAL A 53 -11.43 7.18 3.20
N LEU A 54 -12.75 6.97 3.13
CA LEU A 54 -13.61 7.51 2.07
C LEU A 54 -13.81 9.02 2.19
N ASP A 55 -13.75 9.55 3.43
CA ASP A 55 -13.92 10.98 3.74
C ASP A 55 -12.75 11.80 3.19
N TYR A 56 -11.53 11.36 3.51
CA TYR A 56 -10.29 11.99 3.02
C TYR A 56 -10.24 11.94 1.48
N CYS A 57 -10.51 10.75 0.92
CA CYS A 57 -10.47 10.50 -0.54
C CYS A 57 -11.56 11.31 -1.28
N ARG A 58 -12.71 11.52 -0.60
CA ARG A 58 -13.82 12.36 -1.11
C ARG A 58 -13.37 13.81 -1.26
N HIS A 59 -12.78 14.35 -0.19
CA HIS A 59 -12.24 15.71 -0.15
C HIS A 59 -11.06 15.88 -1.12
N HIS A 60 -10.27 14.81 -1.28
CA HIS A 60 -9.11 14.78 -2.18
C HIS A 60 -9.58 14.65 -3.65
N HIS A 61 -10.83 14.19 -3.83
CA HIS A 61 -11.49 14.17 -5.15
C HIS A 61 -12.10 15.56 -5.45
N GLN A 62 -12.53 16.27 -4.39
CA GLN A 62 -13.06 17.64 -4.52
C GLN A 62 -11.93 18.61 -4.90
N HIS A 63 -10.73 18.35 -4.36
CA HIS A 63 -9.50 19.08 -4.66
C HIS A 63 -8.41 18.07 -5.08
N PRO A 64 -8.41 17.61 -6.38
CA PRO A 64 -7.44 16.60 -6.88
C PRO A 64 -5.99 17.12 -6.95
N GLY A 65 -5.83 18.45 -7.04
CA GLY A 65 -4.51 19.07 -7.14
C GLY A 65 -4.59 20.58 -7.02
N GLY A 66 -3.83 21.30 -7.88
CA GLY A 66 -3.81 22.77 -7.89
C GLY A 66 -2.92 23.34 -6.81
N SER A 67 -3.31 23.14 -5.55
CA SER A 67 -2.57 23.58 -4.36
C SER A 67 -2.63 22.48 -3.28
N GLY A 68 -2.06 22.78 -2.10
CA GLY A 68 -2.02 21.82 -0.98
C GLY A 68 -0.68 21.13 -0.83
N LEU A 69 0.06 21.02 -1.95
CA LEU A 69 1.39 20.35 -1.98
C LEU A 69 2.43 21.17 -1.17
N ASP A 70 2.42 22.50 -1.36
CA ASP A 70 3.26 23.44 -0.60
C ASP A 70 2.52 23.94 0.65
N ASP A 71 1.21 24.17 0.48
CA ASP A 71 0.32 24.75 1.51
C ASP A 71 0.22 23.85 2.75
N ILE A 72 0.20 22.52 2.50
CA ILE A 72 -0.04 21.48 3.52
C ILE A 72 -1.40 21.72 4.22
N PRO A 73 -2.51 21.10 3.74
CA PRO A 73 -3.86 21.32 4.30
C PRO A 73 -3.95 20.82 5.76
N PRO A 74 -4.41 21.69 6.73
CA PRO A 74 -4.69 21.27 8.13
C PRO A 74 -5.59 20.03 8.22
N TYR A 75 -6.42 19.82 7.19
CA TYR A 75 -7.31 18.66 7.01
C TYR A 75 -6.53 17.33 7.11
N ASP A 76 -5.40 17.26 6.37
CA ASP A 76 -4.53 16.07 6.31
C ASP A 76 -3.91 15.76 7.68
N ARG A 77 -3.53 16.83 8.38
CA ARG A 77 -2.91 16.74 9.72
C ARG A 77 -3.95 16.35 10.76
N ASP A 78 -5.18 16.79 10.55
CA ASP A 78 -6.31 16.47 11.43
C ASP A 78 -6.87 15.08 11.15
N PHE A 79 -6.63 14.56 9.92
CA PHE A 79 -6.91 13.15 9.56
C PHE A 79 -6.03 12.20 10.40
N CYS A 80 -4.81 12.68 10.70
CA CYS A 80 -3.81 11.95 11.51
C CYS A 80 -4.22 11.88 13.01
N LYS A 81 -5.24 12.66 13.42
CA LYS A 81 -5.72 12.69 14.83
C LYS A 81 -6.67 11.50 15.07
N VAL A 82 -6.07 10.31 15.17
CA VAL A 82 -6.77 9.05 15.44
C VAL A 82 -6.02 8.31 16.57
N ASP A 83 -6.61 7.20 17.08
CA ASP A 83 -5.94 6.38 18.11
C ASP A 83 -4.74 5.63 17.49
N GLN A 84 -3.79 5.24 18.35
CA GLN A 84 -2.56 4.51 17.94
C GLN A 84 -2.91 3.20 17.16
N PRO A 85 -3.80 2.28 17.68
CA PRO A 85 -4.21 1.06 16.92
C PRO A 85 -5.08 1.41 15.69
N THR A 86 -5.99 2.39 15.87
CA THR A 86 -6.90 2.88 14.80
C THR A 86 -6.12 3.39 13.57
N LEU A 87 -4.93 3.94 13.84
CA LEU A 87 -4.00 4.46 12.84
C LEU A 87 -3.59 3.33 11.88
N PHE A 88 -3.25 2.16 12.45
CA PHE A 88 -2.84 0.97 11.69
C PHE A 88 -4.03 0.32 10.98
N GLU A 89 -5.22 0.43 11.58
CA GLU A 89 -6.48 -0.03 10.95
C GLU A 89 -6.73 0.72 9.64
N LEU A 90 -6.36 2.02 9.62
CA LEU A 90 -6.44 2.88 8.42
C LEU A 90 -5.43 2.45 7.35
N ILE A 91 -4.24 1.95 7.77
CA ILE A 91 -3.20 1.41 6.85
C ILE A 91 -3.69 0.07 6.24
N LEU A 92 -4.30 -0.76 7.08
CA LEU A 92 -4.86 -2.07 6.68
C LEU A 92 -6.01 -1.89 5.68
N ALA A 93 -6.83 -0.85 5.91
CA ALA A 93 -7.95 -0.47 5.02
C ALA A 93 -7.43 0.20 3.74
N ALA A 94 -6.33 0.96 3.87
CA ALA A 94 -5.68 1.66 2.75
C ALA A 94 -5.01 0.68 1.78
N ASN A 95 -4.55 -0.46 2.33
CA ASN A 95 -3.99 -1.59 1.54
C ASN A 95 -5.13 -2.43 0.95
N TYR A 96 -6.17 -2.67 1.76
CA TYR A 96 -7.35 -3.49 1.37
C TYR A 96 -8.13 -2.84 0.20
N LEU A 97 -8.20 -1.50 0.19
CA LEU A 97 -8.87 -0.73 -0.88
C LEU A 97 -7.84 -0.27 -1.93
N ASP A 98 -6.56 -0.27 -1.52
CA ASP A 98 -5.42 0.23 -2.29
C ASP A 98 -5.67 1.64 -2.86
N ILE A 99 -5.74 2.62 -1.95
CA ILE A 99 -5.87 4.05 -2.31
C ILE A 99 -4.50 4.70 -2.11
N LYS A 100 -3.87 5.16 -3.20
CA LYS A 100 -2.48 5.63 -3.19
C LYS A 100 -2.27 6.90 -2.29
N PRO A 101 -3.13 7.99 -2.39
CA PRO A 101 -3.03 9.16 -1.47
C PRO A 101 -3.26 8.79 0.02
N LEU A 102 -4.29 7.95 0.29
CA LEU A 102 -4.70 7.59 1.67
C LEU A 102 -3.57 6.81 2.36
N LEU A 103 -3.08 5.77 1.65
CA LEU A 103 -2.03 4.87 2.14
C LEU A 103 -0.76 5.65 2.46
N ASP A 104 -0.39 6.57 1.55
CA ASP A 104 0.85 7.34 1.65
C ASP A 104 0.82 8.27 2.87
N VAL A 105 -0.26 9.05 2.99
CA VAL A 105 -0.47 10.00 4.12
C VAL A 105 -0.44 9.28 5.48
N THR A 106 -1.14 8.14 5.58
CA THR A 106 -1.28 7.38 6.84
C THR A 106 0.03 6.65 7.23
N CYS A 107 0.81 6.22 6.23
CA CYS A 107 2.15 5.60 6.45
C CYS A 107 3.16 6.67 6.92
N LYS A 108 3.06 7.88 6.32
CA LYS A 108 3.87 9.05 6.70
C LYS A 108 3.51 9.53 8.11
N THR A 109 2.23 9.36 8.51
CA THR A 109 1.76 9.67 9.87
C THR A 109 2.59 8.90 10.93
N VAL A 110 2.80 7.59 10.67
CA VAL A 110 3.60 6.71 11.57
C VAL A 110 5.08 7.08 11.48
N ALA A 111 5.53 7.34 10.23
CA ALA A 111 6.93 7.67 9.93
C ALA A 111 7.35 8.98 10.63
N ASN A 112 6.38 9.90 10.83
CA ASN A 112 6.59 11.17 11.55
C ASN A 112 6.79 10.93 13.05
N MET A 113 6.09 9.92 13.59
CA MET A 113 6.15 9.59 15.04
C MET A 113 7.53 9.00 15.41
N ILE A 114 8.14 8.25 14.47
CA ILE A 114 9.46 7.60 14.69
C ILE A 114 10.62 8.41 14.05
N ARG A 115 10.28 9.52 13.35
CA ARG A 115 11.22 10.29 12.51
C ARG A 115 12.45 10.79 13.30
N GLY A 116 12.17 11.50 14.39
CA GLY A 116 13.19 12.22 15.16
C GLY A 116 12.70 13.62 15.49
N SER B 1 15.44 -11.54 -18.15
CA SER B 1 16.79 -10.99 -17.93
C SER B 1 16.81 -10.10 -16.67
N LEU B 2 18.02 -9.81 -16.16
CA LEU B 2 18.21 -8.96 -14.97
C LEU B 2 18.07 -7.45 -15.33
N VAL B 3 17.31 -6.73 -14.51
CA VAL B 3 17.32 -5.25 -14.47
C VAL B 3 18.07 -4.80 -13.21
N LYS B 4 18.82 -3.71 -13.33
CA LYS B 4 19.66 -3.19 -12.24
C LYS B 4 18.89 -2.12 -11.46
N LEU B 5 18.72 -2.34 -10.14
CA LEU B 5 18.01 -1.42 -9.24
C LEU B 5 19.00 -0.88 -8.19
N GLU B 6 19.64 0.27 -8.48
CA GLU B 6 20.55 0.92 -7.51
C GLU B 6 19.73 1.60 -6.42
N SER B 7 19.93 1.18 -5.17
CA SER B 7 19.36 1.87 -4.00
C SER B 7 19.97 3.28 -3.82
N SER B 8 19.52 4.01 -2.80
CA SER B 8 20.11 5.32 -2.43
C SER B 8 21.57 5.14 -1.97
N ASP B 9 21.87 3.95 -1.42
CA ASP B 9 23.21 3.54 -0.97
C ASP B 9 24.07 2.99 -2.13
N GLU B 10 23.53 3.10 -3.38
CA GLU B 10 24.25 2.78 -4.65
C GLU B 10 24.46 1.27 -4.87
N LYS B 11 23.88 0.41 -4.00
CA LYS B 11 23.95 -1.05 -4.17
C LYS B 11 23.09 -1.48 -5.37
N VAL B 12 23.72 -2.13 -6.35
CA VAL B 12 23.11 -2.49 -7.63
C VAL B 12 22.42 -3.86 -7.49
N PHE B 13 21.09 -3.82 -7.24
CA PHE B 13 20.26 -5.03 -7.12
C PHE B 13 19.86 -5.52 -8.52
N GLU B 14 20.74 -6.35 -9.10
CA GLU B 14 20.52 -6.99 -10.40
C GLU B 14 19.55 -8.17 -10.21
N ILE B 15 18.25 -7.88 -10.33
CA ILE B 15 17.17 -8.83 -10.06
C ILE B 15 16.33 -9.01 -11.34
N GLU B 16 15.64 -10.15 -11.47
CA GLU B 16 14.84 -10.49 -12.67
C GLU B 16 13.75 -9.42 -12.90
N LYS B 17 13.54 -9.04 -14.19
CA LYS B 17 12.57 -8.00 -14.59
C LYS B 17 11.15 -8.38 -14.14
N GLU B 18 10.89 -9.70 -14.10
CA GLU B 18 9.59 -10.26 -13.65
C GLU B 18 9.27 -9.86 -12.19
N ILE B 19 10.31 -9.92 -11.34
CA ILE B 19 10.21 -9.60 -9.91
C ILE B 19 10.12 -8.08 -9.71
N ALA B 20 10.81 -7.33 -10.58
CA ALA B 20 10.74 -5.86 -10.62
C ALA B 20 9.35 -5.38 -11.10
N CYS B 21 8.68 -6.20 -11.94
CA CYS B 21 7.31 -5.94 -12.42
C CYS B 21 6.26 -6.25 -11.32
N MET B 22 6.64 -7.10 -10.33
CA MET B 22 5.81 -7.34 -9.11
C MET B 22 5.68 -6.03 -8.28
N SER B 23 6.67 -5.13 -8.44
CA SER B 23 6.53 -3.73 -8.06
C SER B 23 5.68 -3.02 -9.14
N VAL B 24 4.49 -2.54 -8.76
CA VAL B 24 3.59 -1.80 -9.66
C VAL B 24 4.26 -0.48 -10.12
N THR B 25 5.08 0.12 -9.25
CA THR B 25 5.77 1.39 -9.53
C THR B 25 6.83 1.22 -10.65
N ILE B 26 7.66 0.16 -10.53
CA ILE B 26 8.73 -0.12 -11.50
C ILE B 26 8.10 -0.65 -12.82
N LYS B 27 7.00 -1.41 -12.69
CA LYS B 27 6.18 -1.86 -13.84
C LYS B 27 5.70 -0.64 -14.65
N ASN B 28 5.11 0.33 -13.94
CA ASN B 28 4.61 1.60 -14.51
C ASN B 28 5.76 2.40 -15.15
N MET B 29 6.94 2.42 -14.48
CA MET B 29 8.13 3.13 -14.96
C MET B 29 8.57 2.60 -16.33
N ILE B 30 8.80 1.26 -16.40
CA ILE B 30 9.31 0.59 -17.60
C ILE B 30 8.37 0.82 -18.79
N GLU B 31 7.06 0.61 -18.58
CA GLU B 31 6.05 0.72 -19.65
C GLU B 31 5.83 2.18 -20.10
N ASP B 32 5.91 3.13 -19.14
CA ASP B 32 5.73 4.58 -19.41
C ASP B 32 6.89 5.13 -20.27
N ILE B 33 8.11 4.64 -19.99
CA ILE B 33 9.32 4.98 -20.75
C ILE B 33 9.27 4.27 -22.13
N GLY B 34 8.76 3.02 -22.12
CA GLY B 34 8.67 2.19 -23.33
C GLY B 34 9.77 1.11 -23.39
N GLU B 35 10.29 0.75 -22.19
CA GLU B 35 11.35 -0.25 -21.98
C GLU B 35 12.70 0.28 -22.47
N SER B 36 13.71 0.27 -21.58
CA SER B 36 15.04 0.84 -21.89
C SER B 36 16.15 -0.01 -21.27
N ASP B 37 17.35 0.18 -21.82
CA ASP B 37 18.61 -0.41 -21.32
C ASP B 37 19.10 0.33 -20.06
N SER B 38 18.51 1.51 -19.79
CA SER B 38 18.78 2.31 -18.60
C SER B 38 18.35 1.56 -17.32
N PRO B 39 19.23 1.48 -16.29
CA PRO B 39 18.85 0.93 -14.95
C PRO B 39 17.86 1.85 -14.22
N ILE B 40 17.14 1.31 -13.23
CA ILE B 40 16.14 2.07 -12.45
C ILE B 40 16.69 2.32 -11.03
N PRO B 41 17.31 3.52 -10.78
CA PRO B 41 17.80 3.89 -9.43
C PRO B 41 16.63 4.37 -8.54
N LEU B 42 16.54 3.81 -7.34
CA LEU B 42 15.52 4.12 -6.33
C LEU B 42 16.17 4.92 -5.18
N PRO B 43 16.23 6.29 -5.28
CA PRO B 43 16.99 7.15 -4.32
C PRO B 43 16.23 7.42 -3.00
N ASN B 44 14.98 6.94 -2.92
CA ASN B 44 14.13 7.09 -1.72
C ASN B 44 14.47 6.00 -0.69
N VAL B 45 14.68 4.77 -1.17
CA VAL B 45 14.87 3.58 -0.32
C VAL B 45 16.38 3.20 -0.24
N THR B 46 16.85 2.87 0.98
CA THR B 46 18.24 2.45 1.22
C THR B 46 18.46 0.99 0.84
N SER B 47 19.73 0.55 0.85
CA SER B 47 20.14 -0.80 0.46
C SER B 47 19.57 -1.88 1.39
N THR B 48 19.70 -1.64 2.70
CA THR B 48 19.30 -2.57 3.76
C THR B 48 17.77 -2.85 3.72
N ILE B 49 16.99 -1.81 3.38
CA ILE B 49 15.52 -1.90 3.32
C ILE B 49 15.08 -2.54 1.99
N LEU B 50 15.67 -2.05 0.88
CA LEU B 50 15.37 -2.51 -0.50
C LEU B 50 15.74 -4.00 -0.68
N GLU B 51 16.77 -4.43 0.07
CA GLU B 51 17.28 -5.81 0.02
C GLU B 51 16.19 -6.80 0.49
N LYS B 52 15.60 -6.52 1.65
CA LYS B 52 14.57 -7.40 2.27
C LYS B 52 13.32 -7.48 1.38
N VAL B 53 12.94 -6.30 0.85
CA VAL B 53 11.75 -6.14 0.00
C VAL B 53 11.88 -7.00 -1.28
N LEU B 54 13.02 -6.88 -1.96
CA LEU B 54 13.31 -7.61 -3.20
C LEU B 54 13.61 -9.11 -2.93
N ASP B 55 14.14 -9.40 -1.73
CA ASP B 55 14.49 -10.78 -1.30
C ASP B 55 13.23 -11.63 -1.10
N TYR B 56 12.27 -11.09 -0.34
CA TYR B 56 10.97 -11.72 -0.09
C TYR B 56 10.22 -11.93 -1.43
N CYS B 57 10.16 -10.86 -2.24
CA CYS B 57 9.44 -10.85 -3.54
C CYS B 57 10.10 -11.81 -4.55
N ARG B 58 11.43 -11.97 -4.44
CA ARG B 58 12.21 -12.92 -5.26
C ARG B 58 11.79 -14.35 -4.94
N HIS B 59 11.78 -14.68 -3.64
CA HIS B 59 11.36 -15.99 -3.12
C HIS B 59 9.88 -16.26 -3.41
N HIS B 60 9.06 -15.20 -3.36
CA HIS B 60 7.62 -15.27 -3.63
C HIS B 60 7.37 -15.41 -5.14
N HIS B 61 8.36 -15.04 -5.95
CA HIS B 61 8.36 -15.28 -7.41
C HIS B 61 8.82 -16.72 -7.71
N GLN B 62 9.71 -17.26 -6.86
CA GLN B 62 10.18 -18.65 -6.99
C GLN B 62 9.05 -19.63 -6.63
N HIS B 63 8.20 -19.21 -5.68
CA HIS B 63 7.00 -19.96 -5.26
C HIS B 63 5.80 -18.99 -5.30
N PRO B 64 5.19 -18.75 -6.51
CA PRO B 64 4.05 -17.80 -6.68
C PRO B 64 2.76 -18.26 -6.00
N GLY B 65 2.63 -19.58 -5.77
CA GLY B 65 1.44 -20.14 -5.15
C GLY B 65 1.62 -21.61 -4.83
N GLY B 66 0.60 -22.43 -5.14
CA GLY B 66 0.64 -23.88 -4.89
C GLY B 66 0.33 -24.21 -3.44
N SER B 67 1.26 -23.81 -2.54
CA SER B 67 1.15 -24.01 -1.09
C SER B 67 1.63 -22.75 -0.35
N GLY B 68 1.68 -22.82 0.99
CA GLY B 68 2.13 -21.70 1.82
C GLY B 68 0.98 -20.93 2.45
N LEU B 69 -0.20 -20.98 1.81
CA LEU B 69 -1.41 -20.27 2.28
C LEU B 69 -1.94 -20.88 3.60
N ASP B 70 -1.97 -22.23 3.66
CA ASP B 70 -2.33 -22.98 4.89
C ASP B 70 -1.06 -23.30 5.71
N ASP B 71 0.02 -23.62 4.98
CA ASP B 71 1.29 -24.07 5.56
C ASP B 71 1.93 -22.98 6.44
N ILE B 72 1.79 -21.71 6.00
CA ILE B 72 2.43 -20.54 6.62
C ILE B 72 3.97 -20.73 6.64
N PRO B 73 4.71 -20.23 5.60
CA PRO B 73 6.18 -20.43 5.51
C PRO B 73 6.90 -19.70 6.66
N PRO B 74 7.80 -20.42 7.43
CA PRO B 74 8.66 -19.79 8.46
C PRO B 74 9.47 -18.58 7.93
N TYR B 75 9.72 -18.59 6.61
CA TYR B 75 10.38 -17.50 5.86
C TYR B 75 9.69 -16.13 6.08
N ASP B 76 8.35 -16.13 5.94
CA ASP B 76 7.49 -14.93 6.09
C ASP B 76 7.57 -14.38 7.52
N ARG B 77 7.60 -15.31 8.49
CA ARG B 77 7.67 -14.98 9.92
C ARG B 77 9.06 -14.45 10.29
N ASP B 78 10.07 -14.99 9.62
CA ASP B 78 11.47 -14.58 9.80
C ASP B 78 11.79 -13.27 9.06
N PHE B 79 10.98 -12.96 8.03
CA PHE B 79 11.02 -11.64 7.35
C PHE B 79 10.58 -10.53 8.33
N CYS B 80 9.65 -10.89 9.23
CA CYS B 80 9.11 -9.99 10.26
C CYS B 80 10.16 -9.69 11.38
N LYS B 81 11.29 -10.43 11.40
CA LYS B 81 12.36 -10.25 12.41
C LYS B 81 13.27 -9.08 12.00
N VAL B 82 12.74 -7.87 12.17
CA VAL B 82 13.42 -6.61 11.87
C VAL B 82 13.22 -5.65 13.06
N ASP B 83 13.94 -4.52 13.07
CA ASP B 83 13.80 -3.51 14.13
C ASP B 83 12.44 -2.82 14.03
N GLN B 84 11.98 -2.23 15.14
CA GLN B 84 10.68 -1.53 15.24
C GLN B 84 10.59 -0.38 14.18
N PRO B 85 11.57 0.59 14.06
CA PRO B 85 11.54 1.63 13.00
C PRO B 85 11.76 1.05 11.58
N THR B 86 12.69 0.06 11.48
CA THR B 86 13.04 -0.65 10.22
C THR B 86 11.79 -1.33 9.58
N LEU B 87 10.89 -1.77 10.47
CA LEU B 87 9.61 -2.40 10.10
C LEU B 87 8.77 -1.41 9.25
N PHE B 88 8.69 -0.16 9.72
CA PHE B 88 7.93 0.90 9.04
C PHE B 88 8.64 1.38 7.78
N GLU B 89 9.98 1.31 7.77
CA GLU B 89 10.80 1.61 6.56
C GLU B 89 10.44 0.64 5.41
N LEU B 90 10.14 -0.63 5.80
CA LEU B 90 9.70 -1.68 4.86
C LEU B 90 8.29 -1.38 4.31
N ILE B 91 7.41 -0.78 5.15
CA ILE B 91 6.04 -0.35 4.72
C ILE B 91 6.14 0.85 3.74
N LEU B 92 7.04 1.79 4.06
CA LEU B 92 7.31 2.98 3.23
C LEU B 92 7.88 2.59 1.86
N ALA B 93 8.75 1.56 1.87
CA ALA B 93 9.35 0.99 0.64
C ALA B 93 8.33 0.13 -0.12
N ALA B 94 7.44 -0.54 0.62
CA ALA B 94 6.38 -1.39 0.04
C ALA B 94 5.30 -0.54 -0.65
N ASN B 95 5.09 0.68 -0.15
CA ASN B 95 4.20 1.68 -0.77
C ASN B 95 4.90 2.38 -1.95
N TYR B 96 6.20 2.70 -1.76
CA TYR B 96 7.04 3.37 -2.78
C TYR B 96 7.22 2.51 -4.04
N LEU B 97 7.32 1.18 -3.86
CA LEU B 97 7.45 0.22 -4.98
C LEU B 97 6.06 -0.36 -5.35
N ASP B 98 5.12 -0.23 -4.41
CA ASP B 98 3.76 -0.80 -4.48
C ASP B 98 3.78 -2.29 -4.84
N ILE B 99 4.31 -3.11 -3.93
CA ILE B 99 4.30 -4.58 -4.05
C ILE B 99 3.21 -5.12 -3.13
N LYS B 100 2.17 -5.74 -3.72
CA LYS B 100 0.95 -6.15 -3.00
C LYS B 100 1.24 -7.23 -1.92
N PRO B 101 1.99 -8.36 -2.21
CA PRO B 101 2.35 -9.36 -1.16
C PRO B 101 3.23 -8.75 -0.02
N LEU B 102 4.24 -7.93 -0.41
CA LEU B 102 5.23 -7.36 0.53
C LEU B 102 4.51 -6.43 1.53
N LEU B 103 3.72 -5.50 0.97
CA LEU B 103 2.97 -4.49 1.72
C LEU B 103 2.01 -5.14 2.72
N ASP B 104 1.31 -6.19 2.24
CA ASP B 104 0.28 -6.89 3.03
C ASP B 104 0.91 -7.58 4.24
N VAL B 105 1.95 -8.39 3.98
CA VAL B 105 2.68 -9.15 5.02
C VAL B 105 3.25 -8.21 6.11
N THR B 106 3.88 -7.10 5.68
CA THR B 106 4.56 -6.15 6.59
C THR B 106 3.53 -5.30 7.42
N CYS B 107 2.37 -5.01 6.82
CA CYS B 107 1.26 -4.31 7.51
C CYS B 107 0.62 -5.24 8.57
N LYS B 108 0.48 -6.52 8.20
CA LYS B 108 -0.03 -7.57 9.11
C LYS B 108 0.96 -7.85 10.25
N THR B 109 2.27 -7.66 9.99
CA THR B 109 3.32 -7.77 11.01
C THR B 109 3.04 -6.79 12.19
N VAL B 110 2.70 -5.53 11.85
CA VAL B 110 2.38 -4.50 12.85
C VAL B 110 1.03 -4.80 13.51
N ALA B 111 0.07 -5.23 12.68
CA ALA B 111 -1.30 -5.56 13.11
C ALA B 111 -1.31 -6.72 14.12
N ASN B 112 -0.33 -7.64 14.01
CA ASN B 112 -0.15 -8.77 14.94
C ASN B 112 0.35 -8.26 16.31
N MET B 113 1.20 -7.22 16.29
CA MET B 113 1.80 -6.65 17.53
C MET B 113 0.73 -5.93 18.38
N ILE B 114 -0.28 -5.33 17.72
CA ILE B 114 -1.37 -4.59 18.40
C ILE B 114 -2.65 -5.44 18.49
N ARG B 115 -2.63 -6.66 17.93
CA ARG B 115 -3.83 -7.53 17.75
C ARG B 115 -4.53 -7.83 19.08
N GLY B 116 -3.75 -8.33 20.04
CA GLY B 116 -4.27 -8.87 21.30
C GLY B 116 -3.63 -10.23 21.56
N SER A 1 -24.60 9.15 -9.16
CA SER A 1 -25.55 8.67 -8.14
C SER A 1 -24.79 8.16 -6.89
N LEU A 2 -25.49 8.06 -5.75
CA LEU A 2 -24.89 7.61 -4.48
C LEU A 2 -24.82 6.08 -4.42
N VAL A 3 -23.61 5.52 -4.34
CA VAL A 3 -23.41 4.09 -4.04
C VAL A 3 -23.39 3.89 -2.52
N LYS A 4 -24.17 2.91 -2.08
CA LYS A 4 -24.38 2.62 -0.66
C LYS A 4 -23.27 1.69 -0.15
N LEU A 5 -22.12 2.28 0.21
CA LEU A 5 -20.94 1.54 0.68
C LEU A 5 -21.09 1.19 2.16
N GLU A 6 -21.67 0.01 2.42
CA GLU A 6 -21.86 -0.50 3.77
C GLU A 6 -20.55 -1.10 4.31
N SER A 7 -20.20 -0.76 5.54
CA SER A 7 -19.02 -1.26 6.25
C SER A 7 -19.34 -2.59 6.96
N SER A 8 -18.30 -3.21 7.56
CA SER A 8 -18.46 -4.41 8.41
C SER A 8 -19.15 -4.06 9.75
N ASP A 9 -19.25 -2.75 10.05
CA ASP A 9 -19.96 -2.21 11.23
C ASP A 9 -21.43 -1.87 10.86
N GLU A 10 -21.82 -2.22 9.60
CA GLU A 10 -23.21 -2.13 9.08
C GLU A 10 -23.61 -0.67 8.68
N LYS A 11 -22.72 0.33 8.90
CA LYS A 11 -23.03 1.73 8.54
C LYS A 11 -22.88 1.94 7.03
N VAL A 12 -23.96 2.45 6.41
CA VAL A 12 -24.09 2.61 4.95
C VAL A 12 -23.69 4.05 4.55
N PHE A 13 -22.55 4.19 3.87
CA PHE A 13 -22.03 5.49 3.40
C PHE A 13 -22.41 5.69 1.94
N GLU A 14 -23.53 6.41 1.73
CA GLU A 14 -24.08 6.71 0.41
C GLU A 14 -23.31 7.88 -0.21
N ILE A 15 -22.12 7.59 -0.75
CA ILE A 15 -21.23 8.59 -1.35
C ILE A 15 -21.32 8.48 -2.88
N GLU A 16 -20.96 9.57 -3.58
CA GLU A 16 -20.97 9.62 -5.05
C GLU A 16 -20.06 8.50 -5.62
N LYS A 17 -20.58 7.78 -6.63
CA LYS A 17 -19.91 6.62 -7.25
C LYS A 17 -18.55 7.01 -7.84
N GLU A 18 -18.49 8.23 -8.40
CA GLU A 18 -17.27 8.80 -8.99
C GLU A 18 -16.11 8.92 -7.96
N ILE A 19 -16.47 9.12 -6.69
CA ILE A 19 -15.51 9.16 -5.58
C ILE A 19 -15.13 7.74 -5.15
N ALA A 20 -16.11 6.83 -5.19
CA ALA A 20 -15.91 5.38 -4.93
C ALA A 20 -15.11 4.71 -6.07
N CYS A 21 -15.02 5.37 -7.24
CA CYS A 21 -14.20 4.93 -8.37
C CYS A 21 -12.70 5.20 -8.10
N MET A 22 -12.41 6.22 -7.26
CA MET A 22 -11.04 6.52 -6.78
C MET A 22 -10.51 5.34 -5.94
N SER A 23 -11.45 4.68 -5.25
CA SER A 23 -11.22 3.37 -4.65
C SER A 23 -11.22 2.33 -5.78
N VAL A 24 -10.02 1.83 -6.14
CA VAL A 24 -9.84 0.94 -7.31
C VAL A 24 -10.54 -0.43 -7.10
N THR A 25 -10.52 -0.95 -5.85
CA THR A 25 -11.19 -2.23 -5.52
C THR A 25 -12.73 -2.12 -5.67
N ILE A 26 -13.32 -1.05 -5.09
CA ILE A 26 -14.79 -0.82 -5.17
C ILE A 26 -15.22 -0.61 -6.64
N LYS A 27 -14.39 0.17 -7.37
CA LYS A 27 -14.55 0.40 -8.83
C LYS A 27 -14.56 -0.96 -9.57
N ASN A 28 -13.55 -1.80 -9.26
CA ASN A 28 -13.38 -3.13 -9.89
C ASN A 28 -14.55 -4.06 -9.55
N MET A 29 -15.13 -3.90 -8.34
CA MET A 29 -16.31 -4.69 -7.90
C MET A 29 -17.54 -4.37 -8.79
N ILE A 30 -17.80 -3.06 -8.96
CA ILE A 30 -18.95 -2.56 -9.74
C ILE A 30 -18.83 -3.01 -11.22
N GLU A 31 -17.59 -2.98 -11.74
CA GLU A 31 -17.29 -3.36 -13.14
C GLU A 31 -17.34 -4.90 -13.33
N ASP A 32 -16.93 -5.65 -12.29
CA ASP A 32 -16.86 -7.13 -12.32
C ASP A 32 -18.27 -7.73 -12.29
N ILE A 33 -19.15 -7.11 -11.51
CA ILE A 33 -20.59 -7.43 -11.48
C ILE A 33 -21.27 -6.87 -12.76
N GLY A 34 -20.70 -5.77 -13.28
CA GLY A 34 -21.23 -5.10 -14.48
C GLY A 34 -22.03 -3.88 -14.10
N GLU A 35 -23.05 -4.10 -13.26
CA GLU A 35 -23.93 -3.05 -12.71
C GLU A 35 -24.18 -3.36 -11.22
N SER A 36 -23.87 -2.41 -10.31
CA SER A 36 -24.05 -2.59 -8.86
C SER A 36 -24.88 -1.43 -8.26
N ASP A 37 -26.23 -1.58 -8.33
CA ASP A 37 -27.18 -0.64 -7.70
C ASP A 37 -27.36 -1.00 -6.22
N SER A 38 -27.31 -2.31 -5.93
CA SER A 38 -27.46 -2.86 -4.56
C SER A 38 -26.31 -2.35 -3.65
N PRO A 39 -26.60 -2.09 -2.32
CA PRO A 39 -25.57 -1.64 -1.35
C PRO A 39 -24.34 -2.57 -1.31
N ILE A 40 -23.16 -2.01 -1.64
CA ILE A 40 -21.90 -2.76 -1.69
C ILE A 40 -21.43 -3.07 -0.24
N PRO A 41 -21.46 -4.37 0.19
CA PRO A 41 -21.02 -4.76 1.54
C PRO A 41 -19.49 -5.01 1.57
N LEU A 42 -18.80 -4.28 2.44
CA LEU A 42 -17.34 -4.41 2.65
C LEU A 42 -17.12 -5.12 4.00
N PRO A 43 -16.94 -6.49 3.99
CA PRO A 43 -16.88 -7.32 5.22
C PRO A 43 -15.57 -7.16 6.04
N ASN A 44 -14.63 -6.32 5.55
CA ASN A 44 -13.37 -6.05 6.28
C ASN A 44 -12.98 -4.56 6.15
N VAL A 45 -13.74 -3.73 6.86
CA VAL A 45 -13.39 -2.32 7.13
C VAL A 45 -14.45 -1.74 8.10
N THR A 46 -13.98 -1.22 9.25
CA THR A 46 -14.85 -0.59 10.25
C THR A 46 -15.40 0.74 9.70
N SER A 47 -16.57 1.16 10.22
CA SER A 47 -17.33 2.30 9.70
C SER A 47 -16.56 3.62 9.79
N THR A 48 -15.97 3.87 10.96
CA THR A 48 -15.22 5.11 11.24
C THR A 48 -14.06 5.28 10.26
N ILE A 49 -13.29 4.20 10.04
CA ILE A 49 -12.11 4.21 9.17
C ILE A 49 -12.52 4.36 7.69
N LEU A 50 -13.59 3.63 7.31
CA LEU A 50 -14.16 3.70 5.94
C LEU A 50 -14.62 5.14 5.63
N GLU A 51 -15.24 5.79 6.62
CA GLU A 51 -15.71 7.18 6.51
C GLU A 51 -14.55 8.13 6.26
N LYS A 52 -13.47 7.96 7.05
CA LYS A 52 -12.26 8.81 6.99
C LYS A 52 -11.62 8.75 5.58
N VAL A 53 -11.54 7.52 5.04
CA VAL A 53 -10.93 7.26 3.72
C VAL A 53 -11.79 7.84 2.59
N LEU A 54 -13.12 7.65 2.69
CA LEU A 54 -14.09 8.15 1.68
C LEU A 54 -14.19 9.69 1.71
N ASP A 55 -14.02 10.28 2.91
CA ASP A 55 -14.06 11.75 3.12
C ASP A 55 -12.82 12.40 2.48
N TYR A 56 -11.64 11.78 2.71
CA TYR A 56 -10.38 12.22 2.10
C TYR A 56 -10.46 12.15 0.57
N CYS A 57 -10.99 11.01 0.06
CA CYS A 57 -11.20 10.79 -1.37
C CYS A 57 -12.14 11.85 -1.96
N ARG A 58 -13.16 12.27 -1.17
CA ARG A 58 -14.09 13.35 -1.56
C ARG A 58 -13.35 14.70 -1.66
N HIS A 59 -12.46 14.97 -0.70
CA HIS A 59 -11.66 16.22 -0.66
C HIS A 59 -10.73 16.32 -1.90
N HIS A 60 -10.06 15.20 -2.21
CA HIS A 60 -9.13 15.12 -3.35
C HIS A 60 -9.90 14.97 -4.68
N HIS A 61 -11.20 14.64 -4.59
CA HIS A 61 -12.09 14.61 -5.77
C HIS A 61 -12.54 16.04 -6.12
N GLN A 62 -12.78 16.86 -5.07
CA GLN A 62 -13.13 18.29 -5.22
C GLN A 62 -11.92 19.11 -5.66
N HIS A 63 -10.71 18.60 -5.35
CA HIS A 63 -9.43 19.19 -5.78
C HIS A 63 -8.59 18.10 -6.49
N PRO A 64 -8.98 17.69 -7.76
CA PRO A 64 -8.36 16.56 -8.48
C PRO A 64 -7.14 16.96 -9.33
N GLY A 65 -6.50 18.09 -8.98
CA GLY A 65 -5.33 18.60 -9.70
C GLY A 65 -4.01 17.99 -9.24
N GLY A 66 -4.04 16.69 -8.89
CA GLY A 66 -2.87 15.97 -8.39
C GLY A 66 -2.34 16.54 -7.06
N SER A 67 -1.34 17.43 -7.17
CA SER A 67 -0.72 18.13 -6.04
C SER A 67 -0.53 19.61 -6.41
N GLY A 68 -0.94 20.51 -5.50
CA GLY A 68 -0.72 21.96 -5.66
C GLY A 68 0.19 22.49 -4.58
N LEU A 69 0.79 23.67 -4.80
CA LEU A 69 1.72 24.31 -3.85
C LEU A 69 0.89 25.15 -2.83
N ASP A 70 -0.10 24.49 -2.21
CA ASP A 70 -1.02 25.11 -1.23
C ASP A 70 -1.70 23.99 -0.41
N ASP A 71 -1.06 22.80 -0.41
CA ASP A 71 -1.60 21.57 0.20
C ASP A 71 -1.25 21.54 1.71
N ILE A 72 -1.27 20.32 2.31
CA ILE A 72 -1.25 20.12 3.77
C ILE A 72 -2.46 20.84 4.42
N PRO A 73 -3.72 20.36 4.15
CA PRO A 73 -4.93 20.87 4.84
C PRO A 73 -4.94 20.54 6.34
N PRO A 74 -5.62 21.38 7.19
CA PRO A 74 -5.83 21.08 8.64
C PRO A 74 -6.49 19.70 8.84
N TYR A 75 -7.33 19.31 7.86
CA TYR A 75 -8.00 17.99 7.83
C TYR A 75 -6.98 16.84 7.87
N ASP A 76 -5.97 16.88 6.99
CA ASP A 76 -4.94 15.83 6.85
C ASP A 76 -4.13 15.66 8.14
N ARG A 77 -3.93 16.78 8.86
CA ARG A 77 -3.29 16.77 10.18
C ARG A 77 -4.17 16.02 11.19
N ASP A 78 -5.47 16.34 11.18
CA ASP A 78 -6.48 15.68 12.05
C ASP A 78 -6.71 14.21 11.63
N PHE A 79 -6.45 13.88 10.37
CA PHE A 79 -6.54 12.51 9.84
C PHE A 79 -5.41 11.67 10.45
N CYS A 80 -4.23 12.31 10.58
CA CYS A 80 -3.03 11.71 11.19
C CYS A 80 -3.20 11.57 12.72
N LYS A 81 -4.08 12.40 13.33
CA LYS A 81 -4.40 12.33 14.77
C LYS A 81 -5.32 11.13 15.04
N VAL A 82 -4.72 9.93 15.06
CA VAL A 82 -5.39 8.66 15.38
C VAL A 82 -4.40 7.79 16.17
N ASP A 83 -4.92 6.85 16.96
CA ASP A 83 -4.11 5.99 17.84
C ASP A 83 -3.26 5.01 17.00
N GLN A 84 -2.23 4.39 17.61
CA GLN A 84 -1.28 3.49 16.91
C GLN A 84 -1.99 2.30 16.18
N PRO A 85 -2.94 1.52 16.84
CA PRO A 85 -3.74 0.49 16.12
C PRO A 85 -4.58 1.08 14.97
N THR A 86 -5.09 2.31 15.18
CA THR A 86 -5.96 3.01 14.22
C THR A 86 -5.16 3.43 12.95
N LEU A 87 -3.84 3.69 13.12
CA LEU A 87 -2.90 3.92 12.00
C LEU A 87 -2.85 2.69 11.07
N PHE A 88 -2.73 1.50 11.69
CA PHE A 88 -2.70 0.21 10.97
C PHE A 88 -4.06 -0.09 10.29
N GLU A 89 -5.16 0.42 10.89
CA GLU A 89 -6.52 0.33 10.30
C GLU A 89 -6.63 1.16 9.02
N LEU A 90 -5.96 2.33 8.99
CA LEU A 90 -5.90 3.20 7.80
C LEU A 90 -5.08 2.52 6.67
N ILE A 91 -4.02 1.80 7.08
CA ILE A 91 -3.17 0.99 6.16
C ILE A 91 -3.98 -0.19 5.59
N LEU A 92 -4.79 -0.84 6.46
CA LEU A 92 -5.67 -1.96 6.06
C LEU A 92 -6.73 -1.50 5.06
N ALA A 93 -7.40 -0.37 5.37
CA ALA A 93 -8.51 0.16 4.58
C ALA A 93 -8.03 0.63 3.20
N ALA A 94 -6.89 1.30 3.18
CA ALA A 94 -6.29 1.82 1.94
C ALA A 94 -5.85 0.69 1.00
N ASN A 95 -5.25 -0.37 1.57
CA ASN A 95 -4.79 -1.57 0.80
C ASN A 95 -5.99 -2.44 0.36
N TYR A 96 -7.04 -2.46 1.21
CA TYR A 96 -8.29 -3.23 0.96
C TYR A 96 -9.12 -2.59 -0.15
N LEU A 97 -9.15 -1.25 -0.16
CA LEU A 97 -9.90 -0.45 -1.15
C LEU A 97 -9.03 -0.11 -2.37
N ASP A 98 -7.72 -0.45 -2.28
CA ASP A 98 -6.71 -0.21 -3.33
C ASP A 98 -6.69 1.28 -3.74
N ILE A 99 -6.30 2.13 -2.78
CA ILE A 99 -6.20 3.58 -2.98
C ILE A 99 -4.75 3.95 -2.70
N LYS A 100 -3.93 3.94 -3.76
CA LYS A 100 -2.50 4.26 -3.70
C LYS A 100 -2.26 5.68 -3.10
N PRO A 101 -3.02 6.78 -3.52
CA PRO A 101 -2.89 8.12 -2.88
C PRO A 101 -2.99 8.10 -1.33
N LEU A 102 -4.10 7.55 -0.80
CA LEU A 102 -4.37 7.54 0.66
C LEU A 102 -3.36 6.63 1.38
N LEU A 103 -3.04 5.50 0.75
CA LEU A 103 -2.08 4.51 1.28
C LEU A 103 -0.69 5.15 1.42
N ASP A 104 -0.31 5.96 0.42
CA ASP A 104 1.01 6.59 0.33
C ASP A 104 1.13 7.73 1.34
N VAL A 105 0.04 8.50 1.52
CA VAL A 105 -0.03 9.56 2.54
C VAL A 105 0.12 8.96 3.95
N THR A 106 -0.59 7.86 4.21
CA THR A 106 -0.55 7.15 5.51
C THR A 106 0.85 6.55 5.75
N CYS A 107 1.45 5.97 4.68
CA CYS A 107 2.78 5.32 4.74
C CYS A 107 3.88 6.38 5.03
N LYS A 108 3.75 7.57 4.43
CA LYS A 108 4.68 8.71 4.67
C LYS A 108 4.55 9.17 6.13
N THR A 109 3.29 9.43 6.57
CA THR A 109 2.99 9.97 7.90
C THR A 109 3.52 9.08 9.03
N VAL A 110 3.20 7.77 8.98
CA VAL A 110 3.63 6.80 10.00
C VAL A 110 5.17 6.71 10.09
N ALA A 111 5.83 6.86 8.92
CA ALA A 111 7.29 6.86 8.80
C ALA A 111 7.91 8.16 9.34
N ASN A 112 7.20 9.27 9.16
CA ASN A 112 7.66 10.60 9.59
C ASN A 112 7.57 10.75 11.12
N MET A 113 6.50 10.21 11.71
CA MET A 113 6.22 10.36 13.16
C MET A 113 7.22 9.54 14.01
N ILE A 114 7.54 8.31 13.54
CA ILE A 114 8.51 7.40 14.24
C ILE A 114 9.97 7.94 14.16
N ARG A 115 10.24 8.76 13.13
CA ARG A 115 11.54 9.45 12.96
C ARG A 115 11.52 10.82 13.65
N GLY A 116 10.30 11.33 13.91
CA GLY A 116 10.09 12.66 14.52
C GLY A 116 9.90 13.77 13.47
N SER B 1 18.65 -10.61 -17.67
CA SER B 1 19.86 -9.85 -17.28
C SER B 1 19.63 -9.13 -15.94
N LEU B 2 20.75 -8.75 -15.29
CA LEU B 2 20.71 -8.08 -13.98
C LEU B 2 20.44 -6.57 -14.15
N VAL B 3 19.31 -6.10 -13.59
CA VAL B 3 19.02 -4.65 -13.47
C VAL B 3 19.65 -4.11 -12.17
N LYS B 4 20.39 -3.02 -12.32
CA LYS B 4 21.16 -2.41 -11.24
C LYS B 4 20.25 -1.46 -10.43
N LEU B 5 19.50 -2.04 -9.48
CA LEU B 5 18.54 -1.30 -8.64
C LEU B 5 19.27 -0.61 -7.48
N GLU B 6 19.72 0.63 -7.73
CA GLU B 6 20.41 1.45 -6.73
C GLU B 6 19.39 2.06 -5.75
N SER B 7 19.69 1.98 -4.45
CA SER B 7 18.87 2.55 -3.38
C SER B 7 19.23 4.02 -3.14
N SER B 8 18.49 4.67 -2.22
CA SER B 8 18.80 6.04 -1.75
C SER B 8 20.07 6.05 -0.86
N ASP B 9 20.50 4.84 -0.43
CA ASP B 9 21.74 4.63 0.34
C ASP B 9 22.93 4.31 -0.62
N GLU B 10 22.65 4.39 -1.95
CA GLU B 10 23.66 4.28 -3.04
C GLU B 10 24.09 2.80 -3.31
N LYS B 11 23.58 1.82 -2.54
CA LYS B 11 23.91 0.40 -2.77
C LYS B 11 23.13 -0.13 -3.98
N VAL B 12 23.88 -0.70 -4.93
CA VAL B 12 23.36 -1.18 -6.22
C VAL B 12 23.08 -2.69 -6.13
N PHE B 13 21.79 -3.05 -6.20
CA PHE B 13 21.33 -4.45 -6.13
C PHE B 13 21.05 -4.96 -7.56
N GLU B 14 22.06 -5.63 -8.12
CA GLU B 14 22.01 -6.16 -9.48
C GLU B 14 21.24 -7.49 -9.48
N ILE B 15 19.91 -7.40 -9.44
CA ILE B 15 19.03 -8.57 -9.37
C ILE B 15 18.40 -8.81 -10.76
N GLU B 16 17.95 -10.05 -11.03
CA GLU B 16 17.31 -10.41 -12.29
C GLU B 16 16.08 -9.52 -12.56
N LYS B 17 15.99 -9.00 -13.79
CA LYS B 17 14.94 -8.06 -14.21
C LYS B 17 13.54 -8.67 -14.03
N GLU B 18 13.44 -9.98 -14.28
CA GLU B 18 12.19 -10.75 -14.13
C GLU B 18 11.65 -10.72 -12.68
N ILE B 19 12.56 -10.60 -11.71
CA ILE B 19 12.22 -10.47 -10.29
C ILE B 19 11.84 -9.01 -9.97
N ALA B 20 12.55 -8.07 -10.61
CA ALA B 20 12.25 -6.63 -10.53
C ALA B 20 10.94 -6.26 -11.25
N CYS B 21 10.44 -7.17 -12.12
CA CYS B 21 9.14 -7.04 -12.78
C CYS B 21 7.99 -7.32 -11.79
N MET B 22 8.28 -8.18 -10.78
CA MET B 22 7.33 -8.46 -9.65
C MET B 22 7.03 -7.16 -8.88
N SER B 23 8.06 -6.30 -8.82
CA SER B 23 7.91 -4.91 -8.42
C SER B 23 7.23 -4.15 -9.57
N VAL B 24 5.93 -3.81 -9.41
CA VAL B 24 5.12 -3.23 -10.48
C VAL B 24 5.60 -1.80 -10.85
N THR B 25 6.04 -1.01 -9.85
CA THR B 25 6.59 0.35 -10.08
C THR B 25 7.88 0.30 -10.92
N ILE B 26 8.85 -0.56 -10.52
CA ILE B 26 10.14 -0.71 -11.23
C ILE B 26 9.89 -1.22 -12.67
N LYS B 27 8.97 -2.18 -12.79
CA LYS B 27 8.50 -2.71 -14.08
C LYS B 27 7.95 -1.56 -14.97
N ASN B 28 7.07 -0.74 -14.37
CA ASN B 28 6.42 0.41 -15.05
C ASN B 28 7.45 1.46 -15.46
N MET B 29 8.54 1.62 -14.66
CA MET B 29 9.65 2.55 -14.95
C MET B 29 10.37 2.13 -16.24
N ILE B 30 10.74 0.84 -16.30
CA ILE B 30 11.48 0.25 -17.43
C ILE B 30 10.65 0.35 -18.74
N GLU B 31 9.32 0.13 -18.61
CA GLU B 31 8.37 0.19 -19.75
C GLU B 31 8.10 1.64 -20.19
N ASP B 32 8.07 2.57 -19.21
CA ASP B 32 7.77 4.00 -19.45
C ASP B 32 8.92 4.69 -20.20
N ILE B 33 10.15 4.32 -19.82
CA ILE B 33 11.38 4.72 -20.53
C ILE B 33 11.50 3.92 -21.85
N GLY B 34 10.94 2.70 -21.85
CA GLY B 34 10.99 1.80 -23.01
C GLY B 34 12.06 0.74 -22.83
N GLU B 35 13.30 1.22 -22.65
CA GLU B 35 14.49 0.38 -22.39
C GLU B 35 15.31 1.06 -21.27
N SER B 36 15.61 0.33 -20.18
CA SER B 36 16.38 0.86 -19.04
C SER B 36 17.57 -0.06 -18.69
N ASP B 37 18.67 0.10 -19.46
CA ASP B 37 19.93 -0.61 -19.21
C ASP B 37 20.72 0.07 -18.09
N SER B 38 20.58 1.41 -18.02
CA SER B 38 21.24 2.24 -16.99
C SER B 38 20.72 1.89 -15.57
N PRO B 39 21.61 1.95 -14.52
CA PRO B 39 21.20 1.67 -13.11
C PRO B 39 19.97 2.49 -12.67
N ILE B 40 18.89 1.79 -12.28
CA ILE B 40 17.63 2.43 -11.86
C ILE B 40 17.82 3.02 -10.43
N PRO B 41 17.82 4.39 -10.27
CA PRO B 41 17.95 5.04 -8.96
C PRO B 41 16.58 5.15 -8.26
N LEU B 42 16.48 4.62 -7.05
CA LEU B 42 15.27 4.68 -6.22
C LEU B 42 15.55 5.66 -5.05
N PRO B 43 15.17 6.98 -5.20
CA PRO B 43 15.53 8.05 -4.24
C PRO B 43 14.78 7.97 -2.89
N ASN B 44 13.85 7.00 -2.75
CA ASN B 44 13.10 6.80 -1.49
C ASN B 44 12.96 5.31 -1.17
N VAL B 45 14.08 4.70 -0.76
CA VAL B 45 14.12 3.37 -0.13
C VAL B 45 15.57 3.11 0.32
N THR B 46 15.76 2.79 1.61
CA THR B 46 17.07 2.47 2.18
C THR B 46 17.54 1.09 1.65
N SER B 47 18.86 0.88 1.63
CA SER B 47 19.50 -0.29 1.01
C SER B 47 19.07 -1.61 1.65
N THR B 48 19.11 -1.64 2.99
CA THR B 48 18.78 -2.82 3.79
C THR B 48 17.34 -3.30 3.52
N ILE B 49 16.39 -2.34 3.52
CA ILE B 49 14.97 -2.62 3.30
C ILE B 49 14.70 -3.06 1.86
N LEU B 50 15.35 -2.37 0.89
CA LEU B 50 15.26 -2.69 -0.54
C LEU B 50 15.73 -4.13 -0.80
N GLU B 51 16.84 -4.50 -0.13
CA GLU B 51 17.44 -5.85 -0.21
C GLU B 51 16.46 -6.91 0.29
N LYS B 52 15.84 -6.64 1.45
CA LYS B 52 14.86 -7.55 2.10
C LYS B 52 13.67 -7.85 1.16
N VAL B 53 13.16 -6.78 0.52
CA VAL B 53 11.99 -6.86 -0.36
C VAL B 53 12.34 -7.62 -1.66
N LEU B 54 13.52 -7.32 -2.24
CA LEU B 54 14.02 -7.97 -3.48
C LEU B 54 14.35 -9.46 -3.25
N ASP B 55 14.84 -9.76 -2.04
CA ASP B 55 15.22 -11.14 -1.64
C ASP B 55 13.94 -12.00 -1.49
N TYR B 56 12.91 -11.42 -0.84
CA TYR B 56 11.59 -12.09 -0.70
C TYR B 56 10.98 -12.34 -2.09
N CYS B 57 11.03 -11.32 -2.96
CA CYS B 57 10.54 -11.41 -4.33
C CYS B 57 11.28 -12.51 -5.11
N ARG B 58 12.60 -12.67 -4.84
CA ARG B 58 13.42 -13.75 -5.43
C ARG B 58 12.95 -15.14 -4.96
N HIS B 59 12.63 -15.25 -3.65
CA HIS B 59 12.15 -16.52 -3.04
C HIS B 59 10.80 -16.95 -3.66
N HIS B 60 9.89 -15.98 -3.80
CA HIS B 60 8.55 -16.22 -4.37
C HIS B 60 8.62 -16.31 -5.92
N HIS B 61 9.75 -15.89 -6.51
CA HIS B 61 10.00 -16.05 -7.96
C HIS B 61 10.48 -17.50 -8.23
N GLN B 62 11.27 -18.04 -7.29
CA GLN B 62 11.76 -19.44 -7.35
C GLN B 62 10.61 -20.42 -7.02
N HIS B 63 9.60 -19.93 -6.27
CA HIS B 63 8.37 -20.67 -5.95
C HIS B 63 7.16 -19.81 -6.36
N PRO B 64 6.87 -19.69 -7.71
CA PRO B 64 5.82 -18.79 -8.24
C PRO B 64 4.44 -19.45 -8.35
N GLY B 65 4.20 -20.50 -7.54
CA GLY B 65 2.94 -21.24 -7.54
C GLY B 65 1.91 -20.65 -6.59
N GLY B 66 1.85 -19.30 -6.55
CA GLY B 66 0.92 -18.57 -5.68
C GLY B 66 1.13 -18.86 -4.20
N SER B 67 0.34 -19.80 -3.67
CA SER B 67 0.44 -20.28 -2.28
C SER B 67 0.33 -21.81 -2.26
N GLY B 68 1.24 -22.45 -1.51
CA GLY B 68 1.21 -23.91 -1.30
C GLY B 68 0.98 -24.24 0.15
N LEU B 69 0.55 -25.50 0.43
CA LEU B 69 0.26 -25.97 1.81
C LEU B 69 1.58 -26.49 2.48
N ASP B 70 2.64 -25.68 2.38
CA ASP B 70 3.98 -26.00 2.90
C ASP B 70 4.76 -24.67 3.08
N ASP B 71 4.00 -23.57 3.21
CA ASP B 71 4.52 -22.19 3.29
C ASP B 71 4.91 -21.85 4.74
N ILE B 72 4.99 -20.53 5.06
CA ILE B 72 5.58 -20.01 6.31
C ILE B 72 7.05 -20.49 6.43
N PRO B 73 7.96 -20.01 5.52
CA PRO B 73 9.42 -20.27 5.64
C PRO B 73 10.03 -19.60 6.89
N PRO B 74 11.15 -20.20 7.45
CA PRO B 74 11.93 -19.56 8.55
C PRO B 74 12.38 -18.13 8.19
N TYR B 75 12.63 -17.91 6.88
CA TYR B 75 12.98 -16.60 6.33
C TYR B 75 11.92 -15.52 6.67
N ASP B 76 10.64 -15.84 6.39
CA ASP B 76 9.51 -14.91 6.58
C ASP B 76 9.34 -14.52 8.04
N ARG B 77 9.67 -15.46 8.94
CA ARG B 77 9.69 -15.21 10.39
C ARG B 77 10.78 -14.20 10.74
N ASP B 78 11.99 -14.41 10.16
CA ASP B 78 13.14 -13.51 10.34
C ASP B 78 12.94 -12.15 9.63
N PHE B 79 12.09 -12.14 8.60
CA PHE B 79 11.70 -10.91 7.87
C PHE B 79 10.83 -10.03 8.78
N CYS B 80 9.95 -10.71 9.55
CA CYS B 80 9.07 -10.08 10.54
C CYS B 80 9.86 -9.59 11.78
N LYS B 81 11.03 -10.22 12.04
CA LYS B 81 11.95 -9.79 13.13
C LYS B 81 12.68 -8.51 12.70
N VAL B 82 11.98 -7.38 12.81
CA VAL B 82 12.50 -6.03 12.56
C VAL B 82 11.84 -5.08 13.57
N ASP B 83 12.51 -3.96 13.86
CA ASP B 83 12.06 -3.00 14.88
C ASP B 83 10.77 -2.29 14.39
N GLN B 84 10.04 -1.62 15.31
CA GLN B 84 8.75 -0.96 15.00
C GLN B 84 8.87 0.08 13.84
N PRO B 85 9.89 1.01 13.85
CA PRO B 85 10.12 1.92 12.70
C PRO B 85 10.44 1.17 11.37
N THR B 86 11.16 0.05 11.51
CA THR B 86 11.61 -0.78 10.37
C THR B 86 10.41 -1.51 9.70
N LEU B 87 9.37 -1.82 10.51
CA LEU B 87 8.07 -2.36 10.02
C LEU B 87 7.42 -1.36 9.02
N PHE B 88 7.39 -0.08 9.42
CA PHE B 88 6.83 1.01 8.60
C PHE B 88 7.67 1.26 7.33
N GLU B 89 8.98 0.98 7.41
CA GLU B 89 9.91 1.03 6.26
C GLU B 89 9.58 -0.06 5.22
N LEU B 90 9.16 -1.24 5.70
CA LEU B 90 8.71 -2.36 4.85
C LEU B 90 7.38 -2.01 4.14
N ILE B 91 6.51 -1.27 4.87
CA ILE B 91 5.23 -0.76 4.35
C ILE B 91 5.50 0.32 3.26
N LEU B 92 6.49 1.20 3.54
CA LEU B 92 6.93 2.25 2.59
C LEU B 92 7.47 1.64 1.29
N ALA B 93 8.38 0.67 1.45
CA ALA B 93 9.10 0.05 0.32
C ALA B 93 8.15 -0.75 -0.58
N ALA B 94 7.24 -1.48 0.06
CA ALA B 94 6.24 -2.30 -0.65
C ALA B 94 5.26 -1.44 -1.45
N ASN B 95 4.82 -0.32 -0.84
CA ASN B 95 3.89 0.64 -1.49
C ASN B 95 4.62 1.46 -2.58
N TYR B 96 5.91 1.76 -2.33
CA TYR B 96 6.75 2.55 -3.25
C TYR B 96 7.10 1.73 -4.52
N LEU B 97 7.34 0.43 -4.32
CA LEU B 97 7.69 -0.51 -5.39
C LEU B 97 6.44 -1.17 -5.99
N ASP B 98 5.27 -0.90 -5.35
CA ASP B 98 3.94 -1.44 -5.74
C ASP B 98 4.00 -2.97 -5.85
N ILE B 99 4.21 -3.62 -4.69
CA ILE B 99 4.26 -5.08 -4.57
C ILE B 99 3.17 -5.49 -3.60
N LYS B 100 1.98 -5.77 -4.15
CA LYS B 100 0.79 -6.15 -3.36
C LYS B 100 1.07 -7.43 -2.50
N PRO B 101 1.72 -8.54 -3.04
CA PRO B 101 2.12 -9.71 -2.20
C PRO B 101 2.89 -9.34 -0.90
N LEU B 102 4.02 -8.61 -1.05
CA LEU B 102 4.90 -8.25 0.09
C LEU B 102 4.18 -7.28 1.04
N LEU B 103 3.43 -6.34 0.45
CA LEU B 103 2.67 -5.33 1.20
C LEU B 103 1.61 -6.00 2.09
N ASP B 104 0.95 -7.02 1.52
CA ASP B 104 -0.16 -7.72 2.18
C ASP B 104 0.38 -8.64 3.29
N VAL B 105 1.55 -9.28 3.05
CA VAL B 105 2.25 -10.09 4.07
C VAL B 105 2.63 -9.21 5.28
N THR B 106 3.21 -8.03 4.99
CA THR B 106 3.61 -7.07 6.03
C THR B 106 2.39 -6.51 6.79
N CYS B 107 1.29 -6.23 6.04
CA CYS B 107 0.03 -5.67 6.62
C CYS B 107 -0.64 -6.70 7.55
N LYS B 108 -0.57 -7.99 7.17
CA LYS B 108 -1.08 -9.10 8.00
C LYS B 108 -0.25 -9.22 9.28
N THR B 109 1.08 -9.30 9.11
CA THR B 109 2.04 -9.51 10.21
C THR B 109 1.92 -8.43 11.30
N VAL B 110 1.96 -7.14 10.88
CA VAL B 110 1.87 -5.99 11.82
C VAL B 110 0.52 -6.01 12.59
N ALA B 111 -0.55 -6.45 11.90
CA ALA B 111 -1.90 -6.57 12.48
C ALA B 111 -1.99 -7.76 13.46
N ASN B 112 -1.26 -8.84 13.16
CA ASN B 112 -1.27 -10.07 13.97
C ASN B 112 -0.48 -9.86 15.28
N MET B 113 0.64 -9.14 15.20
CA MET B 113 1.55 -8.92 16.35
C MET B 113 0.92 -7.99 17.40
N ILE B 114 0.22 -6.94 16.95
CA ILE B 114 -0.45 -5.96 17.84
C ILE B 114 -1.69 -6.58 18.54
N ARG B 115 -2.25 -7.64 17.94
CA ARG B 115 -3.35 -8.44 18.52
C ARG B 115 -2.80 -9.61 19.35
N GLY B 116 -1.53 -9.97 19.09
CA GLY B 116 -0.87 -11.09 19.77
C GLY B 116 -0.97 -12.39 18.97
N SER A 1 -24.54 8.75 -9.72
CA SER A 1 -25.27 7.82 -8.85
C SER A 1 -24.39 7.39 -7.66
N LEU A 2 -25.03 7.23 -6.49
CA LEU A 2 -24.35 6.78 -5.27
C LEU A 2 -24.28 5.24 -5.27
N VAL A 3 -23.07 4.69 -5.17
CA VAL A 3 -22.88 3.25 -4.90
C VAL A 3 -22.82 3.02 -3.38
N LYS A 4 -23.51 1.98 -2.94
CA LYS A 4 -23.61 1.62 -1.52
C LYS A 4 -22.40 0.78 -1.12
N LEU A 5 -21.61 1.28 -0.14
CA LEU A 5 -20.43 0.57 0.40
C LEU A 5 -20.73 0.10 1.81
N GLU A 6 -21.15 -1.17 1.93
CA GLU A 6 -21.43 -1.81 3.22
C GLU A 6 -20.09 -2.27 3.85
N SER A 7 -19.80 -1.77 5.05
CA SER A 7 -18.58 -2.11 5.79
C SER A 7 -18.75 -3.45 6.54
N SER A 8 -17.65 -3.90 7.16
CA SER A 8 -17.64 -5.07 8.06
C SER A 8 -18.47 -4.81 9.33
N ASP A 9 -18.67 -3.51 9.66
CA ASP A 9 -19.48 -3.06 10.81
C ASP A 9 -20.98 -2.94 10.42
N GLU A 10 -21.31 -3.35 9.17
CA GLU A 10 -22.69 -3.49 8.65
C GLU A 10 -23.36 -2.13 8.34
N LYS A 11 -22.59 -1.03 8.46
CA LYS A 11 -23.06 0.32 8.12
C LYS A 11 -22.74 0.63 6.64
N VAL A 12 -23.76 1.05 5.90
CA VAL A 12 -23.69 1.32 4.46
C VAL A 12 -23.45 2.82 4.20
N PHE A 13 -22.38 3.13 3.45
CA PHE A 13 -22.00 4.50 3.07
C PHE A 13 -22.25 4.70 1.58
N GLU A 14 -23.30 5.44 1.24
CA GLU A 14 -23.66 5.75 -0.15
C GLU A 14 -22.73 6.86 -0.68
N ILE A 15 -21.54 6.45 -1.14
CA ILE A 15 -20.54 7.36 -1.71
C ILE A 15 -20.77 7.46 -3.24
N GLU A 16 -20.39 8.60 -3.81
CA GLU A 16 -20.46 8.83 -5.27
C GLU A 16 -19.56 7.80 -5.99
N LYS A 17 -20.11 7.16 -7.04
CA LYS A 17 -19.44 6.07 -7.78
C LYS A 17 -18.05 6.50 -8.26
N GLU A 18 -17.96 7.76 -8.73
CA GLU A 18 -16.71 8.36 -9.24
C GLU A 18 -15.61 8.43 -8.14
N ILE A 19 -16.00 8.63 -6.88
CA ILE A 19 -15.08 8.67 -5.72
C ILE A 19 -14.68 7.24 -5.30
N ALA A 20 -15.62 6.28 -5.49
CA ALA A 20 -15.38 4.85 -5.21
C ALA A 20 -14.48 4.19 -6.28
N CYS A 21 -14.42 4.82 -7.48
CA CYS A 21 -13.54 4.38 -8.59
C CYS A 21 -12.05 4.72 -8.30
N MET A 22 -11.82 5.72 -7.43
CA MET A 22 -10.46 6.08 -6.95
C MET A 22 -9.82 4.89 -6.21
N SER A 23 -10.68 4.18 -5.46
CA SER A 23 -10.34 2.91 -4.84
C SER A 23 -10.30 1.83 -5.94
N VAL A 24 -9.11 1.30 -6.21
CA VAL A 24 -8.88 0.33 -7.30
C VAL A 24 -9.68 -0.97 -7.06
N THR A 25 -9.62 -1.49 -5.82
CA THR A 25 -10.27 -2.77 -5.46
C THR A 25 -11.81 -2.68 -5.57
N ILE A 26 -12.42 -1.62 -4.99
CA ILE A 26 -13.89 -1.41 -5.00
C ILE A 26 -14.39 -1.23 -6.45
N LYS A 27 -13.61 -0.47 -7.23
CA LYS A 27 -13.84 -0.26 -8.68
C LYS A 27 -13.86 -1.61 -9.41
N ASN A 28 -12.86 -2.46 -9.11
CA ASN A 28 -12.71 -3.81 -9.74
C ASN A 28 -13.88 -4.73 -9.33
N MET A 29 -14.40 -4.56 -8.10
CA MET A 29 -15.55 -5.34 -7.58
C MET A 29 -16.82 -5.06 -8.41
N ILE A 30 -17.05 -3.76 -8.71
CA ILE A 30 -18.19 -3.30 -9.51
C ILE A 30 -18.05 -3.78 -10.97
N GLU A 31 -16.82 -3.67 -11.52
CA GLU A 31 -16.50 -4.08 -12.92
C GLU A 31 -16.56 -5.62 -13.10
N ASP A 32 -16.28 -6.36 -12.01
CA ASP A 32 -16.30 -7.84 -11.99
C ASP A 32 -17.75 -8.36 -12.12
N ILE A 33 -18.65 -7.67 -11.42
CA ILE A 33 -20.11 -7.90 -11.52
C ILE A 33 -20.67 -7.20 -12.80
N GLY A 34 -19.81 -6.35 -13.41
CA GLY A 34 -20.15 -5.61 -14.62
C GLY A 34 -20.68 -4.24 -14.26
N GLU A 35 -21.92 -4.22 -13.75
CA GLU A 35 -22.61 -3.01 -13.31
C GLU A 35 -23.33 -3.32 -11.98
N SER A 36 -22.81 -2.78 -10.86
CA SER A 36 -23.39 -3.01 -9.52
C SER A 36 -23.31 -1.72 -8.67
N ASP A 37 -24.47 -1.07 -8.48
CA ASP A 37 -24.64 0.04 -7.52
C ASP A 37 -25.07 -0.53 -6.15
N SER A 38 -25.54 -1.81 -6.16
CA SER A 38 -25.97 -2.56 -4.97
C SER A 38 -24.85 -2.64 -3.90
N PRO A 39 -25.20 -2.75 -2.56
CA PRO A 39 -24.21 -2.71 -1.45
C PRO A 39 -23.03 -3.69 -1.61
N ILE A 40 -21.85 -3.15 -1.96
CA ILE A 40 -20.59 -3.90 -2.01
C ILE A 40 -20.16 -4.19 -0.54
N PRO A 41 -20.24 -5.48 -0.06
CA PRO A 41 -19.84 -5.84 1.32
C PRO A 41 -18.30 -5.93 1.44
N LEU A 42 -17.73 -5.20 2.41
CA LEU A 42 -16.28 -5.12 2.64
C LEU A 42 -15.97 -5.73 4.03
N PRO A 43 -15.74 -7.09 4.13
CA PRO A 43 -15.56 -7.81 5.41
C PRO A 43 -14.10 -7.75 5.88
N ASN A 44 -13.64 -6.52 6.15
CA ASN A 44 -12.26 -6.23 6.56
C ASN A 44 -12.22 -4.83 7.22
N VAL A 45 -12.65 -3.82 6.43
CA VAL A 45 -12.67 -2.42 6.87
C VAL A 45 -13.99 -2.12 7.64
N THR A 46 -13.88 -1.54 8.84
CA THR A 46 -15.04 -1.17 9.68
C THR A 46 -15.65 0.16 9.21
N SER A 47 -16.77 0.55 9.83
CA SER A 47 -17.57 1.71 9.43
C SER A 47 -16.82 3.03 9.61
N THR A 48 -16.21 3.21 10.78
CA THR A 48 -15.50 4.43 11.17
C THR A 48 -14.29 4.68 10.25
N ILE A 49 -13.58 3.58 9.91
CA ILE A 49 -12.39 3.62 9.07
C ILE A 49 -12.79 3.91 7.60
N LEU A 50 -13.83 3.18 7.12
CA LEU A 50 -14.36 3.36 5.74
C LEU A 50 -14.92 4.78 5.53
N GLU A 51 -15.52 5.34 6.60
CA GLU A 51 -16.06 6.71 6.63
C GLU A 51 -14.93 7.72 6.36
N LYS A 52 -13.84 7.59 7.13
CA LYS A 52 -12.63 8.43 7.01
C LYS A 52 -11.95 8.28 5.64
N VAL A 53 -11.87 7.04 5.14
CA VAL A 53 -11.23 6.70 3.87
C VAL A 53 -11.97 7.38 2.68
N LEU A 54 -13.31 7.28 2.70
CA LEU A 54 -14.16 7.85 1.64
C LEU A 54 -14.19 9.39 1.72
N ASP A 55 -14.15 9.92 2.95
CA ASP A 55 -14.22 11.38 3.22
C ASP A 55 -12.93 12.07 2.77
N TYR A 56 -11.79 11.37 2.96
CA TYR A 56 -10.48 11.84 2.49
C TYR A 56 -10.45 11.88 0.94
N CYS A 57 -10.97 10.80 0.33
CA CYS A 57 -11.08 10.66 -1.14
C CYS A 57 -12.00 11.73 -1.75
N ARG A 58 -13.02 12.19 -0.96
CA ARG A 58 -13.89 13.32 -1.32
C ARG A 58 -13.05 14.59 -1.59
N HIS A 59 -12.20 14.96 -0.59
CA HIS A 59 -11.36 16.17 -0.66
C HIS A 59 -10.41 16.13 -1.88
N HIS A 60 -9.81 14.95 -2.12
CA HIS A 60 -8.86 14.73 -3.22
C HIS A 60 -9.53 14.92 -4.60
N HIS A 61 -10.83 14.59 -4.66
CA HIS A 61 -11.64 14.69 -5.89
C HIS A 61 -12.16 16.13 -6.12
N GLN A 62 -12.71 16.73 -5.05
CA GLN A 62 -13.37 18.06 -5.08
C GLN A 62 -12.33 19.17 -5.28
N HIS A 63 -11.10 18.91 -4.81
CA HIS A 63 -9.93 19.75 -5.06
C HIS A 63 -8.89 18.86 -5.78
N PRO A 64 -8.96 18.76 -7.16
CA PRO A 64 -8.03 17.94 -7.97
C PRO A 64 -6.54 18.26 -7.69
N GLY A 65 -5.92 17.41 -6.87
CA GLY A 65 -4.53 17.55 -6.48
C GLY A 65 -4.18 16.52 -5.42
N GLY A 66 -4.25 16.93 -4.13
CA GLY A 66 -4.01 16.04 -2.99
C GLY A 66 -2.95 16.59 -2.05
N SER A 67 -2.11 15.69 -1.51
CA SER A 67 -1.05 16.04 -0.56
C SER A 67 0.11 16.72 -1.29
N GLY A 68 0.19 18.06 -1.15
CA GLY A 68 1.31 18.84 -1.67
C GLY A 68 2.64 18.47 -1.00
N LEU A 69 3.74 18.61 -1.75
CA LEU A 69 5.09 18.22 -1.32
C LEU A 69 5.54 19.10 -0.13
N ASP A 70 5.41 18.53 1.10
CA ASP A 70 5.70 19.21 2.41
C ASP A 70 4.60 20.24 2.77
N ASP A 71 3.63 20.46 1.85
CA ASP A 71 2.52 21.41 2.04
C ASP A 71 1.49 20.82 3.02
N ILE A 72 0.87 19.69 2.59
CA ILE A 72 -0.15 18.93 3.36
C ILE A 72 -1.36 19.82 3.76
N PRO A 73 -2.52 19.73 3.02
CA PRO A 73 -3.75 20.54 3.34
C PRO A 73 -4.31 20.30 4.77
N PRO A 74 -4.93 21.36 5.41
CA PRO A 74 -5.38 21.33 6.84
C PRO A 74 -6.19 20.09 7.28
N TYR A 75 -7.32 19.81 6.59
CA TYR A 75 -8.18 18.63 6.88
C TYR A 75 -7.35 17.33 6.87
N ASP A 76 -6.51 17.21 5.84
CA ASP A 76 -5.75 16.00 5.51
C ASP A 76 -4.62 15.79 6.54
N ARG A 77 -4.16 16.90 7.15
CA ARG A 77 -3.18 16.89 8.26
C ARG A 77 -3.87 16.44 9.56
N ASP A 78 -5.15 16.85 9.75
CA ASP A 78 -5.98 16.40 10.90
C ASP A 78 -6.37 14.93 10.74
N PHE A 79 -6.46 14.46 9.48
CA PHE A 79 -6.72 13.05 9.14
C PHE A 79 -5.58 12.15 9.64
N CYS A 80 -4.34 12.68 9.57
CA CYS A 80 -3.13 11.97 10.00
C CYS A 80 -3.12 11.74 11.54
N LYS A 81 -3.79 12.63 12.27
CA LYS A 81 -3.86 12.57 13.74
C LYS A 81 -5.07 11.76 14.19
N VAL A 82 -4.87 10.44 14.28
CA VAL A 82 -5.87 9.49 14.82
C VAL A 82 -5.23 8.67 15.95
N ASP A 83 -6.01 7.74 16.53
CA ASP A 83 -5.54 6.82 17.57
C ASP A 83 -4.53 5.82 16.96
N GLN A 84 -3.59 5.30 17.79
CA GLN A 84 -2.45 4.47 17.32
C GLN A 84 -2.92 3.17 16.58
N PRO A 85 -3.82 2.29 17.18
CA PRO A 85 -4.43 1.15 16.43
C PRO A 85 -5.20 1.61 15.17
N THR A 86 -5.97 2.69 15.32
CA THR A 86 -6.82 3.29 14.26
C THR A 86 -5.97 3.69 13.02
N LEU A 87 -4.72 4.13 13.29
CA LEU A 87 -3.77 4.53 12.24
C LEU A 87 -3.40 3.30 11.39
N PHE A 88 -3.12 2.18 12.07
CA PHE A 88 -2.81 0.89 11.41
C PHE A 88 -4.04 0.34 10.66
N GLU A 89 -5.25 0.62 11.17
CA GLU A 89 -6.51 0.22 10.51
C GLU A 89 -6.70 0.97 9.18
N LEU A 90 -6.28 2.25 9.15
CA LEU A 90 -6.30 3.09 7.93
C LEU A 90 -5.26 2.58 6.90
N ILE A 91 -4.10 2.07 7.39
CA ILE A 91 -3.05 1.44 6.54
C ILE A 91 -3.60 0.15 5.90
N LEU A 92 -4.25 -0.68 6.74
CA LEU A 92 -4.85 -1.98 6.32
C LEU A 92 -5.97 -1.78 5.29
N ALA A 93 -6.76 -0.71 5.48
CA ALA A 93 -7.86 -0.33 4.57
C ALA A 93 -7.32 0.23 3.25
N ALA A 94 -6.22 1.01 3.34
CA ALA A 94 -5.56 1.62 2.17
C ALA A 94 -4.89 0.56 1.28
N ASN A 95 -4.45 -0.55 1.90
CA ASN A 95 -3.92 -1.73 1.20
C ASN A 95 -5.07 -2.55 0.57
N TYR A 96 -6.09 -2.83 1.41
CA TYR A 96 -7.25 -3.68 1.05
C TYR A 96 -8.07 -3.07 -0.11
N LEU A 97 -8.17 -1.73 -0.13
CA LEU A 97 -8.94 -0.99 -1.15
C LEU A 97 -8.02 -0.42 -2.26
N ASP A 98 -6.69 -0.46 -1.99
CA ASP A 98 -5.63 0.16 -2.82
C ASP A 98 -5.98 1.61 -3.21
N ILE A 99 -5.69 2.53 -2.29
CA ILE A 99 -5.85 3.97 -2.49
C ILE A 99 -4.49 4.63 -2.16
N LYS A 100 -3.75 5.01 -3.21
CA LYS A 100 -2.39 5.59 -3.09
C LYS A 100 -2.35 6.88 -2.22
N PRO A 101 -3.29 7.91 -2.38
CA PRO A 101 -3.34 9.10 -1.47
C PRO A 101 -3.53 8.73 0.03
N LEU A 102 -4.36 7.70 0.30
CA LEU A 102 -4.66 7.24 1.68
C LEU A 102 -3.41 6.55 2.26
N LEU A 103 -2.83 5.66 1.44
CA LEU A 103 -1.72 4.78 1.83
C LEU A 103 -0.47 5.58 2.15
N ASP A 104 -0.13 6.52 1.25
CA ASP A 104 1.09 7.33 1.34
C ASP A 104 1.08 8.18 2.62
N VAL A 105 -0.02 8.91 2.82
CA VAL A 105 -0.19 9.82 3.96
C VAL A 105 -0.12 9.09 5.32
N THR A 106 -0.92 8.03 5.48
CA THR A 106 -1.08 7.34 6.77
C THR A 106 0.22 6.58 7.19
N CYS A 107 0.86 5.91 6.22
CA CYS A 107 2.12 5.18 6.43
C CYS A 107 3.29 6.16 6.69
N LYS A 108 3.19 7.36 6.08
CA LYS A 108 4.18 8.44 6.26
C LYS A 108 4.02 9.09 7.65
N THR A 109 2.76 9.11 8.15
CA THR A 109 2.43 9.66 9.48
C THR A 109 3.12 8.87 10.60
N VAL A 110 3.00 7.52 10.57
CA VAL A 110 3.64 6.66 11.58
C VAL A 110 5.18 6.77 11.50
N ALA A 111 5.69 6.97 10.26
CA ALA A 111 7.12 7.23 10.00
C ALA A 111 7.58 8.60 10.56
N ASN A 112 6.64 9.57 10.60
CA ASN A 112 6.86 10.91 11.17
C ASN A 112 6.78 10.88 12.71
N MET A 113 5.94 9.95 13.25
CA MET A 113 5.76 9.80 14.71
C MET A 113 7.01 9.18 15.35
N ILE A 114 7.56 8.15 14.70
CA ILE A 114 8.83 7.53 15.13
C ILE A 114 10.00 8.49 14.85
N ARG A 115 9.87 9.27 13.74
CA ARG A 115 10.83 10.31 13.31
C ARG A 115 12.27 9.74 13.17
N GLY A 116 12.54 9.12 12.01
CA GLY A 116 13.88 8.57 11.71
C GLY A 116 14.83 9.60 11.10
N SER B 1 17.53 -11.19 -18.31
CA SER B 1 18.57 -10.18 -18.03
C SER B 1 18.32 -9.54 -16.65
N LEU B 2 19.43 -9.19 -15.96
CA LEU B 2 19.38 -8.53 -14.65
C LEU B 2 19.27 -7.00 -14.85
N VAL B 3 18.22 -6.40 -14.31
CA VAL B 3 18.12 -4.93 -14.21
C VAL B 3 18.78 -4.45 -12.91
N LYS B 4 19.55 -3.38 -13.01
CA LYS B 4 20.28 -2.81 -11.88
C LYS B 4 19.36 -1.86 -11.10
N LEU B 5 19.14 -2.16 -9.81
CA LEU B 5 18.32 -1.33 -8.90
C LEU B 5 19.23 -0.64 -7.88
N GLU B 6 19.61 0.60 -8.18
CA GLU B 6 20.43 1.42 -7.30
C GLU B 6 19.53 2.04 -6.21
N SER B 7 19.86 1.75 -4.94
CA SER B 7 19.10 2.26 -3.78
C SER B 7 19.55 3.69 -3.42
N SER B 8 18.84 4.28 -2.44
CA SER B 8 19.20 5.57 -1.84
C SER B 8 20.55 5.48 -1.09
N ASP B 9 20.92 4.25 -0.67
CA ASP B 9 22.20 3.96 0.02
C ASP B 9 23.34 3.72 -1.02
N GLU B 10 23.04 3.93 -2.33
CA GLU B 10 24.02 3.92 -3.45
C GLU B 10 24.51 2.49 -3.79
N LYS B 11 23.91 1.45 -3.16
CA LYS B 11 24.22 0.04 -3.45
C LYS B 11 23.27 -0.49 -4.53
N VAL B 12 23.85 -1.09 -5.57
CA VAL B 12 23.13 -1.56 -6.76
C VAL B 12 22.84 -3.08 -6.65
N PHE B 13 21.55 -3.45 -6.73
CA PHE B 13 21.09 -4.85 -6.67
C PHE B 13 20.61 -5.28 -8.06
N GLU B 14 21.42 -6.13 -8.72
CA GLU B 14 21.10 -6.67 -10.04
C GLU B 14 20.07 -7.82 -9.89
N ILE B 15 18.80 -7.43 -9.81
CA ILE B 15 17.68 -8.37 -9.69
C ILE B 15 17.18 -8.72 -11.11
N GLU B 16 16.61 -9.93 -11.25
CA GLU B 16 16.00 -10.37 -12.51
C GLU B 16 14.85 -9.43 -12.88
N LYS B 17 14.81 -8.98 -14.16
CA LYS B 17 13.84 -8.01 -14.66
C LYS B 17 12.39 -8.45 -14.38
N GLU B 18 12.15 -9.76 -14.53
CA GLU B 18 10.84 -10.38 -14.30
C GLU B 18 10.37 -10.20 -12.83
N ILE B 19 11.31 -10.25 -11.87
CA ILE B 19 11.03 -10.05 -10.43
C ILE B 19 10.83 -8.55 -10.11
N ALA B 20 11.53 -7.69 -10.86
CA ALA B 20 11.39 -6.21 -10.74
C ALA B 20 10.08 -5.70 -11.37
N CYS B 21 9.49 -6.50 -12.27
CA CYS B 21 8.18 -6.22 -12.89
C CYS B 21 7.00 -6.45 -11.91
N MET B 22 7.25 -7.29 -10.87
CA MET B 22 6.29 -7.52 -9.76
C MET B 22 6.03 -6.20 -9.00
N SER B 23 7.11 -5.41 -8.86
CA SER B 23 7.05 -4.04 -8.38
C SER B 23 6.47 -3.15 -9.49
N VAL B 24 5.26 -2.61 -9.26
CA VAL B 24 4.53 -1.83 -10.26
C VAL B 24 5.28 -0.54 -10.63
N THR B 25 5.79 0.18 -9.61
CA THR B 25 6.49 1.47 -9.81
C THR B 25 7.81 1.30 -10.61
N ILE B 26 8.65 0.31 -10.22
CA ILE B 26 9.95 0.03 -10.88
C ILE B 26 9.73 -0.40 -12.34
N LYS B 27 8.69 -1.24 -12.53
CA LYS B 27 8.23 -1.69 -13.86
C LYS B 27 7.87 -0.47 -14.74
N ASN B 28 7.08 0.46 -14.17
CA ASN B 28 6.62 1.69 -14.86
C ASN B 28 7.79 2.62 -15.20
N MET B 29 8.84 2.62 -14.33
CA MET B 29 10.06 3.43 -14.53
C MET B 29 10.82 2.96 -15.80
N ILE B 30 10.94 1.63 -15.95
CA ILE B 30 11.59 0.99 -17.11
C ILE B 30 10.77 1.25 -18.39
N GLU B 31 9.43 1.11 -18.27
CA GLU B 31 8.48 1.29 -19.40
C GLU B 31 8.38 2.77 -19.83
N ASP B 32 8.61 3.70 -18.89
CA ASP B 32 8.57 5.16 -19.14
C ASP B 32 9.77 5.58 -20.01
N ILE B 33 10.94 4.99 -19.70
CA ILE B 33 12.17 5.13 -20.51
C ILE B 33 12.07 4.22 -21.77
N GLY B 34 11.10 3.29 -21.73
CA GLY B 34 10.85 2.34 -22.80
C GLY B 34 11.54 1.03 -22.53
N GLU B 35 12.87 1.05 -22.67
CA GLU B 35 13.75 -0.11 -22.41
C GLU B 35 15.00 0.37 -21.66
N SER B 36 15.08 0.05 -20.35
CA SER B 36 16.21 0.46 -19.50
C SER B 36 16.58 -0.67 -18.51
N ASP B 37 17.71 -1.34 -18.77
CA ASP B 37 18.36 -2.28 -17.83
C ASP B 37 19.38 -1.53 -16.94
N SER B 38 19.71 -0.28 -17.37
CA SER B 38 20.63 0.63 -16.65
C SER B 38 20.12 0.94 -15.21
N PRO B 39 21.04 1.25 -14.22
CA PRO B 39 20.67 1.44 -12.79
C PRO B 39 19.52 2.44 -12.57
N ILE B 40 18.33 1.90 -12.22
CA ILE B 40 17.18 2.68 -11.79
C ILE B 40 17.47 3.23 -10.37
N PRO B 41 17.72 4.57 -10.19
CA PRO B 41 17.99 5.16 -8.87
C PRO B 41 16.67 5.33 -8.06
N LEU B 42 16.66 4.80 -6.83
CA LEU B 42 15.49 4.82 -5.95
C LEU B 42 15.84 5.65 -4.69
N PRO B 43 15.62 7.01 -4.71
CA PRO B 43 16.03 7.94 -3.64
C PRO B 43 14.97 8.02 -2.52
N ASN B 44 14.74 6.87 -1.86
CA ASN B 44 13.71 6.72 -0.82
C ASN B 44 14.01 5.45 -0.01
N VAL B 45 14.09 4.31 -0.73
CA VAL B 45 14.36 2.99 -0.13
C VAL B 45 15.89 2.76 -0.03
N THR B 46 16.36 2.39 1.17
CA THR B 46 17.80 2.12 1.43
C THR B 46 18.18 0.70 0.94
N SER B 47 19.48 0.38 1.02
CA SER B 47 20.04 -0.88 0.47
C SER B 47 19.49 -2.12 1.19
N THR B 48 19.52 -2.07 2.53
CA THR B 48 19.11 -3.20 3.39
C THR B 48 17.62 -3.53 3.20
N ILE B 49 16.81 -2.48 3.04
CA ILE B 49 15.36 -2.60 2.88
C ILE B 49 15.04 -3.13 1.47
N LEU B 50 15.70 -2.55 0.44
CA LEU B 50 15.53 -2.96 -0.98
C LEU B 50 15.98 -4.41 -1.19
N GLU B 51 17.02 -4.82 -0.45
CA GLU B 51 17.56 -6.19 -0.47
C GLU B 51 16.48 -7.18 -0.01
N LYS B 52 15.88 -6.88 1.15
CA LYS B 52 14.80 -7.68 1.76
C LYS B 52 13.55 -7.73 0.86
N VAL B 53 13.21 -6.58 0.26
CA VAL B 53 12.03 -6.43 -0.60
C VAL B 53 12.16 -7.31 -1.87
N LEU B 54 13.34 -7.27 -2.50
CA LEU B 54 13.63 -8.04 -3.73
C LEU B 54 13.74 -9.55 -3.43
N ASP B 55 14.31 -9.88 -2.24
CA ASP B 55 14.54 -11.28 -1.83
C ASP B 55 13.22 -11.97 -1.49
N TYR B 56 12.28 -11.20 -0.91
CA TYR B 56 10.91 -11.68 -0.62
C TYR B 56 10.17 -11.96 -1.95
N CYS B 57 10.30 -11.02 -2.90
CA CYS B 57 9.71 -11.11 -4.26
C CYS B 57 10.28 -12.32 -5.04
N ARG B 58 11.57 -12.68 -4.75
CA ARG B 58 12.20 -13.90 -5.29
C ARG B 58 11.39 -15.15 -4.91
N HIS B 59 11.12 -15.32 -3.60
CA HIS B 59 10.38 -16.49 -3.07
C HIS B 59 8.97 -16.60 -3.69
N HIS B 60 8.30 -15.44 -3.79
CA HIS B 60 6.93 -15.36 -4.34
C HIS B 60 6.89 -15.81 -5.82
N HIS B 61 7.97 -15.52 -6.54
CA HIS B 61 8.11 -15.86 -7.97
C HIS B 61 8.52 -17.34 -8.17
N GLN B 62 9.53 -17.78 -7.41
CA GLN B 62 10.15 -19.11 -7.54
C GLN B 62 9.19 -20.21 -7.05
N HIS B 63 8.31 -19.82 -6.11
CA HIS B 63 7.19 -20.65 -5.64
C HIS B 63 5.89 -19.85 -5.92
N PRO B 64 5.32 -19.95 -7.18
CA PRO B 64 4.10 -19.21 -7.59
C PRO B 64 2.91 -19.41 -6.63
N GLY B 65 2.74 -18.45 -5.73
CA GLY B 65 1.68 -18.47 -4.72
C GLY B 65 1.83 -17.28 -3.80
N GLY B 66 2.52 -17.48 -2.66
CA GLY B 66 2.81 -16.41 -1.69
C GLY B 66 2.37 -16.75 -0.29
N SER B 67 1.82 -15.76 0.43
CA SER B 67 1.36 -15.90 1.80
C SER B 67 0.00 -16.62 1.82
N GLY B 68 0.02 -17.92 2.20
CA GLY B 68 -1.19 -18.70 2.38
C GLY B 68 -2.06 -18.18 3.53
N LEU B 69 -3.38 -18.40 3.41
CA LEU B 69 -4.40 -17.91 4.36
C LEU B 69 -4.19 -18.59 5.73
N ASP B 70 -3.52 -17.84 6.65
CA ASP B 70 -3.13 -18.26 8.02
C ASP B 70 -1.94 -19.27 8.00
N ASP B 71 -1.52 -19.67 6.79
CA ASP B 71 -0.41 -20.61 6.58
C ASP B 71 0.93 -19.91 6.86
N ILE B 72 1.23 -18.89 6.02
CA ILE B 72 2.46 -18.05 6.09
C ILE B 72 3.75 -18.92 6.03
N PRO B 73 4.44 -19.01 4.84
CA PRO B 73 5.67 -19.82 4.67
C PRO B 73 6.83 -19.37 5.62
N PRO B 74 7.72 -20.34 6.07
CA PRO B 74 8.76 -20.11 7.11
C PRO B 74 9.65 -18.85 6.91
N TYR B 75 10.31 -18.73 5.73
CA TYR B 75 11.15 -17.55 5.38
C TYR B 75 10.35 -16.24 5.53
N ASP B 76 9.14 -16.24 5.00
CA ASP B 76 8.27 -15.07 4.88
C ASP B 76 7.75 -14.65 6.27
N ARG B 77 7.67 -15.63 7.18
CA ARG B 77 7.32 -15.41 8.60
C ARG B 77 8.52 -14.78 9.35
N ASP B 78 9.75 -15.22 8.99
CA ASP B 78 11.01 -14.63 9.53
C ASP B 78 11.20 -13.20 9.00
N PHE B 79 10.70 -12.95 7.77
CA PHE B 79 10.72 -11.63 7.12
C PHE B 79 9.92 -10.61 7.94
N CYS B 80 8.81 -11.09 8.53
CA CYS B 80 7.91 -10.27 9.36
C CYS B 80 8.61 -9.79 10.66
N LYS B 81 9.58 -10.59 11.14
CA LYS B 81 10.33 -10.30 12.37
C LYS B 81 11.58 -9.47 12.04
N VAL B 82 11.40 -8.15 12.03
CA VAL B 82 12.51 -7.17 11.87
C VAL B 82 12.42 -6.15 13.03
N ASP B 83 13.35 -5.18 13.02
CA ASP B 83 13.39 -4.07 14.00
C ASP B 83 12.17 -3.15 13.78
N GLN B 84 11.71 -2.47 14.84
CA GLN B 84 10.46 -1.65 14.82
C GLN B 84 10.50 -0.51 13.74
N PRO B 85 11.54 0.41 13.71
CA PRO B 85 11.69 1.39 12.59
C PRO B 85 11.79 0.70 11.21
N THR B 86 12.59 -0.39 11.15
CA THR B 86 12.84 -1.19 9.93
C THR B 86 11.54 -1.75 9.33
N LEU B 87 10.57 -2.08 10.20
CA LEU B 87 9.25 -2.60 9.81
C LEU B 87 8.48 -1.52 9.04
N PHE B 88 8.52 -0.28 9.56
CA PHE B 88 7.88 0.88 8.93
C PHE B 88 8.59 1.26 7.61
N GLU B 89 9.91 1.02 7.55
CA GLU B 89 10.71 1.25 6.32
C GLU B 89 10.29 0.28 5.19
N LEU B 90 9.95 -0.97 5.57
CA LEU B 90 9.43 -2.00 4.64
C LEU B 90 8.01 -1.61 4.14
N ILE B 91 7.19 -0.98 5.02
CA ILE B 91 5.84 -0.45 4.67
C ILE B 91 5.99 0.71 3.64
N LEU B 92 6.93 1.64 3.94
CA LEU B 92 7.21 2.82 3.09
C LEU B 92 7.72 2.40 1.70
N ALA B 93 8.56 1.34 1.68
CA ALA B 93 9.12 0.77 0.43
C ALA B 93 8.05 0.02 -0.37
N ALA B 94 7.15 -0.67 0.34
CA ALA B 94 6.04 -1.44 -0.27
C ALA B 94 5.00 -0.52 -0.90
N ASN B 95 4.86 0.69 -0.33
CA ASN B 95 4.01 1.77 -0.89
C ASN B 95 4.72 2.43 -2.10
N TYR B 96 5.99 2.81 -1.90
CA TYR B 96 6.82 3.54 -2.89
C TYR B 96 7.02 2.72 -4.18
N LEU B 97 7.14 1.39 -4.03
CA LEU B 97 7.38 0.45 -5.15
C LEU B 97 6.07 -0.24 -5.59
N ASP B 98 5.03 -0.11 -4.75
CA ASP B 98 3.72 -0.79 -4.88
C ASP B 98 3.88 -2.31 -5.15
N ILE B 99 4.11 -3.05 -4.07
CA ILE B 99 4.20 -4.52 -4.07
C ILE B 99 3.19 -5.04 -3.05
N LYS B 100 2.06 -5.56 -3.56
CA LYS B 100 0.93 -6.06 -2.73
C LYS B 100 1.35 -7.18 -1.73
N PRO B 101 2.14 -8.25 -2.16
CA PRO B 101 2.66 -9.29 -1.20
C PRO B 101 3.52 -8.70 -0.04
N LEU B 102 4.34 -7.67 -0.35
CA LEU B 102 5.22 -7.01 0.63
C LEU B 102 4.36 -6.18 1.61
N LEU B 103 3.43 -5.41 1.02
CA LEU B 103 2.59 -4.44 1.72
C LEU B 103 1.67 -5.11 2.72
N ASP B 104 0.99 -6.18 2.24
CA ASP B 104 -0.02 -6.90 3.03
C ASP B 104 0.61 -7.51 4.28
N VAL B 105 1.70 -8.26 4.06
CA VAL B 105 2.41 -8.98 5.13
C VAL B 105 2.95 -8.05 6.22
N THR B 106 3.71 -7.01 5.81
CA THR B 106 4.43 -6.14 6.76
C THR B 106 3.46 -5.27 7.59
N CYS B 107 2.41 -4.74 6.93
CA CYS B 107 1.36 -3.92 7.60
C CYS B 107 0.49 -4.80 8.51
N LYS B 108 0.33 -6.09 8.14
CA LYS B 108 -0.42 -7.08 8.93
C LYS B 108 0.39 -7.49 10.16
N THR B 109 1.74 -7.50 10.03
CA THR B 109 2.67 -7.85 11.12
C THR B 109 2.56 -6.87 12.28
N VAL B 110 2.61 -5.54 11.99
CA VAL B 110 2.48 -4.50 13.02
C VAL B 110 1.09 -4.55 13.68
N ALA B 111 0.06 -4.92 12.88
CA ALA B 111 -1.32 -5.13 13.36
C ALA B 111 -1.42 -6.39 14.27
N ASN B 112 -0.52 -7.37 14.03
CA ASN B 112 -0.41 -8.60 14.85
C ASN B 112 0.38 -8.32 16.15
N MET B 113 1.35 -7.37 16.08
CA MET B 113 2.19 -6.98 17.24
C MET B 113 1.35 -6.21 18.27
N ILE B 114 0.49 -5.28 17.78
CA ILE B 114 -0.44 -4.54 18.64
C ILE B 114 -1.58 -5.48 19.11
N ARG B 115 -1.94 -6.44 18.21
CA ARG B 115 -2.94 -7.49 18.45
C ARG B 115 -4.29 -6.91 18.94
N GLY B 116 -5.12 -6.49 17.97
CA GLY B 116 -6.45 -5.92 18.26
C GLY B 116 -7.55 -6.97 18.34
N SER A 1 -23.44 10.46 -9.32
CA SER A 1 -24.22 9.32 -8.79
C SER A 1 -23.51 8.70 -7.58
N LEU A 2 -24.30 8.31 -6.55
CA LEU A 2 -23.78 7.69 -5.32
C LEU A 2 -23.75 6.16 -5.46
N VAL A 3 -22.56 5.56 -5.26
CA VAL A 3 -22.43 4.10 -5.08
C VAL A 3 -22.51 3.77 -3.58
N LYS A 4 -23.36 2.79 -3.24
CA LYS A 4 -23.67 2.42 -1.86
C LYS A 4 -22.62 1.42 -1.35
N LEU A 5 -21.58 1.94 -0.67
CA LEU A 5 -20.50 1.11 -0.12
C LEU A 5 -20.82 0.74 1.32
N GLU A 6 -21.47 -0.44 1.49
CA GLU A 6 -21.76 -0.99 2.81
C GLU A 6 -20.47 -1.59 3.40
N SER A 7 -20.24 -1.31 4.68
CA SER A 7 -19.10 -1.84 5.43
C SER A 7 -19.39 -3.26 5.94
N SER A 8 -18.38 -3.88 6.58
CA SER A 8 -18.55 -5.15 7.30
C SER A 8 -19.49 -4.98 8.51
N ASP A 9 -19.55 -3.73 9.02
CA ASP A 9 -20.42 -3.35 10.17
C ASP A 9 -21.87 -3.04 9.71
N GLU A 10 -22.17 -3.34 8.41
CA GLU A 10 -23.53 -3.25 7.82
C GLU A 10 -24.05 -1.81 7.64
N LYS A 11 -23.19 -0.81 7.91
CA LYS A 11 -23.55 0.61 7.71
C LYS A 11 -23.14 1.05 6.30
N VAL A 12 -24.12 1.55 5.53
CA VAL A 12 -23.94 1.93 4.12
C VAL A 12 -23.46 3.39 4.03
N PHE A 13 -22.32 3.59 3.36
CA PHE A 13 -21.75 4.92 3.08
C PHE A 13 -21.87 5.20 1.58
N GLU A 14 -22.88 6.03 1.22
CA GLU A 14 -23.16 6.40 -0.17
C GLU A 14 -22.22 7.53 -0.60
N ILE A 15 -21.11 7.16 -1.24
CA ILE A 15 -20.10 8.09 -1.76
C ILE A 15 -20.27 8.17 -3.29
N GLU A 16 -19.90 9.30 -3.89
CA GLU A 16 -19.99 9.48 -5.36
C GLU A 16 -18.98 8.54 -6.05
N LYS A 17 -19.39 7.98 -7.21
CA LYS A 17 -18.63 6.96 -7.94
C LYS A 17 -17.28 7.53 -8.44
N GLU A 18 -17.33 8.79 -8.94
CA GLU A 18 -16.15 9.56 -9.40
C GLU A 18 -15.06 9.69 -8.30
N ILE A 19 -15.50 9.64 -7.05
CA ILE A 19 -14.63 9.65 -5.87
C ILE A 19 -14.10 8.22 -5.61
N ALA A 20 -15.02 7.23 -5.67
CA ALA A 20 -14.74 5.81 -5.37
C ALA A 20 -13.93 5.11 -6.49
N CYS A 21 -13.76 5.79 -7.64
CA CYS A 21 -12.94 5.30 -8.78
C CYS A 21 -11.44 5.32 -8.43
N MET A 22 -11.03 6.26 -7.55
CA MET A 22 -9.62 6.39 -7.10
C MET A 22 -9.20 5.15 -6.26
N SER A 23 -10.21 4.51 -5.65
CA SER A 23 -10.08 3.18 -5.06
C SER A 23 -10.03 2.16 -6.19
N VAL A 24 -8.82 1.66 -6.50
CA VAL A 24 -8.59 0.72 -7.61
C VAL A 24 -9.41 -0.56 -7.45
N THR A 25 -9.43 -1.12 -6.22
CA THR A 25 -10.17 -2.36 -5.91
C THR A 25 -11.69 -2.20 -6.16
N ILE A 26 -12.30 -1.14 -5.60
CA ILE A 26 -13.75 -0.87 -5.73
C ILE A 26 -14.14 -0.59 -7.19
N LYS A 27 -13.31 0.22 -7.86
CA LYS A 27 -13.48 0.58 -9.28
C LYS A 27 -13.49 -0.69 -10.15
N ASN A 28 -12.49 -1.57 -9.92
CA ASN A 28 -12.32 -2.84 -10.64
C ASN A 28 -13.49 -3.80 -10.38
N MET A 29 -14.07 -3.75 -9.15
CA MET A 29 -15.26 -4.55 -8.78
C MET A 29 -16.49 -4.09 -9.58
N ILE A 30 -16.66 -2.76 -9.69
CA ILE A 30 -17.78 -2.14 -10.45
C ILE A 30 -17.67 -2.53 -11.94
N GLU A 31 -16.44 -2.44 -12.48
CA GLU A 31 -16.14 -2.72 -13.90
C GLU A 31 -16.17 -4.24 -14.21
N ASP A 32 -15.91 -5.07 -13.18
CA ASP A 32 -15.97 -6.55 -13.28
C ASP A 32 -17.43 -7.01 -13.45
N ILE A 33 -18.32 -6.35 -12.70
CA ILE A 33 -19.78 -6.54 -12.83
C ILE A 33 -20.29 -5.79 -14.09
N GLY A 34 -19.56 -4.74 -14.48
CA GLY A 34 -19.95 -3.85 -15.57
C GLY A 34 -20.67 -2.62 -15.00
N GLU A 35 -21.94 -2.82 -14.60
CA GLU A 35 -22.77 -1.82 -13.91
C GLU A 35 -23.52 -2.52 -12.76
N SER A 36 -23.59 -1.85 -11.58
CA SER A 36 -24.22 -2.42 -10.36
C SER A 36 -24.81 -1.30 -9.49
N ASP A 37 -26.16 -1.20 -9.48
CA ASP A 37 -26.89 -0.25 -8.61
C ASP A 37 -27.08 -0.84 -7.21
N SER A 38 -26.97 -2.18 -7.11
CA SER A 38 -27.02 -2.91 -5.84
C SER A 38 -25.81 -2.53 -4.95
N PRO A 39 -26.01 -2.35 -3.60
CA PRO A 39 -24.93 -1.96 -2.67
C PRO A 39 -23.74 -2.94 -2.70
N ILE A 40 -22.51 -2.39 -2.79
CA ILE A 40 -21.26 -3.17 -2.76
C ILE A 40 -20.83 -3.33 -1.27
N PRO A 41 -20.97 -4.56 -0.67
CA PRO A 41 -20.54 -4.82 0.72
C PRO A 41 -19.07 -5.29 0.78
N LEU A 42 -18.23 -4.55 1.54
CA LEU A 42 -16.83 -4.90 1.81
C LEU A 42 -16.74 -5.57 3.20
N PRO A 43 -16.65 -6.95 3.27
CA PRO A 43 -16.65 -7.69 4.56
C PRO A 43 -15.25 -7.75 5.23
N ASN A 44 -14.62 -6.58 5.35
CA ASN A 44 -13.26 -6.43 5.91
C ASN A 44 -13.14 -5.07 6.62
N VAL A 45 -13.43 -3.99 5.88
CA VAL A 45 -13.35 -2.62 6.41
C VAL A 45 -14.63 -2.29 7.21
N THR A 46 -14.47 -1.94 8.50
CA THR A 46 -15.59 -1.61 9.40
C THR A 46 -16.13 -0.21 9.10
N SER A 47 -17.27 0.16 9.72
CA SER A 47 -17.94 1.44 9.47
C SER A 47 -17.09 2.63 9.94
N THR A 48 -16.46 2.46 11.13
CA THR A 48 -15.60 3.46 11.75
C THR A 48 -14.42 3.83 10.83
N ILE A 49 -13.84 2.81 10.19
CA ILE A 49 -12.66 2.97 9.34
C ILE A 49 -13.07 3.48 7.95
N LEU A 50 -14.13 2.87 7.36
CA LEU A 50 -14.64 3.21 6.02
C LEU A 50 -15.15 4.66 5.96
N GLU A 51 -15.62 5.15 7.13
CA GLU A 51 -15.99 6.56 7.35
C GLU A 51 -14.84 7.48 6.93
N LYS A 52 -13.64 7.20 7.47
CA LYS A 52 -12.41 7.98 7.24
C LYS A 52 -11.76 7.69 5.87
N VAL A 53 -11.87 6.44 5.41
CA VAL A 53 -11.34 6.03 4.10
C VAL A 53 -12.01 6.86 2.98
N LEU A 54 -13.35 6.90 3.01
CA LEU A 54 -14.16 7.67 2.07
C LEU A 54 -14.12 9.19 2.37
N ASP A 55 -13.87 9.55 3.64
CA ASP A 55 -13.72 10.97 4.08
C ASP A 55 -12.55 11.63 3.34
N TYR A 56 -11.37 10.99 3.41
CA TYR A 56 -10.17 11.48 2.73
C TYR A 56 -10.32 11.38 1.21
N CYS A 57 -10.99 10.31 0.72
CA CYS A 57 -11.24 10.13 -0.72
C CYS A 57 -12.07 11.30 -1.29
N ARG A 58 -13.11 11.71 -0.52
CA ARG A 58 -13.97 12.85 -0.91
C ARG A 58 -13.15 14.14 -0.92
N HIS A 59 -12.33 14.29 0.15
CA HIS A 59 -11.37 15.38 0.32
C HIS A 59 -10.35 15.43 -0.84
N HIS A 60 -9.94 14.25 -1.33
CA HIS A 60 -8.92 14.10 -2.37
C HIS A 60 -9.51 14.36 -3.77
N HIS A 61 -10.84 14.24 -3.88
CA HIS A 61 -11.57 14.56 -5.10
C HIS A 61 -11.82 16.09 -5.18
N GLN A 62 -12.12 16.69 -4.01
CA GLN A 62 -12.33 18.14 -3.87
C GLN A 62 -10.99 18.89 -4.02
N HIS A 63 -9.94 18.28 -3.47
CA HIS A 63 -8.56 18.81 -3.51
C HIS A 63 -7.66 17.71 -4.08
N PRO A 64 -7.27 17.81 -5.40
CA PRO A 64 -6.48 16.76 -6.13
C PRO A 64 -5.21 16.27 -5.39
N GLY A 65 -4.67 17.13 -4.52
CA GLY A 65 -3.53 16.79 -3.69
C GLY A 65 -2.63 17.99 -3.46
N GLY A 66 -2.40 18.76 -4.55
CA GLY A 66 -1.51 19.93 -4.52
C GLY A 66 -0.06 19.51 -4.44
N SER A 67 0.35 19.14 -3.20
CA SER A 67 1.64 18.51 -2.89
C SER A 67 2.84 19.43 -3.26
N GLY A 68 2.60 20.75 -3.25
CA GLY A 68 3.61 21.76 -3.57
C GLY A 68 4.73 21.77 -2.53
N LEU A 69 4.37 22.09 -1.26
CA LEU A 69 5.31 22.16 -0.14
C LEU A 69 4.53 22.29 1.18
N ASP A 70 3.69 23.33 1.25
CA ASP A 70 2.99 23.76 2.50
C ASP A 70 1.57 23.12 2.57
N ASP A 71 1.45 21.91 2.01
CA ASP A 71 0.16 21.21 1.84
C ASP A 71 -0.11 20.31 3.06
N ILE A 72 -0.18 20.96 4.25
CA ILE A 72 -0.64 20.32 5.49
C ILE A 72 -1.91 21.07 5.96
N PRO A 73 -3.12 20.74 5.41
CA PRO A 73 -4.39 21.39 5.83
C PRO A 73 -4.80 20.97 7.26
N PRO A 74 -5.40 21.91 8.08
CA PRO A 74 -5.98 21.58 9.41
C PRO A 74 -7.01 20.43 9.36
N TYR A 75 -7.65 20.26 8.18
CA TYR A 75 -8.61 19.16 7.90
C TYR A 75 -7.92 17.79 8.08
N ASP A 76 -6.75 17.63 7.41
CA ASP A 76 -5.95 16.39 7.43
C ASP A 76 -5.28 16.20 8.80
N ARG A 77 -4.99 17.32 9.47
CA ARG A 77 -4.44 17.33 10.83
C ARG A 77 -5.47 16.76 11.84
N ASP A 78 -6.76 17.10 11.64
CA ASP A 78 -7.90 16.55 12.44
C ASP A 78 -8.21 15.10 12.02
N PHE A 79 -7.94 14.79 10.75
CA PHE A 79 -8.12 13.44 10.18
C PHE A 79 -7.15 12.43 10.85
N CYS A 80 -5.91 12.90 11.10
CA CYS A 80 -4.85 12.10 11.73
C CYS A 80 -5.08 11.89 13.25
N LYS A 81 -6.11 12.55 13.82
CA LYS A 81 -6.47 12.42 15.25
C LYS A 81 -7.27 11.12 15.47
N VAL A 82 -6.54 9.99 15.49
CA VAL A 82 -7.10 8.66 15.77
C VAL A 82 -6.16 7.88 16.69
N ASP A 83 -6.59 6.67 17.11
CA ASP A 83 -5.81 5.79 17.99
C ASP A 83 -4.67 5.11 17.21
N GLN A 84 -3.70 4.57 17.96
CA GLN A 84 -2.53 3.86 17.40
C GLN A 84 -2.96 2.60 16.59
N PRO A 85 -3.86 1.67 17.13
CA PRO A 85 -4.41 0.54 16.34
C PRO A 85 -5.19 1.03 15.10
N THR A 86 -6.00 2.10 15.30
CA THR A 86 -6.85 2.69 14.24
C THR A 86 -6.01 3.20 13.05
N LEU A 87 -4.80 3.74 13.33
CA LEU A 87 -3.82 4.15 12.30
C LEU A 87 -3.50 2.97 11.36
N PHE A 88 -3.26 1.79 11.96
CA PHE A 88 -2.94 0.56 11.21
C PHE A 88 -4.18 0.02 10.48
N GLU A 89 -5.38 0.20 11.08
CA GLU A 89 -6.65 -0.23 10.45
C GLU A 89 -6.92 0.59 9.17
N LEU A 90 -6.50 1.88 9.18
CA LEU A 90 -6.59 2.77 8.00
C LEU A 90 -5.61 2.31 6.90
N ILE A 91 -4.39 1.86 7.32
CA ILE A 91 -3.35 1.33 6.40
C ILE A 91 -3.82 0.02 5.75
N LEU A 92 -4.44 -0.86 6.56
CA LEU A 92 -4.93 -2.18 6.10
C LEU A 92 -6.09 -2.04 5.12
N ALA A 93 -7.00 -1.07 5.42
CA ALA A 93 -8.17 -0.77 4.58
C ALA A 93 -7.76 -0.06 3.28
N ALA A 94 -6.69 0.74 3.36
CA ALA A 94 -6.14 1.48 2.19
C ALA A 94 -5.44 0.52 1.22
N ASN A 95 -4.79 -0.52 1.78
CA ASN A 95 -4.15 -1.60 1.00
C ASN A 95 -5.23 -2.54 0.41
N TYR A 96 -6.30 -2.79 1.20
CA TYR A 96 -7.44 -3.63 0.79
C TYR A 96 -8.22 -2.98 -0.37
N LEU A 97 -8.40 -1.65 -0.31
CA LEU A 97 -9.13 -0.88 -1.35
C LEU A 97 -8.17 -0.27 -2.39
N ASP A 98 -6.85 -0.45 -2.15
CA ASP A 98 -5.75 -0.05 -3.06
C ASP A 98 -5.73 1.48 -3.29
N ILE A 99 -6.20 2.24 -2.28
CA ILE A 99 -6.20 3.70 -2.29
C ILE A 99 -4.80 4.19 -1.90
N LYS A 100 -3.96 4.40 -2.92
CA LYS A 100 -2.55 4.81 -2.78
C LYS A 100 -2.42 6.18 -2.06
N PRO A 101 -3.27 7.25 -2.37
CA PRO A 101 -3.26 8.54 -1.61
C PRO A 101 -3.43 8.35 -0.08
N LEU A 102 -4.48 7.62 0.34
CA LEU A 102 -4.80 7.43 1.79
C LEU A 102 -3.73 6.55 2.45
N LEU A 103 -3.27 5.54 1.72
CA LEU A 103 -2.22 4.61 2.17
C LEU A 103 -0.94 5.38 2.49
N ASP A 104 -0.55 6.27 1.57
CA ASP A 104 0.69 7.06 1.67
C ASP A 104 0.62 8.03 2.84
N VAL A 105 -0.48 8.83 2.88
CA VAL A 105 -0.69 9.85 3.93
C VAL A 105 -0.68 9.24 5.34
N THR A 106 -1.41 8.14 5.54
CA THR A 106 -1.54 7.48 6.85
C THR A 106 -0.20 6.83 7.29
N CYS A 107 0.49 6.16 6.33
CA CYS A 107 1.80 5.50 6.60
C CYS A 107 2.88 6.56 6.93
N LYS A 108 2.77 7.75 6.28
CA LYS A 108 3.65 8.90 6.54
C LYS A 108 3.32 9.52 7.91
N THR A 109 2.02 9.54 8.29
CA THR A 109 1.56 10.07 9.59
C THR A 109 2.15 9.24 10.76
N VAL A 110 2.10 7.90 10.62
CA VAL A 110 2.67 6.97 11.61
C VAL A 110 4.22 7.13 11.65
N ALA A 111 4.80 7.34 10.46
CA ALA A 111 6.24 7.58 10.30
C ALA A 111 6.65 8.92 10.96
N ASN A 112 5.76 9.95 10.90
CA ASN A 112 6.03 11.31 11.44
C ASN A 112 6.19 11.26 12.97
N MET A 113 5.45 10.35 13.62
CA MET A 113 5.47 10.17 15.08
C MET A 113 6.84 9.63 15.54
N ILE A 114 7.44 8.72 14.74
CA ILE A 114 8.77 8.12 15.04
C ILE A 114 9.91 8.92 14.37
N ARG A 115 9.55 9.89 13.49
CA ARG A 115 10.53 10.75 12.79
C ARG A 115 11.15 11.77 13.74
N GLY A 116 12.28 11.38 14.35
CA GLY A 116 13.12 12.30 15.13
C GLY A 116 13.99 13.17 14.23
N SER B 1 17.02 -12.72 -17.15
CA SER B 1 17.90 -11.55 -17.24
C SER B 1 17.81 -10.71 -15.94
N LEU B 2 18.96 -10.18 -15.48
CA LEU B 2 19.04 -9.34 -14.27
C LEU B 2 18.87 -7.86 -14.63
N VAL B 3 17.88 -7.19 -14.02
CA VAL B 3 17.76 -5.73 -14.05
C VAL B 3 18.51 -5.15 -12.82
N LYS B 4 19.35 -4.15 -13.09
CA LYS B 4 20.24 -3.55 -12.09
C LYS B 4 19.48 -2.46 -11.32
N LEU B 5 18.91 -2.81 -10.17
CA LEU B 5 18.14 -1.86 -9.33
C LEU B 5 19.07 -1.25 -8.27
N GLU B 6 19.65 -0.09 -8.63
CA GLU B 6 20.48 0.68 -7.70
C GLU B 6 19.59 1.42 -6.68
N SER B 7 19.99 1.37 -5.41
CA SER B 7 19.29 2.03 -4.32
C SER B 7 19.71 3.52 -4.23
N SER B 8 19.07 4.27 -3.32
CA SER B 8 19.47 5.65 -2.97
C SER B 8 20.87 5.66 -2.30
N ASP B 9 21.24 4.50 -1.71
CA ASP B 9 22.55 4.29 -1.04
C ASP B 9 23.65 3.87 -2.05
N GLU B 10 23.31 3.92 -3.37
CA GLU B 10 24.24 3.70 -4.50
C GLU B 10 24.70 2.24 -4.67
N LYS B 11 24.11 1.31 -3.89
CA LYS B 11 24.41 -0.13 -3.99
C LYS B 11 23.40 -0.77 -4.96
N VAL B 12 23.94 -1.43 -6.00
CA VAL B 12 23.16 -2.04 -7.08
C VAL B 12 22.78 -3.48 -6.71
N PHE B 13 21.46 -3.77 -6.72
CA PHE B 13 20.91 -5.10 -6.47
C PHE B 13 20.36 -5.66 -7.79
N GLU B 14 21.13 -6.56 -8.42
CA GLU B 14 20.76 -7.19 -9.69
C GLU B 14 19.79 -8.35 -9.45
N ILE B 15 18.50 -8.04 -9.57
CA ILE B 15 17.40 -9.02 -9.40
C ILE B 15 16.87 -9.37 -10.80
N GLU B 16 16.32 -10.58 -10.99
CA GLU B 16 15.72 -10.99 -12.27
C GLU B 16 14.47 -10.13 -12.58
N LYS B 17 14.28 -9.81 -13.85
CA LYS B 17 13.21 -8.91 -14.32
C LYS B 17 11.82 -9.53 -14.05
N GLU B 18 11.72 -10.86 -14.29
CA GLU B 18 10.50 -11.66 -14.03
C GLU B 18 10.03 -11.55 -12.55
N ILE B 19 11.00 -11.31 -11.66
CA ILE B 19 10.76 -11.08 -10.23
C ILE B 19 10.33 -9.61 -10.01
N ALA B 20 11.07 -8.68 -10.65
CA ALA B 20 10.88 -7.22 -10.49
C ALA B 20 9.61 -6.69 -11.21
N CYS B 21 8.98 -7.56 -12.03
CA CYS B 21 7.70 -7.24 -12.73
C CYS B 21 6.52 -7.16 -11.75
N MET B 22 6.62 -7.90 -10.63
CA MET B 22 5.60 -7.91 -9.57
C MET B 22 5.53 -6.53 -8.89
N SER B 23 6.68 -5.84 -8.86
CA SER B 23 6.76 -4.42 -8.51
C SER B 23 6.14 -3.61 -9.65
N VAL B 24 4.90 -3.12 -9.45
CA VAL B 24 4.12 -2.40 -10.47
C VAL B 24 4.86 -1.13 -10.93
N THR B 25 5.41 -0.37 -9.96
CA THR B 25 6.15 0.88 -10.22
C THR B 25 7.39 0.64 -11.11
N ILE B 26 8.24 -0.33 -10.73
CA ILE B 26 9.49 -0.67 -11.46
C ILE B 26 9.18 -1.21 -12.87
N LYS B 27 8.18 -2.11 -12.93
CA LYS B 27 7.71 -2.70 -14.21
C LYS B 27 7.26 -1.60 -15.17
N ASN B 28 6.43 -0.67 -14.66
CA ASN B 28 5.87 0.47 -15.44
C ASN B 28 6.99 1.42 -15.89
N MET B 29 8.07 1.56 -15.08
CA MET B 29 9.25 2.37 -15.43
C MET B 29 10.01 1.75 -16.62
N ILE B 30 10.18 0.41 -16.57
CA ILE B 30 10.86 -0.36 -17.64
C ILE B 30 10.06 -0.22 -18.97
N GLU B 31 8.72 -0.38 -18.86
CA GLU B 31 7.79 -0.34 -20.01
C GLU B 31 7.60 1.10 -20.53
N ASP B 32 7.79 2.10 -19.65
CA ASP B 32 7.72 3.54 -20.02
C ASP B 32 8.91 3.91 -20.92
N ILE B 33 10.10 3.39 -20.56
CA ILE B 33 11.32 3.50 -21.37
C ILE B 33 11.24 2.54 -22.59
N GLY B 34 10.46 1.46 -22.42
CA GLY B 34 10.37 0.37 -23.40
C GLY B 34 11.34 -0.75 -23.01
N GLU B 35 12.63 -0.53 -23.28
CA GLU B 35 13.74 -1.44 -22.89
C GLU B 35 14.90 -0.58 -22.36
N SER B 36 15.51 -1.03 -21.24
CA SER B 36 16.59 -0.29 -20.57
C SER B 36 17.56 -1.28 -19.91
N ASP B 37 18.77 -1.40 -20.47
CA ASP B 37 19.87 -2.21 -19.89
C ASP B 37 20.65 -1.39 -18.85
N SER B 38 20.53 -0.05 -18.94
CA SER B 38 21.12 0.89 -17.97
C SER B 38 20.47 0.69 -16.57
N PRO B 39 21.29 0.77 -15.46
CA PRO B 39 20.76 0.56 -14.08
C PRO B 39 19.65 1.58 -13.72
N ILE B 40 18.54 1.04 -13.17
CA ILE B 40 17.40 1.86 -12.70
C ILE B 40 17.69 2.29 -11.23
N PRO B 41 18.02 3.60 -10.97
CA PRO B 41 18.26 4.11 -9.61
C PRO B 41 16.96 4.63 -8.95
N LEU B 42 16.60 4.06 -7.79
CA LEU B 42 15.46 4.49 -6.97
C LEU B 42 15.98 5.40 -5.83
N PRO B 43 15.84 6.77 -5.94
CA PRO B 43 16.40 7.72 -4.96
C PRO B 43 15.45 7.94 -3.75
N ASN B 44 15.01 6.82 -3.15
CA ASN B 44 14.06 6.82 -2.02
C ASN B 44 14.35 5.60 -1.12
N VAL B 45 14.33 4.40 -1.71
CA VAL B 45 14.58 3.15 -0.98
C VAL B 45 16.11 2.92 -0.81
N THR B 46 16.56 2.83 0.45
CA THR B 46 17.99 2.61 0.79
C THR B 46 18.41 1.16 0.51
N SER B 47 19.72 0.86 0.59
CA SER B 47 20.26 -0.47 0.26
C SER B 47 19.79 -1.53 1.27
N THR B 48 19.78 -1.13 2.55
CA THR B 48 19.35 -1.99 3.67
C THR B 48 17.89 -2.47 3.48
N ILE B 49 17.04 -1.55 3.01
CA ILE B 49 15.60 -1.81 2.84
C ILE B 49 15.35 -2.57 1.51
N LEU B 50 15.99 -2.11 0.43
CA LEU B 50 15.86 -2.69 -0.94
C LEU B 50 16.37 -4.15 -0.96
N GLU B 51 17.34 -4.45 -0.08
CA GLU B 51 17.84 -5.82 0.17
C GLU B 51 16.66 -6.76 0.49
N LYS B 52 15.83 -6.34 1.47
CA LYS B 52 14.67 -7.13 1.95
C LYS B 52 13.47 -7.06 1.00
N VAL B 53 13.29 -5.91 0.35
CA VAL B 53 12.19 -5.70 -0.63
C VAL B 53 12.32 -6.73 -1.78
N LEU B 54 13.53 -6.81 -2.35
CA LEU B 54 13.86 -7.76 -3.43
C LEU B 54 14.04 -9.19 -2.89
N ASP B 55 14.41 -9.34 -1.60
CA ASP B 55 14.57 -10.65 -0.93
C ASP B 55 13.23 -11.40 -0.90
N TYR B 56 12.17 -10.71 -0.41
CA TYR B 56 10.82 -11.27 -0.37
C TYR B 56 10.25 -11.43 -1.78
N CYS B 57 10.56 -10.48 -2.70
CA CYS B 57 10.11 -10.57 -4.10
C CYS B 57 10.66 -11.84 -4.78
N ARG B 58 11.95 -12.14 -4.53
CA ARG B 58 12.60 -13.35 -5.06
C ARG B 58 11.93 -14.59 -4.46
N HIS B 59 11.71 -14.54 -3.14
CA HIS B 59 10.98 -15.57 -2.38
C HIS B 59 9.55 -15.77 -2.92
N HIS B 60 8.90 -14.68 -3.35
CA HIS B 60 7.51 -14.68 -3.81
C HIS B 60 7.41 -15.19 -5.26
N HIS B 61 8.54 -15.13 -5.99
CA HIS B 61 8.64 -15.70 -7.35
C HIS B 61 8.90 -17.21 -7.27
N GLN B 62 9.74 -17.62 -6.28
CA GLN B 62 10.07 -19.03 -6.02
C GLN B 62 8.85 -19.76 -5.40
N HIS B 63 8.13 -19.03 -4.54
CA HIS B 63 6.92 -19.49 -3.84
C HIS B 63 5.80 -18.48 -4.12
N PRO B 64 4.86 -18.80 -5.09
CA PRO B 64 3.77 -17.87 -5.54
C PRO B 64 2.95 -17.23 -4.40
N GLY B 65 2.91 -17.91 -3.24
CA GLY B 65 2.25 -17.40 -2.05
C GLY B 65 1.63 -18.53 -1.24
N GLY B 66 0.96 -19.45 -1.96
CA GLY B 66 0.25 -20.58 -1.34
C GLY B 66 -1.02 -20.11 -0.66
N SER B 67 -0.84 -19.51 0.53
CA SER B 67 -1.90 -18.81 1.29
C SER B 67 -3.08 -19.73 1.66
N GLY B 68 -2.78 -21.04 1.80
CA GLY B 68 -3.77 -22.05 2.18
C GLY B 68 -4.29 -21.85 3.59
N LEU B 69 -3.38 -21.96 4.59
CA LEU B 69 -3.69 -21.80 6.01
C LEU B 69 -2.40 -21.74 6.83
N ASP B 70 -1.56 -22.77 6.68
CA ASP B 70 -0.34 -23.00 7.49
C ASP B 70 0.89 -22.42 6.77
N ASP B 71 0.70 -21.30 6.07
CA ASP B 71 1.73 -20.67 5.22
C ASP B 71 2.51 -19.60 6.01
N ILE B 72 3.12 -20.03 7.13
CA ILE B 72 4.07 -19.21 7.90
C ILE B 72 5.45 -19.91 7.84
N PRO B 73 6.25 -19.71 6.75
CA PRO B 73 7.60 -20.31 6.64
C PRO B 73 8.60 -19.67 7.63
N PRO B 74 9.55 -20.46 8.22
CA PRO B 74 10.65 -19.93 9.06
C PRO B 74 11.48 -18.83 8.34
N TYR B 75 11.51 -18.89 7.00
CA TYR B 75 12.15 -17.89 6.13
C TYR B 75 11.55 -16.49 6.37
N ASP B 76 10.22 -16.41 6.30
CA ASP B 76 9.46 -15.16 6.49
C ASP B 76 9.46 -14.72 7.96
N ARG B 77 9.59 -15.70 8.86
CA ARG B 77 9.72 -15.46 10.31
C ARG B 77 11.06 -14.75 10.63
N ASP B 78 12.14 -15.15 9.93
CA ASP B 78 13.46 -14.50 10.02
C ASP B 78 13.45 -13.16 9.27
N PHE B 79 12.64 -13.07 8.21
CA PHE B 79 12.46 -11.85 7.40
C PHE B 79 11.87 -10.71 8.27
N CYS B 80 10.93 -11.09 9.14
CA CYS B 80 10.23 -10.17 10.04
C CYS B 80 11.12 -9.70 11.22
N LYS B 81 12.33 -10.29 11.36
CA LYS B 81 13.29 -9.92 12.43
C LYS B 81 14.03 -8.64 12.04
N VAL B 82 13.34 -7.50 12.18
CA VAL B 82 13.89 -6.15 11.94
C VAL B 82 13.43 -5.19 13.05
N ASP B 83 13.96 -3.96 13.04
CA ASP B 83 13.61 -2.91 14.01
C ASP B 83 12.20 -2.35 13.73
N GLN B 84 11.65 -1.64 14.73
CA GLN B 84 10.32 -1.00 14.65
C GLN B 84 10.28 0.09 13.54
N PRO B 85 11.28 1.06 13.44
CA PRO B 85 11.35 2.02 12.30
C PRO B 85 11.51 1.31 10.95
N THR B 86 12.35 0.25 10.94
CA THR B 86 12.67 -0.54 9.73
C THR B 86 11.40 -1.23 9.15
N LEU B 87 10.48 -1.66 10.05
CA LEU B 87 9.16 -2.21 9.67
C LEU B 87 8.39 -1.20 8.79
N PHE B 88 8.38 0.07 9.23
CA PHE B 88 7.69 1.15 8.51
C PHE B 88 8.42 1.52 7.22
N GLU B 89 9.76 1.42 7.22
CA GLU B 89 10.60 1.68 6.03
C GLU B 89 10.29 0.66 4.92
N LEU B 90 9.99 -0.60 5.33
CA LEU B 90 9.58 -1.68 4.41
C LEU B 90 8.18 -1.39 3.83
N ILE B 91 7.28 -0.84 4.68
CA ILE B 91 5.90 -0.44 4.27
C ILE B 91 5.96 0.74 3.25
N LEU B 92 6.83 1.71 3.53
CA LEU B 92 6.99 2.93 2.70
C LEU B 92 7.59 2.57 1.33
N ALA B 93 8.58 1.65 1.33
CA ALA B 93 9.24 1.17 0.11
C ALA B 93 8.32 0.27 -0.72
N ALA B 94 7.44 -0.48 -0.03
CA ALA B 94 6.47 -1.38 -0.67
C ALA B 94 5.35 -0.58 -1.36
N ASN B 95 4.99 0.56 -0.75
CA ASN B 95 4.01 1.51 -1.31
C ASN B 95 4.63 2.29 -2.50
N TYR B 96 5.93 2.65 -2.33
CA TYR B 96 6.71 3.38 -3.35
C TYR B 96 6.91 2.52 -4.62
N LEU B 97 7.17 1.21 -4.42
CA LEU B 97 7.40 0.25 -5.53
C LEU B 97 6.10 -0.51 -5.89
N ASP B 98 5.03 -0.26 -5.11
CA ASP B 98 3.66 -0.77 -5.33
C ASP B 98 3.60 -2.32 -5.27
N ILE B 99 4.52 -2.89 -4.48
CA ILE B 99 4.58 -4.34 -4.24
C ILE B 99 3.55 -4.72 -3.16
N LYS B 100 2.35 -5.08 -3.65
CA LYS B 100 1.19 -5.42 -2.80
C LYS B 100 1.46 -6.64 -1.87
N PRO B 101 2.14 -7.78 -2.36
CA PRO B 101 2.54 -8.91 -1.48
C PRO B 101 3.38 -8.47 -0.25
N LEU B 102 4.48 -7.71 -0.49
CA LEU B 102 5.41 -7.27 0.58
C LEU B 102 4.71 -6.26 1.52
N LEU B 103 3.93 -5.37 0.91
CA LEU B 103 3.14 -4.35 1.64
C LEU B 103 2.19 -5.01 2.63
N ASP B 104 1.47 -6.04 2.15
CA ASP B 104 0.46 -6.75 2.92
C ASP B 104 1.09 -7.54 4.08
N VAL B 105 2.14 -8.33 3.75
CA VAL B 105 2.85 -9.17 4.73
C VAL B 105 3.45 -8.33 5.88
N THR B 106 4.13 -7.22 5.53
CA THR B 106 4.81 -6.35 6.51
C THR B 106 3.79 -5.60 7.39
N CYS B 107 2.70 -5.07 6.77
CA CYS B 107 1.63 -4.36 7.49
C CYS B 107 0.88 -5.30 8.44
N LYS B 108 0.74 -6.58 8.02
CA LYS B 108 0.14 -7.66 8.85
C LYS B 108 1.08 -8.03 10.00
N THR B 109 2.41 -8.02 9.74
CA THR B 109 3.45 -8.33 10.75
C THR B 109 3.41 -7.31 11.90
N VAL B 110 3.32 -6.02 11.54
CA VAL B 110 3.22 -4.91 12.52
C VAL B 110 1.87 -5.01 13.28
N ALA B 111 0.82 -5.41 12.55
CA ALA B 111 -0.52 -5.63 13.11
C ALA B 111 -0.51 -6.82 14.11
N ASN B 112 0.30 -7.87 13.81
CA ASN B 112 0.38 -9.11 14.64
C ASN B 112 0.94 -8.80 16.03
N MET B 113 1.85 -7.80 16.10
CA MET B 113 2.48 -7.37 17.35
C MET B 113 1.45 -6.72 18.30
N ILE B 114 0.51 -5.93 17.72
CA ILE B 114 -0.56 -5.26 18.49
C ILE B 114 -1.83 -6.14 18.57
N ARG B 115 -1.88 -7.24 17.79
CA ARG B 115 -3.02 -8.16 17.77
C ARG B 115 -3.07 -9.00 19.07
N GLY B 116 -3.85 -8.47 20.03
CA GLY B 116 -4.19 -9.20 21.24
C GLY B 116 -5.32 -10.22 21.00
N SER A 1 -23.57 8.39 -10.37
CA SER A 1 -23.72 6.99 -9.88
C SER A 1 -22.77 6.73 -8.70
N LEU A 2 -23.37 6.28 -7.59
CA LEU A 2 -22.67 6.06 -6.32
C LEU A 2 -22.38 4.57 -6.11
N VAL A 3 -21.09 4.20 -5.99
CA VAL A 3 -20.71 2.85 -5.54
C VAL A 3 -21.04 2.72 -4.05
N LYS A 4 -22.03 1.88 -3.76
CA LYS A 4 -22.58 1.72 -2.42
C LYS A 4 -21.69 0.75 -1.62
N LEU A 5 -20.61 1.31 -1.08
CA LEU A 5 -19.58 0.58 -0.34
C LEU A 5 -20.06 0.30 1.08
N GLU A 6 -20.82 -0.78 1.23
CA GLU A 6 -21.32 -1.24 2.52
C GLU A 6 -20.18 -1.87 3.31
N SER A 7 -19.85 -1.30 4.48
CA SER A 7 -18.79 -1.81 5.37
C SER A 7 -19.16 -3.18 5.99
N SER A 8 -18.21 -3.76 6.74
CA SER A 8 -18.44 -4.98 7.54
C SER A 8 -19.46 -4.72 8.67
N ASP A 9 -19.55 -3.43 9.08
CA ASP A 9 -20.52 -2.94 10.08
C ASP A 9 -21.92 -2.72 9.43
N GLU A 10 -22.02 -3.00 8.11
CA GLU A 10 -23.30 -2.98 7.34
C GLU A 10 -23.80 -1.55 7.05
N LYS A 11 -22.98 -0.52 7.31
CA LYS A 11 -23.31 0.87 6.95
C LYS A 11 -22.90 1.13 5.49
N VAL A 12 -23.87 1.55 4.67
CA VAL A 12 -23.71 1.71 3.22
C VAL A 12 -23.17 3.11 2.88
N PHE A 13 -21.90 3.18 2.45
CA PHE A 13 -21.25 4.44 2.05
C PHE A 13 -21.42 4.64 0.54
N GLU A 14 -22.51 5.33 0.18
CA GLU A 14 -22.84 5.68 -1.20
C GLU A 14 -21.96 6.86 -1.65
N ILE A 15 -20.76 6.53 -2.13
CA ILE A 15 -19.74 7.51 -2.56
C ILE A 15 -19.59 7.42 -4.09
N GLU A 16 -19.19 8.53 -4.74
CA GLU A 16 -19.02 8.60 -6.21
C GLU A 16 -17.94 7.60 -6.67
N LYS A 17 -18.22 6.88 -7.77
CA LYS A 17 -17.27 5.90 -8.35
C LYS A 17 -16.00 6.59 -8.86
N GLU A 18 -16.15 7.86 -9.33
CA GLU A 18 -15.02 8.70 -9.79
C GLU A 18 -14.02 9.01 -8.64
N ILE A 19 -14.50 8.94 -7.39
CA ILE A 19 -13.64 9.04 -6.19
C ILE A 19 -12.97 7.67 -5.93
N ALA A 20 -13.78 6.61 -6.05
CA ALA A 20 -13.36 5.20 -5.80
C ALA A 20 -12.54 4.61 -6.99
N CYS A 21 -12.17 5.45 -7.97
CA CYS A 21 -11.21 5.10 -9.02
C CYS A 21 -9.76 5.12 -8.47
N MET A 22 -9.52 5.96 -7.42
CA MET A 22 -8.23 5.99 -6.70
C MET A 22 -8.02 4.68 -5.92
N SER A 23 -9.15 4.03 -5.58
CA SER A 23 -9.16 2.64 -5.16
C SER A 23 -8.91 1.74 -6.38
N VAL A 24 -7.69 1.25 -6.52
CA VAL A 24 -7.31 0.34 -7.59
C VAL A 24 -8.03 -1.01 -7.41
N THR A 25 -8.22 -1.45 -6.13
CA THR A 25 -8.92 -2.71 -5.82
C THR A 25 -10.39 -2.66 -6.28
N ILE A 26 -11.09 -1.56 -5.94
CA ILE A 26 -12.51 -1.38 -6.26
C ILE A 26 -12.72 -1.35 -7.77
N LYS A 27 -11.90 -0.53 -8.50
CA LYS A 27 -12.02 -0.41 -9.96
C LYS A 27 -11.80 -1.80 -10.61
N ASN A 28 -10.77 -2.56 -10.14
CA ASN A 28 -10.40 -3.88 -10.70
C ASN A 28 -11.56 -4.86 -10.61
N MET A 29 -12.23 -4.88 -9.43
CA MET A 29 -13.40 -5.74 -9.19
C MET A 29 -14.53 -5.41 -10.18
N ILE A 30 -14.75 -4.09 -10.39
CA ILE A 30 -15.77 -3.59 -11.34
C ILE A 30 -15.40 -3.95 -12.79
N GLU A 31 -14.09 -4.00 -13.10
CA GLU A 31 -13.57 -4.30 -14.45
C GLU A 31 -13.67 -5.81 -14.77
N ASP A 32 -13.49 -6.66 -13.73
CA ASP A 32 -13.60 -8.14 -13.87
C ASP A 32 -15.07 -8.54 -14.08
N ILE A 33 -15.95 -7.93 -13.28
CA ILE A 33 -17.41 -8.13 -13.36
C ILE A 33 -17.96 -7.45 -14.63
N GLY A 34 -17.28 -6.36 -15.04
CA GLY A 34 -17.70 -5.56 -16.19
C GLY A 34 -18.55 -4.39 -15.75
N GLU A 35 -19.70 -4.71 -15.10
CA GLU A 35 -20.68 -3.72 -14.60
C GLU A 35 -21.13 -4.11 -13.18
N SER A 36 -20.52 -3.48 -12.16
CA SER A 36 -20.88 -3.70 -10.74
C SER A 36 -21.86 -2.62 -10.28
N ASP A 37 -23.09 -2.68 -10.82
CA ASP A 37 -24.18 -1.74 -10.49
C ASP A 37 -24.73 -2.02 -9.07
N SER A 38 -24.62 -3.29 -8.64
CA SER A 38 -25.02 -3.75 -7.30
C SER A 38 -24.13 -3.11 -6.19
N PRO A 39 -24.67 -2.91 -4.93
CA PRO A 39 -23.88 -2.41 -3.78
C PRO A 39 -22.70 -3.36 -3.45
N ILE A 40 -21.50 -2.78 -3.31
CA ILE A 40 -20.26 -3.54 -3.07
C ILE A 40 -20.03 -3.66 -1.54
N PRO A 41 -20.22 -4.88 -0.94
CA PRO A 41 -19.89 -5.12 0.46
C PRO A 41 -18.36 -5.30 0.65
N LEU A 42 -17.85 -4.76 1.76
CA LEU A 42 -16.44 -4.82 2.13
C LEU A 42 -16.36 -5.47 3.53
N PRO A 43 -16.34 -6.85 3.58
CA PRO A 43 -16.47 -7.63 4.84
C PRO A 43 -15.12 -7.77 5.59
N ASN A 44 -14.46 -6.62 5.82
CA ASN A 44 -13.15 -6.53 6.47
C ASN A 44 -13.07 -5.19 7.22
N VAL A 45 -13.23 -4.10 6.46
CA VAL A 45 -13.12 -2.73 6.98
C VAL A 45 -14.45 -2.28 7.63
N THR A 46 -14.35 -1.78 8.87
CA THR A 46 -15.51 -1.34 9.68
C THR A 46 -16.00 0.04 9.21
N SER A 47 -17.16 0.49 9.74
CA SER A 47 -17.80 1.74 9.29
C SER A 47 -16.99 2.98 9.74
N THR A 48 -16.49 2.96 10.98
CA THR A 48 -15.68 4.05 11.57
C THR A 48 -14.43 4.33 10.72
N ILE A 49 -13.78 3.24 10.30
CA ILE A 49 -12.50 3.29 9.57
C ILE A 49 -12.73 3.63 8.09
N LEU A 50 -13.74 2.95 7.48
CA LEU A 50 -14.09 3.15 6.06
C LEU A 50 -14.63 4.57 5.82
N GLU A 51 -15.27 5.14 6.86
CA GLU A 51 -15.76 6.53 6.85
C GLU A 51 -14.59 7.49 6.63
N LYS A 52 -13.52 7.29 7.42
CA LYS A 52 -12.32 8.13 7.37
C LYS A 52 -11.64 8.05 5.98
N VAL A 53 -11.40 6.81 5.53
CA VAL A 53 -10.63 6.54 4.31
C VAL A 53 -11.34 7.15 3.07
N LEU A 54 -12.67 6.95 2.99
CA LEU A 54 -13.51 7.46 1.89
C LEU A 54 -13.75 8.98 1.98
N ASP A 55 -13.75 9.54 3.21
CA ASP A 55 -13.94 10.99 3.44
C ASP A 55 -12.69 11.77 3.01
N TYR A 56 -11.52 11.17 3.26
CA TYR A 56 -10.23 11.73 2.81
C TYR A 56 -10.09 11.60 1.28
N CYS A 57 -10.61 10.48 0.73
CA CYS A 57 -10.67 10.26 -0.72
C CYS A 57 -11.54 11.33 -1.39
N ARG A 58 -12.66 11.67 -0.73
CA ARG A 58 -13.59 12.73 -1.19
C ARG A 58 -12.85 14.09 -1.22
N HIS A 59 -12.12 14.38 -0.13
CA HIS A 59 -11.29 15.61 0.01
C HIS A 59 -10.21 15.71 -1.09
N HIS A 60 -9.56 14.56 -1.35
CA HIS A 60 -8.47 14.45 -2.34
C HIS A 60 -9.02 14.47 -3.78
N HIS A 61 -10.32 14.15 -3.93
CA HIS A 61 -11.02 14.25 -5.22
C HIS A 61 -11.43 15.71 -5.49
N GLN A 62 -11.81 16.42 -4.40
CA GLN A 62 -12.22 17.84 -4.46
C GLN A 62 -10.99 18.74 -4.72
N HIS A 63 -9.84 18.32 -4.17
CA HIS A 63 -8.54 19.01 -4.35
C HIS A 63 -7.43 17.95 -4.59
N PRO A 64 -7.22 17.50 -5.87
CA PRO A 64 -6.09 16.60 -6.23
C PRO A 64 -4.74 17.35 -6.17
N GLY A 65 -4.47 18.18 -7.21
CA GLY A 65 -3.24 18.99 -7.32
C GLY A 65 -1.95 18.21 -7.05
N GLY A 66 -1.11 18.74 -6.16
CA GLY A 66 0.04 18.05 -5.60
C GLY A 66 -0.25 17.45 -4.23
N SER A 67 -1.50 17.68 -3.74
CA SER A 67 -1.97 17.26 -2.40
C SER A 67 -1.24 18.06 -1.29
N GLY A 68 -1.08 17.48 -0.09
CA GLY A 68 -0.47 18.17 1.06
C GLY A 68 0.99 18.60 0.83
N LEU A 69 1.72 17.82 -0.02
CA LEU A 69 3.16 18.04 -0.36
C LEU A 69 4.05 18.02 0.91
N ASP A 70 4.17 19.19 1.55
CA ASP A 70 4.89 19.38 2.83
C ASP A 70 4.11 20.39 3.72
N ASP A 71 3.20 21.16 3.08
CA ASP A 71 2.31 22.15 3.73
C ASP A 71 1.44 21.47 4.80
N ILE A 72 0.68 20.46 4.34
CA ILE A 72 -0.30 19.70 5.15
C ILE A 72 -1.40 20.65 5.71
N PRO A 73 -2.58 20.74 5.02
CA PRO A 73 -3.74 21.56 5.50
C PRO A 73 -4.24 21.12 6.91
N PRO A 74 -4.87 22.05 7.71
CA PRO A 74 -5.34 21.77 9.10
C PRO A 74 -6.22 20.51 9.20
N TYR A 75 -7.22 20.39 8.30
CA TYR A 75 -8.12 19.22 8.22
C TYR A 75 -7.32 17.91 8.10
N ASP A 76 -6.39 17.89 7.13
CA ASP A 76 -5.63 16.68 6.76
C ASP A 76 -4.76 16.18 7.93
N ARG A 77 -4.27 17.13 8.76
CA ARG A 77 -3.44 16.81 9.93
C ARG A 77 -4.31 16.23 11.05
N ASP A 78 -5.36 16.99 11.45
CA ASP A 78 -6.32 16.60 12.53
C ASP A 78 -7.00 15.25 12.23
N PHE A 79 -7.21 15.01 10.92
CA PHE A 79 -7.79 13.77 10.39
C PHE A 79 -6.92 12.56 10.75
N CYS A 80 -5.61 12.68 10.43
CA CYS A 80 -4.63 11.59 10.59
C CYS A 80 -4.22 11.43 12.07
N LYS A 81 -4.56 12.44 12.93
CA LYS A 81 -4.36 12.32 14.38
C LYS A 81 -5.44 11.40 14.96
N VAL A 82 -5.16 10.09 14.91
CA VAL A 82 -6.03 9.03 15.44
C VAL A 82 -5.22 8.16 16.42
N ASP A 83 -5.92 7.26 17.13
CA ASP A 83 -5.32 6.42 18.20
C ASP A 83 -4.42 5.32 17.58
N GLN A 84 -3.60 4.66 18.42
CA GLN A 84 -2.52 3.74 17.99
C GLN A 84 -3.04 2.53 17.13
N PRO A 85 -4.08 1.73 17.57
CA PRO A 85 -4.66 0.65 16.72
C PRO A 85 -5.35 1.21 15.47
N THR A 86 -5.95 2.42 15.61
CA THR A 86 -6.71 3.10 14.54
C THR A 86 -5.77 3.51 13.37
N LEU A 87 -4.50 3.84 13.71
CA LEU A 87 -3.42 4.10 12.72
C LEU A 87 -3.26 2.88 11.79
N PHE A 88 -3.16 1.69 12.42
CA PHE A 88 -2.99 0.41 11.70
C PHE A 88 -4.26 0.02 10.93
N GLU A 89 -5.43 0.36 11.50
CA GLU A 89 -6.73 0.12 10.83
C GLU A 89 -6.84 0.87 9.50
N LEU A 90 -6.34 2.12 9.51
CA LEU A 90 -6.34 2.99 8.32
C LEU A 90 -5.28 2.54 7.28
N ILE A 91 -4.15 1.99 7.76
CA ILE A 91 -3.10 1.40 6.89
C ILE A 91 -3.65 0.12 6.20
N LEU A 92 -4.36 -0.72 6.98
CA LEU A 92 -4.95 -1.99 6.50
C LEU A 92 -6.11 -1.73 5.52
N ALA A 93 -6.94 -0.71 5.83
CA ALA A 93 -8.12 -0.33 5.01
C ALA A 93 -7.70 0.31 3.68
N ALA A 94 -6.63 1.13 3.74
CA ALA A 94 -6.05 1.78 2.56
C ALA A 94 -5.39 0.75 1.63
N ASN A 95 -4.70 -0.24 2.22
CA ASN A 95 -4.06 -1.34 1.46
C ASN A 95 -5.14 -2.31 0.89
N TYR A 96 -6.24 -2.43 1.64
CA TYR A 96 -7.40 -3.27 1.28
C TYR A 96 -8.06 -2.77 -0.02
N LEU A 97 -8.23 -1.45 -0.15
CA LEU A 97 -8.85 -0.82 -1.35
C LEU A 97 -7.78 -0.27 -2.31
N ASP A 98 -6.51 -0.35 -1.90
CA ASP A 98 -5.33 0.24 -2.59
C ASP A 98 -5.57 1.73 -2.92
N ILE A 99 -5.98 2.48 -1.88
CA ILE A 99 -6.08 3.95 -1.89
C ILE A 99 -4.72 4.52 -1.47
N LYS A 100 -3.89 4.78 -2.48
CA LYS A 100 -2.51 5.28 -2.34
C LYS A 100 -2.45 6.69 -1.67
N PRO A 101 -3.35 7.69 -2.04
CA PRO A 101 -3.40 9.02 -1.35
C PRO A 101 -3.54 8.91 0.20
N LEU A 102 -4.38 7.98 0.68
CA LEU A 102 -4.63 7.80 2.13
C LEU A 102 -3.50 6.95 2.75
N LEU A 103 -3.09 5.90 2.03
CA LEU A 103 -2.08 4.92 2.49
C LEU A 103 -0.76 5.63 2.82
N ASP A 104 -0.31 6.47 1.87
CA ASP A 104 0.96 7.21 1.95
C ASP A 104 0.94 8.14 3.18
N VAL A 105 -0.13 8.95 3.28
CA VAL A 105 -0.27 9.96 4.35
C VAL A 105 -0.33 9.32 5.75
N THR A 106 -1.05 8.19 5.89
CA THR A 106 -1.18 7.46 7.18
C THR A 106 0.17 6.79 7.57
N CYS A 107 0.89 6.28 6.54
CA CYS A 107 2.24 5.70 6.73
C CYS A 107 3.27 6.80 7.07
N LYS A 108 3.00 8.04 6.58
CA LYS A 108 3.80 9.22 6.94
C LYS A 108 3.45 9.71 8.36
N THR A 109 2.18 9.52 8.79
CA THR A 109 1.71 9.91 10.13
C THR A 109 2.41 9.08 11.24
N VAL A 110 2.50 7.75 11.01
CA VAL A 110 3.23 6.84 11.92
C VAL A 110 4.75 7.11 11.84
N ALA A 111 5.23 7.52 10.65
CA ALA A 111 6.62 7.96 10.43
C ALA A 111 6.91 9.33 11.10
N ASN A 112 5.85 10.15 11.29
CA ASN A 112 5.95 11.46 12.00
C ASN A 112 6.28 11.25 13.49
N MET A 113 5.88 10.10 14.04
CA MET A 113 6.14 9.77 15.46
C MET A 113 7.63 9.43 15.70
N ILE A 114 8.30 8.91 14.64
CA ILE A 114 9.75 8.61 14.67
C ILE A 114 10.57 9.69 13.93
N ARG A 115 9.87 10.70 13.35
CA ARG A 115 10.48 11.78 12.53
C ARG A 115 11.51 12.58 13.35
N GLY A 116 12.79 12.25 13.14
CA GLY A 116 13.91 12.96 13.76
C GLY A 116 14.94 13.42 12.73
N SER B 1 16.46 -10.94 -18.47
CA SER B 1 16.77 -9.50 -18.37
C SER B 1 16.48 -8.99 -16.95
N LEU B 2 17.51 -8.44 -16.32
CA LEU B 2 17.47 -7.99 -14.92
C LEU B 2 17.24 -6.46 -14.85
N VAL B 3 16.14 -6.02 -14.22
CA VAL B 3 15.95 -4.60 -13.88
C VAL B 3 16.93 -4.25 -12.75
N LYS B 4 17.91 -3.42 -13.10
CA LYS B 4 19.01 -3.05 -12.21
C LYS B 4 18.55 -1.93 -11.27
N LEU B 5 17.85 -2.35 -10.20
CA LEU B 5 17.25 -1.45 -9.20
C LEU B 5 18.31 -0.97 -8.23
N GLU B 6 19.00 0.10 -8.63
CA GLU B 6 20.04 0.73 -7.80
C GLU B 6 19.35 1.54 -6.69
N SER B 7 19.62 1.18 -5.43
CA SER B 7 19.06 1.87 -4.24
C SER B 7 19.65 3.29 -4.09
N SER B 8 19.12 4.04 -3.11
CA SER B 8 19.65 5.38 -2.73
C SER B 8 21.08 5.25 -2.17
N ASP B 9 21.40 4.07 -1.63
CA ASP B 9 22.74 3.71 -1.11
C ASP B 9 23.71 3.33 -2.27
N GLU B 10 23.18 3.36 -3.52
CA GLU B 10 23.94 3.17 -4.78
C GLU B 10 24.33 1.69 -5.03
N LYS B 11 23.76 0.75 -4.25
CA LYS B 11 23.94 -0.70 -4.50
C LYS B 11 22.91 -1.17 -5.53
N VAL B 12 23.40 -1.77 -6.62
CA VAL B 12 22.59 -2.15 -7.79
C VAL B 12 22.01 -3.57 -7.60
N PHE B 13 20.69 -3.65 -7.38
CA PHE B 13 19.97 -4.93 -7.24
C PHE B 13 19.45 -5.39 -8.60
N GLU B 14 20.27 -6.19 -9.28
CA GLU B 14 19.94 -6.76 -10.59
C GLU B 14 19.00 -7.97 -10.42
N ILE B 15 17.69 -7.66 -10.32
CA ILE B 15 16.63 -8.65 -10.06
C ILE B 15 15.78 -8.82 -11.35
N GLU B 16 15.18 -10.01 -11.53
CA GLU B 16 14.36 -10.31 -12.73
C GLU B 16 13.15 -9.36 -12.81
N LYS B 17 12.87 -8.85 -14.02
CA LYS B 17 11.74 -7.94 -14.24
C LYS B 17 10.40 -8.64 -13.99
N GLU B 18 10.37 -9.97 -14.25
CA GLU B 18 9.18 -10.82 -13.99
C GLU B 18 8.82 -10.90 -12.49
N ILE B 19 9.82 -10.64 -11.62
CA ILE B 19 9.61 -10.49 -10.16
C ILE B 19 9.08 -9.06 -9.85
N ALA B 20 9.71 -8.07 -10.52
CA ALA B 20 9.39 -6.63 -10.34
C ALA B 20 8.11 -6.21 -11.10
N CYS B 21 7.38 -7.20 -11.65
CA CYS B 21 6.02 -6.98 -12.18
C CYS B 21 5.00 -6.84 -11.04
N MET B 22 5.27 -7.49 -9.89
CA MET B 22 4.45 -7.34 -8.65
C MET B 22 4.58 -5.91 -8.10
N SER B 23 5.71 -5.26 -8.42
CA SER B 23 5.86 -3.82 -8.29
C SER B 23 5.05 -3.13 -9.39
N VAL B 24 3.87 -2.62 -9.03
CA VAL B 24 3.01 -1.87 -9.95
C VAL B 24 3.69 -0.54 -10.34
N THR B 25 4.44 0.08 -9.39
CA THR B 25 5.14 1.35 -9.64
C THR B 25 6.24 1.16 -10.72
N ILE B 26 7.06 0.10 -10.55
CA ILE B 26 8.19 -0.20 -11.46
C ILE B 26 7.67 -0.49 -12.87
N LYS B 27 6.65 -1.37 -12.98
CA LYS B 27 6.10 -1.73 -14.30
C LYS B 27 5.55 -0.47 -15.02
N ASN B 28 4.81 0.40 -14.25
CA ASN B 28 4.18 1.63 -14.79
C ASN B 28 5.22 2.56 -15.41
N MET B 29 6.35 2.74 -14.69
CA MET B 29 7.47 3.59 -15.15
C MET B 29 8.04 3.05 -16.47
N ILE B 30 8.18 1.71 -16.54
CA ILE B 30 8.68 1.01 -17.75
C ILE B 30 7.67 1.13 -18.91
N GLU B 31 6.36 1.18 -18.58
CA GLU B 31 5.27 1.28 -19.59
C GLU B 31 5.18 2.72 -20.15
N ASP B 32 5.46 3.72 -19.31
CA ASP B 32 5.45 5.16 -19.71
C ASP B 32 6.64 5.49 -20.62
N ILE B 33 7.81 4.96 -20.23
CA ILE B 33 9.05 5.07 -21.00
C ILE B 33 8.98 4.16 -22.26
N GLY B 34 8.22 3.06 -22.12
CA GLY B 34 8.08 2.05 -23.17
C GLY B 34 9.10 0.93 -22.99
N GLU B 35 10.40 1.31 -23.00
CA GLU B 35 11.53 0.36 -22.87
C GLU B 35 12.57 0.96 -21.89
N SER B 36 12.50 0.54 -20.62
CA SER B 36 13.47 0.94 -19.59
C SER B 36 14.59 -0.12 -19.47
N ASP B 37 15.46 -0.13 -20.48
CA ASP B 37 16.63 -1.04 -20.54
C ASP B 37 17.75 -0.56 -19.60
N SER B 38 17.78 0.77 -19.39
CA SER B 38 18.74 1.43 -18.49
C SER B 38 18.47 1.04 -16.99
N PRO B 39 19.53 1.00 -16.12
CA PRO B 39 19.38 0.74 -14.67
C PRO B 39 18.44 1.77 -14.01
N ILE B 40 17.45 1.29 -13.23
CA ILE B 40 16.45 2.13 -12.59
C ILE B 40 16.93 2.53 -11.18
N PRO B 41 17.34 3.81 -10.96
CA PRO B 41 17.69 4.30 -9.61
C PRO B 41 16.42 4.56 -8.77
N LEU B 42 16.50 4.25 -7.48
CA LEU B 42 15.41 4.42 -6.51
C LEU B 42 15.97 5.31 -5.37
N PRO B 43 15.91 6.67 -5.52
CA PRO B 43 16.59 7.62 -4.61
C PRO B 43 15.75 7.95 -3.35
N ASN B 44 15.27 6.88 -2.68
CA ASN B 44 14.40 6.96 -1.50
C ASN B 44 14.71 5.77 -0.58
N VAL B 45 14.55 4.56 -1.13
CA VAL B 45 14.74 3.30 -0.39
C VAL B 45 16.23 2.91 -0.36
N THR B 46 16.73 2.65 0.85
CA THR B 46 18.15 2.29 1.10
C THR B 46 18.42 0.83 0.69
N SER B 47 19.70 0.43 0.70
CA SER B 47 20.12 -0.91 0.23
C SER B 47 19.65 -2.02 1.19
N THR B 48 19.80 -1.78 2.51
CA THR B 48 19.40 -2.73 3.57
C THR B 48 17.90 -3.09 3.47
N ILE B 49 17.08 -2.06 3.20
CA ILE B 49 15.63 -2.18 3.17
C ILE B 49 15.16 -2.76 1.82
N LEU B 50 15.74 -2.25 0.71
CA LEU B 50 15.41 -2.68 -0.66
C LEU B 50 15.83 -4.16 -0.88
N GLU B 51 16.90 -4.57 -0.17
CA GLU B 51 17.38 -5.97 -0.18
C GLU B 51 16.28 -6.90 0.33
N LYS B 52 15.68 -6.52 1.48
CA LYS B 52 14.61 -7.30 2.12
C LYS B 52 13.38 -7.42 1.20
N VAL B 53 12.91 -6.26 0.72
CA VAL B 53 11.66 -6.17 -0.05
C VAL B 53 11.75 -7.00 -1.34
N LEU B 54 12.89 -6.87 -2.05
CA LEU B 54 13.15 -7.59 -3.32
C LEU B 54 13.45 -9.09 -3.10
N ASP B 55 14.04 -9.43 -1.94
CA ASP B 55 14.37 -10.85 -1.59
C ASP B 55 13.09 -11.63 -1.25
N TYR B 56 12.14 -10.94 -0.59
CA TYR B 56 10.81 -11.51 -0.29
C TYR B 56 9.98 -11.63 -1.58
N CYS B 57 10.15 -10.64 -2.49
CA CYS B 57 9.53 -10.66 -3.82
C CYS B 57 10.04 -11.87 -4.63
N ARG B 58 11.35 -12.15 -4.51
CA ARG B 58 12.00 -13.31 -5.15
C ARG B 58 11.39 -14.62 -4.62
N HIS B 59 11.24 -14.69 -3.28
CA HIS B 59 10.61 -15.85 -2.58
C HIS B 59 9.15 -16.06 -3.03
N HIS B 60 8.42 -14.95 -3.17
CA HIS B 60 6.99 -14.95 -3.54
C HIS B 60 6.82 -15.23 -5.05
N HIS B 61 7.88 -15.00 -5.82
CA HIS B 61 7.90 -15.34 -7.26
C HIS B 61 8.21 -16.84 -7.44
N GLN B 62 9.06 -17.37 -6.54
CA GLN B 62 9.44 -18.79 -6.51
C GLN B 62 8.27 -19.67 -6.04
N HIS B 63 7.49 -19.13 -5.10
CA HIS B 63 6.28 -19.78 -4.56
C HIS B 63 5.15 -18.73 -4.42
N PRO B 64 4.37 -18.48 -5.52
CA PRO B 64 3.17 -17.61 -5.47
C PRO B 64 2.03 -18.28 -4.66
N GLY B 65 1.35 -19.27 -5.30
CA GLY B 65 0.25 -20.03 -4.69
C GLY B 65 -0.79 -19.16 -4.00
N GLY B 66 -1.14 -19.52 -2.76
CA GLY B 66 -1.93 -18.67 -1.88
C GLY B 66 -1.05 -17.88 -0.91
N SER B 67 0.29 -18.07 -1.02
CA SER B 67 1.31 -17.45 -0.15
C SER B 67 1.21 -18.02 1.30
N GLY B 68 1.60 -17.21 2.32
CA GLY B 68 1.61 -17.66 3.72
C GLY B 68 0.22 -18.06 4.27
N LEU B 69 -0.87 -17.44 3.71
CA LEU B 69 -2.28 -17.66 4.12
C LEU B 69 -2.49 -17.38 5.63
N ASP B 70 -2.28 -18.42 6.45
CA ASP B 70 -2.32 -18.35 7.94
C ASP B 70 -1.20 -19.27 8.53
N ASP B 71 -0.64 -20.15 7.68
CA ASP B 71 0.47 -21.06 8.01
C ASP B 71 1.72 -20.26 8.44
N ILE B 72 2.16 -19.38 7.51
CA ILE B 72 3.37 -18.54 7.64
C ILE B 72 4.64 -19.42 7.78
N PRO B 73 5.38 -19.67 6.64
CA PRO B 73 6.65 -20.44 6.66
C PRO B 73 7.73 -19.80 7.59
N PRO B 74 8.68 -20.62 8.16
CA PRO B 74 9.72 -20.14 9.12
C PRO B 74 10.52 -18.92 8.60
N TYR B 75 10.98 -19.00 7.33
CA TYR B 75 11.70 -17.89 6.66
C TYR B 75 10.88 -16.59 6.70
N ASP B 76 9.61 -16.68 6.26
CA ASP B 76 8.72 -15.52 6.08
C ASP B 76 8.47 -14.79 7.42
N ARG B 77 8.44 -15.57 8.52
CA ARG B 77 8.22 -15.02 9.87
C ARG B 77 9.48 -14.30 10.36
N ASP B 78 10.62 -15.04 10.36
CA ASP B 78 11.95 -14.51 10.80
C ASP B 78 12.38 -13.27 9.99
N PHE B 79 11.96 -13.27 8.71
CA PHE B 79 12.20 -12.16 7.78
C PHE B 79 11.52 -10.87 8.29
N CYS B 80 10.23 -10.98 8.63
CA CYS B 80 9.40 -9.84 9.05
C CYS B 80 9.70 -9.42 10.50
N LYS B 81 10.43 -10.27 11.26
CA LYS B 81 10.93 -9.92 12.59
C LYS B 81 12.12 -8.95 12.44
N VAL B 82 11.80 -7.65 12.32
CA VAL B 82 12.78 -6.55 12.20
C VAL B 82 12.48 -5.48 13.27
N ASP B 83 13.41 -4.53 13.45
CA ASP B 83 13.33 -3.51 14.50
C ASP B 83 12.21 -2.49 14.20
N GLN B 84 11.84 -1.66 15.21
CA GLN B 84 10.64 -0.78 15.16
C GLN B 84 10.66 0.24 13.97
N PRO B 85 11.74 1.07 13.75
CA PRO B 85 11.82 1.97 12.56
C PRO B 85 11.89 1.17 11.24
N THR B 86 12.54 -0.02 11.30
CA THR B 86 12.74 -0.90 10.13
C THR B 86 11.40 -1.45 9.60
N LEU B 87 10.43 -1.66 10.53
CA LEU B 87 9.03 -2.04 10.21
C LEU B 87 8.42 -0.99 9.26
N PHE B 88 8.58 0.29 9.65
CA PHE B 88 8.05 1.43 8.89
C PHE B 88 8.80 1.64 7.57
N GLU B 89 10.11 1.35 7.58
CA GLU B 89 10.96 1.43 6.37
C GLU B 89 10.47 0.46 5.29
N LEU B 90 10.08 -0.76 5.72
CA LEU B 90 9.57 -1.82 4.84
C LEU B 90 8.14 -1.49 4.34
N ILE B 91 7.32 -0.81 5.18
CA ILE B 91 5.97 -0.32 4.81
C ILE B 91 6.10 0.79 3.73
N LEU B 92 7.06 1.73 3.95
CA LEU B 92 7.30 2.87 3.05
C LEU B 92 7.89 2.40 1.70
N ALA B 93 8.81 1.41 1.76
CA ALA B 93 9.49 0.84 0.58
C ALA B 93 8.53 0.02 -0.28
N ALA B 94 7.65 -0.73 0.39
CA ALA B 94 6.62 -1.54 -0.27
C ALA B 94 5.57 -0.65 -0.95
N ASN B 95 5.18 0.45 -0.27
CA ASN B 95 4.23 1.45 -0.82
C ASN B 95 4.89 2.24 -1.98
N TYR B 96 6.22 2.44 -1.86
CA TYR B 96 7.05 3.15 -2.85
C TYR B 96 7.04 2.42 -4.21
N LEU B 97 7.20 1.08 -4.17
CA LEU B 97 7.21 0.24 -5.38
C LEU B 97 5.84 -0.41 -5.65
N ASP B 98 4.91 -0.21 -4.72
CA ASP B 98 3.57 -0.85 -4.70
C ASP B 98 3.67 -2.39 -4.83
N ILE B 99 4.55 -2.97 -3.99
CA ILE B 99 4.68 -4.42 -3.80
C ILE B 99 3.69 -4.85 -2.72
N LYS B 100 2.50 -5.24 -3.18
CA LYS B 100 1.37 -5.65 -2.34
C LYS B 100 1.67 -6.92 -1.48
N PRO B 101 2.33 -8.02 -2.05
CA PRO B 101 2.73 -9.22 -1.24
C PRO B 101 3.57 -8.85 0.03
N LEU B 102 4.51 -7.90 -0.11
CA LEU B 102 5.39 -7.48 1.01
C LEU B 102 4.64 -6.50 1.93
N LEU B 103 3.90 -5.56 1.31
CA LEU B 103 3.18 -4.48 2.02
C LEU B 103 2.19 -5.06 3.03
N ASP B 104 1.39 -6.03 2.55
CA ASP B 104 0.33 -6.68 3.33
C ASP B 104 0.94 -7.40 4.55
N VAL B 105 1.96 -8.24 4.29
CA VAL B 105 2.61 -9.06 5.32
C VAL B 105 3.29 -8.19 6.41
N THR B 106 3.95 -7.09 6.01
CA THR B 106 4.63 -6.16 6.96
C THR B 106 3.59 -5.38 7.80
N CYS B 107 2.45 -5.01 7.16
CA CYS B 107 1.32 -4.36 7.83
C CYS B 107 0.61 -5.35 8.78
N LYS B 108 0.66 -6.64 8.45
CA LYS B 108 0.16 -7.73 9.32
C LYS B 108 1.13 -8.00 10.48
N THR B 109 2.45 -7.79 10.24
CA THR B 109 3.50 -7.97 11.27
C THR B 109 3.35 -6.93 12.41
N VAL B 110 3.13 -5.66 12.03
CA VAL B 110 2.86 -4.58 13.01
C VAL B 110 1.49 -4.80 13.68
N ALA B 111 0.53 -5.38 12.92
CA ALA B 111 -0.79 -5.79 13.45
C ALA B 111 -0.68 -7.02 14.39
N ASN B 112 0.39 -7.83 14.21
CA ASN B 112 0.66 -9.00 15.09
C ASN B 112 1.05 -8.54 16.51
N MET B 113 1.60 -7.32 16.62
CA MET B 113 2.01 -6.75 17.91
C MET B 113 0.77 -6.34 18.75
N ILE B 114 -0.31 -5.95 18.05
CA ILE B 114 -1.61 -5.58 18.69
C ILE B 114 -2.64 -6.73 18.59
N ARG B 115 -2.25 -7.84 17.94
CA ARG B 115 -3.12 -9.02 17.69
C ARG B 115 -3.64 -9.63 19.01
N GLY B 116 -4.87 -9.28 19.36
CA GLY B 116 -5.56 -9.83 20.54
C GLY B 116 -6.95 -10.35 20.20
N SER A 1 -23.45 12.05 -7.89
CA SER A 1 -23.85 10.64 -8.20
C SER A 1 -23.35 9.73 -7.08
N LEU A 2 -24.28 9.07 -6.37
CA LEU A 2 -23.95 8.27 -5.18
C LEU A 2 -24.16 6.77 -5.44
N VAL A 3 -23.08 5.98 -5.31
CA VAL A 3 -23.14 4.52 -5.25
C VAL A 3 -23.05 4.10 -3.77
N LYS A 4 -23.71 2.99 -3.42
CA LYS A 4 -23.88 2.56 -2.03
C LYS A 4 -22.78 1.56 -1.62
N LEU A 5 -22.17 1.78 -0.44
CA LEU A 5 -21.16 0.88 0.16
C LEU A 5 -21.62 0.44 1.55
N GLU A 6 -22.05 -0.82 1.69
CA GLU A 6 -22.42 -1.39 2.98
C GLU A 6 -21.16 -1.88 3.71
N SER A 7 -20.89 -1.32 4.88
CA SER A 7 -19.77 -1.76 5.75
C SER A 7 -20.09 -3.11 6.44
N SER A 8 -19.15 -3.56 7.30
CA SER A 8 -19.34 -4.76 8.15
C SER A 8 -20.54 -4.58 9.13
N ASP A 9 -20.90 -3.32 9.41
CA ASP A 9 -22.01 -2.96 10.30
C ASP A 9 -23.31 -2.70 9.52
N GLU A 10 -23.32 -3.09 8.21
CA GLU A 10 -24.51 -2.98 7.32
C GLU A 10 -24.91 -1.51 7.05
N LYS A 11 -24.00 -0.56 7.35
CA LYS A 11 -24.23 0.88 7.18
C LYS A 11 -24.00 1.27 5.71
N VAL A 12 -25.03 1.83 5.08
CA VAL A 12 -25.01 2.23 3.66
C VAL A 12 -24.37 3.62 3.51
N PHE A 13 -23.06 3.62 3.22
CA PHE A 13 -22.32 4.85 2.89
C PHE A 13 -22.49 5.15 1.40
N GLU A 14 -23.50 5.98 1.07
CA GLU A 14 -23.72 6.46 -0.29
C GLU A 14 -22.61 7.47 -0.63
N ILE A 15 -21.55 6.96 -1.25
CA ILE A 15 -20.37 7.74 -1.61
C ILE A 15 -20.45 8.17 -3.09
N GLU A 16 -19.80 9.30 -3.42
CA GLU A 16 -19.70 9.76 -4.82
C GLU A 16 -18.97 8.73 -5.68
N LYS A 17 -19.46 8.58 -6.92
CA LYS A 17 -18.97 7.60 -7.89
C LYS A 17 -17.49 7.87 -8.25
N GLU A 18 -17.14 9.16 -8.36
CA GLU A 18 -15.75 9.58 -8.69
C GLU A 18 -14.76 9.10 -7.60
N ILE A 19 -15.21 9.18 -6.34
CA ILE A 19 -14.45 8.75 -5.16
C ILE A 19 -14.28 7.21 -5.16
N ALA A 20 -15.38 6.52 -5.47
CA ALA A 20 -15.43 5.05 -5.52
C ALA A 20 -14.56 4.50 -6.68
N CYS A 21 -14.38 5.33 -7.72
CA CYS A 21 -13.46 5.05 -8.84
C CYS A 21 -11.98 5.25 -8.41
N MET A 22 -11.73 6.27 -7.54
CA MET A 22 -10.36 6.52 -6.96
C MET A 22 -9.91 5.31 -6.12
N SER A 23 -10.89 4.70 -5.46
CA SER A 23 -10.73 3.42 -4.79
C SER A 23 -10.63 2.32 -5.87
N VAL A 24 -9.40 1.82 -6.11
CA VAL A 24 -9.11 0.90 -7.23
C VAL A 24 -9.87 -0.44 -7.08
N THR A 25 -9.96 -0.96 -5.84
CA THR A 25 -10.66 -2.23 -5.54
C THR A 25 -12.18 -2.14 -5.82
N ILE A 26 -12.82 -1.04 -5.36
CA ILE A 26 -14.26 -0.81 -5.57
C ILE A 26 -14.54 -0.62 -7.08
N LYS A 27 -13.66 0.12 -7.75
CA LYS A 27 -13.65 0.30 -9.22
C LYS A 27 -13.58 -1.07 -9.94
N ASN A 28 -12.69 -1.96 -9.43
CA ASN A 28 -12.48 -3.32 -10.00
C ASN A 28 -13.75 -4.18 -9.82
N MET A 29 -14.44 -4.03 -8.67
CA MET A 29 -15.72 -4.72 -8.38
C MET A 29 -16.78 -4.32 -9.41
N ILE A 30 -16.89 -3.00 -9.66
CA ILE A 30 -17.83 -2.42 -10.63
C ILE A 30 -17.56 -2.98 -12.04
N GLU A 31 -16.27 -2.94 -12.46
CA GLU A 31 -15.83 -3.39 -13.80
C GLU A 31 -16.01 -4.92 -13.98
N ASP A 32 -15.81 -5.68 -12.89
CA ASP A 32 -15.87 -7.16 -12.90
C ASP A 32 -17.32 -7.66 -13.02
N ILE A 33 -18.24 -6.95 -12.34
CA ILE A 33 -19.69 -7.21 -12.42
C ILE A 33 -20.28 -6.49 -13.68
N GLY A 34 -19.45 -5.69 -14.36
CA GLY A 34 -19.87 -4.90 -15.52
C GLY A 34 -20.17 -3.46 -15.13
N GLU A 35 -21.13 -3.32 -14.19
CA GLU A 35 -21.51 -2.04 -13.58
C GLU A 35 -22.40 -2.32 -12.36
N SER A 36 -22.18 -1.58 -11.24
CA SER A 36 -22.94 -1.77 -9.99
C SER A 36 -23.09 -0.45 -9.24
N ASP A 37 -24.34 0.02 -9.12
CA ASP A 37 -24.72 1.14 -8.22
C ASP A 37 -25.24 0.58 -6.87
N SER A 38 -25.51 -0.74 -6.87
CA SER A 38 -26.05 -1.51 -5.73
C SER A 38 -25.17 -1.40 -4.45
N PRO A 39 -25.73 -1.67 -3.23
CA PRO A 39 -24.94 -1.68 -1.98
C PRO A 39 -23.82 -2.74 -1.98
N ILE A 40 -22.60 -2.31 -2.39
CA ILE A 40 -21.40 -3.15 -2.44
C ILE A 40 -20.93 -3.44 -1.00
N PRO A 41 -21.03 -4.72 -0.50
CA PRO A 41 -20.64 -5.08 0.87
C PRO A 41 -19.10 -5.20 1.01
N LEU A 42 -18.56 -4.48 2.01
CA LEU A 42 -17.13 -4.43 2.33
C LEU A 42 -16.94 -4.97 3.77
N PRO A 43 -16.79 -6.33 3.92
CA PRO A 43 -16.78 -6.99 5.26
C PRO A 43 -15.49 -6.73 6.08
N ASN A 44 -14.36 -6.46 5.39
CA ASN A 44 -13.03 -6.32 6.02
C ASN A 44 -12.77 -4.90 6.53
N VAL A 45 -13.83 -4.08 6.63
CA VAL A 45 -13.75 -2.72 7.17
C VAL A 45 -15.05 -2.38 7.93
N THR A 46 -14.90 -1.86 9.16
CA THR A 46 -16.04 -1.42 10.00
C THR A 46 -16.61 -0.08 9.48
N SER A 47 -17.80 0.28 9.96
CA SER A 47 -18.48 1.53 9.56
C SER A 47 -17.68 2.78 9.97
N THR A 48 -17.07 2.72 11.16
CA THR A 48 -16.28 3.83 11.73
C THR A 48 -15.04 4.14 10.88
N ILE A 49 -14.29 3.08 10.52
CA ILE A 49 -13.05 3.20 9.72
C ILE A 49 -13.41 3.58 8.27
N LEU A 50 -14.42 2.88 7.69
CA LEU A 50 -14.88 3.09 6.28
C LEU A 50 -15.38 4.53 6.08
N GLU A 51 -16.04 5.08 7.13
CA GLU A 51 -16.53 6.47 7.13
C GLU A 51 -15.37 7.42 6.87
N LYS A 52 -14.27 7.24 7.64
CA LYS A 52 -13.09 8.11 7.60
C LYS A 52 -12.29 7.95 6.30
N VAL A 53 -12.20 6.71 5.80
CA VAL A 53 -11.48 6.39 4.56
C VAL A 53 -12.15 7.10 3.35
N LEU A 54 -13.49 7.05 3.33
CA LEU A 54 -14.29 7.74 2.32
C LEU A 54 -14.30 9.28 2.55
N ASP A 55 -14.23 9.68 3.84
CA ASP A 55 -14.30 11.10 4.29
C ASP A 55 -13.07 11.89 3.82
N TYR A 56 -11.89 11.29 3.97
CA TYR A 56 -10.62 11.85 3.46
C TYR A 56 -10.68 12.02 1.93
N CYS A 57 -11.23 11.00 1.27
CA CYS A 57 -11.40 10.99 -0.18
C CYS A 57 -12.44 12.04 -0.66
N ARG A 58 -13.43 12.38 0.22
CA ARG A 58 -14.39 13.49 -0.02
C ARG A 58 -13.64 14.82 -0.17
N HIS A 59 -12.60 15.01 0.65
CA HIS A 59 -11.71 16.19 0.61
C HIS A 59 -11.02 16.31 -0.76
N HIS A 60 -10.66 15.16 -1.36
CA HIS A 60 -9.99 15.10 -2.68
C HIS A 60 -11.00 15.28 -3.84
N HIS A 61 -12.29 15.05 -3.56
CA HIS A 61 -13.38 15.29 -4.53
C HIS A 61 -13.79 16.78 -4.55
N GLN A 62 -13.97 17.35 -3.34
CA GLN A 62 -14.40 18.75 -3.15
C GLN A 62 -13.24 19.72 -3.42
N HIS A 63 -12.01 19.26 -3.15
CA HIS A 63 -10.77 19.99 -3.42
C HIS A 63 -9.80 19.03 -4.14
N PRO A 64 -9.82 18.95 -5.51
CA PRO A 64 -8.91 18.06 -6.30
C PRO A 64 -7.42 18.30 -5.95
N GLY A 65 -6.92 17.48 -5.01
CA GLY A 65 -5.55 17.60 -4.49
C GLY A 65 -5.47 18.55 -3.30
N GLY A 66 -6.08 19.74 -3.45
CA GLY A 66 -5.96 20.81 -2.45
C GLY A 66 -4.61 21.51 -2.59
N SER A 67 -3.64 21.06 -1.76
CA SER A 67 -2.21 21.45 -1.86
C SER A 67 -1.96 22.96 -1.67
N GLY A 68 -0.68 23.36 -1.77
CA GLY A 68 -0.27 24.76 -1.74
C GLY A 68 1.19 24.91 -1.37
N LEU A 69 1.50 25.96 -0.58
CA LEU A 69 2.83 26.18 -0.01
C LEU A 69 2.97 25.34 1.27
N ASP A 70 1.86 25.28 2.02
CA ASP A 70 1.70 24.40 3.19
C ASP A 70 0.67 23.33 2.85
N ASP A 71 1.16 22.10 2.68
CA ASP A 71 0.32 20.92 2.33
C ASP A 71 -0.19 20.18 3.58
N ILE A 72 -0.35 20.91 4.70
CA ILE A 72 -1.00 20.37 5.91
C ILE A 72 -2.26 21.21 6.21
N PRO A 73 -3.44 20.91 5.56
CA PRO A 73 -4.72 21.58 5.89
C PRO A 73 -5.29 21.09 7.24
N PRO A 74 -5.99 21.98 8.02
CA PRO A 74 -6.61 21.60 9.33
C PRO A 74 -7.46 20.30 9.26
N TYR A 75 -8.15 20.13 8.12
CA TYR A 75 -9.01 18.95 7.85
C TYR A 75 -8.20 17.64 7.96
N ASP A 76 -7.13 17.56 7.17
CA ASP A 76 -6.29 16.35 7.01
C ASP A 76 -5.43 16.13 8.27
N ARG A 77 -5.11 17.24 8.95
CA ARG A 77 -4.37 17.24 10.21
C ARG A 77 -5.21 16.61 11.33
N ASP A 78 -6.52 16.94 11.35
CA ASP A 78 -7.48 16.37 12.32
C ASP A 78 -7.88 14.94 11.93
N PHE A 79 -7.78 14.61 10.63
CA PHE A 79 -7.99 13.23 10.12
C PHE A 79 -6.93 12.28 10.74
N CYS A 80 -5.71 12.81 10.89
CA CYS A 80 -4.56 12.08 11.46
C CYS A 80 -4.74 11.81 12.98
N LYS A 81 -5.78 12.41 13.61
CA LYS A 81 -6.17 12.06 14.99
C LYS A 81 -6.81 10.67 15.02
N VAL A 82 -5.95 9.66 15.17
CA VAL A 82 -6.32 8.25 15.35
C VAL A 82 -5.40 7.61 16.41
N ASP A 83 -5.96 6.68 17.20
CA ASP A 83 -5.22 5.92 18.23
C ASP A 83 -4.18 5.00 17.55
N GLN A 84 -3.14 4.57 18.30
CA GLN A 84 -1.96 3.87 17.72
C GLN A 84 -2.36 2.63 16.84
N PRO A 85 -3.23 1.65 17.31
CA PRO A 85 -3.77 0.58 16.43
C PRO A 85 -4.62 1.11 15.26
N THR A 86 -5.32 2.23 15.48
CA THR A 86 -6.27 2.82 14.51
C THR A 86 -5.54 3.38 13.25
N LEU A 87 -4.26 3.82 13.42
CA LEU A 87 -3.38 4.16 12.25
C LEU A 87 -3.31 2.95 11.28
N PHE A 88 -3.07 1.76 11.86
CA PHE A 88 -2.95 0.50 11.12
C PHE A 88 -4.29 0.07 10.50
N GLU A 89 -5.40 0.40 11.19
CA GLU A 89 -6.76 0.12 10.67
C GLU A 89 -7.04 0.92 9.38
N LEU A 90 -6.52 2.16 9.33
CA LEU A 90 -6.59 3.02 8.13
C LEU A 90 -5.68 2.47 7.01
N ILE A 91 -4.48 1.97 7.38
CA ILE A 91 -3.52 1.32 6.44
C ILE A 91 -4.15 0.05 5.82
N LEU A 92 -4.82 -0.76 6.68
CA LEU A 92 -5.48 -2.02 6.28
C LEU A 92 -6.66 -1.75 5.33
N ALA A 93 -7.44 -0.69 5.63
CA ALA A 93 -8.62 -0.29 4.83
C ALA A 93 -8.21 0.39 3.52
N ALA A 94 -7.07 1.12 3.55
CA ALA A 94 -6.52 1.80 2.36
C ALA A 94 -5.90 0.80 1.39
N ASN A 95 -5.29 -0.28 1.93
CA ASN A 95 -4.74 -1.40 1.14
C ASN A 95 -5.89 -2.31 0.64
N TYR A 96 -6.93 -2.49 1.48
CA TYR A 96 -8.13 -3.30 1.15
C TYR A 96 -8.91 -2.67 -0.02
N LEU A 97 -9.11 -1.35 0.05
CA LEU A 97 -9.83 -0.58 -0.99
C LEU A 97 -8.86 -0.11 -2.09
N ASP A 98 -7.55 -0.30 -1.84
CA ASP A 98 -6.44 0.04 -2.76
C ASP A 98 -6.43 1.56 -3.08
N ILE A 99 -6.85 2.38 -2.09
CA ILE A 99 -6.74 3.84 -2.15
C ILE A 99 -5.30 4.22 -1.77
N LYS A 100 -4.43 4.13 -2.77
CA LYS A 100 -2.99 4.44 -2.65
C LYS A 100 -2.70 5.94 -2.30
N PRO A 101 -3.52 6.96 -2.80
CA PRO A 101 -3.46 8.35 -2.26
C PRO A 101 -3.51 8.42 -0.71
N LEU A 102 -4.52 7.75 -0.10
CA LEU A 102 -4.69 7.71 1.36
C LEU A 102 -3.56 6.91 2.01
N LEU A 103 -3.22 5.75 1.40
CA LEU A 103 -2.18 4.82 1.89
C LEU A 103 -0.84 5.53 2.10
N ASP A 104 -0.41 6.30 1.08
CA ASP A 104 0.88 7.02 1.08
C ASP A 104 0.92 8.12 2.16
N VAL A 105 -0.21 8.84 2.33
CA VAL A 105 -0.35 9.90 3.34
C VAL A 105 -0.28 9.32 4.78
N THR A 106 -0.93 8.16 5.00
CA THR A 106 -0.89 7.46 6.30
C THR A 106 0.50 6.81 6.53
N CYS A 107 1.17 6.44 5.41
CA CYS A 107 2.57 5.96 5.43
C CYS A 107 3.53 7.11 5.81
N LYS A 108 3.19 8.35 5.42
CA LYS A 108 3.92 9.56 5.85
C LYS A 108 3.68 9.81 7.36
N THR A 109 2.42 9.62 7.81
CA THR A 109 2.02 9.82 9.22
C THR A 109 2.81 8.90 10.18
N VAL A 110 2.91 7.60 9.83
CA VAL A 110 3.66 6.62 10.63
C VAL A 110 5.17 6.87 10.54
N ALA A 111 5.64 7.35 9.36
CA ALA A 111 7.04 7.73 9.13
C ALA A 111 7.42 8.98 9.94
N ASN A 112 6.44 9.88 10.16
CA ASN A 112 6.63 11.13 10.95
C ASN A 112 6.88 10.81 12.43
N MET A 113 6.19 9.76 12.93
CA MET A 113 6.31 9.33 14.34
C MET A 113 7.75 8.86 14.64
N ILE A 114 8.30 8.05 13.72
CA ILE A 114 9.64 7.44 13.89
C ILE A 114 10.78 8.37 13.40
N ARG A 115 10.39 9.46 12.69
CA ARG A 115 11.34 10.42 12.08
C ARG A 115 12.14 11.17 13.15
N GLY A 116 11.45 11.56 14.24
CA GLY A 116 12.11 12.25 15.35
C GLY A 116 12.20 13.76 15.11
N SER B 1 17.88 -14.04 -15.63
CA SER B 1 18.05 -12.73 -16.31
C SER B 1 18.06 -11.61 -15.26
N LEU B 2 19.15 -10.82 -15.19
CA LEU B 2 19.36 -9.81 -14.13
C LEU B 2 19.33 -8.39 -14.72
N VAL B 3 18.38 -7.57 -14.22
CA VAL B 3 18.37 -6.11 -14.44
C VAL B 3 18.93 -5.43 -13.18
N LYS B 4 19.61 -4.30 -13.37
CA LYS B 4 20.36 -3.63 -12.30
C LYS B 4 19.50 -2.55 -11.60
N LEU B 5 19.50 -2.55 -10.26
CA LEU B 5 18.81 -1.54 -9.43
C LEU B 5 19.83 -0.87 -8.49
N GLU B 6 20.18 0.39 -8.77
CA GLU B 6 21.07 1.18 -7.90
C GLU B 6 20.25 1.82 -6.79
N SER B 7 20.57 1.49 -5.54
CA SER B 7 19.93 2.09 -4.35
C SER B 7 20.46 3.53 -4.11
N SER B 8 19.99 4.16 -3.01
CA SER B 8 20.46 5.48 -2.56
C SER B 8 21.98 5.46 -2.22
N ASP B 9 22.49 4.24 -1.92
CA ASP B 9 23.92 4.02 -1.60
C ASP B 9 24.73 3.61 -2.84
N GLU B 10 24.14 3.77 -4.06
CA GLU B 10 24.79 3.47 -5.36
C GLU B 10 25.09 1.96 -5.54
N LYS B 11 24.50 1.10 -4.67
CA LYS B 11 24.74 -0.34 -4.70
C LYS B 11 23.88 -0.99 -5.79
N VAL B 12 24.55 -1.68 -6.73
CA VAL B 12 23.93 -2.32 -7.89
C VAL B 12 23.36 -3.71 -7.50
N PHE B 13 22.07 -3.74 -7.15
CA PHE B 13 21.33 -4.98 -6.91
C PHE B 13 20.83 -5.53 -8.24
N GLU B 14 21.63 -6.43 -8.85
CA GLU B 14 21.25 -7.15 -10.06
C GLU B 14 20.17 -8.18 -9.69
N ILE B 15 18.92 -7.77 -9.82
CA ILE B 15 17.74 -8.58 -9.46
C ILE B 15 17.18 -9.28 -10.72
N GLU B 16 16.52 -10.44 -10.54
CA GLU B 16 15.84 -11.15 -11.63
C GLU B 16 14.73 -10.27 -12.22
N LYS B 17 14.59 -10.35 -13.56
CA LYS B 17 13.66 -9.55 -14.34
C LYS B 17 12.20 -9.83 -13.93
N GLU B 18 11.91 -11.11 -13.65
CA GLU B 18 10.56 -11.56 -13.22
C GLU B 18 10.14 -10.87 -11.91
N ILE B 19 11.12 -10.75 -11.00
CA ILE B 19 10.94 -10.10 -9.69
C ILE B 19 10.70 -8.59 -9.88
N ALA B 20 11.50 -7.97 -10.76
CA ALA B 20 11.41 -6.54 -11.08
C ALA B 20 10.08 -6.19 -11.80
N CYS B 21 9.49 -7.20 -12.47
CA CYS B 21 8.15 -7.10 -13.08
C CYS B 21 7.05 -7.20 -11.99
N MET B 22 7.28 -8.03 -10.93
CA MET B 22 6.35 -8.13 -9.78
C MET B 22 6.26 -6.79 -9.03
N SER B 23 7.39 -6.09 -9.00
CA SER B 23 7.46 -4.69 -8.57
C SER B 23 6.81 -3.82 -9.65
N VAL B 24 5.59 -3.34 -9.37
CA VAL B 24 4.75 -2.62 -10.37
C VAL B 24 5.42 -1.30 -10.82
N THR B 25 6.03 -0.55 -9.87
CA THR B 25 6.72 0.73 -10.14
C THR B 25 7.93 0.55 -11.07
N ILE B 26 8.78 -0.45 -10.77
CA ILE B 26 9.99 -0.75 -11.57
C ILE B 26 9.57 -1.21 -12.99
N LYS B 27 8.52 -2.05 -13.03
CA LYS B 27 7.86 -2.48 -14.29
C LYS B 27 7.39 -1.26 -15.12
N ASN B 28 6.77 -0.28 -14.41
CA ASN B 28 6.25 0.96 -15.04
C ASN B 28 7.39 1.81 -15.61
N MET B 29 8.53 1.85 -14.90
CA MET B 29 9.75 2.56 -15.34
C MET B 29 10.27 1.95 -16.66
N ILE B 30 10.33 0.61 -16.70
CA ILE B 30 10.78 -0.16 -17.89
C ILE B 30 9.87 0.15 -19.09
N GLU B 31 8.54 0.06 -18.87
CA GLU B 31 7.52 0.28 -19.92
C GLU B 31 7.51 1.74 -20.43
N ASP B 32 7.74 2.69 -19.50
CA ASP B 32 7.70 4.14 -19.79
C ASP B 32 8.91 4.59 -20.62
N ILE B 33 10.08 3.99 -20.34
CA ILE B 33 11.32 4.20 -21.12
C ILE B 33 11.34 3.24 -22.36
N GLY B 34 10.33 2.36 -22.44
CA GLY B 34 10.21 1.36 -23.51
C GLY B 34 10.75 0.02 -23.06
N GLU B 35 12.03 0.02 -22.66
CA GLU B 35 12.73 -1.14 -22.07
C GLU B 35 14.06 -0.66 -21.47
N SER B 36 14.41 -1.18 -20.26
CA SER B 36 15.64 -0.78 -19.54
C SER B 36 16.22 -1.94 -18.72
N ASP B 37 17.41 -2.42 -19.11
CA ASP B 37 18.24 -3.36 -18.29
C ASP B 37 19.27 -2.56 -17.47
N SER B 38 19.41 -1.27 -17.82
CA SER B 38 20.36 -0.32 -17.20
C SER B 38 20.16 -0.18 -15.68
N PRO B 39 21.21 0.29 -14.90
CA PRO B 39 21.06 0.52 -13.44
C PRO B 39 19.99 1.59 -13.14
N ILE B 40 18.76 1.10 -12.86
CA ILE B 40 17.60 1.95 -12.49
C ILE B 40 17.81 2.51 -11.06
N PRO B 41 18.04 3.86 -10.91
CA PRO B 41 18.30 4.46 -9.60
C PRO B 41 16.99 4.65 -8.78
N LEU B 42 17.00 4.11 -7.55
CA LEU B 42 15.88 4.15 -6.60
C LEU B 42 16.33 4.95 -5.34
N PRO B 43 16.18 6.31 -5.36
CA PRO B 43 16.72 7.21 -4.29
C PRO B 43 15.97 7.11 -2.95
N ASN B 44 14.68 6.78 -3.00
CA ASN B 44 13.78 6.78 -1.81
C ASN B 44 13.87 5.47 -1.00
N VAL B 45 14.91 4.65 -1.27
CA VAL B 45 15.18 3.42 -0.52
C VAL B 45 16.70 3.19 -0.40
N THR B 46 17.16 2.90 0.83
CA THR B 46 18.58 2.59 1.11
C THR B 46 18.92 1.17 0.64
N SER B 47 20.22 0.86 0.56
CA SER B 47 20.73 -0.45 0.12
C SER B 47 20.29 -1.58 1.06
N THR B 48 20.28 -1.30 2.36
CA THR B 48 19.90 -2.26 3.40
C THR B 48 18.42 -2.69 3.27
N ILE B 49 17.52 -1.69 3.14
CA ILE B 49 16.08 -1.93 3.02
C ILE B 49 15.76 -2.58 1.65
N LEU B 50 16.35 -2.01 0.56
CA LEU B 50 16.14 -2.48 -0.83
C LEU B 50 16.58 -3.95 -1.00
N GLU B 51 17.68 -4.32 -0.30
CA GLU B 51 18.20 -5.69 -0.28
C GLU B 51 17.11 -6.67 0.18
N LYS B 52 16.48 -6.31 1.32
CA LYS B 52 15.46 -7.15 1.98
C LYS B 52 14.15 -7.21 1.18
N VAL B 53 13.77 -6.07 0.57
CA VAL B 53 12.53 -5.97 -0.24
C VAL B 53 12.64 -6.89 -1.47
N LEU B 54 13.82 -6.88 -2.11
CA LEU B 54 14.11 -7.75 -3.26
C LEU B 54 14.33 -9.22 -2.79
N ASP B 55 14.88 -9.39 -1.57
CA ASP B 55 15.22 -10.70 -0.97
C ASP B 55 13.97 -11.54 -0.68
N TYR B 56 12.94 -10.90 -0.11
CA TYR B 56 11.63 -11.52 0.11
C TYR B 56 10.99 -11.95 -1.23
N CYS B 57 11.13 -11.09 -2.23
CA CYS B 57 10.62 -11.33 -3.58
C CYS B 57 11.41 -12.47 -4.30
N ARG B 58 12.70 -12.66 -3.93
CA ARG B 58 13.51 -13.82 -4.39
C ARG B 58 12.86 -15.14 -3.96
N HIS B 59 12.31 -15.15 -2.72
CA HIS B 59 11.58 -16.31 -2.16
C HIS B 59 10.36 -16.68 -3.01
N HIS B 60 9.70 -15.64 -3.57
CA HIS B 60 8.50 -15.80 -4.42
C HIS B 60 8.88 -16.20 -5.87
N HIS B 61 10.14 -15.96 -6.25
CA HIS B 61 10.68 -16.41 -7.57
C HIS B 61 11.13 -17.88 -7.50
N GLN B 62 11.87 -18.22 -6.44
CA GLN B 62 12.44 -19.57 -6.22
C GLN B 62 11.35 -20.55 -5.75
N HIS B 63 10.35 -20.02 -5.04
CA HIS B 63 9.17 -20.77 -4.59
C HIS B 63 7.91 -19.93 -4.93
N PRO B 64 7.30 -20.11 -6.15
CA PRO B 64 6.08 -19.36 -6.57
C PRO B 64 4.93 -19.50 -5.54
N GLY B 65 4.84 -18.49 -4.65
CA GLY B 65 3.88 -18.49 -3.54
C GLY B 65 4.41 -19.19 -2.30
N GLY B 66 4.97 -20.42 -2.50
CA GLY B 66 5.40 -21.27 -1.39
C GLY B 66 4.19 -21.96 -0.76
N SER B 67 3.65 -21.34 0.31
CA SER B 67 2.36 -21.73 0.93
C SER B 67 2.32 -23.19 1.47
N GLY B 68 1.15 -23.56 2.02
CA GLY B 68 0.89 -24.94 2.47
C GLY B 68 -0.23 -24.99 3.48
N LEU B 69 -0.10 -25.89 4.47
CA LEU B 69 -1.00 -25.97 5.62
C LEU B 69 -0.58 -24.92 6.66
N ASP B 70 0.74 -24.74 6.79
CA ASP B 70 1.36 -23.67 7.59
C ASP B 70 2.05 -22.69 6.64
N ASP B 71 1.48 -21.49 6.52
CA ASP B 71 2.00 -20.41 5.65
C ASP B 71 2.96 -19.48 6.38
N ILE B 72 3.65 -19.99 7.43
CA ILE B 72 4.74 -19.26 8.10
C ILE B 72 6.06 -20.04 7.94
N PRO B 73 6.78 -19.89 6.77
CA PRO B 73 8.10 -20.53 6.57
C PRO B 73 9.19 -19.82 7.40
N PRO B 74 10.22 -20.57 7.92
CA PRO B 74 11.34 -19.98 8.72
C PRO B 74 11.99 -18.74 8.06
N TYR B 75 12.09 -18.77 6.73
CA TYR B 75 12.65 -17.68 5.89
C TYR B 75 11.90 -16.35 6.13
N ASP B 76 10.58 -16.40 5.91
CA ASP B 76 9.69 -15.23 5.95
C ASP B 76 9.47 -14.76 7.40
N ARG B 77 9.57 -15.73 8.33
CA ARG B 77 9.47 -15.49 9.78
C ARG B 77 10.68 -14.68 10.28
N ASP B 78 11.87 -15.03 9.75
CA ASP B 78 13.13 -14.32 10.06
C ASP B 78 13.22 -13.00 9.29
N PHE B 79 12.51 -12.89 8.14
CA PHE B 79 12.39 -11.64 7.38
C PHE B 79 11.67 -10.57 8.23
N CYS B 80 10.69 -11.04 9.03
CA CYS B 80 9.89 -10.19 9.92
C CYS B 80 10.71 -9.65 11.13
N LYS B 81 11.97 -10.13 11.29
CA LYS B 81 12.92 -9.56 12.27
C LYS B 81 13.41 -8.19 11.77
N VAL B 82 12.63 -7.16 12.12
CA VAL B 82 12.96 -5.76 11.86
C VAL B 82 12.59 -4.92 13.10
N ASP B 83 13.39 -3.88 13.37
CA ASP B 83 13.15 -2.92 14.48
C ASP B 83 11.86 -2.13 14.21
N GLN B 84 11.22 -1.55 15.26
CA GLN B 84 9.87 -0.95 15.17
C GLN B 84 9.74 0.10 14.01
N PRO B 85 10.68 1.12 13.87
CA PRO B 85 10.70 2.02 12.67
C PRO B 85 10.95 1.27 11.35
N THR B 86 11.76 0.19 11.40
CA THR B 86 12.20 -0.58 10.23
C THR B 86 11.01 -1.33 9.56
N LEU B 87 9.97 -1.72 10.37
CA LEU B 87 8.69 -2.24 9.81
C LEU B 87 8.10 -1.23 8.81
N PHE B 88 8.08 0.06 9.21
CA PHE B 88 7.55 1.16 8.39
C PHE B 88 8.44 1.45 7.18
N GLU B 89 9.75 1.23 7.32
CA GLU B 89 10.72 1.39 6.20
C GLU B 89 10.43 0.38 5.08
N LEU B 90 10.02 -0.86 5.49
CA LEU B 90 9.60 -1.91 4.54
C LEU B 90 8.24 -1.56 3.89
N ILE B 91 7.31 -0.96 4.68
CA ILE B 91 6.00 -0.47 4.18
C ILE B 91 6.20 0.65 3.14
N LEU B 92 7.14 1.57 3.44
CA LEU B 92 7.46 2.73 2.59
C LEU B 92 8.09 2.27 1.26
N ALA B 93 8.99 1.27 1.35
CA ALA B 93 9.70 0.71 0.19
C ALA B 93 8.78 -0.20 -0.65
N ALA B 94 7.84 -0.88 0.00
CA ALA B 94 6.85 -1.75 -0.67
C ALA B 94 5.79 -0.91 -1.40
N ASN B 95 5.44 0.26 -0.84
CA ASN B 95 4.51 1.22 -1.46
C ASN B 95 5.24 2.02 -2.58
N TYR B 96 6.55 2.30 -2.35
CA TYR B 96 7.42 3.02 -3.31
C TYR B 96 7.62 2.18 -4.60
N LEU B 97 7.91 0.89 -4.41
CA LEU B 97 8.13 -0.07 -5.51
C LEU B 97 6.80 -0.72 -5.95
N ASP B 98 5.73 -0.45 -5.17
CA ASP B 98 4.36 -0.94 -5.41
C ASP B 98 4.30 -2.49 -5.43
N ILE B 99 5.17 -3.11 -4.61
CA ILE B 99 5.14 -4.56 -4.37
C ILE B 99 4.06 -4.84 -3.31
N LYS B 100 2.81 -4.90 -3.81
CA LYS B 100 1.60 -5.16 -2.99
C LYS B 100 1.61 -6.57 -2.32
N PRO B 101 2.17 -7.68 -2.95
CA PRO B 101 2.46 -8.95 -2.22
C PRO B 101 3.21 -8.73 -0.88
N LEU B 102 4.33 -7.99 -0.91
CA LEU B 102 5.15 -7.69 0.29
C LEU B 102 4.37 -6.76 1.24
N LEU B 103 3.72 -5.73 0.65
CA LEU B 103 2.96 -4.71 1.41
C LEU B 103 1.91 -5.34 2.33
N ASP B 104 1.12 -6.28 1.75
CA ASP B 104 0.02 -6.96 2.46
C ASP B 104 0.54 -7.84 3.60
N VAL B 105 1.67 -8.53 3.36
CA VAL B 105 2.32 -9.39 4.37
C VAL B 105 2.87 -8.57 5.55
N THR B 106 3.48 -7.41 5.25
CA THR B 106 3.98 -6.48 6.29
C THR B 106 2.80 -5.78 7.02
N CYS B 107 1.67 -5.61 6.29
CA CYS B 107 0.41 -5.10 6.86
C CYS B 107 -0.20 -6.13 7.82
N LYS B 108 0.01 -7.43 7.54
CA LYS B 108 -0.37 -8.52 8.46
C LYS B 108 0.54 -8.51 9.71
N THR B 109 1.86 -8.27 9.50
CA THR B 109 2.86 -8.23 10.57
C THR B 109 2.54 -7.13 11.62
N VAL B 110 2.21 -5.91 11.14
CA VAL B 110 1.84 -4.78 12.01
C VAL B 110 0.46 -5.02 12.67
N ALA B 111 -0.45 -5.71 11.93
CA ALA B 111 -1.78 -6.08 12.44
C ALA B 111 -1.68 -7.15 13.54
N ASN B 112 -0.65 -8.02 13.44
CA ASN B 112 -0.38 -9.10 14.42
C ASN B 112 0.07 -8.52 15.77
N MET B 113 0.83 -7.40 15.71
CA MET B 113 1.34 -6.72 16.92
C MET B 113 0.18 -6.16 17.76
N ILE B 114 -0.79 -5.53 17.08
CA ILE B 114 -1.95 -4.88 17.73
C ILE B 114 -3.11 -5.86 17.99
N ARG B 115 -3.03 -7.06 17.35
CA ARG B 115 -4.10 -8.08 17.41
C ARG B 115 -4.29 -8.62 18.84
N GLY B 116 -3.16 -8.84 19.54
CA GLY B 116 -3.16 -9.32 20.92
C GLY B 116 -3.19 -10.86 21.01
N SER A 1 -22.99 4.83 -11.17
CA SER A 1 -22.20 6.04 -10.80
C SER A 1 -21.71 5.93 -9.35
N LEU A 2 -22.57 5.44 -8.44
CA LEU A 2 -22.25 5.31 -7.02
C LEU A 2 -22.10 3.83 -6.65
N VAL A 3 -20.89 3.43 -6.26
CA VAL A 3 -20.62 2.08 -5.74
C VAL A 3 -20.89 2.05 -4.22
N LYS A 4 -22.00 1.39 -3.86
CA LYS A 4 -22.49 1.30 -2.48
C LYS A 4 -21.62 0.30 -1.69
N LEU A 5 -20.80 0.82 -0.78
CA LEU A 5 -19.89 0.02 0.04
C LEU A 5 -20.47 -0.18 1.44
N GLU A 6 -21.21 -1.29 1.63
CA GLU A 6 -21.65 -1.71 2.96
C GLU A 6 -20.44 -2.16 3.78
N SER A 7 -20.05 -1.35 4.76
CA SER A 7 -18.95 -1.68 5.68
C SER A 7 -19.27 -2.96 6.50
N SER A 8 -18.34 -3.33 7.38
CA SER A 8 -18.52 -4.46 8.31
C SER A 8 -19.63 -4.12 9.36
N ASP A 9 -19.96 -2.82 9.47
CA ASP A 9 -21.05 -2.30 10.33
C ASP A 9 -22.36 -2.09 9.49
N GLU A 10 -22.32 -2.56 8.22
CA GLU A 10 -23.45 -2.57 7.26
C GLU A 10 -23.87 -1.16 6.79
N LYS A 11 -23.07 -0.13 7.12
CA LYS A 11 -23.34 1.25 6.69
C LYS A 11 -23.04 1.39 5.19
N VAL A 12 -24.06 1.81 4.42
CA VAL A 12 -24.00 1.93 2.97
C VAL A 12 -23.31 3.24 2.56
N PHE A 13 -22.03 3.14 2.18
CA PHE A 13 -21.24 4.28 1.69
C PHE A 13 -21.32 4.36 0.16
N GLU A 14 -22.35 5.07 -0.33
CA GLU A 14 -22.61 5.25 -1.76
C GLU A 14 -21.61 6.27 -2.34
N ILE A 15 -20.37 5.82 -2.53
CA ILE A 15 -19.26 6.67 -2.98
C ILE A 15 -19.15 6.60 -4.52
N GLU A 16 -18.69 7.71 -5.12
CA GLU A 16 -18.56 7.83 -6.58
C GLU A 16 -17.45 6.87 -7.07
N LYS A 17 -17.76 6.18 -8.17
CA LYS A 17 -16.92 5.11 -8.76
C LYS A 17 -15.56 5.65 -9.25
N GLU A 18 -15.55 6.94 -9.69
CA GLU A 18 -14.31 7.65 -10.13
C GLU A 18 -13.27 7.74 -8.99
N ILE A 19 -13.78 7.84 -7.75
CA ILE A 19 -12.95 7.91 -6.53
C ILE A 19 -12.42 6.51 -6.19
N ALA A 20 -13.31 5.51 -6.36
CA ALA A 20 -13.04 4.08 -6.07
C ALA A 20 -12.11 3.44 -7.13
N CYS A 21 -11.70 4.22 -8.15
CA CYS A 21 -10.68 3.81 -9.14
C CYS A 21 -9.26 3.85 -8.53
N MET A 22 -9.04 4.77 -7.54
CA MET A 22 -7.77 4.85 -6.78
C MET A 22 -7.61 3.61 -5.90
N SER A 23 -8.76 3.07 -5.46
CA SER A 23 -8.83 1.75 -4.85
C SER A 23 -8.61 0.68 -5.93
N VAL A 24 -7.39 0.11 -5.98
CA VAL A 24 -7.06 -0.98 -6.93
C VAL A 24 -7.90 -2.23 -6.61
N THR A 25 -8.23 -2.45 -5.31
CA THR A 25 -9.06 -3.60 -4.88
C THR A 25 -10.48 -3.50 -5.46
N ILE A 26 -11.11 -2.31 -5.28
CA ILE A 26 -12.49 -2.07 -5.75
C ILE A 26 -12.50 -2.12 -7.29
N LYS A 27 -11.48 -1.50 -7.91
CA LYS A 27 -11.29 -1.51 -9.36
C LYS A 27 -11.23 -2.95 -9.91
N ASN A 28 -10.35 -3.80 -9.31
CA ASN A 28 -10.13 -5.20 -9.75
C ASN A 28 -11.44 -6.01 -9.70
N MET A 29 -12.27 -5.72 -8.68
CA MET A 29 -13.57 -6.37 -8.51
C MET A 29 -14.57 -5.88 -9.59
N ILE A 30 -14.51 -4.58 -9.92
CA ILE A 30 -15.37 -4.00 -10.98
C ILE A 30 -14.98 -4.58 -12.35
N GLU A 31 -13.66 -4.75 -12.59
CA GLU A 31 -13.13 -5.30 -13.85
C GLU A 31 -13.56 -6.78 -13.99
N ASP A 32 -13.47 -7.51 -12.87
CA ASP A 32 -13.74 -8.95 -12.78
C ASP A 32 -15.24 -9.26 -13.00
N ILE A 33 -16.10 -8.41 -12.42
CA ILE A 33 -17.57 -8.50 -12.55
C ILE A 33 -18.00 -7.87 -13.91
N GLY A 34 -17.12 -7.05 -14.50
CA GLY A 34 -17.40 -6.33 -15.73
C GLY A 34 -17.95 -4.94 -15.42
N GLU A 35 -19.12 -4.91 -14.78
CA GLU A 35 -19.75 -3.68 -14.26
C GLU A 35 -20.29 -3.99 -12.85
N SER A 36 -19.92 -3.16 -11.85
CA SER A 36 -20.37 -3.33 -10.45
C SER A 36 -21.85 -2.91 -10.28
N ASP A 37 -22.75 -3.80 -10.74
CA ASP A 37 -24.21 -3.64 -10.61
C ASP A 37 -24.66 -3.94 -9.17
N SER A 38 -23.98 -4.92 -8.57
CA SER A 38 -24.21 -5.32 -7.19
C SER A 38 -23.40 -4.41 -6.24
N PRO A 39 -24.01 -3.92 -5.10
CA PRO A 39 -23.26 -3.19 -4.05
C PRO A 39 -22.15 -4.08 -3.45
N ILE A 40 -21.00 -3.47 -3.10
CA ILE A 40 -19.83 -4.21 -2.60
C ILE A 40 -19.80 -4.19 -1.05
N PRO A 41 -20.17 -5.32 -0.36
CA PRO A 41 -20.09 -5.40 1.10
C PRO A 41 -18.65 -5.77 1.57
N LEU A 42 -17.98 -4.80 2.21
CA LEU A 42 -16.63 -4.96 2.79
C LEU A 42 -16.75 -5.46 4.26
N PRO A 43 -16.64 -6.81 4.51
CA PRO A 43 -16.94 -7.40 5.84
C PRO A 43 -15.73 -7.40 6.82
N ASN A 44 -14.79 -6.45 6.60
CA ASN A 44 -13.54 -6.34 7.38
C ASN A 44 -13.42 -4.94 7.98
N VAL A 45 -13.40 -3.91 7.11
CA VAL A 45 -13.26 -2.51 7.53
C VAL A 45 -14.58 -1.98 8.13
N THR A 46 -14.51 -1.42 9.35
CA THR A 46 -15.66 -0.89 10.10
C THR A 46 -16.13 0.46 9.50
N SER A 47 -17.33 0.91 9.91
CA SER A 47 -17.98 2.10 9.34
C SER A 47 -17.20 3.39 9.61
N THR A 48 -16.76 3.57 10.86
CA THR A 48 -16.04 4.78 11.31
C THR A 48 -14.74 4.97 10.51
N ILE A 49 -13.96 3.89 10.40
CA ILE A 49 -12.66 3.90 9.71
C ILE A 49 -12.87 4.12 8.19
N LEU A 50 -13.81 3.36 7.60
CA LEU A 50 -14.13 3.42 6.17
C LEU A 50 -14.67 4.82 5.77
N GLU A 51 -15.44 5.43 6.70
CA GLU A 51 -16.05 6.77 6.50
C GLU A 51 -14.96 7.82 6.25
N LYS A 52 -13.96 7.82 7.16
CA LYS A 52 -12.82 8.76 7.11
C LYS A 52 -11.96 8.53 5.85
N VAL A 53 -11.58 7.26 5.61
CA VAL A 53 -10.67 6.90 4.49
C VAL A 53 -11.29 7.30 3.13
N LEU A 54 -12.60 6.99 2.95
CA LEU A 54 -13.35 7.34 1.71
C LEU A 54 -13.56 8.86 1.57
N ASP A 55 -13.67 9.56 2.72
CA ASP A 55 -13.86 11.02 2.78
C ASP A 55 -12.59 11.72 2.27
N TYR A 56 -11.42 11.21 2.72
CA TYR A 56 -10.10 11.70 2.30
C TYR A 56 -9.85 11.34 0.82
N CYS A 57 -10.34 10.16 0.41
CA CYS A 57 -10.24 9.71 -0.99
C CYS A 57 -11.01 10.66 -1.92
N ARG A 58 -12.18 11.11 -1.46
CA ARG A 58 -13.01 12.07 -2.21
C ARG A 58 -12.29 13.42 -2.30
N HIS A 59 -11.68 13.84 -1.17
CA HIS A 59 -10.84 15.04 -1.09
C HIS A 59 -9.70 15.01 -2.14
N HIS A 60 -9.09 13.83 -2.26
CA HIS A 60 -7.95 13.60 -3.17
C HIS A 60 -8.40 13.53 -4.64
N HIS A 61 -9.66 13.13 -4.88
CA HIS A 61 -10.22 13.05 -6.24
C HIS A 61 -10.67 14.44 -6.73
N GLN A 62 -11.25 15.21 -5.82
CA GLN A 62 -11.72 16.58 -6.10
C GLN A 62 -10.52 17.52 -6.29
N HIS A 63 -9.48 17.31 -5.46
CA HIS A 63 -8.24 18.07 -5.49
C HIS A 63 -7.06 17.08 -5.60
N PRO A 64 -6.67 16.67 -6.85
CA PRO A 64 -5.52 15.77 -7.08
C PRO A 64 -4.16 16.52 -6.98
N GLY A 65 -3.82 16.92 -5.73
CA GLY A 65 -2.56 17.58 -5.43
C GLY A 65 -1.37 16.66 -5.65
N GLY A 66 -0.40 17.11 -6.49
CA GLY A 66 0.77 16.30 -6.86
C GLY A 66 1.69 15.99 -5.69
N SER A 67 1.89 16.99 -4.81
CA SER A 67 2.76 16.87 -3.63
C SER A 67 2.33 17.90 -2.56
N GLY A 68 1.59 17.42 -1.54
CA GLY A 68 1.18 18.24 -0.40
C GLY A 68 2.05 18.04 0.83
N LEU A 69 3.09 17.18 0.69
CA LEU A 69 4.01 16.85 1.78
C LEU A 69 5.13 17.92 1.85
N ASP A 70 4.75 19.10 2.35
CA ASP A 70 5.62 20.29 2.54
C ASP A 70 4.74 21.46 2.98
N ASP A 71 3.69 21.70 2.18
CA ASP A 71 2.63 22.67 2.50
C ASP A 71 1.90 22.23 3.77
N ILE A 72 1.49 20.94 3.76
CA ILE A 72 0.76 20.28 4.84
C ILE A 72 -0.59 21.01 5.07
N PRO A 73 -1.65 20.68 4.29
CA PRO A 73 -2.98 21.30 4.43
C PRO A 73 -3.64 20.93 5.78
N PRO A 74 -4.31 21.91 6.49
CA PRO A 74 -4.92 21.68 7.84
C PRO A 74 -5.81 20.43 7.92
N TYR A 75 -6.69 20.21 6.91
CA TYR A 75 -7.58 19.01 6.85
C TYR A 75 -6.75 17.72 6.86
N ASP A 76 -5.82 17.63 5.89
CA ASP A 76 -4.99 16.44 5.64
C ASP A 76 -4.07 16.14 6.85
N ARG A 77 -3.70 17.21 7.57
CA ARG A 77 -2.84 17.15 8.77
C ARG A 77 -3.61 16.57 9.96
N ASP A 78 -4.76 17.19 10.26
CA ASP A 78 -5.58 16.87 11.45
C ASP A 78 -6.31 15.53 11.26
N PHE A 79 -6.47 15.11 10.00
CA PHE A 79 -7.03 13.80 9.63
C PHE A 79 -6.19 12.65 10.27
N CYS A 80 -4.86 12.81 10.19
CA CYS A 80 -3.89 11.79 10.68
C CYS A 80 -3.81 11.75 12.23
N LYS A 81 -4.40 12.76 12.90
CA LYS A 81 -4.41 12.86 14.37
C LYS A 81 -5.47 11.92 14.97
N VAL A 82 -5.13 10.63 15.05
CA VAL A 82 -5.97 9.58 15.64
C VAL A 82 -5.14 8.78 16.65
N ASP A 83 -5.79 7.86 17.39
CA ASP A 83 -5.09 6.94 18.32
C ASP A 83 -4.19 5.97 17.53
N GLN A 84 -3.20 5.36 18.22
CA GLN A 84 -2.26 4.39 17.61
C GLN A 84 -3.01 3.16 17.00
N PRO A 85 -3.97 2.47 17.73
CA PRO A 85 -4.78 1.37 17.12
C PRO A 85 -5.62 1.88 15.91
N THR A 86 -6.20 3.09 16.07
CA THR A 86 -7.02 3.74 15.02
C THR A 86 -6.17 4.11 13.79
N LEU A 87 -4.87 4.40 14.02
CA LEU A 87 -3.90 4.77 12.97
C LEU A 87 -3.58 3.52 12.15
N PHE A 88 -3.33 2.39 12.84
CA PHE A 88 -3.11 1.09 12.20
C PHE A 88 -4.36 0.64 11.42
N GLU A 89 -5.56 1.02 11.92
CA GLU A 89 -6.85 0.75 11.23
C GLU A 89 -6.93 1.50 9.88
N LEU A 90 -6.42 2.74 9.86
CA LEU A 90 -6.36 3.56 8.63
C LEU A 90 -5.35 2.96 7.61
N ILE A 91 -4.24 2.39 8.14
CA ILE A 91 -3.23 1.67 7.33
C ILE A 91 -3.86 0.40 6.72
N LEU A 92 -4.60 -0.35 7.55
CA LEU A 92 -5.22 -1.63 7.17
C LEU A 92 -6.35 -1.42 6.15
N ALA A 93 -7.12 -0.33 6.32
CA ALA A 93 -8.25 0.02 5.44
C ALA A 93 -7.77 0.47 4.06
N ALA A 94 -6.69 1.28 4.07
CA ALA A 94 -6.04 1.78 2.85
C ALA A 94 -5.33 0.65 2.10
N ASN A 95 -4.77 -0.32 2.85
CA ASN A 95 -4.10 -1.52 2.28
C ASN A 95 -5.17 -2.51 1.74
N TYR A 96 -6.31 -2.57 2.45
CA TYR A 96 -7.45 -3.47 2.14
C TYR A 96 -8.09 -3.09 0.81
N LEU A 97 -8.15 -1.78 0.53
CA LEU A 97 -8.76 -1.24 -0.70
C LEU A 97 -7.68 -0.80 -1.71
N ASP A 98 -6.39 -0.82 -1.31
CA ASP A 98 -5.24 -0.35 -2.13
C ASP A 98 -5.31 1.16 -2.43
N ILE A 99 -5.91 1.92 -1.48
CA ILE A 99 -5.92 3.39 -1.51
C ILE A 99 -4.52 3.90 -1.10
N LYS A 100 -3.61 3.96 -2.08
CA LYS A 100 -2.24 4.42 -1.89
C LYS A 100 -2.17 5.92 -1.47
N PRO A 101 -3.01 6.88 -2.05
CA PRO A 101 -3.04 8.31 -1.60
C PRO A 101 -3.09 8.49 -0.06
N LEU A 102 -4.03 7.78 0.60
CA LEU A 102 -4.20 7.84 2.07
C LEU A 102 -3.08 7.05 2.77
N LEU A 103 -2.82 5.85 2.24
CA LEU A 103 -1.82 4.90 2.78
C LEU A 103 -0.44 5.56 2.96
N ASP A 104 -0.04 6.36 1.95
CA ASP A 104 1.28 7.02 1.89
C ASP A 104 1.40 8.04 3.04
N VAL A 105 0.38 8.91 3.13
CA VAL A 105 0.30 9.96 4.16
C VAL A 105 0.34 9.35 5.59
N THR A 106 -0.39 8.23 5.76
CA THR A 106 -0.54 7.54 7.05
C THR A 106 0.77 6.78 7.45
N CYS A 107 1.49 6.27 6.43
CA CYS A 107 2.80 5.60 6.61
C CYS A 107 3.91 6.64 6.89
N LYS A 108 3.73 7.85 6.35
CA LYS A 108 4.63 8.99 6.61
C LYS A 108 4.40 9.55 8.03
N THR A 109 3.15 9.43 8.54
CA THR A 109 2.80 9.84 9.92
C THR A 109 3.63 9.02 10.97
N VAL A 110 3.63 7.67 10.80
CA VAL A 110 4.41 6.77 11.69
C VAL A 110 5.93 6.92 11.47
N ALA A 111 6.31 7.24 10.21
CA ALA A 111 7.71 7.49 9.83
C ALA A 111 8.26 8.73 10.57
N ASN A 112 7.42 9.77 10.72
CA ASN A 112 7.78 11.02 11.41
C ASN A 112 8.02 10.78 12.91
N MET A 113 7.30 9.80 13.49
CA MET A 113 7.40 9.46 14.92
C MET A 113 8.77 8.85 15.27
N ILE A 114 9.34 8.06 14.34
CA ILE A 114 10.68 7.45 14.52
C ILE A 114 11.79 8.32 13.87
N ARG A 115 11.39 9.30 13.04
CA ARG A 115 12.32 10.28 12.42
C ARG A 115 12.60 11.37 13.46
N GLY A 116 13.68 11.16 14.23
CA GLY A 116 14.12 12.09 15.27
C GLY A 116 14.82 11.36 16.41
N SER B 1 15.44 -7.48 -19.48
CA SER B 1 15.00 -8.60 -18.61
C SER B 1 15.23 -8.26 -17.13
N LEU B 2 16.39 -7.64 -16.83
CA LEU B 2 16.76 -7.25 -15.45
C LEU B 2 16.72 -5.72 -15.32
N VAL B 3 15.82 -5.21 -14.47
CA VAL B 3 15.76 -3.79 -14.12
C VAL B 3 16.69 -3.53 -12.92
N LYS B 4 17.81 -2.85 -13.22
CA LYS B 4 18.86 -2.55 -12.25
C LYS B 4 18.41 -1.40 -11.34
N LEU B 5 18.12 -1.73 -10.08
CA LEU B 5 17.64 -0.76 -9.08
C LEU B 5 18.80 -0.35 -8.16
N GLU B 6 19.48 0.75 -8.51
CA GLU B 6 20.47 1.37 -7.61
C GLU B 6 19.74 2.00 -6.43
N SER B 7 19.88 1.39 -5.24
CA SER B 7 19.31 1.91 -4.00
C SER B 7 19.89 3.31 -3.65
N SER B 8 19.45 3.85 -2.50
CA SER B 8 20.01 5.11 -1.96
C SER B 8 21.48 4.91 -1.52
N ASP B 9 21.87 3.63 -1.34
CA ASP B 9 23.26 3.22 -1.02
C ASP B 9 24.04 2.83 -2.32
N GLU B 10 23.39 3.08 -3.50
CA GLU B 10 23.97 2.88 -4.86
C GLU B 10 24.20 1.40 -5.23
N LYS B 11 23.69 0.47 -4.39
CA LYS B 11 23.81 -0.98 -4.65
C LYS B 11 22.86 -1.37 -5.80
N VAL B 12 23.44 -1.95 -6.87
CA VAL B 12 22.73 -2.29 -8.10
C VAL B 12 21.99 -3.64 -7.92
N PHE B 13 20.67 -3.55 -7.67
CA PHE B 13 19.80 -4.73 -7.54
C PHE B 13 19.18 -5.06 -8.90
N GLU B 14 19.90 -5.88 -9.67
CA GLU B 14 19.49 -6.32 -11.03
C GLU B 14 18.37 -7.38 -10.89
N ILE B 15 17.16 -6.91 -10.57
CA ILE B 15 16.01 -7.79 -10.31
C ILE B 15 15.22 -8.00 -11.61
N GLU B 16 14.59 -9.18 -11.75
CA GLU B 16 13.80 -9.54 -12.94
C GLU B 16 12.56 -8.64 -13.05
N LYS B 17 12.30 -8.15 -14.26
CA LYS B 17 11.25 -7.18 -14.56
C LYS B 17 9.84 -7.75 -14.28
N GLU B 18 9.69 -9.09 -14.43
CA GLU B 18 8.43 -9.81 -14.14
C GLU B 18 8.02 -9.68 -12.65
N ILE B 19 9.04 -9.59 -11.78
CA ILE B 19 8.86 -9.42 -10.33
C ILE B 19 8.46 -7.95 -10.03
N ALA B 20 9.14 -7.03 -10.74
CA ALA B 20 8.95 -5.57 -10.61
C ALA B 20 7.61 -5.08 -11.21
N CYS B 21 6.82 -6.02 -11.78
CA CYS B 21 5.45 -5.74 -12.25
C CYS B 21 4.46 -5.63 -11.06
N MET B 22 4.77 -6.35 -9.94
CA MET B 22 3.99 -6.26 -8.69
C MET B 22 4.20 -4.88 -8.04
N SER B 23 5.39 -4.31 -8.28
CA SER B 23 5.67 -2.91 -8.00
C SER B 23 4.93 -2.04 -9.02
N VAL B 24 3.80 -1.44 -8.60
CA VAL B 24 3.02 -0.53 -9.45
C VAL B 24 3.85 0.74 -9.76
N THR B 25 4.71 1.17 -8.81
CA THR B 25 5.60 2.35 -9.01
C THR B 25 6.61 2.10 -10.15
N ILE B 26 7.31 0.94 -10.09
CA ILE B 26 8.32 0.57 -11.09
C ILE B 26 7.63 0.36 -12.45
N LYS B 27 6.47 -0.33 -12.42
CA LYS B 27 5.64 -0.56 -13.61
C LYS B 27 5.27 0.78 -14.30
N ASN B 28 4.72 1.73 -13.52
CA ASN B 28 4.25 3.05 -14.03
C ASN B 28 5.40 3.81 -14.71
N MET B 29 6.62 3.67 -14.15
CA MET B 29 7.82 4.30 -14.71
C MET B 29 8.23 3.60 -16.04
N ILE B 30 8.10 2.26 -16.08
CA ILE B 30 8.40 1.47 -17.30
C ILE B 30 7.40 1.82 -18.42
N GLU B 31 6.11 2.00 -18.04
CA GLU B 31 5.04 2.37 -18.97
C GLU B 31 5.27 3.78 -19.54
N ASP B 32 5.69 4.69 -18.65
CA ASP B 32 5.90 6.12 -18.96
C ASP B 32 7.12 6.30 -19.90
N ILE B 33 8.19 5.56 -19.61
CA ILE B 33 9.42 5.55 -20.41
C ILE B 33 9.23 4.69 -21.69
N GLY B 34 8.21 3.82 -21.68
CA GLY B 34 7.94 2.89 -22.78
C GLY B 34 8.62 1.57 -22.53
N GLU B 35 9.95 1.60 -22.50
CA GLU B 35 10.81 0.47 -22.11
C GLU B 35 11.90 1.00 -21.19
N SER B 36 12.08 0.36 -20.02
CA SER B 36 13.12 0.73 -19.04
C SER B 36 14.51 0.26 -19.54
N ASP B 37 15.10 1.05 -20.46
CA ASP B 37 16.48 0.85 -20.96
C ASP B 37 17.49 1.38 -19.93
N SER B 38 17.11 2.50 -19.29
CA SER B 38 17.91 3.14 -18.25
C SER B 38 17.66 2.43 -16.90
N PRO B 39 18.75 2.10 -16.11
CA PRO B 39 18.60 1.58 -14.73
C PRO B 39 17.84 2.59 -13.84
N ILE B 40 17.02 2.10 -12.92
CA ILE B 40 16.18 2.96 -12.07
C ILE B 40 16.87 3.20 -10.71
N PRO B 41 17.44 4.42 -10.45
CA PRO B 41 18.02 4.75 -9.15
C PRO B 41 16.93 5.23 -8.14
N LEU B 42 16.71 4.43 -7.11
CA LEU B 42 15.77 4.72 -6.01
C LEU B 42 16.52 5.46 -4.87
N PRO B 43 16.46 6.84 -4.81
CA PRO B 43 17.30 7.65 -3.88
C PRO B 43 16.63 7.86 -2.50
N ASN B 44 15.79 6.89 -2.08
CA ASN B 44 15.03 6.96 -0.82
C ASN B 44 15.27 5.67 0.00
N VAL B 45 14.92 4.53 -0.60
CA VAL B 45 15.06 3.22 0.07
C VAL B 45 16.53 2.76 0.07
N THR B 46 17.04 2.42 1.27
CA THR B 46 18.43 1.99 1.48
C THR B 46 18.64 0.54 0.97
N SER B 47 19.92 0.13 0.85
CA SER B 47 20.31 -1.16 0.25
C SER B 47 19.78 -2.36 1.05
N THR B 48 19.98 -2.32 2.36
CA THR B 48 19.60 -3.40 3.29
C THR B 48 18.09 -3.68 3.23
N ILE B 49 17.29 -2.60 3.34
CA ILE B 49 15.82 -2.69 3.32
C ILE B 49 15.33 -3.18 1.94
N LEU B 50 15.87 -2.56 0.86
CA LEU B 50 15.49 -2.88 -0.52
C LEU B 50 15.85 -4.34 -0.89
N GLU B 51 16.99 -4.81 -0.33
CA GLU B 51 17.50 -6.19 -0.56
C GLU B 51 16.48 -7.22 -0.09
N LYS B 52 16.00 -7.04 1.16
CA LYS B 52 15.02 -7.93 1.79
C LYS B 52 13.68 -7.89 1.04
N VAL B 53 13.16 -6.66 0.79
CA VAL B 53 11.82 -6.47 0.18
C VAL B 53 11.77 -7.12 -1.23
N LEU B 54 12.83 -6.88 -2.05
CA LEU B 54 12.94 -7.46 -3.41
C LEU B 54 13.15 -8.99 -3.38
N ASP B 55 13.81 -9.49 -2.31
CA ASP B 55 14.06 -10.94 -2.13
C ASP B 55 12.73 -11.67 -1.85
N TYR B 56 11.89 -11.05 -1.00
CA TYR B 56 10.55 -11.54 -0.68
C TYR B 56 9.63 -11.44 -1.92
N CYS B 57 9.82 -10.36 -2.70
CA CYS B 57 9.06 -10.15 -3.95
C CYS B 57 9.36 -11.27 -4.95
N ARG B 58 10.65 -11.67 -5.02
CA ARG B 58 11.08 -12.77 -5.91
C ARG B 58 10.46 -14.09 -5.43
N HIS B 59 10.46 -14.29 -4.11
CA HIS B 59 9.81 -15.44 -3.44
C HIS B 59 8.33 -15.55 -3.83
N HIS B 60 7.65 -14.38 -3.85
CA HIS B 60 6.23 -14.28 -4.16
C HIS B 60 5.94 -14.47 -5.67
N HIS B 61 6.94 -14.14 -6.52
CA HIS B 61 6.82 -14.32 -7.97
C HIS B 61 7.04 -15.79 -8.37
N GLN B 62 8.02 -16.43 -7.71
CA GLN B 62 8.38 -17.85 -7.94
C GLN B 62 7.27 -18.76 -7.39
N HIS B 63 6.72 -18.37 -6.24
CA HIS B 63 5.62 -19.09 -5.57
C HIS B 63 4.47 -18.09 -5.30
N PRO B 64 3.54 -17.88 -6.28
CA PRO B 64 2.36 -17.00 -6.10
C PRO B 64 1.25 -17.68 -5.26
N GLY B 65 1.52 -17.82 -3.95
CA GLY B 65 0.57 -18.38 -3.00
C GLY B 65 -0.63 -17.48 -2.80
N GLY B 66 -1.85 -18.02 -3.01
CA GLY B 66 -3.09 -17.26 -2.92
C GLY B 66 -3.39 -16.72 -1.52
N SER B 67 -3.10 -17.54 -0.50
CA SER B 67 -3.34 -17.19 0.92
C SER B 67 -2.44 -18.04 1.83
N GLY B 68 -1.32 -17.43 2.28
CA GLY B 68 -0.40 -18.07 3.23
C GLY B 68 -0.64 -17.64 4.67
N LEU B 69 -1.65 -16.76 4.88
CA LEU B 69 -1.99 -16.22 6.19
C LEU B 69 -2.91 -17.22 6.95
N ASP B 70 -2.29 -18.32 7.41
CA ASP B 70 -2.93 -19.43 8.17
C ASP B 70 -1.88 -20.53 8.37
N ASP B 71 -1.31 -20.96 7.22
CA ASP B 71 -0.17 -21.89 7.17
C ASP B 71 1.06 -21.24 7.86
N ILE B 72 1.34 -20.00 7.44
CA ILE B 72 2.47 -19.19 7.94
C ILE B 72 3.81 -19.91 7.66
N PRO B 73 4.39 -19.75 6.42
CA PRO B 73 5.67 -20.40 6.05
C PRO B 73 6.85 -19.82 6.86
N PRO B 74 7.81 -20.68 7.35
CA PRO B 74 8.95 -20.26 8.21
C PRO B 74 9.74 -19.04 7.66
N TYR B 75 10.03 -19.04 6.33
CA TYR B 75 10.73 -17.90 5.68
C TYR B 75 9.93 -16.59 5.84
N ASP B 76 8.66 -16.64 5.40
CA ASP B 76 7.75 -15.48 5.36
C ASP B 76 7.48 -14.94 6.78
N ARG B 77 7.54 -15.86 7.77
CA ARG B 77 7.32 -15.56 9.19
C ARG B 77 8.53 -14.81 9.79
N ASP B 78 9.70 -15.42 9.63
CA ASP B 78 10.96 -14.92 10.23
C ASP B 78 11.47 -13.66 9.52
N PHE B 79 11.00 -13.48 8.27
CA PHE B 79 11.25 -12.27 7.47
C PHE B 79 10.75 -11.01 8.22
N CYS B 80 9.55 -11.12 8.80
CA CYS B 80 8.86 -10.01 9.50
C CYS B 80 9.48 -9.71 10.88
N LYS B 81 10.37 -10.61 11.36
CA LYS B 81 11.06 -10.46 12.66
C LYS B 81 12.24 -9.46 12.52
N VAL B 82 11.90 -8.17 12.56
CA VAL B 82 12.87 -7.06 12.50
C VAL B 82 12.52 -6.04 13.60
N ASP B 83 13.41 -5.07 13.83
CA ASP B 83 13.18 -3.97 14.80
C ASP B 83 11.97 -3.12 14.36
N GLN B 84 11.39 -2.36 15.32
CA GLN B 84 10.22 -1.49 15.05
C GLN B 84 10.55 -0.39 13.97
N PRO B 85 11.70 0.38 14.07
CA PRO B 85 12.09 1.32 12.98
C PRO B 85 12.33 0.59 11.63
N THR B 86 12.97 -0.60 11.70
CA THR B 86 13.26 -1.45 10.52
C THR B 86 11.94 -1.99 9.89
N LEU B 87 10.92 -2.18 10.73
CA LEU B 87 9.59 -2.69 10.33
C LEU B 87 8.87 -1.60 9.53
N PHE B 88 8.91 -0.36 10.07
CA PHE B 88 8.36 0.82 9.39
C PHE B 88 9.09 1.09 8.06
N GLU B 89 10.40 0.78 8.02
CA GLU B 89 11.20 0.87 6.78
C GLU B 89 10.70 -0.10 5.70
N LEU B 90 10.30 -1.31 6.11
CA LEU B 90 9.72 -2.34 5.21
C LEU B 90 8.34 -1.87 4.68
N ILE B 91 7.56 -1.19 5.56
CA ILE B 91 6.26 -0.58 5.20
C ILE B 91 6.48 0.54 4.16
N LEU B 92 7.48 1.40 4.42
CA LEU B 92 7.80 2.58 3.60
C LEU B 92 8.35 2.15 2.22
N ALA B 93 9.16 1.08 2.19
CA ALA B 93 9.78 0.56 0.96
C ALA B 93 8.73 -0.11 0.05
N ALA B 94 7.83 -0.86 0.70
CA ALA B 94 6.72 -1.55 0.02
C ALA B 94 5.69 -0.54 -0.50
N ASN B 95 5.49 0.55 0.25
CA ASN B 95 4.59 1.67 -0.15
C ASN B 95 5.25 2.51 -1.27
N TYR B 96 6.58 2.65 -1.17
CA TYR B 96 7.41 3.45 -2.11
C TYR B 96 7.40 2.82 -3.52
N LEU B 97 7.37 1.48 -3.57
CA LEU B 97 7.36 0.72 -4.83
C LEU B 97 5.96 0.16 -5.15
N ASP B 98 5.00 0.29 -4.21
CA ASP B 98 3.63 -0.27 -4.33
C ASP B 98 3.63 -1.81 -4.37
N ILE B 99 4.62 -2.41 -3.69
CA ILE B 99 4.69 -3.86 -3.46
C ILE B 99 3.66 -4.26 -2.39
N LYS B 100 2.41 -4.45 -2.82
CA LYS B 100 1.29 -4.82 -1.94
C LYS B 100 1.49 -6.23 -1.30
N PRO B 101 2.01 -7.30 -2.03
CA PRO B 101 2.31 -8.64 -1.41
C PRO B 101 3.08 -8.55 -0.06
N LEU B 102 4.18 -7.77 -0.03
CA LEU B 102 5.01 -7.59 1.18
C LEU B 102 4.30 -6.65 2.17
N LEU B 103 3.77 -5.54 1.63
CA LEU B 103 3.08 -4.49 2.41
C LEU B 103 1.96 -5.05 3.30
N ASP B 104 1.18 -5.99 2.73
CA ASP B 104 0.02 -6.60 3.41
C ASP B 104 0.48 -7.41 4.62
N VAL B 105 1.48 -8.29 4.38
CA VAL B 105 2.08 -9.15 5.42
C VAL B 105 2.66 -8.30 6.58
N THR B 106 3.33 -7.21 6.21
CA THR B 106 4.02 -6.30 7.17
C THR B 106 3.00 -5.45 7.97
N CYS B 107 1.87 -5.10 7.33
CA CYS B 107 0.76 -4.37 7.99
C CYS B 107 -0.05 -5.29 8.90
N LYS B 108 -0.07 -6.60 8.56
CA LYS B 108 -0.70 -7.64 9.39
C LYS B 108 0.18 -7.95 10.60
N THR B 109 1.51 -7.79 10.46
CA THR B 109 2.47 -7.97 11.57
C THR B 109 2.18 -6.96 12.72
N VAL B 110 2.04 -5.66 12.36
CA VAL B 110 1.70 -4.60 13.34
C VAL B 110 0.26 -4.73 13.87
N ALA B 111 -0.64 -5.24 12.99
CA ALA B 111 -2.04 -5.51 13.35
C ALA B 111 -2.13 -6.58 14.46
N ASN B 112 -1.27 -7.61 14.37
CA ASN B 112 -1.21 -8.72 15.36
C ASN B 112 -0.76 -8.21 16.74
N MET B 113 0.12 -7.17 16.74
CA MET B 113 0.67 -6.59 17.98
C MET B 113 -0.42 -5.90 18.82
N ILE B 114 -1.39 -5.25 18.14
CA ILE B 114 -2.53 -4.59 18.80
C ILE B 114 -3.76 -5.52 18.88
N ARG B 115 -3.74 -6.63 18.14
CA ARG B 115 -4.79 -7.66 18.18
C ARG B 115 -4.52 -8.56 19.41
N GLY B 116 -5.13 -8.18 20.53
CA GLY B 116 -4.99 -8.91 21.80
C GLY B 116 -5.19 -7.98 23.00
N SER A 1 -23.46 9.74 -10.33
CA SER A 1 -24.15 8.54 -9.76
C SER A 1 -23.54 8.18 -8.40
N LEU A 2 -24.35 7.57 -7.51
CA LEU A 2 -23.93 7.16 -6.15
C LEU A 2 -23.91 5.63 -6.05
N VAL A 3 -22.74 5.05 -5.77
CA VAL A 3 -22.60 3.62 -5.44
C VAL A 3 -22.65 3.45 -3.91
N LYS A 4 -23.38 2.43 -3.46
CA LYS A 4 -23.59 2.15 -2.03
C LYS A 4 -22.54 1.13 -1.58
N LEU A 5 -21.73 1.50 -0.58
CA LEU A 5 -20.61 0.67 -0.10
C LEU A 5 -20.81 0.34 1.39
N GLU A 6 -21.31 -0.87 1.68
CA GLU A 6 -21.41 -1.34 3.07
C GLU A 6 -20.03 -1.74 3.59
N SER A 7 -19.81 -1.48 4.87
CA SER A 7 -18.62 -1.93 5.59
C SER A 7 -18.80 -3.39 6.05
N SER A 8 -17.80 -3.90 6.78
CA SER A 8 -17.89 -5.17 7.51
C SER A 8 -18.98 -5.09 8.61
N ASP A 9 -19.20 -3.85 9.10
CA ASP A 9 -20.24 -3.53 10.11
C ASP A 9 -21.62 -3.30 9.43
N GLU A 10 -21.67 -3.48 8.08
CA GLU A 10 -22.91 -3.51 7.26
C GLU A 10 -23.59 -2.12 7.13
N LYS A 11 -22.86 -1.06 7.51
CA LYS A 11 -23.34 0.33 7.37
C LYS A 11 -23.20 0.78 5.90
N VAL A 12 -24.31 1.26 5.31
CA VAL A 12 -24.34 1.76 3.92
C VAL A 12 -23.62 3.12 3.84
N PHE A 13 -22.59 3.21 2.99
CA PHE A 13 -21.88 4.47 2.70
C PHE A 13 -22.06 4.83 1.23
N GLU A 14 -23.11 5.62 0.95
CA GLU A 14 -23.42 6.12 -0.39
C GLU A 14 -22.40 7.20 -0.78
N ILE A 15 -21.48 6.79 -1.64
CA ILE A 15 -20.40 7.65 -2.15
C ILE A 15 -20.55 7.73 -3.67
N GLU A 16 -20.17 8.87 -4.23
CA GLU A 16 -20.20 9.09 -5.66
C GLU A 16 -19.19 8.16 -6.34
N LYS A 17 -19.61 7.55 -7.48
CA LYS A 17 -18.80 6.54 -8.20
C LYS A 17 -17.44 7.12 -8.66
N GLU A 18 -17.47 8.42 -9.00
CA GLU A 18 -16.26 9.20 -9.37
C GLU A 18 -15.23 9.22 -8.21
N ILE A 19 -15.72 9.32 -6.97
CA ILE A 19 -14.88 9.30 -5.76
C ILE A 19 -14.49 7.84 -5.41
N ALA A 20 -15.36 6.89 -5.76
CA ALA A 20 -15.13 5.44 -5.55
C ALA A 20 -14.11 4.88 -6.55
N CYS A 21 -13.89 5.62 -7.67
CA CYS A 21 -12.85 5.31 -8.66
C CYS A 21 -11.43 5.62 -8.13
N MET A 22 -11.35 6.52 -7.12
CA MET A 22 -10.07 6.83 -6.40
C MET A 22 -9.54 5.57 -5.68
N SER A 23 -10.50 4.75 -5.23
CA SER A 23 -10.24 3.42 -4.69
C SER A 23 -10.09 2.45 -5.86
N VAL A 24 -8.86 1.92 -6.09
CA VAL A 24 -8.60 1.04 -7.24
C VAL A 24 -9.38 -0.29 -7.10
N THR A 25 -9.47 -0.83 -5.87
CA THR A 25 -10.23 -2.07 -5.58
C THR A 25 -11.73 -1.92 -5.92
N ILE A 26 -12.37 -0.84 -5.41
CA ILE A 26 -13.81 -0.59 -5.60
C ILE A 26 -14.09 -0.22 -7.07
N LYS A 27 -13.15 0.50 -7.70
CA LYS A 27 -13.17 0.83 -9.14
C LYS A 27 -13.21 -0.47 -9.97
N ASN A 28 -12.33 -1.42 -9.61
CA ASN A 28 -12.22 -2.74 -10.26
C ASN A 28 -13.52 -3.56 -10.09
N MET A 29 -14.17 -3.42 -8.91
CA MET A 29 -15.43 -4.12 -8.60
C MET A 29 -16.55 -3.67 -9.55
N ILE A 30 -16.67 -2.33 -9.72
CA ILE A 30 -17.70 -1.70 -10.56
C ILE A 30 -17.49 -2.05 -12.04
N GLU A 31 -16.21 -2.00 -12.49
CA GLU A 31 -15.83 -2.28 -13.89
C GLU A 31 -15.95 -3.79 -14.22
N ASP A 32 -15.76 -4.65 -13.19
CA ASP A 32 -15.86 -6.13 -13.34
C ASP A 32 -17.32 -6.56 -13.58
N ILE A 33 -18.22 -5.93 -12.81
CA ILE A 33 -19.68 -6.08 -12.98
C ILE A 33 -20.15 -5.28 -14.21
N GLY A 34 -19.33 -4.28 -14.61
CA GLY A 34 -19.66 -3.35 -15.67
C GLY A 34 -20.53 -2.22 -15.13
N GLU A 35 -21.79 -2.54 -14.87
CA GLU A 35 -22.76 -1.63 -14.26
C GLU A 35 -23.15 -2.20 -12.89
N SER A 36 -22.46 -1.74 -11.83
CA SER A 36 -22.70 -2.20 -10.46
C SER A 36 -23.96 -1.53 -9.87
N ASP A 37 -25.13 -2.10 -10.22
CA ASP A 37 -26.43 -1.72 -9.63
C ASP A 37 -26.51 -2.25 -8.20
N SER A 38 -25.87 -3.41 -7.98
CA SER A 38 -25.75 -4.04 -6.66
C SER A 38 -24.74 -3.25 -5.81
N PRO A 39 -25.04 -3.01 -4.51
CA PRO A 39 -24.07 -2.35 -3.59
C PRO A 39 -22.86 -3.28 -3.31
N ILE A 40 -21.66 -2.69 -3.18
CA ILE A 40 -20.42 -3.45 -2.95
C ILE A 40 -20.10 -3.44 -1.43
N PRO A 41 -20.32 -4.58 -0.70
CA PRO A 41 -19.91 -4.70 0.71
C PRO A 41 -18.40 -5.06 0.82
N LEU A 42 -17.76 -4.52 1.87
CA LEU A 42 -16.34 -4.75 2.17
C LEU A 42 -16.24 -5.47 3.54
N PRO A 43 -16.30 -6.85 3.57
CA PRO A 43 -16.31 -7.64 4.83
C PRO A 43 -14.89 -7.81 5.44
N ASN A 44 -14.31 -6.66 5.84
CA ASN A 44 -12.94 -6.58 6.40
C ASN A 44 -12.80 -5.27 7.20
N VAL A 45 -13.03 -4.14 6.50
CA VAL A 45 -12.88 -2.79 7.09
C VAL A 45 -14.18 -2.38 7.85
N THR A 46 -14.02 -1.91 9.10
CA THR A 46 -15.15 -1.52 9.99
C THR A 46 -15.79 -0.19 9.52
N SER A 47 -16.97 0.14 10.09
CA SER A 47 -17.77 1.32 9.65
C SER A 47 -17.03 2.65 9.84
N THR A 48 -16.45 2.85 11.03
CA THR A 48 -15.76 4.10 11.40
C THR A 48 -14.51 4.34 10.53
N ILE A 49 -13.74 3.26 10.31
CA ILE A 49 -12.48 3.31 9.54
C ILE A 49 -12.77 3.51 8.04
N LEU A 50 -13.79 2.78 7.53
CA LEU A 50 -14.25 2.88 6.11
C LEU A 50 -14.79 4.29 5.84
N GLU A 51 -15.48 4.87 6.84
CA GLU A 51 -16.01 6.24 6.79
C GLU A 51 -14.86 7.22 6.57
N LYS A 52 -13.81 7.10 7.43
CA LYS A 52 -12.64 7.99 7.40
C LYS A 52 -11.93 7.94 6.04
N VAL A 53 -11.59 6.73 5.57
CA VAL A 53 -10.80 6.53 4.34
C VAL A 53 -11.52 7.11 3.10
N LEU A 54 -12.85 6.89 3.02
CA LEU A 54 -13.69 7.44 1.94
C LEU A 54 -13.96 8.97 2.11
N ASP A 55 -13.97 9.45 3.37
CA ASP A 55 -14.26 10.88 3.69
C ASP A 55 -13.07 11.78 3.30
N TYR A 56 -11.86 11.21 3.41
CA TYR A 56 -10.62 11.84 2.91
C TYR A 56 -10.71 11.98 1.38
N CYS A 57 -11.22 10.92 0.73
CA CYS A 57 -11.42 10.88 -0.73
C CYS A 57 -12.45 11.93 -1.18
N ARG A 58 -13.50 12.17 -0.35
CA ARG A 58 -14.51 13.23 -0.58
C ARG A 58 -13.84 14.61 -0.57
N HIS A 59 -12.97 14.81 0.43
CA HIS A 59 -12.21 16.06 0.60
C HIS A 59 -11.33 16.36 -0.62
N HIS A 60 -10.59 15.33 -1.08
CA HIS A 60 -9.62 15.47 -2.17
C HIS A 60 -10.34 15.51 -3.54
N HIS A 61 -11.60 15.05 -3.56
CA HIS A 61 -12.49 15.13 -4.74
C HIS A 61 -12.88 16.59 -5.02
N GLN A 62 -13.32 17.27 -3.96
CA GLN A 62 -13.88 18.63 -4.04
C GLN A 62 -12.79 19.70 -3.88
N HIS A 63 -11.65 19.28 -3.32
CA HIS A 63 -10.45 20.11 -3.17
C HIS A 63 -9.25 19.29 -3.67
N PRO A 64 -8.92 19.34 -5.00
CA PRO A 64 -7.74 18.64 -5.55
C PRO A 64 -6.44 19.26 -5.01
N GLY A 65 -5.98 18.72 -3.86
CA GLY A 65 -4.80 19.22 -3.15
C GLY A 65 -3.48 18.75 -3.74
N GLY A 66 -2.39 19.15 -3.08
CA GLY A 66 -1.01 18.88 -3.53
C GLY A 66 -0.17 20.14 -3.47
N SER A 67 -0.79 21.27 -3.87
CA SER A 67 -0.18 22.61 -3.76
C SER A 67 -0.23 23.07 -2.29
N GLY A 68 0.77 22.62 -1.53
CA GLY A 68 0.86 22.84 -0.09
C GLY A 68 1.90 21.93 0.51
N LEU A 69 3.14 22.05 -0.01
CA LEU A 69 4.29 21.23 0.41
C LEU A 69 4.56 21.41 1.92
N ASP A 70 4.47 20.27 2.66
CA ASP A 70 4.71 20.18 4.12
C ASP A 70 3.63 20.94 4.96
N ASP A 71 2.64 21.54 4.28
CA ASP A 71 1.58 22.36 4.90
C ASP A 71 0.26 21.56 4.93
N ILE A 72 0.04 20.82 6.02
CA ILE A 72 -1.17 20.01 6.22
C ILE A 72 -2.23 20.86 6.96
N PRO A 73 -3.44 21.11 6.37
CA PRO A 73 -4.53 21.88 7.04
C PRO A 73 -5.09 21.11 8.28
N PRO A 74 -5.63 21.84 9.32
CA PRO A 74 -6.16 21.25 10.59
C PRO A 74 -7.07 20.01 10.40
N TYR A 75 -7.94 20.03 9.36
CA TYR A 75 -8.84 18.88 9.08
C TYR A 75 -8.03 17.60 8.80
N ASP A 76 -7.14 17.66 7.81
CA ASP A 76 -6.32 16.52 7.35
C ASP A 76 -5.32 16.09 8.44
N ARG A 77 -4.91 17.07 9.28
CA ARG A 77 -3.96 16.84 10.37
C ARG A 77 -4.61 15.99 11.47
N ASP A 78 -5.76 16.45 12.00
CA ASP A 78 -6.53 15.74 13.06
C ASP A 78 -7.15 14.44 12.53
N PHE A 79 -7.36 14.39 11.20
CA PHE A 79 -7.85 13.19 10.50
C PHE A 79 -6.85 12.03 10.67
N CYS A 80 -5.58 12.33 10.35
CA CYS A 80 -4.51 11.33 10.35
C CYS A 80 -3.95 11.11 11.76
N LYS A 81 -4.05 12.15 12.62
CA LYS A 81 -3.65 12.06 14.03
C LYS A 81 -4.76 11.38 14.83
N VAL A 82 -4.72 10.05 14.82
CA VAL A 82 -5.67 9.18 15.55
C VAL A 82 -4.90 8.24 16.48
N ASP A 83 -5.62 7.37 17.20
CA ASP A 83 -5.04 6.45 18.19
C ASP A 83 -4.10 5.43 17.49
N GLN A 84 -3.13 4.90 18.24
CA GLN A 84 -2.03 4.05 17.68
C GLN A 84 -2.56 2.81 16.88
N PRO A 85 -3.51 1.97 17.43
CA PRO A 85 -4.16 0.88 16.63
C PRO A 85 -4.98 1.41 15.43
N THR A 86 -5.66 2.57 15.63
CA THR A 86 -6.52 3.20 14.62
C THR A 86 -5.70 3.64 13.37
N LEU A 87 -4.42 4.01 13.62
CA LEU A 87 -3.44 4.31 12.56
C LEU A 87 -3.21 3.09 11.65
N PHE A 88 -2.98 1.93 12.29
CA PHE A 88 -2.76 0.66 11.58
C PHE A 88 -4.04 0.18 10.86
N GLU A 89 -5.21 0.53 11.44
CA GLU A 89 -6.51 0.24 10.80
C GLU A 89 -6.68 1.01 9.48
N LEU A 90 -6.20 2.27 9.46
CA LEU A 90 -6.22 3.11 8.24
C LEU A 90 -5.22 2.58 7.18
N ILE A 91 -4.07 2.03 7.66
CA ILE A 91 -3.05 1.39 6.78
C ILE A 91 -3.63 0.11 6.14
N LEU A 92 -4.31 -0.72 6.97
CA LEU A 92 -4.94 -1.99 6.53
C LEU A 92 -6.09 -1.71 5.53
N ALA A 93 -6.88 -0.65 5.83
CA ALA A 93 -8.04 -0.27 5.02
C ALA A 93 -7.61 0.31 3.66
N ALA A 94 -6.56 1.14 3.67
CA ALA A 94 -6.04 1.79 2.45
C ALA A 94 -5.29 0.79 1.55
N ASN A 95 -4.71 -0.25 2.18
CA ASN A 95 -4.07 -1.39 1.47
C ASN A 95 -5.16 -2.27 0.80
N TYR A 96 -6.24 -2.53 1.56
CA TYR A 96 -7.38 -3.38 1.15
C TYR A 96 -8.23 -2.71 0.05
N LEU A 97 -8.39 -1.38 0.14
CA LEU A 97 -9.15 -0.58 -0.84
C LEU A 97 -8.24 -0.04 -1.95
N ASP A 98 -6.91 -0.25 -1.77
CA ASP A 98 -5.88 0.08 -2.76
C ASP A 98 -5.77 1.62 -2.97
N ILE A 99 -6.23 2.39 -1.95
CA ILE A 99 -6.16 3.86 -1.97
C ILE A 99 -4.77 4.30 -1.49
N LYS A 100 -3.85 4.32 -2.45
CA LYS A 100 -2.44 4.73 -2.24
C LYS A 100 -2.30 6.22 -1.82
N PRO A 101 -3.14 7.21 -2.36
CA PRO A 101 -3.19 8.60 -1.82
C PRO A 101 -3.34 8.66 -0.27
N LEU A 102 -4.29 7.88 0.29
CA LEU A 102 -4.58 7.86 1.74
C LEU A 102 -3.49 7.06 2.49
N LEU A 103 -3.09 5.93 1.88
CA LEU A 103 -2.06 5.00 2.42
C LEU A 103 -0.75 5.73 2.68
N ASP A 104 -0.35 6.57 1.71
CA ASP A 104 0.90 7.35 1.76
C ASP A 104 0.86 8.33 2.94
N VAL A 105 -0.25 9.08 3.05
CA VAL A 105 -0.44 10.10 4.11
C VAL A 105 -0.36 9.47 5.52
N THR A 106 -1.05 8.31 5.69
CA THR A 106 -1.09 7.59 6.97
C THR A 106 0.29 6.97 7.32
N CYS A 107 1.00 6.47 6.28
CA CYS A 107 2.36 5.89 6.43
C CYS A 107 3.38 6.98 6.80
N LYS A 108 3.14 8.22 6.32
CA LYS A 108 3.97 9.38 6.66
C LYS A 108 3.64 9.87 8.09
N THR A 109 2.36 9.79 8.51
CA THR A 109 1.92 10.22 9.84
C THR A 109 2.55 9.35 10.95
N VAL A 110 2.50 8.02 10.75
CA VAL A 110 3.10 7.04 11.68
C VAL A 110 4.64 7.16 11.69
N ALA A 111 5.21 7.50 10.53
CA ALA A 111 6.66 7.75 10.38
C ALA A 111 7.07 9.06 11.06
N ASN A 112 6.14 10.06 11.09
CA ASN A 112 6.40 11.38 11.71
C ASN A 112 6.57 11.27 13.22
N MET A 113 5.78 10.36 13.83
CA MET A 113 5.77 10.14 15.29
C MET A 113 7.14 9.64 15.79
N ILE A 114 7.82 8.85 14.96
CA ILE A 114 9.10 8.22 15.33
C ILE A 114 10.30 9.07 14.85
N ARG A 115 10.13 9.71 13.67
CA ARG A 115 11.12 10.60 13.03
C ARG A 115 10.61 10.98 11.63
N GLY A 116 9.84 12.07 11.56
CA GLY A 116 9.46 12.71 10.29
C GLY A 116 10.47 13.77 9.83
N SER B 1 16.70 -12.49 -18.15
CA SER B 1 17.55 -11.29 -18.17
C SER B 1 17.59 -10.64 -16.78
N LEU B 2 18.70 -9.95 -16.48
CA LEU B 2 18.89 -9.28 -15.17
C LEU B 2 18.89 -7.76 -15.34
N VAL B 3 17.94 -7.08 -14.70
CA VAL B 3 17.90 -5.62 -14.60
C VAL B 3 18.61 -5.18 -13.30
N LYS B 4 19.43 -4.11 -13.40
CA LYS B 4 20.23 -3.61 -12.29
C LYS B 4 19.46 -2.47 -11.60
N LEU B 5 19.19 -2.63 -10.30
CA LEU B 5 18.39 -1.67 -9.52
C LEU B 5 19.21 -1.10 -8.38
N GLU B 6 19.75 0.12 -8.55
CA GLU B 6 20.44 0.82 -7.46
C GLU B 6 19.42 1.36 -6.46
N SER B 7 19.80 1.35 -5.20
CA SER B 7 19.03 1.98 -4.12
C SER B 7 19.37 3.49 -4.04
N SER B 8 18.79 4.17 -3.05
CA SER B 8 19.15 5.55 -2.67
C SER B 8 20.62 5.59 -2.19
N ASP B 9 21.08 4.45 -1.62
CA ASP B 9 22.45 4.24 -1.14
C ASP B 9 23.39 3.81 -2.31
N GLU B 10 22.84 3.78 -3.56
CA GLU B 10 23.59 3.58 -4.83
C GLU B 10 24.17 2.16 -4.98
N LYS B 11 23.72 1.21 -4.14
CA LYS B 11 24.13 -0.21 -4.24
C LYS B 11 23.38 -0.90 -5.38
N VAL B 12 24.12 -1.54 -6.30
CA VAL B 12 23.56 -2.27 -7.45
C VAL B 12 22.92 -3.59 -6.98
N PHE B 13 21.61 -3.75 -7.22
CA PHE B 13 20.88 -5.00 -6.95
C PHE B 13 20.40 -5.61 -8.27
N GLU B 14 21.25 -6.48 -8.84
CA GLU B 14 20.94 -7.21 -10.07
C GLU B 14 19.89 -8.29 -9.76
N ILE B 15 18.66 -8.00 -10.19
CA ILE B 15 17.50 -8.87 -10.02
C ILE B 15 16.97 -9.23 -11.41
N GLU B 16 16.42 -10.43 -11.53
CA GLU B 16 15.82 -10.89 -12.76
C GLU B 16 14.58 -10.04 -13.09
N LYS B 17 14.42 -9.66 -14.37
CA LYS B 17 13.35 -8.75 -14.83
C LYS B 17 11.95 -9.34 -14.53
N GLU B 18 11.84 -10.67 -14.61
CA GLU B 18 10.63 -11.44 -14.26
C GLU B 18 10.22 -11.22 -12.78
N ILE B 19 11.22 -11.10 -11.89
CA ILE B 19 11.01 -10.82 -10.46
C ILE B 19 10.77 -9.31 -10.23
N ALA B 20 11.38 -8.47 -11.10
CA ALA B 20 11.22 -7.00 -11.07
C ALA B 20 9.83 -6.57 -11.62
N CYS B 21 9.19 -7.49 -12.36
CA CYS B 21 7.81 -7.31 -12.85
C CYS B 21 6.78 -7.46 -11.70
N MET B 22 7.17 -8.17 -10.61
CA MET B 22 6.35 -8.28 -9.37
C MET B 22 6.17 -6.89 -8.73
N SER B 23 7.19 -6.04 -8.89
CA SER B 23 7.14 -4.63 -8.52
C SER B 23 6.46 -3.86 -9.66
N VAL B 24 5.24 -3.31 -9.41
CA VAL B 24 4.47 -2.61 -10.47
C VAL B 24 5.21 -1.33 -10.93
N THR B 25 5.82 -0.60 -9.98
CA THR B 25 6.59 0.63 -10.28
C THR B 25 7.78 0.35 -11.22
N ILE B 26 8.60 -0.66 -10.85
CA ILE B 26 9.83 -1.02 -11.60
C ILE B 26 9.45 -1.65 -12.97
N LYS B 27 8.34 -2.42 -12.98
CA LYS B 27 7.74 -2.99 -14.20
C LYS B 27 7.36 -1.86 -15.18
N ASN B 28 6.70 -0.81 -14.64
CA ASN B 28 6.28 0.38 -15.41
C ASN B 28 7.50 1.14 -15.96
N MET B 29 8.60 1.17 -15.19
CA MET B 29 9.86 1.84 -15.60
C MET B 29 10.45 1.16 -16.86
N ILE B 30 10.52 -0.18 -16.81
CA ILE B 30 11.09 -1.01 -17.88
C ILE B 30 10.23 -0.92 -19.16
N GLU B 31 8.90 -0.97 -18.98
CA GLU B 31 7.92 -0.90 -20.10
C GLU B 31 7.83 0.51 -20.71
N ASP B 32 8.07 1.54 -19.89
CA ASP B 32 8.06 2.95 -20.32
C ASP B 32 9.24 3.25 -21.26
N ILE B 33 10.42 2.75 -20.87
CA ILE B 33 11.65 2.80 -21.68
C ILE B 33 11.55 1.77 -22.84
N GLY B 34 10.68 0.76 -22.64
CA GLY B 34 10.53 -0.34 -23.58
C GLY B 34 11.56 -1.42 -23.28
N GLU B 35 12.81 -1.11 -23.65
CA GLU B 35 13.98 -1.95 -23.35
C GLU B 35 14.90 -1.16 -22.42
N SER B 36 14.79 -1.40 -21.10
CA SER B 36 15.58 -0.71 -20.08
C SER B 36 16.99 -1.32 -20.01
N ASP B 37 17.86 -0.89 -20.93
CA ASP B 37 19.30 -1.25 -20.94
C ASP B 37 20.01 -0.50 -19.81
N SER B 38 19.50 0.71 -19.53
CA SER B 38 19.97 1.55 -18.44
C SER B 38 19.46 0.98 -17.10
N PRO B 39 20.31 0.95 -16.03
CA PRO B 39 19.86 0.52 -14.68
C PRO B 39 18.89 1.55 -14.06
N ILE B 40 17.88 1.05 -13.32
CA ILE B 40 16.86 1.90 -12.70
C ILE B 40 17.23 2.17 -11.22
N PRO B 41 17.73 3.40 -10.87
CA PRO B 41 17.97 3.78 -9.48
C PRO B 41 16.66 4.23 -8.78
N LEU B 42 16.56 3.92 -7.48
CA LEU B 42 15.41 4.26 -6.63
C LEU B 42 15.90 5.21 -5.51
N PRO B 43 15.92 6.58 -5.75
CA PRO B 43 16.46 7.57 -4.79
C PRO B 43 15.45 7.91 -3.66
N ASN B 44 15.14 6.89 -2.86
CA ASN B 44 14.18 6.98 -1.74
C ASN B 44 14.47 5.84 -0.74
N VAL B 45 14.38 4.60 -1.24
CA VAL B 45 14.56 3.39 -0.42
C VAL B 45 16.06 3.04 -0.25
N THR B 46 16.49 2.81 1.01
CA THR B 46 17.90 2.52 1.35
C THR B 46 18.31 1.10 0.91
N SER B 47 19.63 0.79 0.95
CA SER B 47 20.18 -0.48 0.40
C SER B 47 19.65 -1.72 1.13
N THR B 48 19.64 -1.68 2.47
CA THR B 48 19.21 -2.81 3.33
C THR B 48 17.72 -3.11 3.15
N ILE B 49 16.90 -2.05 3.10
CA ILE B 49 15.44 -2.17 2.99
C ILE B 49 15.05 -2.65 1.58
N LEU B 50 15.71 -2.07 0.54
CA LEU B 50 15.50 -2.43 -0.88
C LEU B 50 15.91 -3.89 -1.11
N GLU B 51 17.00 -4.33 -0.42
CA GLU B 51 17.48 -5.72 -0.46
C GLU B 51 16.38 -6.66 0.02
N LYS B 52 15.83 -6.36 1.20
CA LYS B 52 14.78 -7.17 1.85
C LYS B 52 13.54 -7.31 0.96
N VAL B 53 13.00 -6.18 0.49
CA VAL B 53 11.74 -6.14 -0.28
C VAL B 53 11.85 -6.96 -1.58
N LEU B 54 13.00 -6.84 -2.28
CA LEU B 54 13.30 -7.62 -3.50
C LEU B 54 13.66 -9.10 -3.19
N ASP B 55 14.23 -9.36 -2.01
CA ASP B 55 14.68 -10.72 -1.59
C ASP B 55 13.46 -11.60 -1.26
N TYR B 56 12.41 -10.96 -0.72
CA TYR B 56 11.10 -11.61 -0.51
C TYR B 56 10.49 -12.02 -1.86
N CYS B 57 10.64 -11.11 -2.86
CA CYS B 57 10.17 -11.32 -4.22
C CYS B 57 10.93 -12.51 -4.90
N ARG B 58 12.24 -12.64 -4.57
CA ARG B 58 13.08 -13.78 -5.04
C ARG B 58 12.53 -15.11 -4.49
N HIS B 59 12.20 -15.10 -3.19
CA HIS B 59 11.63 -16.25 -2.49
C HIS B 59 10.32 -16.69 -3.13
N HIS B 60 9.42 -15.73 -3.38
CA HIS B 60 8.07 -16.01 -3.90
C HIS B 60 8.10 -16.32 -5.41
N HIS B 61 9.21 -15.93 -6.07
CA HIS B 61 9.48 -16.27 -7.48
C HIS B 61 9.75 -17.77 -7.64
N GLN B 62 10.63 -18.27 -6.76
CA GLN B 62 11.15 -19.64 -6.86
C GLN B 62 10.28 -20.62 -6.06
N HIS B 63 9.47 -20.06 -5.14
CA HIS B 63 8.50 -20.79 -4.32
C HIS B 63 7.17 -20.00 -4.37
N PRO B 64 6.29 -20.27 -5.37
CA PRO B 64 4.96 -19.63 -5.46
C PRO B 64 4.05 -20.08 -4.29
N GLY B 65 4.14 -19.32 -3.18
CA GLY B 65 3.41 -19.62 -1.95
C GLY B 65 1.96 -19.16 -1.96
N GLY B 66 1.28 -19.38 -0.83
CA GLY B 66 -0.15 -19.11 -0.69
C GLY B 66 -0.87 -20.30 -0.07
N SER B 67 -0.45 -21.51 -0.50
CA SER B 67 -0.87 -22.78 0.12
C SER B 67 -0.14 -22.93 1.48
N GLY B 68 -0.75 -22.34 2.51
CA GLY B 68 -0.18 -22.26 3.85
C GLY B 68 -0.89 -21.21 4.66
N LEU B 69 -2.22 -21.38 4.79
CA LEU B 69 -3.10 -20.45 5.53
C LEU B 69 -2.66 -20.36 7.01
N ASP B 70 -2.27 -19.13 7.42
CA ASP B 70 -1.84 -18.79 8.79
C ASP B 70 -0.49 -19.48 9.18
N ASP B 71 0.12 -20.22 8.24
CA ASP B 71 1.37 -20.97 8.45
C ASP B 71 2.52 -20.24 7.75
N ILE B 72 3.18 -19.34 8.49
CA ILE B 72 4.34 -18.57 8.01
C ILE B 72 5.64 -19.33 8.36
N PRO B 73 6.47 -19.76 7.34
CA PRO B 73 7.76 -20.45 7.60
C PRO B 73 8.79 -19.51 8.29
N PRO B 74 9.76 -20.09 9.12
CA PRO B 74 10.77 -19.31 9.90
C PRO B 74 11.48 -18.18 9.11
N TYR B 75 11.80 -18.40 7.81
CA TYR B 75 12.44 -17.37 6.96
C TYR B 75 11.55 -16.12 6.85
N ASP B 76 10.31 -16.31 6.37
CA ASP B 76 9.34 -15.23 6.13
C ASP B 76 8.91 -14.57 7.45
N ARG B 77 8.95 -15.37 8.55
CA ARG B 77 8.58 -14.91 9.89
C ARG B 77 9.61 -13.90 10.41
N ASP B 78 10.89 -14.32 10.45
CA ASP B 78 12.02 -13.49 10.93
C ASP B 78 12.32 -12.33 9.95
N PHE B 79 11.92 -12.53 8.68
CA PHE B 79 12.02 -11.50 7.63
C PHE B 79 11.16 -10.27 8.02
N CYS B 80 9.90 -10.54 8.34
CA CYS B 80 8.90 -9.50 8.64
C CYS B 80 9.01 -9.02 10.08
N LYS B 81 9.51 -9.89 10.98
CA LYS B 81 9.77 -9.55 12.39
C LYS B 81 11.10 -8.80 12.48
N VAL B 82 11.02 -7.49 12.25
CA VAL B 82 12.16 -6.57 12.33
C VAL B 82 11.84 -5.45 13.33
N ASP B 83 12.79 -4.50 13.48
CA ASP B 83 12.68 -3.39 14.45
C ASP B 83 11.52 -2.46 14.06
N GLN B 84 10.94 -1.75 15.06
CA GLN B 84 9.70 -0.96 14.91
C GLN B 84 9.78 0.09 13.76
N PRO B 85 10.85 0.98 13.66
CA PRO B 85 11.05 1.87 12.49
C PRO B 85 11.28 1.10 11.16
N THR B 86 12.01 -0.03 11.25
CA THR B 86 12.36 -0.88 10.07
C THR B 86 11.09 -1.47 9.41
N LEU B 87 10.06 -1.73 10.26
CA LEU B 87 8.71 -2.17 9.81
C LEU B 87 8.08 -1.11 8.89
N PHE B 88 8.12 0.16 9.36
CA PHE B 88 7.58 1.31 8.61
C PHE B 88 8.39 1.57 7.33
N GLU B 89 9.70 1.27 7.36
CA GLU B 89 10.59 1.38 6.19
C GLU B 89 10.17 0.38 5.08
N LEU B 90 9.75 -0.83 5.49
CA LEU B 90 9.26 -1.87 4.57
C LEU B 90 7.87 -1.48 3.99
N ILE B 91 7.05 -0.79 4.80
CA ILE B 91 5.73 -0.26 4.37
C ILE B 91 5.93 0.86 3.33
N LEU B 92 6.87 1.78 3.61
CA LEU B 92 7.22 2.93 2.72
C LEU B 92 7.81 2.42 1.40
N ALA B 93 8.67 1.39 1.49
CA ALA B 93 9.36 0.80 0.34
C ALA B 93 8.39 0.03 -0.57
N ALA B 94 7.47 -0.73 0.05
CA ALA B 94 6.48 -1.55 -0.68
C ALA B 94 5.39 -0.68 -1.31
N ASN B 95 5.11 0.47 -0.68
CA ASN B 95 4.19 1.52 -1.23
C ASN B 95 4.86 2.18 -2.47
N TYR B 96 6.15 2.53 -2.31
CA TYR B 96 6.96 3.23 -3.32
C TYR B 96 7.26 2.33 -4.55
N LEU B 97 7.49 1.03 -4.30
CA LEU B 97 7.77 0.03 -5.35
C LEU B 97 6.48 -0.63 -5.84
N ASP B 98 5.37 -0.34 -5.13
CA ASP B 98 4.01 -0.78 -5.50
C ASP B 98 3.86 -2.32 -5.36
N ILE B 99 4.74 -2.93 -4.53
CA ILE B 99 4.72 -4.38 -4.25
C ILE B 99 3.69 -4.64 -3.14
N LYS B 100 2.44 -4.79 -3.56
CA LYS B 100 1.28 -5.08 -2.70
C LYS B 100 1.39 -6.48 -2.00
N PRO B 101 1.93 -7.58 -2.68
CA PRO B 101 2.27 -8.86 -1.98
C PRO B 101 3.09 -8.68 -0.68
N LEU B 102 4.16 -7.84 -0.73
CA LEU B 102 5.06 -7.58 0.42
C LEU B 102 4.37 -6.61 1.41
N LEU B 103 3.71 -5.58 0.85
CA LEU B 103 3.02 -4.52 1.61
C LEU B 103 1.95 -5.12 2.55
N ASP B 104 1.21 -6.11 2.02
CA ASP B 104 0.14 -6.81 2.75
C ASP B 104 0.71 -7.56 3.96
N VAL B 105 1.78 -8.34 3.70
CA VAL B 105 2.44 -9.16 4.73
C VAL B 105 2.99 -8.28 5.89
N THR B 106 3.65 -7.16 5.53
CA THR B 106 4.23 -6.23 6.50
C THR B 106 3.14 -5.48 7.31
N CYS B 107 2.02 -5.12 6.62
CA CYS B 107 0.86 -4.47 7.25
C CYS B 107 0.15 -5.42 8.22
N LYS B 108 0.18 -6.73 7.92
CA LYS B 108 -0.38 -7.78 8.79
C LYS B 108 0.56 -8.02 9.99
N THR B 109 1.89 -7.94 9.77
CA THR B 109 2.89 -8.15 10.83
C THR B 109 2.79 -7.07 11.92
N VAL B 110 2.69 -5.79 11.48
CA VAL B 110 2.55 -4.64 12.40
C VAL B 110 1.18 -4.67 13.11
N ALA B 111 0.15 -5.19 12.41
CA ALA B 111 -1.20 -5.38 12.95
C ALA B 111 -1.21 -6.54 13.98
N ASN B 112 -0.34 -7.55 13.76
CA ASN B 112 -0.25 -8.74 14.65
C ASN B 112 0.29 -8.37 16.03
N MET B 113 1.20 -7.39 16.07
CA MET B 113 1.84 -6.92 17.32
C MET B 113 0.82 -6.28 18.27
N ILE B 114 -0.19 -5.60 17.69
CA ILE B 114 -1.20 -4.86 18.47
C ILE B 114 -2.46 -5.73 18.73
N ARG B 115 -2.81 -6.57 17.73
CA ARG B 115 -3.94 -7.50 17.73
C ARG B 115 -4.08 -8.14 16.34
N GLY B 116 -3.36 -9.24 16.12
CA GLY B 116 -3.60 -10.12 14.96
C GLY B 116 -4.64 -11.21 15.26
N SER A 1 -26.17 8.17 -8.46
CA SER A 1 -25.00 7.33 -8.82
C SER A 1 -24.22 6.91 -7.55
N LEU A 2 -24.95 6.82 -6.41
CA LEU A 2 -24.34 6.48 -5.11
C LEU A 2 -24.16 4.95 -4.98
N VAL A 3 -22.90 4.51 -4.84
CA VAL A 3 -22.57 3.13 -4.46
C VAL A 3 -22.59 3.02 -2.92
N LYS A 4 -23.27 2.00 -2.42
CA LYS A 4 -23.53 1.83 -0.98
C LYS A 4 -22.59 0.75 -0.43
N LEU A 5 -21.83 1.11 0.62
CA LEU A 5 -20.75 0.27 1.16
C LEU A 5 -21.06 -0.07 2.63
N GLU A 6 -21.65 -1.25 2.89
CA GLU A 6 -21.89 -1.73 4.26
C GLU A 6 -20.56 -2.21 4.86
N SER A 7 -20.04 -1.43 5.82
CA SER A 7 -18.83 -1.76 6.58
C SER A 7 -19.01 -3.05 7.43
N SER A 8 -17.98 -3.36 8.24
CA SER A 8 -18.03 -4.44 9.24
C SER A 8 -19.18 -4.22 10.24
N ASP A 9 -19.50 -2.94 10.49
CA ASP A 9 -20.60 -2.52 11.40
C ASP A 9 -21.95 -2.38 10.65
N GLU A 10 -21.98 -2.85 9.37
CA GLU A 10 -23.21 -2.89 8.53
C GLU A 10 -23.78 -1.47 8.27
N LYS A 11 -22.94 -0.44 8.42
CA LYS A 11 -23.34 0.96 8.16
C LYS A 11 -23.29 1.20 6.64
N VAL A 12 -24.44 1.59 6.07
CA VAL A 12 -24.62 1.79 4.62
C VAL A 12 -23.99 3.14 4.22
N PHE A 13 -22.74 3.09 3.73
CA PHE A 13 -22.01 4.29 3.28
C PHE A 13 -22.35 4.58 1.81
N GLU A 14 -23.40 5.40 1.63
CA GLU A 14 -23.86 5.86 0.32
C GLU A 14 -22.93 7.00 -0.15
N ILE A 15 -22.01 6.68 -1.06
CA ILE A 15 -21.03 7.63 -1.59
C ILE A 15 -21.01 7.54 -3.12
N GLU A 16 -20.67 8.65 -3.80
CA GLU A 16 -20.65 8.72 -5.26
C GLU A 16 -19.68 7.67 -5.86
N LYS A 17 -20.14 7.01 -6.94
CA LYS A 17 -19.39 5.94 -7.64
C LYS A 17 -18.02 6.45 -8.12
N GLU A 18 -18.01 7.72 -8.63
CA GLU A 18 -16.80 8.40 -9.14
C GLU A 18 -15.66 8.38 -8.12
N ILE A 19 -16.04 8.51 -6.84
CA ILE A 19 -15.11 8.56 -5.71
C ILE A 19 -14.56 7.15 -5.42
N ALA A 20 -15.47 6.16 -5.47
CA ALA A 20 -15.13 4.72 -5.26
C ALA A 20 -14.42 4.09 -6.47
N CYS A 21 -14.39 4.81 -7.62
CA CYS A 21 -13.63 4.38 -8.82
C CYS A 21 -12.11 4.54 -8.63
N MET A 22 -11.71 5.47 -7.75
CA MET A 22 -10.29 5.67 -7.40
C MET A 22 -9.77 4.47 -6.57
N SER A 23 -10.68 3.91 -5.77
CA SER A 23 -10.47 2.63 -5.10
C SER A 23 -10.49 1.53 -6.17
N VAL A 24 -9.31 0.95 -6.44
CA VAL A 24 -9.13 -0.10 -7.46
C VAL A 24 -10.00 -1.33 -7.13
N THR A 25 -10.04 -1.69 -5.83
CA THR A 25 -10.75 -2.86 -5.32
C THR A 25 -12.28 -2.74 -5.50
N ILE A 26 -12.87 -1.62 -5.04
CA ILE A 26 -14.33 -1.38 -5.14
C ILE A 26 -14.75 -1.29 -6.62
N LYS A 27 -13.93 -0.58 -7.42
CA LYS A 27 -14.16 -0.39 -8.86
C LYS A 27 -14.16 -1.75 -9.59
N ASN A 28 -13.19 -2.61 -9.26
CA ASN A 28 -13.06 -3.95 -9.88
C ASN A 28 -14.22 -4.87 -9.48
N MET A 29 -14.75 -4.67 -8.26
CA MET A 29 -15.95 -5.39 -7.77
C MET A 29 -17.19 -5.00 -8.58
N ILE A 30 -17.32 -3.70 -8.88
CA ILE A 30 -18.41 -3.16 -9.71
C ILE A 30 -18.31 -3.73 -11.15
N GLU A 31 -17.10 -3.68 -11.73
CA GLU A 31 -16.81 -4.19 -13.10
C GLU A 31 -17.02 -5.72 -13.21
N ASP A 32 -16.68 -6.44 -12.13
CA ASP A 32 -16.78 -7.92 -12.05
C ASP A 32 -18.24 -8.37 -12.08
N ILE A 33 -19.08 -7.66 -11.31
CA ILE A 33 -20.54 -7.88 -11.31
C ILE A 33 -21.14 -7.37 -12.63
N GLY A 34 -20.48 -6.37 -13.25
CA GLY A 34 -20.97 -5.74 -14.48
C GLY A 34 -21.81 -4.49 -14.19
N GLU A 35 -21.70 -4.01 -12.93
CA GLU A 35 -22.39 -2.82 -12.41
C GLU A 35 -23.89 -3.09 -12.26
N SER A 36 -24.32 -3.42 -11.04
CA SER A 36 -25.72 -3.60 -10.67
C SER A 36 -26.13 -2.53 -9.65
N ASP A 37 -27.38 -2.60 -9.19
CA ASP A 37 -27.90 -1.73 -8.10
C ASP A 37 -27.49 -2.31 -6.73
N SER A 38 -26.98 -3.57 -6.74
CA SER A 38 -26.51 -4.26 -5.54
C SER A 38 -25.35 -3.47 -4.88
N PRO A 39 -25.42 -3.22 -3.54
CA PRO A 39 -24.32 -2.56 -2.80
C PRO A 39 -23.08 -3.47 -2.69
N ILE A 40 -21.91 -2.88 -2.42
CA ILE A 40 -20.64 -3.59 -2.24
C ILE A 40 -20.28 -3.55 -0.73
N PRO A 41 -20.66 -4.60 0.07
CA PRO A 41 -20.33 -4.67 1.51
C PRO A 41 -18.83 -4.95 1.72
N LEU A 42 -18.18 -4.11 2.53
CA LEU A 42 -16.76 -4.27 2.90
C LEU A 42 -16.68 -4.69 4.39
N PRO A 43 -16.82 -6.04 4.70
CA PRO A 43 -16.92 -6.52 6.11
C PRO A 43 -15.54 -6.61 6.81
N ASN A 44 -14.48 -6.31 6.04
CA ASN A 44 -13.09 -6.31 6.52
C ASN A 44 -12.81 -5.02 7.31
N VAL A 45 -13.17 -3.88 6.70
CA VAL A 45 -12.93 -2.53 7.28
C VAL A 45 -14.14 -2.10 8.13
N THR A 46 -13.86 -1.51 9.31
CA THR A 46 -14.90 -1.03 10.25
C THR A 46 -15.53 0.29 9.76
N SER A 47 -16.61 0.74 10.44
CA SER A 47 -17.43 1.88 9.99
C SER A 47 -16.70 3.23 10.13
N THR A 48 -16.10 3.47 11.31
CA THR A 48 -15.40 4.73 11.61
C THR A 48 -14.20 4.93 10.67
N ILE A 49 -13.50 3.83 10.38
CA ILE A 49 -12.30 3.84 9.54
C ILE A 49 -12.68 4.04 8.07
N LEU A 50 -13.69 3.27 7.60
CA LEU A 50 -14.21 3.36 6.22
C LEU A 50 -14.79 4.76 5.96
N GLU A 51 -15.39 5.36 7.00
CA GLU A 51 -15.96 6.72 6.93
C GLU A 51 -14.87 7.73 6.55
N LYS A 52 -13.76 7.71 7.33
CA LYS A 52 -12.60 8.59 7.10
C LYS A 52 -11.95 8.32 5.73
N VAL A 53 -11.83 7.03 5.37
CA VAL A 53 -11.27 6.59 4.08
C VAL A 53 -12.06 7.23 2.91
N LEU A 54 -13.39 7.27 3.08
CA LEU A 54 -14.29 7.86 2.09
C LEU A 54 -14.23 9.40 2.09
N ASP A 55 -13.97 10.01 3.27
CA ASP A 55 -13.89 11.49 3.42
C ASP A 55 -12.64 12.08 2.74
N TYR A 56 -11.51 11.35 2.83
CA TYR A 56 -10.26 11.71 2.10
C TYR A 56 -10.48 11.55 0.58
N CYS A 57 -11.17 10.47 0.20
CA CYS A 57 -11.51 10.20 -1.20
C CYS A 57 -12.47 11.29 -1.76
N ARG A 58 -13.37 11.80 -0.89
CA ARG A 58 -14.27 12.94 -1.21
C ARG A 58 -13.44 14.20 -1.45
N HIS A 59 -12.39 14.39 -0.60
CA HIS A 59 -11.44 15.52 -0.71
C HIS A 59 -10.77 15.54 -2.10
N HIS A 60 -10.44 14.34 -2.62
CA HIS A 60 -9.81 14.18 -3.94
C HIS A 60 -10.83 14.42 -5.08
N HIS A 61 -12.12 14.12 -4.84
CA HIS A 61 -13.17 14.35 -5.85
C HIS A 61 -13.59 15.84 -5.90
N GLN A 62 -13.43 16.53 -4.75
CA GLN A 62 -13.68 17.98 -4.64
C GLN A 62 -12.48 18.78 -5.18
N HIS A 63 -11.28 18.25 -4.93
CA HIS A 63 -9.99 18.85 -5.36
C HIS A 63 -9.09 17.71 -5.90
N PRO A 64 -9.13 17.43 -7.25
CA PRO A 64 -8.31 16.35 -7.89
C PRO A 64 -6.80 16.52 -7.65
N GLY A 65 -6.35 17.78 -7.66
CA GLY A 65 -4.94 18.11 -7.50
C GLY A 65 -4.12 17.74 -8.73
N GLY A 66 -3.54 16.53 -8.73
CA GLY A 66 -2.71 16.04 -9.83
C GLY A 66 -1.26 16.49 -9.70
N SER A 67 -1.07 17.81 -9.55
CA SER A 67 0.23 18.45 -9.33
C SER A 67 0.69 18.31 -7.85
N GLY A 68 1.90 18.81 -7.57
CA GLY A 68 2.41 18.87 -6.20
C GLY A 68 1.88 20.10 -5.46
N LEU A 69 0.71 19.95 -4.82
CA LEU A 69 0.06 21.01 -4.02
C LEU A 69 0.96 21.36 -2.81
N ASP A 70 1.82 22.39 -2.98
CA ASP A 70 2.70 22.89 -1.91
C ASP A 70 1.89 23.82 -0.96
N ASP A 71 1.03 23.18 -0.18
CA ASP A 71 0.13 23.84 0.78
C ASP A 71 -0.52 22.75 1.63
N ILE A 72 -0.28 22.82 2.96
CA ILE A 72 -0.88 21.87 3.92
C ILE A 72 -2.28 22.37 4.33
N PRO A 73 -3.39 21.65 3.95
CA PRO A 73 -4.75 22.02 4.33
C PRO A 73 -5.05 21.59 5.80
N PRO A 74 -5.60 22.52 6.66
CA PRO A 74 -5.99 22.22 8.07
C PRO A 74 -6.86 20.94 8.21
N TYR A 75 -7.76 20.73 7.25
CA TYR A 75 -8.65 19.54 7.21
C TYR A 75 -7.85 18.23 7.17
N ASP A 76 -6.94 18.12 6.19
CA ASP A 76 -6.16 16.90 5.93
C ASP A 76 -5.13 16.65 7.05
N ARG A 77 -4.69 17.74 7.70
CA ARG A 77 -3.82 17.67 8.88
C ARG A 77 -4.56 17.03 10.07
N ASP A 78 -5.79 17.54 10.34
CA ASP A 78 -6.67 17.00 11.42
C ASP A 78 -7.17 15.59 11.08
N PHE A 79 -7.20 15.26 9.77
CA PHE A 79 -7.57 13.94 9.27
C PHE A 79 -6.57 12.87 9.75
N CYS A 80 -5.28 13.22 9.66
CA CYS A 80 -4.17 12.33 10.05
C CYS A 80 -4.02 12.25 11.59
N LYS A 81 -4.71 13.16 12.33
CA LYS A 81 -4.73 13.15 13.81
C LYS A 81 -5.70 12.07 14.32
N VAL A 82 -5.20 10.84 14.38
CA VAL A 82 -5.92 9.67 14.94
C VAL A 82 -4.97 8.91 15.89
N ASP A 83 -5.52 7.95 16.66
CA ASP A 83 -4.73 7.17 17.66
C ASP A 83 -3.85 6.12 16.93
N GLN A 84 -2.93 5.47 17.69
CA GLN A 84 -1.90 4.56 17.10
C GLN A 84 -2.51 3.33 16.37
N PRO A 85 -3.45 2.51 17.00
CA PRO A 85 -4.12 1.38 16.27
C PRO A 85 -4.92 1.89 15.05
N THR A 86 -5.52 3.09 15.21
CA THR A 86 -6.37 3.74 14.19
C THR A 86 -5.54 4.15 12.95
N LEU A 87 -4.27 4.52 13.17
CA LEU A 87 -3.29 4.80 12.10
C LEU A 87 -3.08 3.55 11.23
N PHE A 88 -2.86 2.40 11.89
CA PHE A 88 -2.68 1.09 11.22
C PHE A 88 -3.96 0.63 10.52
N GLU A 89 -5.12 1.01 11.08
CA GLU A 89 -6.44 0.71 10.48
C GLU A 89 -6.63 1.45 9.15
N LEU A 90 -6.12 2.71 9.08
CA LEU A 90 -6.15 3.53 7.85
C LEU A 90 -5.16 2.98 6.79
N ILE A 91 -4.01 2.43 7.27
CA ILE A 91 -3.02 1.74 6.41
C ILE A 91 -3.66 0.48 5.79
N LEU A 92 -4.31 -0.33 6.66
CA LEU A 92 -4.94 -1.60 6.28
C LEU A 92 -6.10 -1.36 5.30
N ALA A 93 -6.93 -0.35 5.58
CA ALA A 93 -8.13 -0.04 4.79
C ALA A 93 -7.77 0.50 3.40
N ALA A 94 -6.79 1.42 3.36
CA ALA A 94 -6.33 2.05 2.10
C ALA A 94 -5.61 1.02 1.20
N ASN A 95 -4.83 0.11 1.82
CA ASN A 95 -4.16 -1.00 1.11
C ASN A 95 -5.18 -2.04 0.61
N TYR A 96 -6.22 -2.29 1.45
CA TYR A 96 -7.34 -3.22 1.14
C TYR A 96 -8.17 -2.71 -0.05
N LEU A 97 -8.27 -1.38 -0.16
CA LEU A 97 -9.03 -0.72 -1.25
C LEU A 97 -8.11 -0.22 -2.38
N ASP A 98 -6.77 -0.36 -2.15
CA ASP A 98 -5.72 0.04 -3.12
C ASP A 98 -5.79 1.54 -3.47
N ILE A 99 -6.27 2.34 -2.50
CA ILE A 99 -6.29 3.80 -2.58
C ILE A 99 -4.87 4.31 -2.26
N LYS A 100 -4.05 4.39 -3.32
CA LYS A 100 -2.64 4.82 -3.24
C LYS A 100 -2.45 6.22 -2.58
N PRO A 101 -3.27 7.29 -2.92
CA PRO A 101 -3.13 8.64 -2.27
C PRO A 101 -3.17 8.58 -0.71
N LEU A 102 -4.22 7.93 -0.18
CA LEU A 102 -4.44 7.81 1.29
C LEU A 102 -3.33 6.97 1.93
N LEU A 103 -3.04 5.83 1.29
CA LEU A 103 -2.05 4.84 1.77
C LEU A 103 -0.65 5.48 1.88
N ASP A 104 -0.30 6.30 0.88
CA ASP A 104 0.99 7.02 0.80
C ASP A 104 1.13 7.96 2.00
N VAL A 105 0.09 8.78 2.24
CA VAL A 105 0.05 9.76 3.32
C VAL A 105 0.19 9.08 4.70
N THR A 106 -0.65 8.06 4.96
CA THR A 106 -0.77 7.43 6.29
C THR A 106 0.49 6.60 6.67
N CYS A 107 1.10 5.95 5.66
CA CYS A 107 2.37 5.21 5.84
C CYS A 107 3.51 6.19 6.20
N LYS A 108 3.46 7.40 5.62
CA LYS A 108 4.41 8.48 5.93
C LYS A 108 4.08 9.15 7.29
N THR A 109 2.78 9.19 7.66
CA THR A 109 2.32 9.78 8.94
C THR A 109 2.89 9.00 10.15
N VAL A 110 2.78 7.65 10.08
CA VAL A 110 3.36 6.76 11.11
C VAL A 110 4.90 6.85 11.11
N ALA A 111 5.48 7.08 9.91
CA ALA A 111 6.92 7.27 9.74
C ALA A 111 7.40 8.62 10.30
N ASN A 112 6.51 9.64 10.35
CA ASN A 112 6.83 10.98 10.90
C ASN A 112 6.98 10.93 12.44
N MET A 113 6.34 9.94 13.08
CA MET A 113 6.43 9.76 14.55
C MET A 113 7.82 9.21 14.95
N ILE A 114 8.36 8.34 14.10
CA ILE A 114 9.67 7.67 14.31
C ILE A 114 10.79 8.36 13.50
N ARG A 115 10.45 9.48 12.81
CA ARG A 115 11.28 10.19 11.78
C ARG A 115 12.73 10.55 12.25
N GLY A 116 13.59 9.55 12.39
CA GLY A 116 14.99 9.69 12.80
C GLY A 116 15.86 10.64 11.93
N SER B 1 19.39 -10.60 -18.01
CA SER B 1 18.18 -9.76 -17.91
C SER B 1 18.09 -9.11 -16.52
N LEU B 2 19.25 -8.84 -15.91
CA LEU B 2 19.33 -8.27 -14.55
C LEU B 2 19.20 -6.73 -14.59
N VAL B 3 18.14 -6.21 -13.96
CA VAL B 3 17.99 -4.77 -13.70
C VAL B 3 18.73 -4.44 -12.39
N LYS B 4 19.55 -3.40 -12.43
CA LYS B 4 20.44 -3.01 -11.33
C LYS B 4 19.85 -1.81 -10.59
N LEU B 5 19.68 -1.96 -9.27
CA LEU B 5 18.98 -0.98 -8.42
C LEU B 5 19.93 -0.44 -7.35
N GLU B 6 20.54 0.73 -7.59
CA GLU B 6 21.38 1.40 -6.57
C GLU B 6 20.48 2.03 -5.51
N SER B 7 20.52 1.44 -4.32
CA SER B 7 19.80 1.94 -3.14
C SER B 7 20.32 3.33 -2.68
N SER B 8 19.78 3.81 -1.55
CA SER B 8 20.26 5.04 -0.87
C SER B 8 21.76 4.91 -0.49
N ASP B 9 22.19 3.66 -0.22
CA ASP B 9 23.59 3.32 0.10
C ASP B 9 24.42 3.00 -1.17
N GLU B 10 23.85 3.28 -2.36
CA GLU B 10 24.52 3.13 -3.68
C GLU B 10 24.92 1.67 -3.99
N LYS B 11 24.30 0.70 -3.28
CA LYS B 11 24.56 -0.73 -3.46
C LYS B 11 23.82 -1.21 -4.71
N VAL B 12 24.58 -1.75 -5.68
CA VAL B 12 24.06 -2.18 -6.99
C VAL B 12 23.37 -3.55 -6.84
N PHE B 13 22.04 -3.51 -6.67
CA PHE B 13 21.20 -4.72 -6.54
C PHE B 13 20.80 -5.25 -7.92
N GLU B 14 21.66 -6.13 -8.44
CA GLU B 14 21.46 -6.81 -9.72
C GLU B 14 20.45 -7.96 -9.53
N ILE B 15 19.21 -7.73 -9.91
CA ILE B 15 18.11 -8.70 -9.76
C ILE B 15 17.37 -8.83 -11.10
N GLU B 16 16.78 -10.01 -11.36
CA GLU B 16 16.07 -10.30 -12.61
C GLU B 16 14.90 -9.32 -12.84
N LYS B 17 14.78 -8.85 -14.08
CA LYS B 17 13.76 -7.87 -14.51
C LYS B 17 12.35 -8.37 -14.21
N GLU B 18 12.13 -9.69 -14.44
CA GLU B 18 10.84 -10.39 -14.22
C GLU B 18 10.31 -10.13 -12.79
N ILE B 19 11.25 -10.11 -11.84
CA ILE B 19 10.98 -9.94 -10.41
C ILE B 19 10.60 -8.46 -10.12
N ALA B 20 11.34 -7.55 -10.75
CA ALA B 20 11.11 -6.08 -10.64
C ALA B 20 9.89 -5.60 -11.45
N CYS B 21 9.34 -6.48 -12.33
CA CYS B 21 8.11 -6.20 -13.10
C CYS B 21 6.86 -6.25 -12.20
N MET B 22 6.94 -7.01 -11.09
CA MET B 22 5.85 -7.07 -10.09
C MET B 22 5.75 -5.74 -9.33
N SER B 23 6.92 -5.11 -9.13
CA SER B 23 7.01 -3.74 -8.66
C SER B 23 6.50 -2.81 -9.76
N VAL B 24 5.31 -2.22 -9.54
CA VAL B 24 4.65 -1.33 -10.51
C VAL B 24 5.54 -0.11 -10.81
N THR B 25 6.18 0.43 -9.76
CA THR B 25 7.03 1.64 -9.84
C THR B 25 8.28 1.41 -10.72
N ILE B 26 9.06 0.34 -10.40
CA ILE B 26 10.31 0.01 -11.14
C ILE B 26 9.98 -0.33 -12.61
N LYS B 27 8.88 -1.11 -12.80
CA LYS B 27 8.42 -1.52 -14.14
C LYS B 27 8.05 -0.30 -14.99
N ASN B 28 7.32 0.66 -14.37
CA ASN B 28 6.89 1.89 -15.06
C ASN B 28 8.07 2.79 -15.41
N MET B 29 9.12 2.77 -14.57
CA MET B 29 10.38 3.49 -14.84
C MET B 29 11.10 2.90 -16.07
N ILE B 30 11.11 1.56 -16.16
CA ILE B 30 11.69 0.84 -17.31
C ILE B 30 10.91 1.18 -18.60
N GLU B 31 9.56 1.12 -18.53
CA GLU B 31 8.66 1.42 -19.67
C GLU B 31 8.75 2.89 -20.11
N ASP B 32 8.94 3.80 -19.12
CA ASP B 32 9.02 5.26 -19.33
C ASP B 32 10.29 5.64 -20.12
N ILE B 33 11.41 5.00 -19.74
CA ILE B 33 12.69 5.14 -20.45
C ILE B 33 12.62 4.39 -21.82
N GLY B 34 11.76 3.37 -21.88
CA GLY B 34 11.63 2.52 -23.08
C GLY B 34 12.57 1.32 -23.02
N GLU B 35 13.06 1.01 -21.80
CA GLU B 35 13.94 -0.12 -21.49
C GLU B 35 15.34 0.08 -22.10
N SER B 36 16.27 0.58 -21.28
CA SER B 36 17.68 0.77 -21.64
C SER B 36 18.54 -0.18 -20.79
N ASP B 37 19.86 -0.10 -20.98
CA ASP B 37 20.84 -0.83 -20.15
C ASP B 37 21.14 -0.03 -18.86
N SER B 38 20.67 1.23 -18.83
CA SER B 38 20.80 2.13 -17.68
C SER B 38 20.09 1.52 -16.43
N PRO B 39 20.77 1.51 -15.25
CA PRO B 39 20.16 1.04 -13.98
C PRO B 39 19.09 2.01 -13.46
N ILE B 40 18.22 1.50 -12.57
CA ILE B 40 17.17 2.30 -11.94
C ILE B 40 17.56 2.51 -10.45
N PRO B 41 18.25 3.65 -10.11
CA PRO B 41 18.64 3.95 -8.71
C PRO B 41 17.42 4.35 -7.87
N LEU B 42 17.24 3.67 -6.73
CA LEU B 42 16.17 3.97 -5.77
C LEU B 42 16.79 4.62 -4.50
N PRO B 43 17.02 5.99 -4.50
CA PRO B 43 17.74 6.68 -3.40
C PRO B 43 16.84 6.94 -2.17
N ASN B 44 15.55 6.58 -2.30
CA ASN B 44 14.54 6.72 -1.23
C ASN B 44 14.73 5.59 -0.21
N VAL B 45 14.79 4.35 -0.71
CA VAL B 45 14.89 3.13 0.12
C VAL B 45 16.37 2.77 0.36
N THR B 46 16.71 2.39 1.60
CA THR B 46 18.07 2.01 2.01
C THR B 46 18.44 0.58 1.51
N SER B 47 19.72 0.19 1.67
CA SER B 47 20.25 -1.05 1.07
C SER B 47 19.70 -2.32 1.75
N THR B 48 19.72 -2.34 3.09
CA THR B 48 19.29 -3.50 3.89
C THR B 48 17.79 -3.80 3.68
N ILE B 49 17.01 -2.71 3.56
CA ILE B 49 15.56 -2.79 3.40
C ILE B 49 15.21 -3.23 1.97
N LEU B 50 15.87 -2.59 0.97
CA LEU B 50 15.67 -2.93 -0.46
C LEU B 50 16.10 -4.38 -0.74
N GLU B 51 17.13 -4.84 -0.01
CA GLU B 51 17.64 -6.22 -0.12
C GLU B 51 16.53 -7.21 0.22
N LYS B 52 15.92 -7.03 1.41
CA LYS B 52 14.80 -7.87 1.90
C LYS B 52 13.58 -7.76 0.97
N VAL B 53 13.28 -6.54 0.50
CA VAL B 53 12.16 -6.28 -0.42
C VAL B 53 12.31 -7.13 -1.70
N LEU B 54 13.56 -7.22 -2.18
CA LEU B 54 13.92 -8.00 -3.37
C LEU B 54 13.90 -9.52 -3.09
N ASP B 55 14.24 -9.93 -1.85
CA ASP B 55 14.28 -11.35 -1.44
C ASP B 55 12.87 -11.98 -1.36
N TYR B 56 11.89 -11.19 -0.88
CA TYR B 56 10.46 -11.58 -0.86
C TYR B 56 9.93 -11.67 -2.30
N CYS B 57 10.33 -10.71 -3.13
CA CYS B 57 9.97 -10.66 -4.54
C CYS B 57 10.58 -11.88 -5.30
N ARG B 58 11.80 -12.29 -4.90
CA ARG B 58 12.46 -13.51 -5.40
C ARG B 58 11.66 -14.75 -5.01
N HIS B 59 11.15 -14.75 -3.75
CA HIS B 59 10.29 -15.83 -3.22
C HIS B 59 9.04 -16.03 -4.11
N HIS B 60 8.47 -14.91 -4.60
CA HIS B 60 7.30 -14.93 -5.48
C HIS B 60 7.66 -15.39 -6.91
N HIS B 61 8.89 -15.12 -7.36
CA HIS B 61 9.35 -15.56 -8.71
C HIS B 61 9.72 -17.06 -8.70
N GLN B 62 10.17 -17.55 -7.54
CA GLN B 62 10.48 -18.97 -7.31
C GLN B 62 9.20 -19.77 -7.10
N HIS B 63 8.23 -19.15 -6.39
CA HIS B 63 6.92 -19.75 -6.08
C HIS B 63 5.83 -18.67 -6.30
N PRO B 64 5.22 -18.61 -7.54
CA PRO B 64 4.16 -17.60 -7.88
C PRO B 64 2.95 -17.67 -6.93
N GLY B 65 2.58 -18.89 -6.54
CA GLY B 65 1.44 -19.13 -5.68
C GLY B 65 0.11 -18.89 -6.41
N GLY B 66 -0.41 -17.65 -6.32
CA GLY B 66 -1.68 -17.27 -6.96
C GLY B 66 -2.88 -17.63 -6.09
N SER B 67 -2.93 -18.90 -5.65
CA SER B 67 -3.98 -19.42 -4.76
C SER B 67 -3.71 -19.03 -3.29
N GLY B 68 -4.61 -19.44 -2.39
CA GLY B 68 -4.43 -19.26 -0.95
C GLY B 68 -3.59 -20.37 -0.35
N LEU B 69 -2.24 -20.20 -0.39
CA LEU B 69 -1.28 -21.17 0.18
C LEU B 69 -1.47 -21.28 1.70
N ASP B 70 -2.27 -22.28 2.11
CA ASP B 70 -2.54 -22.58 3.53
C ASP B 70 -1.37 -23.39 4.12
N ASP B 71 -0.24 -22.68 4.30
CA ASP B 71 1.03 -23.24 4.79
C ASP B 71 1.99 -22.08 5.06
N ILE B 72 2.39 -21.90 6.32
CA ILE B 72 3.33 -20.84 6.74
C ILE B 72 4.78 -21.34 6.53
N PRO B 73 5.54 -20.74 5.55
CA PRO B 73 6.94 -21.12 5.31
C PRO B 73 7.89 -20.50 6.38
N PRO B 74 8.80 -21.31 7.01
CA PRO B 74 9.80 -20.82 8.01
C PRO B 74 10.59 -19.58 7.53
N TYR B 75 10.94 -19.57 6.23
CA TYR B 75 11.67 -18.45 5.60
C TYR B 75 10.90 -17.12 5.73
N ASP B 76 9.64 -17.12 5.27
CA ASP B 76 8.78 -15.91 5.23
C ASP B 76 8.40 -15.44 6.65
N ARG B 77 8.36 -16.39 7.60
CA ARG B 77 8.15 -16.10 9.03
C ARG B 77 9.35 -15.32 9.60
N ASP B 78 10.57 -15.85 9.34
CA ASP B 78 11.85 -15.21 9.77
C ASP B 78 12.08 -13.89 9.00
N PHE B 79 11.48 -13.77 7.81
CA PHE B 79 11.54 -12.55 6.98
C PHE B 79 10.87 -11.37 7.71
N CYS B 80 9.67 -11.66 8.27
CA CYS B 80 8.86 -10.67 9.00
C CYS B 80 9.47 -10.34 10.39
N LYS B 81 10.45 -11.17 10.84
CA LYS B 81 11.16 -10.94 12.12
C LYS B 81 12.22 -9.84 11.94
N VAL B 82 11.77 -8.59 12.04
CA VAL B 82 12.63 -7.38 12.01
C VAL B 82 12.23 -6.44 13.17
N ASP B 83 13.04 -5.40 13.42
CA ASP B 83 12.81 -4.45 14.54
C ASP B 83 11.68 -3.45 14.16
N GLN B 84 11.19 -2.65 15.13
CA GLN B 84 10.00 -1.79 14.96
C GLN B 84 10.15 -0.73 13.83
N PRO B 85 11.24 0.14 13.80
CA PRO B 85 11.46 1.09 12.67
C PRO B 85 11.60 0.37 11.32
N THR B 86 12.25 -0.82 11.37
CA THR B 86 12.53 -1.65 10.18
C THR B 86 11.23 -2.22 9.56
N LEU B 87 10.22 -2.48 10.43
CA LEU B 87 8.85 -2.87 10.01
C LEU B 87 8.23 -1.76 9.13
N PHE B 88 8.32 -0.51 9.63
CA PHE B 88 7.81 0.68 8.92
C PHE B 88 8.60 0.96 7.64
N GLU B 89 9.89 0.62 7.64
CA GLU B 89 10.76 0.76 6.46
C GLU B 89 10.32 -0.20 5.34
N LEU B 90 9.88 -1.41 5.71
CA LEU B 90 9.34 -2.41 4.77
C LEU B 90 7.96 -1.98 4.23
N ILE B 91 7.15 -1.31 5.09
CA ILE B 91 5.86 -0.71 4.69
C ILE B 91 6.09 0.41 3.65
N LEU B 92 7.06 1.31 3.98
CA LEU B 92 7.41 2.47 3.13
C LEU B 92 7.96 2.03 1.77
N ALA B 93 8.86 1.03 1.80
CA ALA B 93 9.56 0.52 0.60
C ALA B 93 8.60 -0.20 -0.35
N ALA B 94 7.72 -1.04 0.23
CA ALA B 94 6.74 -1.83 -0.54
C ALA B 94 5.66 -0.93 -1.16
N ASN B 95 5.23 0.11 -0.41
CA ASN B 95 4.28 1.13 -0.90
C ASN B 95 4.92 2.04 -1.98
N TYR B 96 6.22 2.35 -1.77
CA TYR B 96 7.05 3.15 -2.70
C TYR B 96 7.26 2.41 -4.03
N LEU B 97 7.31 1.07 -3.98
CA LEU B 97 7.48 0.21 -5.16
C LEU B 97 6.15 -0.39 -5.64
N ASP B 98 5.07 -0.16 -4.85
CA ASP B 98 3.70 -0.65 -5.12
C ASP B 98 3.64 -2.19 -5.20
N ILE B 99 4.54 -2.84 -4.47
CA ILE B 99 4.55 -4.30 -4.31
C ILE B 99 3.48 -4.68 -3.28
N LYS B 100 2.25 -4.88 -3.82
CA LYS B 100 1.05 -5.21 -3.03
C LYS B 100 1.22 -6.49 -2.14
N PRO B 101 1.81 -7.64 -2.64
CA PRO B 101 2.03 -8.85 -1.78
C PRO B 101 2.80 -8.56 -0.47
N LEU B 102 3.97 -7.90 -0.59
CA LEU B 102 4.85 -7.56 0.55
C LEU B 102 4.16 -6.57 1.50
N LEU B 103 3.57 -5.52 0.90
CA LEU B 103 2.90 -4.44 1.62
C LEU B 103 1.74 -4.96 2.47
N ASP B 104 0.97 -5.91 1.89
CA ASP B 104 -0.18 -6.56 2.53
C ASP B 104 0.27 -7.30 3.80
N VAL B 105 1.33 -8.12 3.65
CA VAL B 105 1.90 -8.93 4.74
C VAL B 105 2.42 -8.05 5.89
N THR B 106 3.25 -7.05 5.56
CA THR B 106 3.96 -6.22 6.56
C THR B 106 3.02 -5.29 7.34
N CYS B 107 1.98 -4.76 6.65
CA CYS B 107 0.93 -3.94 7.29
C CYS B 107 0.11 -4.79 8.30
N LYS B 108 -0.08 -6.08 7.97
CA LYS B 108 -0.73 -7.05 8.86
C LYS B 108 0.22 -7.51 9.99
N THR B 109 1.55 -7.57 9.70
CA THR B 109 2.56 -7.99 10.70
C THR B 109 2.61 -7.00 11.88
N VAL B 110 2.63 -5.68 11.56
CA VAL B 110 2.59 -4.62 12.56
C VAL B 110 1.24 -4.61 13.31
N ALA B 111 0.17 -4.99 12.57
CA ALA B 111 -1.19 -5.12 13.12
C ALA B 111 -1.32 -6.34 14.05
N ASN B 112 -0.49 -7.38 13.83
CA ASN B 112 -0.48 -8.61 14.70
C ASN B 112 0.11 -8.32 16.10
N MET B 113 0.96 -7.30 16.20
CA MET B 113 1.56 -6.89 17.48
C MET B 113 0.51 -6.22 18.40
N ILE B 114 -0.40 -5.46 17.77
CA ILE B 114 -1.47 -4.68 18.45
C ILE B 114 -2.87 -5.39 18.36
N ARG B 115 -2.86 -6.61 17.79
CA ARG B 115 -4.02 -7.37 17.23
C ARG B 115 -5.38 -7.31 18.00
N GLY B 116 -5.38 -6.91 19.28
CA GLY B 116 -6.61 -6.70 20.11
C GLY B 116 -7.76 -7.73 19.99
N SER A 1 -25.75 8.50 -9.73
CA SER A 1 -26.33 8.28 -8.39
C SER A 1 -25.28 7.75 -7.39
N LEU A 2 -25.53 8.00 -6.10
CA LEU A 2 -24.64 7.57 -5.00
C LEU A 2 -24.66 6.03 -4.86
N VAL A 3 -23.50 5.38 -5.06
CA VAL A 3 -23.37 3.92 -4.85
C VAL A 3 -23.22 3.64 -3.35
N LYS A 4 -24.08 2.74 -2.86
CA LYS A 4 -24.21 2.44 -1.44
C LYS A 4 -23.23 1.32 -1.06
N LEU A 5 -22.25 1.65 -0.23
CA LEU A 5 -21.22 0.71 0.22
C LEU A 5 -21.36 0.52 1.73
N GLU A 6 -21.93 -0.62 2.13
CA GLU A 6 -22.14 -0.93 3.55
C GLU A 6 -20.81 -1.37 4.19
N SER A 7 -20.69 -1.10 5.48
CA SER A 7 -19.51 -1.47 6.28
C SER A 7 -19.67 -2.87 6.89
N SER A 8 -18.70 -3.25 7.74
CA SER A 8 -18.79 -4.43 8.61
C SER A 8 -20.03 -4.30 9.54
N ASP A 9 -20.33 -3.05 9.92
CA ASP A 9 -21.50 -2.70 10.76
C ASP A 9 -22.79 -2.56 9.93
N GLU A 10 -22.68 -2.81 8.60
CA GLU A 10 -23.81 -2.78 7.64
C GLU A 10 -24.41 -1.37 7.50
N LYS A 11 -23.61 -0.33 7.87
CA LYS A 11 -24.02 1.06 7.73
C LYS A 11 -23.82 1.52 6.28
N VAL A 12 -24.91 2.01 5.67
CA VAL A 12 -24.99 2.35 4.24
C VAL A 12 -24.27 3.68 3.97
N PHE A 13 -23.06 3.60 3.39
CA PHE A 13 -22.30 4.80 2.97
C PHE A 13 -22.58 5.07 1.49
N GLU A 14 -23.56 5.95 1.26
CA GLU A 14 -23.96 6.38 -0.09
C GLU A 14 -22.90 7.34 -0.65
N ILE A 15 -21.82 6.75 -1.13
CA ILE A 15 -20.66 7.49 -1.65
C ILE A 15 -20.85 7.72 -3.16
N GLU A 16 -20.36 8.85 -3.63
CA GLU A 16 -20.41 9.23 -5.04
C GLU A 16 -19.54 8.22 -5.85
N LYS A 17 -20.09 7.75 -6.99
CA LYS A 17 -19.54 6.59 -7.73
C LYS A 17 -18.09 6.82 -8.23
N GLU A 18 -17.77 8.06 -8.62
CA GLU A 18 -16.42 8.43 -9.10
C GLU A 18 -15.41 8.46 -7.92
N ILE A 19 -15.91 8.72 -6.70
CA ILE A 19 -15.10 8.63 -5.46
C ILE A 19 -14.84 7.15 -5.11
N ALA A 20 -15.85 6.29 -5.38
CA ALA A 20 -15.72 4.83 -5.24
C ALA A 20 -14.79 4.25 -6.32
N CYS A 21 -14.67 4.98 -7.46
CA CYS A 21 -13.71 4.64 -8.53
C CYS A 21 -12.28 5.05 -8.14
N MET A 22 -12.14 6.10 -7.28
CA MET A 22 -10.83 6.49 -6.70
C MET A 22 -10.25 5.34 -5.85
N SER A 23 -11.17 4.59 -5.23
CA SER A 23 -10.87 3.29 -4.65
C SER A 23 -10.73 2.28 -5.80
N VAL A 24 -9.48 1.91 -6.13
CA VAL A 24 -9.17 1.09 -7.32
C VAL A 24 -9.79 -0.32 -7.22
N THR A 25 -9.77 -0.91 -6.01
CA THR A 25 -10.37 -2.25 -5.76
C THR A 25 -11.89 -2.25 -6.04
N ILE A 26 -12.60 -1.25 -5.49
CA ILE A 26 -14.06 -1.11 -5.69
C ILE A 26 -14.37 -0.80 -7.16
N LYS A 27 -13.52 0.05 -7.79
CA LYS A 27 -13.61 0.41 -9.22
C LYS A 27 -13.55 -0.85 -10.10
N ASN A 28 -12.58 -1.74 -9.79
CA ASN A 28 -12.34 -2.99 -10.53
C ASN A 28 -13.58 -3.90 -10.44
N MET A 29 -14.15 -4.00 -9.22
CA MET A 29 -15.38 -4.77 -8.96
C MET A 29 -16.55 -4.26 -9.82
N ILE A 30 -16.71 -2.92 -9.86
CA ILE A 30 -17.75 -2.24 -10.67
C ILE A 30 -17.60 -2.62 -12.16
N GLU A 31 -16.34 -2.56 -12.66
CA GLU A 31 -16.00 -2.86 -14.06
C GLU A 31 -16.31 -4.33 -14.42
N ASP A 32 -16.01 -5.27 -13.49
CA ASP A 32 -16.24 -6.71 -13.69
C ASP A 32 -17.74 -7.01 -13.84
N ILE A 33 -18.54 -6.39 -12.97
CA ILE A 33 -20.01 -6.57 -12.95
C ILE A 33 -20.64 -5.88 -14.20
N GLY A 34 -19.99 -4.82 -14.70
CA GLY A 34 -20.51 -4.04 -15.83
C GLY A 34 -21.29 -2.80 -15.38
N GLU A 35 -20.96 -2.34 -14.16
CA GLU A 35 -21.56 -1.16 -13.50
C GLU A 35 -23.04 -1.41 -13.15
N SER A 36 -23.28 -1.90 -11.94
CA SER A 36 -24.62 -2.25 -11.45
C SER A 36 -25.11 -1.25 -10.40
N ASP A 37 -26.44 -1.26 -10.15
CA ASP A 37 -27.08 -0.47 -9.09
C ASP A 37 -26.89 -1.15 -7.72
N SER A 38 -26.57 -2.47 -7.76
CA SER A 38 -26.44 -3.32 -6.57
C SER A 38 -25.40 -2.76 -5.57
N PRO A 39 -25.79 -2.55 -4.27
CA PRO A 39 -24.87 -2.03 -3.23
C PRO A 39 -23.79 -3.07 -2.87
N ILE A 40 -22.52 -2.60 -2.77
CA ILE A 40 -21.37 -3.48 -2.52
C ILE A 40 -20.87 -3.28 -1.07
N PRO A 41 -21.29 -4.17 -0.10
CA PRO A 41 -20.79 -4.11 1.29
C PRO A 41 -19.35 -4.66 1.41
N LEU A 42 -18.48 -3.92 2.08
CA LEU A 42 -17.12 -4.36 2.42
C LEU A 42 -17.10 -4.77 3.91
N PRO A 43 -17.26 -6.12 4.23
CA PRO A 43 -17.37 -6.60 5.63
C PRO A 43 -16.02 -6.63 6.38
N ASN A 44 -14.91 -6.41 5.64
CA ASN A 44 -13.55 -6.34 6.21
C ASN A 44 -13.38 -5.04 7.02
N VAL A 45 -13.72 -3.90 6.40
CA VAL A 45 -13.51 -2.57 6.97
C VAL A 45 -14.76 -2.15 7.79
N THR A 46 -14.53 -1.59 8.99
CA THR A 46 -15.59 -1.16 9.91
C THR A 46 -16.18 0.19 9.47
N SER A 47 -17.27 0.62 10.14
CA SER A 47 -18.03 1.83 9.77
C SER A 47 -17.22 3.10 9.93
N THR A 48 -16.56 3.26 11.09
CA THR A 48 -15.76 4.44 11.42
C THR A 48 -14.56 4.59 10.46
N ILE A 49 -13.85 3.48 10.21
CA ILE A 49 -12.64 3.50 9.36
C ILE A 49 -13.03 3.72 7.89
N LEU A 50 -14.09 3.02 7.42
CA LEU A 50 -14.61 3.17 6.03
C LEU A 50 -15.09 4.60 5.79
N GLU A 51 -15.77 5.18 6.80
CA GLU A 51 -16.27 6.56 6.76
C GLU A 51 -15.13 7.55 6.53
N LYS A 52 -14.07 7.39 7.35
CA LYS A 52 -12.91 8.29 7.34
C LYS A 52 -12.11 8.17 6.04
N VAL A 53 -11.91 6.94 5.56
CA VAL A 53 -11.14 6.69 4.33
C VAL A 53 -11.90 7.24 3.09
N LEU A 54 -13.25 7.11 3.10
CA LEU A 54 -14.12 7.72 2.06
C LEU A 54 -14.19 9.24 2.22
N ASP A 55 -14.07 9.73 3.48
CA ASP A 55 -14.15 11.17 3.82
C ASP A 55 -12.90 11.90 3.30
N TYR A 56 -11.74 11.20 3.36
CA TYR A 56 -10.50 11.65 2.74
C TYR A 56 -10.64 11.61 1.20
N CYS A 57 -11.22 10.51 0.68
CA CYS A 57 -11.42 10.35 -0.77
C CYS A 57 -12.33 11.46 -1.34
N ARG A 58 -13.28 11.94 -0.50
CA ARG A 58 -14.13 13.12 -0.81
C ARG A 58 -13.25 14.38 -0.88
N HIS A 59 -12.42 14.56 0.17
CA HIS A 59 -11.46 15.68 0.29
C HIS A 59 -10.53 15.78 -0.95
N HIS A 60 -9.99 14.63 -1.36
CA HIS A 60 -9.02 14.54 -2.47
C HIS A 60 -9.75 14.57 -3.84
N HIS A 61 -11.08 14.34 -3.82
CA HIS A 61 -11.92 14.38 -5.02
C HIS A 61 -12.25 15.84 -5.38
N GLN A 62 -12.66 16.61 -4.35
CA GLN A 62 -13.05 18.01 -4.51
C GLN A 62 -11.81 18.88 -4.76
N HIS A 63 -10.67 18.43 -4.19
CA HIS A 63 -9.35 19.05 -4.39
C HIS A 63 -8.32 17.95 -4.66
N PRO A 64 -7.94 17.70 -5.96
CA PRO A 64 -6.77 16.82 -6.31
C PRO A 64 -5.50 17.18 -5.51
N GLY A 65 -5.33 18.50 -5.29
CA GLY A 65 -4.34 19.04 -4.38
C GLY A 65 -5.00 19.65 -3.16
N GLY A 66 -4.86 20.99 -2.99
CA GLY A 66 -5.42 21.71 -1.84
C GLY A 66 -4.89 21.19 -0.49
N SER A 67 -3.75 20.46 -0.53
CA SER A 67 -3.22 19.59 0.56
C SER A 67 -1.75 19.11 0.26
N GLY A 68 -0.86 18.93 1.31
CA GLY A 68 0.61 18.61 1.06
C GLY A 68 1.62 18.66 2.27
N LEU A 69 2.56 19.68 2.20
CA LEU A 69 3.56 20.19 3.24
C LEU A 69 4.41 21.26 2.49
N ASP A 70 4.62 20.92 1.24
CA ASP A 70 4.69 21.85 0.12
C ASP A 70 3.23 22.25 -0.30
N ASP A 71 2.24 21.88 0.58
CA ASP A 71 0.80 21.98 0.27
C ASP A 71 -0.15 21.64 1.60
N ILE A 72 0.40 21.15 2.86
CA ILE A 72 -0.41 20.41 4.03
C ILE A 72 -1.82 21.00 4.25
N PRO A 73 -2.90 20.14 4.44
CA PRO A 73 -4.21 20.65 4.86
C PRO A 73 -4.40 20.52 6.40
N PRO A 74 -5.04 21.52 7.05
CA PRO A 74 -5.48 21.42 8.46
C PRO A 74 -6.56 20.32 8.65
N TYR A 75 -7.25 20.01 7.53
CA TYR A 75 -8.30 18.98 7.43
C TYR A 75 -7.76 17.59 7.86
N ASP A 76 -6.66 17.18 7.23
CA ASP A 76 -6.05 15.85 7.43
C ASP A 76 -5.38 15.72 8.80
N ARG A 77 -5.00 16.86 9.42
CA ARG A 77 -4.48 16.87 10.79
C ARG A 77 -5.53 16.32 11.77
N ASP A 78 -6.80 16.72 11.55
CA ASP A 78 -7.96 16.19 12.32
C ASP A 78 -8.17 14.70 12.00
N PHE A 79 -7.99 14.33 10.72
CA PHE A 79 -8.09 12.92 10.26
C PHE A 79 -7.05 12.03 11.00
N CYS A 80 -5.83 12.57 11.18
CA CYS A 80 -4.69 11.84 11.76
C CYS A 80 -4.83 11.61 13.28
N LYS A 81 -5.92 12.13 13.89
CA LYS A 81 -6.21 11.92 15.32
C LYS A 81 -6.78 10.51 15.52
N VAL A 82 -5.86 9.55 15.63
CA VAL A 82 -6.16 8.12 15.78
C VAL A 82 -5.27 7.53 16.89
N ASP A 83 -5.64 6.36 17.41
CA ASP A 83 -4.76 5.59 18.32
C ASP A 83 -3.82 4.72 17.47
N GLN A 84 -2.83 4.05 18.09
CA GLN A 84 -1.82 3.26 17.35
C GLN A 84 -2.45 2.08 16.54
N PRO A 85 -3.34 1.19 17.13
CA PRO A 85 -4.08 0.17 16.34
C PRO A 85 -4.95 0.78 15.22
N THR A 86 -5.61 1.90 15.56
CA THR A 86 -6.52 2.63 14.64
C THR A 86 -5.76 3.22 13.44
N LEU A 87 -4.49 3.57 13.66
CA LEU A 87 -3.58 4.09 12.63
C LEU A 87 -3.33 2.98 11.58
N PHE A 88 -3.07 1.76 12.08
CA PHE A 88 -2.86 0.57 11.23
C PHE A 88 -4.15 0.16 10.50
N GLU A 89 -5.33 0.42 11.12
CA GLU A 89 -6.64 0.16 10.49
C GLU A 89 -6.81 0.97 9.19
N LEU A 90 -6.27 2.21 9.19
CA LEU A 90 -6.26 3.09 8.00
C LEU A 90 -5.35 2.51 6.90
N ILE A 91 -4.20 1.94 7.30
CA ILE A 91 -3.24 1.26 6.39
C ILE A 91 -3.89 0.00 5.78
N LEU A 92 -4.61 -0.77 6.63
CA LEU A 92 -5.27 -2.04 6.26
C LEU A 92 -6.41 -1.77 5.26
N ALA A 93 -7.20 -0.72 5.53
CA ALA A 93 -8.36 -0.32 4.71
C ALA A 93 -7.91 0.28 3.37
N ALA A 94 -6.81 1.06 3.40
CA ALA A 94 -6.26 1.70 2.19
C ALA A 94 -5.59 0.67 1.26
N ASN A 95 -4.99 -0.38 1.86
CA ASN A 95 -4.38 -1.51 1.10
C ASN A 95 -5.50 -2.43 0.54
N TYR A 96 -6.57 -2.63 1.34
CA TYR A 96 -7.73 -3.46 0.97
C TYR A 96 -8.52 -2.84 -0.21
N LEU A 97 -8.77 -1.52 -0.10
CA LEU A 97 -9.55 -0.75 -1.09
C LEU A 97 -8.65 -0.18 -2.20
N ASP A 98 -7.31 -0.32 -2.02
CA ASP A 98 -6.28 0.14 -2.98
C ASP A 98 -6.35 1.68 -3.17
N ILE A 99 -6.70 2.38 -2.08
CA ILE A 99 -6.70 3.84 -2.03
C ILE A 99 -5.30 4.31 -1.61
N LYS A 100 -4.41 4.32 -2.60
CA LYS A 100 -3.00 4.76 -2.46
C LYS A 100 -2.86 6.24 -2.03
N PRO A 101 -3.73 7.22 -2.52
CA PRO A 101 -3.77 8.59 -1.96
C PRO A 101 -3.81 8.61 -0.41
N LEU A 102 -4.63 7.72 0.19
CA LEU A 102 -4.78 7.63 1.65
C LEU A 102 -3.60 6.87 2.25
N LEU A 103 -3.22 5.75 1.60
CA LEU A 103 -2.15 4.85 2.06
C LEU A 103 -0.83 5.60 2.26
N ASP A 104 -0.49 6.46 1.28
CA ASP A 104 0.77 7.20 1.25
C ASP A 104 0.81 8.28 2.34
N VAL A 105 -0.32 9.01 2.53
CA VAL A 105 -0.46 10.02 3.59
C VAL A 105 -0.31 9.37 4.98
N THR A 106 -0.92 8.19 5.15
CA THR A 106 -0.88 7.42 6.41
C THR A 106 0.53 6.79 6.64
N CYS A 107 1.23 6.48 5.52
CA CYS A 107 2.62 6.00 5.54
C CYS A 107 3.57 7.15 5.95
N LYS A 108 3.23 8.39 5.55
CA LYS A 108 3.98 9.60 5.98
C LYS A 108 3.71 9.89 7.47
N THR A 109 2.49 9.58 7.96
CA THR A 109 2.10 9.80 9.36
C THR A 109 3.01 9.00 10.32
N VAL A 110 3.23 7.70 9.99
CA VAL A 110 4.12 6.82 10.78
C VAL A 110 5.60 7.20 10.57
N ALA A 111 5.95 7.58 9.33
CA ALA A 111 7.33 7.90 8.94
C ALA A 111 7.87 9.13 9.71
N ASN A 112 7.02 10.16 9.85
CA ASN A 112 7.36 11.42 10.54
C ASN A 112 7.67 11.19 12.03
N MET A 113 6.95 10.24 12.63
CA MET A 113 7.07 9.93 14.08
C MET A 113 8.32 9.09 14.39
N ILE A 114 8.86 8.39 13.37
CA ILE A 114 10.07 7.53 13.53
C ILE A 114 11.35 8.21 13.02
N ARG A 115 11.23 9.45 12.49
CA ARG A 115 12.39 10.24 12.05
C ARG A 115 13.28 10.60 13.26
N GLY A 116 14.30 9.76 13.49
CA GLY A 116 15.26 9.98 14.58
C GLY A 116 16.40 10.92 14.16
N SER B 1 18.64 -10.81 -18.88
CA SER B 1 19.76 -10.43 -18.01
C SER B 1 19.27 -9.73 -16.72
N LEU B 2 20.11 -9.75 -15.68
CA LEU B 2 19.83 -9.10 -14.39
C LEU B 2 19.85 -7.57 -14.54
N VAL B 3 18.70 -6.92 -14.26
CA VAL B 3 18.60 -5.45 -14.27
C VAL B 3 19.16 -4.90 -12.94
N LYS B 4 20.08 -3.96 -13.07
CA LYS B 4 20.85 -3.42 -11.94
C LYS B 4 20.09 -2.23 -11.34
N LEU B 5 19.62 -2.39 -10.10
CA LEU B 5 18.87 -1.36 -9.38
C LEU B 5 19.69 -0.92 -8.16
N GLU B 6 20.32 0.26 -8.27
CA GLU B 6 21.14 0.80 -7.18
C GLU B 6 20.24 1.36 -6.08
N SER B 7 20.74 1.32 -4.85
CA SER B 7 20.05 1.84 -3.67
C SER B 7 20.39 3.33 -3.42
N SER B 8 19.90 3.86 -2.30
CA SER B 8 20.33 5.16 -1.76
C SER B 8 21.85 5.17 -1.50
N ASP B 9 22.38 3.99 -1.12
CA ASP B 9 23.82 3.76 -0.87
C ASP B 9 24.58 3.47 -2.18
N GLU B 10 23.86 3.50 -3.32
CA GLU B 10 24.40 3.28 -4.69
C GLU B 10 24.92 1.84 -4.88
N LYS B 11 24.46 0.92 -4.01
CA LYS B 11 24.85 -0.50 -4.09
C LYS B 11 24.03 -1.19 -5.19
N VAL B 12 24.74 -1.79 -6.15
CA VAL B 12 24.15 -2.37 -7.37
C VAL B 12 23.47 -3.72 -7.04
N PHE B 13 22.13 -3.71 -7.02
CA PHE B 13 21.33 -4.92 -6.83
C PHE B 13 20.91 -5.47 -8.20
N GLU B 14 21.72 -6.42 -8.71
CA GLU B 14 21.48 -7.08 -10.01
C GLU B 14 20.32 -8.09 -9.86
N ILE B 15 19.11 -7.56 -9.84
CA ILE B 15 17.89 -8.35 -9.64
C ILE B 15 17.37 -8.83 -11.00
N GLU B 16 16.79 -10.02 -11.01
CA GLU B 16 16.20 -10.63 -12.19
C GLU B 16 15.01 -9.76 -12.66
N LYS B 17 14.91 -9.52 -13.98
CA LYS B 17 14.04 -8.49 -14.56
C LYS B 17 12.53 -8.75 -14.28
N GLU B 18 12.13 -10.04 -14.25
CA GLU B 18 10.73 -10.43 -13.98
C GLU B 18 10.39 -10.21 -12.48
N ILE B 19 11.41 -10.29 -11.61
CA ILE B 19 11.26 -9.98 -10.18
C ILE B 19 11.11 -8.44 -9.99
N ALA B 20 11.83 -7.68 -10.83
CA ALA B 20 11.71 -6.21 -10.90
C ALA B 20 10.34 -5.81 -11.50
N CYS B 21 9.76 -6.71 -12.32
CA CYS B 21 8.40 -6.55 -12.86
C CYS B 21 7.33 -6.84 -11.79
N MET B 22 7.68 -7.71 -10.80
CA MET B 22 6.80 -7.98 -9.62
C MET B 22 6.62 -6.69 -8.79
N SER B 23 7.68 -5.87 -8.80
CA SER B 23 7.61 -4.48 -8.37
C SER B 23 6.88 -3.68 -9.46
N VAL B 24 5.61 -3.33 -9.23
CA VAL B 24 4.74 -2.73 -10.25
C VAL B 24 5.25 -1.33 -10.69
N THR B 25 5.76 -0.53 -9.73
CA THR B 25 6.32 0.82 -10.01
C THR B 25 7.54 0.73 -10.96
N ILE B 26 8.48 -0.18 -10.65
CA ILE B 26 9.70 -0.39 -11.46
C ILE B 26 9.30 -0.96 -12.84
N LYS B 27 8.31 -1.87 -12.86
CA LYS B 27 7.75 -2.47 -14.09
C LYS B 27 7.21 -1.37 -15.03
N ASN B 28 6.45 -0.43 -14.45
CA ASN B 28 5.83 0.70 -15.19
C ASN B 28 6.91 1.58 -15.83
N MET B 29 7.98 1.85 -15.05
CA MET B 29 9.15 2.62 -15.51
C MET B 29 9.80 1.95 -16.73
N ILE B 30 10.00 0.61 -16.62
CA ILE B 30 10.58 -0.22 -17.70
C ILE B 30 9.72 -0.09 -18.98
N GLU B 31 8.39 -0.22 -18.81
CA GLU B 31 7.41 -0.15 -19.92
C GLU B 31 7.44 1.22 -20.62
N ASP B 32 7.54 2.31 -19.82
CA ASP B 32 7.55 3.69 -20.33
C ASP B 32 8.79 3.95 -21.20
N ILE B 33 9.95 3.47 -20.72
CA ILE B 33 11.24 3.62 -21.43
C ILE B 33 11.28 2.74 -22.70
N GLY B 34 10.54 1.61 -22.66
CA GLY B 34 10.55 0.63 -23.76
C GLY B 34 11.57 -0.48 -23.54
N GLU B 35 11.82 -0.77 -22.25
CA GLU B 35 12.72 -1.83 -21.76
C GLU B 35 14.17 -1.57 -22.20
N SER B 36 14.92 -0.87 -21.35
CA SER B 36 16.32 -0.49 -21.63
C SER B 36 17.28 -1.32 -20.78
N ASP B 37 18.57 -1.29 -21.17
CA ASP B 37 19.65 -1.93 -20.39
C ASP B 37 20.07 -1.01 -19.22
N SER B 38 19.69 0.29 -19.31
CA SER B 38 20.10 1.33 -18.35
C SER B 38 19.67 0.97 -16.90
N PRO B 39 20.63 0.97 -15.94
CA PRO B 39 20.35 0.65 -14.53
C PRO B 39 19.51 1.76 -13.86
N ILE B 40 18.45 1.36 -13.12
CA ILE B 40 17.50 2.31 -12.51
C ILE B 40 17.73 2.37 -10.98
N PRO B 41 18.50 3.39 -10.47
CA PRO B 41 18.71 3.58 -9.02
C PRO B 41 17.48 4.19 -8.33
N LEU B 42 17.04 3.57 -7.22
CA LEU B 42 15.98 4.10 -6.36
C LEU B 42 16.64 4.77 -5.12
N PRO B 43 16.83 6.13 -5.14
CA PRO B 43 17.55 6.85 -4.05
C PRO B 43 16.71 7.05 -2.77
N ASN B 44 15.41 6.73 -2.87
CA ASN B 44 14.47 6.78 -1.73
C ASN B 44 14.77 5.65 -0.74
N VAL B 45 14.84 4.42 -1.26
CA VAL B 45 15.01 3.20 -0.44
C VAL B 45 16.51 2.90 -0.25
N THR B 46 16.89 2.55 0.99
CA THR B 46 18.29 2.26 1.36
C THR B 46 18.68 0.84 0.92
N SER B 47 19.97 0.50 1.08
CA SER B 47 20.55 -0.76 0.59
C SER B 47 19.97 -1.98 1.32
N THR B 48 19.94 -1.92 2.65
CA THR B 48 19.45 -3.02 3.49
C THR B 48 17.96 -3.29 3.25
N ILE B 49 17.14 -2.22 3.19
CA ILE B 49 15.69 -2.33 3.02
C ILE B 49 15.36 -2.82 1.60
N LEU B 50 16.04 -2.24 0.57
CA LEU B 50 15.86 -2.63 -0.84
C LEU B 50 16.26 -4.10 -1.04
N GLU B 51 17.36 -4.51 -0.38
CA GLU B 51 17.86 -5.90 -0.44
C GLU B 51 16.79 -6.87 0.06
N LYS B 52 16.24 -6.55 1.25
CA LYS B 52 15.25 -7.41 1.94
C LYS B 52 13.94 -7.51 1.15
N VAL B 53 13.47 -6.38 0.63
CA VAL B 53 12.20 -6.31 -0.13
C VAL B 53 12.33 -7.08 -1.47
N LEU B 54 13.52 -6.98 -2.13
CA LEU B 54 13.84 -7.77 -3.34
C LEU B 54 14.06 -9.26 -3.00
N ASP B 55 14.56 -9.52 -1.77
CA ASP B 55 14.87 -10.88 -1.28
C ASP B 55 13.57 -11.66 -1.03
N TYR B 56 12.54 -10.92 -0.54
CA TYR B 56 11.17 -11.46 -0.42
C TYR B 56 10.58 -11.67 -1.82
N CYS B 57 10.80 -10.70 -2.73
CA CYS B 57 10.30 -10.79 -4.11
C CYS B 57 10.91 -12.00 -4.86
N ARG B 58 12.16 -12.35 -4.49
CA ARG B 58 12.84 -13.58 -4.96
C ARG B 58 12.10 -14.82 -4.41
N HIS B 59 11.85 -14.79 -3.09
CA HIS B 59 11.12 -15.85 -2.35
C HIS B 59 9.74 -16.14 -2.97
N HIS B 60 9.00 -15.05 -3.26
CA HIS B 60 7.63 -15.13 -3.79
C HIS B 60 7.63 -15.41 -5.32
N HIS B 61 8.80 -15.22 -5.95
CA HIS B 61 8.99 -15.50 -7.39
C HIS B 61 9.20 -16.99 -7.62
N GLN B 62 10.07 -17.59 -6.79
CA GLN B 62 10.43 -19.02 -6.87
C GLN B 62 9.27 -19.87 -6.37
N HIS B 63 8.49 -19.31 -5.43
CA HIS B 63 7.27 -19.93 -4.89
C HIS B 63 6.18 -18.86 -4.80
N PRO B 64 5.21 -18.81 -5.79
CA PRO B 64 3.98 -17.96 -5.69
C PRO B 64 3.26 -18.15 -4.33
N GLY B 65 3.30 -19.40 -3.84
CA GLY B 65 2.89 -19.74 -2.48
C GLY B 65 4.10 -20.21 -1.68
N GLY B 66 4.19 -21.52 -1.39
CA GLY B 66 5.34 -22.12 -0.68
C GLY B 66 5.52 -21.59 0.73
N SER B 67 4.43 -21.14 1.28
CA SER B 67 4.34 -20.52 2.59
C SER B 67 3.07 -21.18 3.28
N GLY B 68 2.90 -21.07 4.63
CA GLY B 68 1.80 -21.80 5.45
C GLY B 68 1.44 -21.31 6.95
N LEU B 69 0.35 -20.49 7.12
CA LEU B 69 -0.44 -20.29 8.35
C LEU B 69 -1.68 -21.07 7.99
N ASP B 70 -2.35 -20.55 6.96
CA ASP B 70 -2.81 -21.35 5.83
C ASP B 70 -1.70 -21.18 4.74
N ASP B 71 -0.94 -19.98 4.81
CA ASP B 71 0.23 -19.62 3.93
C ASP B 71 1.48 -18.64 4.58
N ILE B 72 1.92 -18.77 5.95
CA ILE B 72 3.33 -18.42 6.65
C ILE B 72 4.58 -19.38 6.38
N PRO B 73 5.71 -18.87 5.87
CA PRO B 73 6.99 -19.62 5.82
C PRO B 73 7.91 -19.31 7.06
N PRO B 74 8.83 -20.25 7.46
CA PRO B 74 9.87 -19.95 8.49
C PRO B 74 10.88 -18.87 7.96
N TYR B 75 10.97 -18.79 6.63
CA TYR B 75 11.81 -17.82 5.89
C TYR B 75 11.48 -16.37 6.28
N ASP B 76 10.19 -16.02 6.18
CA ASP B 76 9.68 -14.66 6.43
C ASP B 76 9.71 -14.28 7.91
N ARG B 77 9.72 -15.28 8.80
CA ARG B 77 9.90 -15.05 10.25
C ARG B 77 11.25 -14.36 10.53
N ASP B 78 12.29 -14.82 9.80
CA ASP B 78 13.64 -14.20 9.85
C ASP B 78 13.61 -12.80 9.21
N PHE B 79 12.83 -12.65 8.13
CA PHE B 79 12.61 -11.35 7.46
C PHE B 79 11.99 -10.32 8.43
N CYS B 80 11.03 -10.80 9.26
CA CYS B 80 10.24 -9.96 10.17
C CYS B 80 11.06 -9.49 11.40
N LYS B 81 12.34 -9.93 11.51
CA LYS B 81 13.24 -9.48 12.58
C LYS B 81 13.76 -8.06 12.26
N VAL B 82 12.93 -7.08 12.62
CA VAL B 82 13.17 -5.64 12.39
C VAL B 82 12.87 -4.86 13.68
N ASP B 83 13.38 -3.63 13.76
CA ASP B 83 13.00 -2.69 14.84
C ASP B 83 11.72 -1.94 14.39
N GLN B 84 11.09 -1.16 15.30
CA GLN B 84 9.82 -0.48 14.99
C GLN B 84 9.93 0.53 13.79
N PRO B 85 10.95 1.46 13.74
CA PRO B 85 11.17 2.32 12.55
C PRO B 85 11.46 1.50 11.28
N THR B 86 12.28 0.44 11.43
CA THR B 86 12.70 -0.45 10.33
C THR B 86 11.49 -1.21 9.73
N LEU B 87 10.49 -1.48 10.58
CA LEU B 87 9.24 -2.14 10.20
C LEU B 87 8.47 -1.24 9.21
N PHE B 88 8.39 0.06 9.56
CA PHE B 88 7.73 1.07 8.73
C PHE B 88 8.51 1.33 7.43
N GLU B 89 9.85 1.17 7.47
CA GLU B 89 10.71 1.29 6.27
C GLU B 89 10.31 0.26 5.18
N LEU B 90 9.89 -0.94 5.64
CA LEU B 90 9.40 -2.01 4.75
C LEU B 90 8.04 -1.60 4.12
N ILE B 91 7.19 -0.94 4.93
CA ILE B 91 5.87 -0.40 4.47
C ILE B 91 6.09 0.72 3.43
N LEU B 92 7.07 1.60 3.72
CA LEU B 92 7.41 2.76 2.87
C LEU B 92 7.97 2.31 1.52
N ALA B 93 8.86 1.29 1.55
CA ALA B 93 9.53 0.73 0.36
C ALA B 93 8.55 -0.07 -0.50
N ALA B 94 7.63 -0.81 0.16
CA ALA B 94 6.62 -1.63 -0.52
C ALA B 94 5.54 -0.76 -1.18
N ASN B 95 5.23 0.39 -0.56
CA ASN B 95 4.27 1.38 -1.11
C ASN B 95 4.93 2.17 -2.26
N TYR B 96 6.23 2.47 -2.10
CA TYR B 96 7.05 3.20 -3.10
C TYR B 96 7.22 2.37 -4.38
N LEU B 97 7.59 1.09 -4.20
CA LEU B 97 7.86 0.15 -5.31
C LEU B 97 6.58 -0.58 -5.76
N ASP B 98 5.49 -0.38 -4.99
CA ASP B 98 4.15 -0.97 -5.26
C ASP B 98 4.21 -2.52 -5.22
N ILE B 99 5.07 -3.04 -4.32
CA ILE B 99 5.18 -4.47 -4.05
C ILE B 99 4.15 -4.82 -2.96
N LYS B 100 2.90 -4.97 -3.40
CA LYS B 100 1.76 -5.34 -2.55
C LYS B 100 1.92 -6.73 -1.88
N PRO B 101 2.52 -7.79 -2.55
CA PRO B 101 2.90 -9.06 -1.86
C PRO B 101 3.64 -8.82 -0.52
N LEU B 102 4.60 -7.85 -0.53
CA LEU B 102 5.40 -7.53 0.66
C LEU B 102 4.59 -6.63 1.62
N LEU B 103 3.90 -5.64 1.04
CA LEU B 103 3.11 -4.64 1.79
C LEU B 103 2.08 -5.31 2.70
N ASP B 104 1.38 -6.32 2.15
CA ASP B 104 0.29 -7.03 2.82
C ASP B 104 0.82 -7.91 3.97
N VAL B 105 1.94 -8.62 3.72
CA VAL B 105 2.61 -9.44 4.76
C VAL B 105 3.09 -8.57 5.93
N THR B 106 3.64 -7.39 5.59
CA THR B 106 4.14 -6.41 6.59
C THR B 106 2.96 -5.72 7.34
N CYS B 107 1.81 -5.59 6.64
CA CYS B 107 0.55 -5.08 7.23
C CYS B 107 -0.04 -6.12 8.21
N LYS B 108 0.18 -7.41 7.92
CA LYS B 108 -0.22 -8.51 8.83
C LYS B 108 0.72 -8.55 10.05
N THR B 109 2.01 -8.19 9.84
CA THR B 109 3.02 -8.18 10.92
C THR B 109 2.61 -7.20 12.05
N VAL B 110 2.19 -5.98 11.67
CA VAL B 110 1.71 -4.96 12.62
C VAL B 110 0.31 -5.32 13.19
N ALA B 111 -0.54 -5.91 12.32
CA ALA B 111 -1.93 -6.27 12.68
C ALA B 111 -1.97 -7.32 13.80
N ASN B 112 -1.10 -8.34 13.68
CA ASN B 112 -1.01 -9.46 14.64
C ASN B 112 -0.61 -8.97 16.05
N MET B 113 0.26 -7.95 16.09
CA MET B 113 0.80 -7.41 17.37
C MET B 113 -0.22 -6.50 18.08
N ILE B 114 -1.18 -5.93 17.33
CA ILE B 114 -2.21 -5.02 17.89
C ILE B 114 -3.54 -5.76 18.15
N ARG B 115 -3.62 -7.08 17.84
CA ARG B 115 -4.80 -7.90 18.13
C ARG B 115 -5.00 -8.03 19.67
N GLY B 116 -5.85 -7.15 20.21
CA GLY B 116 -6.22 -7.18 21.63
C GLY B 116 -7.36 -8.15 21.91
#